data_1BR1
#
_entry.id   1BR1
#
_cell.length_a   95.320
_cell.length_b   144.660
_cell.length_c   147.290
_cell.angle_alpha   111.21
_cell.angle_beta   106.10
_cell.angle_gamma   92.58
#
_symmetry.space_group_name_H-M   'P 1'
#
loop_
_entity.id
_entity.type
_entity.pdbx_description
1 polymer MYOSIN
2 polymer MYOSIN
3 non-polymer 'MAGNESIUM ION'
4 non-polymer 'TETRAFLUOROALUMINATE ION'
5 non-polymer "ADENOSINE-5'-DIPHOSPHATE"
6 water water
#
loop_
_entity_poly.entity_id
_entity_poly.type
_entity_poly.pdbx_seq_one_letter_code
_entity_poly.pdbx_strand_id
1 'polypeptide(L)'
;AQKPLSDDEKFLFVDKNFVNNPLAQADWSAKKLVWVPSEKHGFEAASIKEEKGDEVTVELQENGKKVTLSKDDIQKMNPP
KFSKVEDMAELTCLNEASVLHNLRERYFSGLIYTYSGLFCVVINPYKQLPIYSEKIIDMYKGKKRHEMPPHIYAIADTAY
RSMLQDREDQSILCTGESGAGKTENTKKVIQYLAVVASSHKGKKDTSITQGPSFSYGELEKQLLQANPILEAFGNAKTVK
NDNSSRFGKFIRINFDVTGYIVGANIETYLLEKSRAIRQAKDERTFHIFYYLIAGASEQMRNDLLLEGFNNYTFLSNGHV
PIPAQQDDEMFQETLEAMTIMGFTEEEQTSILRVVSSVLQLGNIVFKKERNTDQASMPDNTAAQKVCHLMGINVTDFTRS
ILTPRIKVGRDVVQKAQTKEQADFAIEALAKAKFERLFRWILTRVNKALDKTKRQGASFLGILDIAGFEIFEINSFEQLC
INYTNEKLQQLFNHTMFILEQEEYQREGIEWNFIDFGLDLQPCIELIERPTNPPGVLALLDEECWFPKATDTSFVEKLIQ
EQGNHAKFQKSKQLKDKTEFCILHYAGKVTYNASAWLTKNMDPLNDNVTSLLNQSSDKFVADLWKDVDRIVGLDQMAKMT
ESSLPSASKTKKGMFRTVGQLYKEQLTKLMTTLRNTNPNFVRCIIPNHEKRAGKLDAHLVLEQLRCNGVLEGIRICRQGF
PNRIVFQEFRQRYEILAANAIPKGFMDGKQACILMIKALELDPNLYRIGQSKIFFRTGVLAHLEEERDLKITDVIIAFQA
QCRGYLARKAFAKRQQQLGS
;
A,C,E,G
2 'polypeptide(L)'
;CDFSEEQTAEFKEAFQLFDRTGDGKILYSQCGDVMRALGQNPTNAEVMKVLGNPKSDEMNLKTLKFEQFLPMMQTIAKNK
DQGCFEDYVEGLRVFDKEGNGTVMGAEIRHVLVTLGEKMTEEEVEQLVAGHEDSNGCINYEELVRMVLSG
;
B,D,F,H
#
loop_
_chem_comp.id
_chem_comp.type
_chem_comp.name
_chem_comp.formula
ADP non-polymer ADENOSINE-5'-DIPHOSPHATE 'C10 H15 N5 O10 P2'
ALF non-polymer 'TETRAFLUOROALUMINATE ION' 'Al F4 -1'
MG non-polymer 'MAGNESIUM ION' 'Mg 2'
#
# COMPACT_ATOMS: atom_id res chain seq x y z
N ALA A 1 -29.55 -3.54 4.84
CA ALA A 1 -30.80 -3.37 4.05
C ALA A 1 -31.86 -4.29 4.61
N GLN A 2 -31.94 -4.36 5.94
CA GLN A 2 -32.88 -5.25 6.59
C GLN A 2 -34.01 -4.65 7.41
N LYS A 3 -34.95 -5.52 7.76
CA LYS A 3 -36.11 -5.16 8.55
C LYS A 3 -35.72 -4.25 9.69
N PRO A 4 -36.72 -3.69 10.40
CA PRO A 4 -36.45 -2.81 11.52
C PRO A 4 -36.59 -3.56 12.85
N LEU A 5 -35.80 -3.20 13.84
CA LEU A 5 -35.89 -3.88 15.13
C LEU A 5 -36.54 -3.16 16.29
N SER A 6 -37.50 -3.83 16.93
CA SER A 6 -38.19 -3.29 18.07
C SER A 6 -37.15 -3.06 19.16
N ASP A 7 -37.35 -2.01 19.93
CA ASP A 7 -36.45 -1.66 21.03
C ASP A 7 -35.98 -2.88 21.80
N ASP A 8 -36.86 -3.89 21.88
CA ASP A 8 -36.55 -5.11 22.59
C ASP A 8 -35.64 -6.03 21.80
N GLU A 9 -36.01 -6.29 20.55
CA GLU A 9 -35.20 -7.14 19.69
C GLU A 9 -33.76 -6.66 19.64
N LYS A 10 -33.58 -5.41 20.01
CA LYS A 10 -32.26 -4.80 19.99
C LYS A 10 -31.42 -5.35 21.14
N PHE A 11 -32.03 -6.25 21.89
CA PHE A 11 -31.38 -6.87 23.03
C PHE A 11 -30.88 -8.28 22.75
N LEU A 12 -31.21 -8.78 21.59
CA LEU A 12 -30.75 -10.10 21.17
C LEU A 12 -30.36 -10.05 19.69
N PHE A 13 -30.71 -8.93 19.08
CA PHE A 13 -30.42 -8.68 17.66
C PHE A 13 -29.45 -7.50 17.51
N VAL A 14 -28.58 -7.64 16.53
CA VAL A 14 -27.58 -6.61 16.22
C VAL A 14 -28.16 -5.56 15.28
N ASP A 15 -27.89 -4.32 15.61
CA ASP A 15 -28.34 -3.18 14.82
C ASP A 15 -27.35 -2.96 13.67
N LYS A 16 -27.81 -3.32 12.49
CA LYS A 16 -26.98 -3.27 11.27
C LYS A 16 -27.51 -2.30 10.22
N ASN A 17 -28.75 -1.87 10.37
CA ASN A 17 -29.35 -0.97 9.38
C ASN A 17 -28.88 0.47 9.63
N PHE A 18 -27.79 0.77 8.93
CA PHE A 18 -27.12 2.07 8.97
C PHE A 18 -26.49 2.36 7.60
N VAL A 19 -25.78 3.47 7.53
CA VAL A 19 -25.10 3.90 6.30
C VAL A 19 -23.71 3.28 6.23
N ASN A 20 -23.28 3.04 5.01
CA ASN A 20 -21.97 2.43 4.75
C ASN A 20 -20.86 3.48 4.87
N ASN A 21 -20.81 4.13 6.04
CA ASN A 21 -19.81 5.16 6.31
C ASN A 21 -18.39 4.69 5.99
N PRO A 22 -17.64 5.50 5.22
CA PRO A 22 -16.27 5.18 4.85
C PRO A 22 -15.28 5.80 5.81
N LEU A 23 -15.79 6.33 6.91
CA LEU A 23 -14.92 6.93 7.95
C LEU A 23 -13.96 5.86 8.48
N ALA A 24 -14.57 4.76 8.89
CA ALA A 24 -13.84 3.60 9.41
C ALA A 24 -13.16 2.88 8.24
N GLN A 25 -13.90 2.81 7.16
CA GLN A 25 -13.44 2.15 5.93
C GLN A 25 -12.30 2.94 5.29
N ALA A 26 -12.06 4.13 5.81
CA ALA A 26 -10.98 4.98 5.30
C ALA A 26 -9.82 5.02 6.31
N ASP A 27 -10.21 5.06 7.57
CA ASP A 27 -9.24 5.11 8.68
C ASP A 27 -8.32 3.88 8.63
N TRP A 28 -8.78 2.87 7.94
CA TRP A 28 -8.08 1.58 7.80
C TRP A 28 -6.61 1.78 7.40
N SER A 29 -6.35 2.91 6.76
CA SER A 29 -4.99 3.25 6.29
C SER A 29 -4.02 3.25 7.47
N ALA A 30 -4.55 3.62 8.63
CA ALA A 30 -3.77 3.60 9.87
C ALA A 30 -3.53 2.14 10.24
N LYS A 31 -3.37 1.37 9.19
CA LYS A 31 -3.15 -0.08 9.28
C LYS A 31 -2.37 -0.43 10.55
N LYS A 32 -1.49 0.47 10.91
CA LYS A 32 -0.63 0.27 12.10
C LYS A 32 -1.47 0.15 13.36
N LEU A 33 -2.78 0.09 13.21
CA LEU A 33 -3.68 -0.02 14.34
C LEU A 33 -3.56 -1.39 14.98
N VAL A 34 -3.29 -1.40 16.28
CA VAL A 34 -3.12 -2.64 17.02
C VAL A 34 -3.75 -2.57 18.38
N TRP A 35 -3.53 -3.61 19.16
CA TRP A 35 -4.07 -3.67 20.50
C TRP A 35 -2.88 -3.67 21.43
N VAL A 36 -3.03 -3.09 22.61
CA VAL A 36 -1.92 -3.07 23.56
C VAL A 36 -2.35 -2.88 24.99
N PRO A 37 -1.50 -3.31 25.93
CA PRO A 37 -1.71 -3.23 27.37
C PRO A 37 -2.52 -2.03 27.83
N SER A 38 -3.06 -2.16 29.05
CA SER A 38 -3.88 -1.11 29.64
C SER A 38 -4.28 -1.52 31.06
N GLU A 39 -3.70 -0.84 32.04
CA GLU A 39 -4.01 -1.14 33.43
C GLU A 39 -5.43 -0.72 33.79
N LYS A 40 -6.22 -0.39 32.78
CA LYS A 40 -7.60 0.03 32.99
C LYS A 40 -8.58 -0.42 31.90
N HIS A 41 -8.05 -0.92 30.79
CA HIS A 41 -8.88 -1.40 29.68
C HIS A 41 -8.45 -2.79 29.26
N GLY A 42 -7.47 -3.34 29.97
CA GLY A 42 -6.95 -4.65 29.64
C GLY A 42 -6.14 -4.55 28.36
N PHE A 43 -6.70 -3.83 27.41
CA PHE A 43 -6.07 -3.59 26.12
C PHE A 43 -6.70 -2.31 25.62
N GLU A 44 -6.08 -1.67 24.63
CA GLU A 44 -6.62 -0.45 24.09
C GLU A 44 -6.12 -0.18 22.68
N ALA A 45 -6.87 0.60 21.93
CA ALA A 45 -6.52 0.92 20.55
C ALA A 45 -5.34 1.87 20.42
N ALA A 46 -4.51 1.63 19.41
CA ALA A 46 -3.33 2.45 19.17
C ALA A 46 -2.75 2.09 17.81
N SER A 47 -1.88 2.95 17.28
CA SER A 47 -1.27 2.67 15.98
C SER A 47 0.24 2.80 15.90
N ILE A 48 0.85 1.79 15.28
CA ILE A 48 2.28 1.70 15.10
C ILE A 48 2.83 3.01 14.53
N LYS A 49 3.97 3.42 15.08
CA LYS A 49 4.66 4.63 14.66
C LYS A 49 6.02 4.27 14.04
N GLU A 50 6.68 3.25 14.59
CA GLU A 50 7.97 2.81 14.08
C GLU A 50 8.40 1.44 14.59
N GLU A 51 8.54 0.49 13.66
CA GLU A 51 8.96 -0.87 14.01
C GLU A 51 10.48 -0.91 14.18
N LYS A 52 10.92 -1.13 15.41
CA LYS A 52 12.35 -1.19 15.71
C LYS A 52 12.76 -2.53 16.29
N GLY A 53 12.92 -3.52 15.42
CA GLY A 53 13.32 -4.85 15.88
C GLY A 53 12.38 -5.41 16.93
N ASP A 54 12.95 -6.09 17.93
CA ASP A 54 12.16 -6.69 19.00
C ASP A 54 11.17 -5.72 19.65
N GLU A 55 11.31 -4.43 19.35
CA GLU A 55 10.44 -3.40 19.89
C GLU A 55 9.83 -2.52 18.79
N VAL A 56 8.76 -1.81 19.13
CA VAL A 56 8.08 -0.94 18.16
C VAL A 56 7.41 0.24 18.86
N THR A 57 7.49 1.40 18.23
CA THR A 57 6.91 2.63 18.76
C THR A 57 5.47 2.78 18.28
N VAL A 58 4.56 3.16 19.18
CA VAL A 58 3.15 3.31 18.82
C VAL A 58 2.48 4.45 19.57
N GLU A 59 1.46 5.04 18.96
CA GLU A 59 0.72 6.13 19.60
C GLU A 59 -0.74 5.73 19.83
N LEU A 60 -1.21 5.86 21.07
CA LEU A 60 -2.59 5.51 21.41
C LEU A 60 -3.60 6.25 20.55
N GLN A 61 -4.40 5.51 19.79
CA GLN A 61 -5.44 6.11 18.97
C GLN A 61 -6.52 6.57 19.95
N GLU A 62 -6.11 6.74 21.20
CA GLU A 62 -7.01 7.18 22.27
C GLU A 62 -6.49 8.47 22.91
N ASN A 63 -5.50 8.34 23.77
CA ASN A 63 -4.93 9.50 24.46
C ASN A 63 -3.99 10.34 23.61
N GLY A 64 -3.86 9.99 22.33
CA GLY A 64 -2.97 10.74 21.46
C GLY A 64 -1.53 10.60 21.94
N LYS A 65 -1.36 9.89 23.06
CA LYS A 65 -0.06 9.66 23.66
C LYS A 65 0.83 8.80 22.78
N LYS A 66 2.15 8.92 22.97
CA LYS A 66 3.11 8.15 22.19
C LYS A 66 4.05 7.31 23.07
N VAL A 67 3.82 6.00 23.08
CA VAL A 67 4.64 5.06 23.88
C VAL A 67 5.10 3.87 23.02
N THR A 68 6.30 3.38 23.32
CA THR A 68 6.86 2.26 22.58
C THR A 68 6.94 1.00 23.44
N LEU A 69 6.43 -0.08 22.90
CA LEU A 69 6.43 -1.38 23.58
C LEU A 69 7.09 -2.47 22.73
N SER A 70 7.41 -3.58 23.36
CA SER A 70 8.03 -4.69 22.66
C SER A 70 7.21 -5.11 21.44
N LYS A 71 7.91 -5.54 20.40
CA LYS A 71 7.27 -5.98 19.17
C LYS A 71 6.53 -7.30 19.39
N ASP A 72 6.07 -7.52 20.63
CA ASP A 72 5.37 -8.73 20.97
C ASP A 72 4.32 -8.47 22.03
N ASP A 73 4.09 -7.19 22.34
CA ASP A 73 3.10 -6.82 23.34
C ASP A 73 1.92 -6.16 22.63
N ILE A 74 2.00 -6.14 21.31
CA ILE A 74 0.93 -5.58 20.49
C ILE A 74 0.12 -6.73 19.91
N GLN A 75 -1.17 -6.49 19.66
CA GLN A 75 -2.02 -7.53 19.14
C GLN A 75 -2.87 -7.01 18.01
N LYS A 76 -2.84 -7.76 16.92
CA LYS A 76 -3.59 -7.46 15.70
C LYS A 76 -5.05 -7.13 16.00
N MET A 77 -5.54 -6.11 15.32
CA MET A 77 -6.91 -5.66 15.48
C MET A 77 -7.75 -6.25 14.34
N ASN A 78 -9.02 -6.51 14.64
CA ASN A 78 -9.92 -7.08 13.64
C ASN A 78 -10.68 -5.96 12.92
N PRO A 79 -10.99 -6.15 11.63
CA PRO A 79 -11.63 -5.13 10.80
C PRO A 79 -12.94 -4.66 11.37
N PRO A 80 -13.39 -3.45 10.97
CA PRO A 80 -14.64 -2.87 11.44
C PRO A 80 -15.84 -3.71 11.07
N LYS A 81 -15.62 -4.60 10.12
CA LYS A 81 -16.67 -5.48 9.59
C LYS A 81 -17.02 -6.59 10.58
N PHE A 82 -16.35 -6.59 11.72
CA PHE A 82 -16.53 -7.63 12.74
C PHE A 82 -17.18 -7.10 14.00
N SER A 83 -17.49 -5.81 14.05
CA SER A 83 -18.08 -5.28 15.27
C SER A 83 -19.28 -6.04 15.78
N LYS A 84 -19.22 -6.41 17.06
CA LYS A 84 -20.31 -7.12 17.72
C LYS A 84 -20.69 -8.42 17.07
N VAL A 85 -19.72 -9.23 16.67
CA VAL A 85 -19.95 -10.52 16.02
C VAL A 85 -20.76 -11.55 16.82
N GLU A 86 -21.34 -12.52 16.13
CA GLU A 86 -22.13 -13.56 16.78
C GLU A 86 -21.28 -14.78 17.20
N ASP A 87 -20.32 -15.18 16.37
CA ASP A 87 -19.47 -16.33 16.64
C ASP A 87 -17.98 -16.03 16.55
N MET A 88 -17.35 -15.67 17.67
CA MET A 88 -15.92 -15.35 17.74
C MET A 88 -15.09 -16.19 16.80
N ALA A 89 -15.49 -17.44 16.63
CA ALA A 89 -14.80 -18.31 15.73
C ALA A 89 -14.84 -17.75 14.30
N GLU A 90 -15.34 -16.53 14.14
CA GLU A 90 -15.44 -15.89 12.82
C GLU A 90 -14.35 -14.82 12.59
N LEU A 91 -14.23 -13.91 13.53
CA LEU A 91 -13.23 -12.83 13.43
C LEU A 91 -11.90 -13.41 12.94
N THR A 92 -11.37 -12.78 11.90
CA THR A 92 -10.12 -13.24 11.26
C THR A 92 -8.91 -13.06 12.15
N CYS A 93 -9.12 -12.64 13.39
CA CYS A 93 -8.03 -12.46 14.34
C CYS A 93 -8.47 -12.90 15.72
N LEU A 94 -7.87 -13.97 16.25
CA LEU A 94 -8.21 -14.45 17.58
C LEU A 94 -7.22 -13.87 18.57
N ASN A 95 -7.70 -13.21 19.61
CA ASN A 95 -6.81 -12.59 20.57
C ASN A 95 -7.52 -12.51 21.90
N GLU A 96 -6.72 -12.42 22.96
CA GLU A 96 -7.26 -12.29 24.29
C GLU A 96 -7.87 -10.90 24.29
N ALA A 97 -7.43 -10.10 23.32
CA ALA A 97 -7.88 -8.73 23.17
C ALA A 97 -9.20 -8.61 22.42
N SER A 98 -9.22 -9.09 21.19
CA SER A 98 -10.44 -9.03 20.37
C SER A 98 -11.56 -9.76 21.09
N VAL A 99 -11.34 -11.05 21.33
CA VAL A 99 -12.30 -11.90 22.04
C VAL A 99 -12.90 -11.14 23.22
N LEU A 100 -12.05 -10.36 23.88
CA LEU A 100 -12.46 -9.57 25.02
C LEU A 100 -13.33 -8.48 24.47
N HIS A 101 -12.74 -7.70 23.56
CA HIS A 101 -13.45 -6.61 22.93
C HIS A 101 -14.88 -6.99 22.59
N ASN A 102 -15.02 -7.89 21.62
CA ASN A 102 -16.33 -8.34 21.18
C ASN A 102 -17.29 -8.52 22.33
N LEU A 103 -16.86 -9.33 23.28
CA LEU A 103 -17.67 -9.59 24.45
C LEU A 103 -18.05 -8.27 25.13
N ARG A 104 -17.09 -7.33 25.22
CA ARG A 104 -17.35 -6.03 25.85
C ARG A 104 -18.48 -5.29 25.15
N GLU A 105 -18.36 -5.14 23.83
CA GLU A 105 -19.37 -4.45 23.06
C GLU A 105 -20.73 -5.08 23.25
N ARG A 106 -20.94 -6.23 22.63
CA ARG A 106 -22.23 -6.93 22.75
C ARG A 106 -22.79 -6.80 24.16
N TYR A 107 -21.91 -6.89 25.13
CA TYR A 107 -22.32 -6.81 26.53
C TYR A 107 -23.02 -5.48 26.81
N PHE A 108 -22.37 -4.40 26.45
CA PHE A 108 -22.90 -3.06 26.69
C PHE A 108 -24.10 -2.78 25.80
N SER A 109 -24.14 -3.42 24.65
CA SER A 109 -25.25 -3.25 23.72
C SER A 109 -26.52 -3.91 24.24
N GLY A 110 -26.35 -4.83 25.19
CA GLY A 110 -27.50 -5.50 25.78
C GLY A 110 -27.58 -6.99 25.51
N LEU A 111 -26.62 -7.50 24.76
CA LEU A 111 -26.63 -8.92 24.46
C LEU A 111 -25.59 -9.59 25.32
N ILE A 112 -25.97 -10.66 26.00
CA ILE A 112 -25.01 -11.35 26.85
C ILE A 112 -24.52 -12.68 26.25
N TYR A 113 -25.40 -13.42 25.62
CA TYR A 113 -25.04 -14.72 25.01
C TYR A 113 -24.23 -14.52 23.72
N THR A 114 -23.12 -15.25 23.61
CA THR A 114 -22.24 -15.16 22.43
C THR A 114 -21.64 -16.53 22.10
N TYR A 115 -21.51 -16.87 20.83
CA TYR A 115 -20.96 -18.18 20.49
C TYR A 115 -19.46 -18.11 20.36
N SER A 116 -18.79 -19.21 20.69
CA SER A 116 -17.33 -19.32 20.62
C SER A 116 -17.08 -20.73 20.11
N GLY A 117 -17.21 -20.89 18.80
CA GLY A 117 -17.00 -22.19 18.22
C GLY A 117 -18.16 -23.06 18.60
N LEU A 118 -17.89 -24.12 19.36
CA LEU A 118 -18.95 -25.03 19.77
C LEU A 118 -19.64 -24.53 21.02
N PHE A 119 -18.86 -24.30 22.07
CA PHE A 119 -19.44 -23.80 23.31
C PHE A 119 -19.82 -22.33 23.15
N CYS A 120 -20.48 -21.77 24.15
CA CYS A 120 -20.88 -20.39 24.09
C CYS A 120 -20.72 -19.64 25.43
N VAL A 121 -20.21 -18.41 25.36
CA VAL A 121 -19.99 -17.57 26.54
C VAL A 121 -21.30 -16.90 26.92
N VAL A 122 -21.42 -16.39 28.16
CA VAL A 122 -22.67 -15.77 28.62
C VAL A 122 -22.53 -14.79 29.80
N ILE A 123 -21.91 -13.63 29.59
CA ILE A 123 -21.70 -12.65 30.67
C ILE A 123 -22.93 -12.23 31.45
N ASN A 124 -22.94 -12.47 32.75
CA ASN A 124 -24.07 -12.08 33.61
C ASN A 124 -24.45 -10.63 33.31
N PRO A 125 -25.76 -10.35 33.14
CA PRO A 125 -26.23 -9.00 32.88
C PRO A 125 -26.42 -8.28 34.20
N TYR A 126 -27.03 -9.00 35.13
CA TYR A 126 -27.35 -8.54 36.48
C TYR A 126 -28.60 -7.67 36.42
N LYS A 127 -29.10 -7.51 35.20
CA LYS A 127 -30.27 -6.70 34.95
C LYS A 127 -31.33 -7.60 34.35
N GLN A 128 -32.56 -7.15 34.46
CA GLN A 128 -33.71 -7.86 33.96
C GLN A 128 -33.97 -7.62 32.46
N LEU A 129 -33.07 -8.11 31.60
CA LEU A 129 -33.23 -7.99 30.15
C LEU A 129 -34.52 -8.72 29.81
N PRO A 130 -35.16 -8.36 28.69
CA PRO A 130 -36.41 -9.00 28.28
C PRO A 130 -36.22 -9.95 27.09
N ILE A 131 -35.57 -11.08 27.32
CA ILE A 131 -35.34 -11.99 26.20
C ILE A 131 -35.76 -13.42 26.54
N TYR A 132 -36.69 -13.55 27.47
CA TYR A 132 -37.23 -14.84 27.86
C TYR A 132 -38.76 -14.70 27.91
N SER A 133 -39.48 -15.30 26.96
CA SER A 133 -40.93 -15.17 26.97
C SER A 133 -41.52 -16.13 25.96
N GLU A 134 -42.75 -16.58 26.21
CA GLU A 134 -43.41 -17.50 25.29
C GLU A 134 -43.11 -17.02 23.88
N LYS A 135 -43.31 -15.72 23.68
CA LYS A 135 -43.07 -15.09 22.39
C LYS A 135 -41.72 -15.55 21.84
N ILE A 136 -40.67 -15.27 22.59
CA ILE A 136 -39.32 -15.63 22.20
C ILE A 136 -39.09 -17.12 22.12
N ILE A 137 -39.82 -17.88 22.92
CA ILE A 137 -39.66 -19.34 22.93
C ILE A 137 -40.01 -19.87 21.57
N ASP A 138 -41.18 -19.47 21.07
CA ASP A 138 -41.68 -19.93 19.78
C ASP A 138 -40.85 -19.42 18.62
N MET A 139 -40.14 -18.32 18.86
CA MET A 139 -39.28 -17.74 17.83
C MET A 139 -38.15 -18.72 17.51
N TYR A 140 -37.58 -19.28 18.57
CA TYR A 140 -36.43 -20.18 18.48
C TYR A 140 -36.84 -21.65 18.25
N LYS A 141 -38.08 -21.95 18.56
CA LYS A 141 -38.62 -23.32 18.38
C LYS A 141 -38.33 -23.83 16.98
N GLY A 142 -37.47 -24.84 16.89
CA GLY A 142 -37.16 -25.41 15.60
C GLY A 142 -36.08 -24.65 14.85
N LYS A 143 -36.04 -23.34 15.06
CA LYS A 143 -35.06 -22.48 14.42
C LYS A 143 -33.63 -23.01 14.56
N LYS A 144 -32.98 -23.17 13.43
CA LYS A 144 -31.60 -23.65 13.35
C LYS A 144 -30.65 -22.86 14.22
N ARG A 145 -29.36 -23.10 14.01
CA ARG A 145 -28.32 -22.44 14.79
C ARG A 145 -28.15 -21.00 14.36
N HIS A 146 -28.14 -20.81 13.05
CA HIS A 146 -27.97 -19.49 12.46
C HIS A 146 -29.27 -18.75 12.14
N GLU A 147 -30.37 -19.46 11.99
CA GLU A 147 -31.61 -18.77 11.71
C GLU A 147 -32.01 -17.82 12.84
N MET A 148 -31.14 -17.64 13.82
CA MET A 148 -31.43 -16.78 14.95
C MET A 148 -30.15 -16.45 15.69
N PRO A 149 -30.20 -15.50 16.62
CA PRO A 149 -29.03 -15.09 17.39
C PRO A 149 -28.75 -15.92 18.66
N PRO A 150 -27.48 -15.97 19.09
CA PRO A 150 -27.07 -16.71 20.27
C PRO A 150 -27.99 -16.35 21.40
N HIS A 151 -28.55 -17.38 22.03
CA HIS A 151 -29.43 -17.23 23.16
C HIS A 151 -29.47 -18.59 23.83
N ILE A 152 -29.80 -18.62 25.09
CA ILE A 152 -29.84 -19.90 25.80
C ILE A 152 -30.87 -20.83 25.16
N TYR A 153 -32.08 -20.32 24.96
CA TYR A 153 -33.15 -21.13 24.36
C TYR A 153 -32.64 -21.83 23.13
N ALA A 154 -31.55 -21.32 22.55
CA ALA A 154 -30.97 -21.91 21.35
C ALA A 154 -30.17 -23.17 21.67
N ILE A 155 -29.31 -23.10 22.69
CA ILE A 155 -28.49 -24.24 23.10
C ILE A 155 -29.40 -25.37 23.49
N ALA A 156 -30.48 -25.04 24.20
CA ALA A 156 -31.47 -26.01 24.61
C ALA A 156 -32.08 -26.72 23.40
N ASP A 157 -32.56 -25.96 22.41
CA ASP A 157 -33.14 -26.60 21.26
C ASP A 157 -32.11 -27.37 20.43
N THR A 158 -30.90 -26.83 20.33
CA THR A 158 -29.86 -27.48 19.53
C THR A 158 -29.55 -28.88 20.05
N ALA A 159 -29.59 -29.02 21.38
CA ALA A 159 -29.33 -30.30 22.02
C ALA A 159 -30.56 -31.18 21.88
N TYR A 160 -31.68 -30.69 22.39
CA TYR A 160 -32.93 -31.43 22.35
C TYR A 160 -33.28 -32.04 21.01
N ARG A 161 -32.71 -31.49 19.95
CA ARG A 161 -32.97 -32.04 18.64
C ARG A 161 -31.87 -33.06 18.39
N SER A 162 -30.62 -32.61 18.53
CA SER A 162 -29.46 -33.46 18.35
C SER A 162 -29.74 -34.82 18.96
N MET A 163 -30.40 -34.81 20.12
CA MET A 163 -30.74 -36.06 20.78
C MET A 163 -31.63 -36.87 19.84
N LEU A 164 -32.77 -36.32 19.47
CA LEU A 164 -33.70 -37.02 18.59
C LEU A 164 -33.19 -37.27 17.18
N GLN A 165 -32.05 -36.68 16.83
CA GLN A 165 -31.53 -36.86 15.48
C GLN A 165 -30.60 -38.04 15.33
N ASP A 166 -29.48 -38.01 16.06
CA ASP A 166 -28.51 -39.10 16.01
C ASP A 166 -28.72 -40.09 17.16
N ARG A 167 -29.86 -39.94 17.84
CA ARG A 167 -30.22 -40.82 18.94
C ARG A 167 -29.01 -41.03 19.85
N GLU A 168 -28.75 -40.06 20.71
CA GLU A 168 -27.59 -40.14 21.61
C GLU A 168 -27.60 -39.06 22.67
N ASP A 169 -28.10 -39.45 23.83
CA ASP A 169 -28.25 -38.58 25.00
C ASP A 169 -27.27 -37.44 25.12
N GLN A 170 -27.73 -36.36 25.74
CA GLN A 170 -26.92 -35.17 25.86
C GLN A 170 -26.96 -34.46 27.19
N SER A 171 -25.96 -33.60 27.37
CA SER A 171 -25.78 -32.84 28.58
C SER A 171 -25.46 -31.36 28.32
N ILE A 172 -25.99 -30.49 29.16
CA ILE A 172 -25.76 -29.06 29.06
C ILE A 172 -25.08 -28.74 30.39
N LEU A 173 -23.77 -28.52 30.36
CA LEU A 173 -22.99 -28.24 31.56
C LEU A 173 -22.65 -26.78 31.76
N CYS A 174 -23.26 -26.10 32.75
CA CYS A 174 -22.97 -24.69 33.01
C CYS A 174 -21.78 -24.48 33.91
N THR A 175 -20.69 -23.98 33.34
CA THR A 175 -19.46 -23.73 34.10
C THR A 175 -19.48 -22.32 34.64
N GLY A 176 -18.31 -21.74 34.85
CA GLY A 176 -18.25 -20.38 35.35
C GLY A 176 -18.11 -20.31 36.86
N GLU A 177 -17.34 -19.31 37.31
CA GLU A 177 -17.09 -19.08 38.72
C GLU A 177 -18.35 -18.77 39.48
N SER A 178 -18.29 -18.89 40.78
CA SER A 178 -19.46 -18.63 41.60
C SER A 178 -20.12 -17.31 41.32
N GLY A 179 -21.43 -17.37 41.07
CA GLY A 179 -22.19 -16.17 40.79
C GLY A 179 -22.46 -15.91 39.33
N ALA A 180 -21.55 -16.39 38.48
CA ALA A 180 -21.66 -16.21 37.03
C ALA A 180 -22.96 -16.65 36.39
N GLY A 181 -23.92 -17.09 37.18
CA GLY A 181 -25.20 -17.47 36.59
C GLY A 181 -25.42 -18.92 36.21
N LYS A 182 -24.62 -19.81 36.77
CA LYS A 182 -24.78 -21.21 36.47
C LYS A 182 -26.24 -21.68 36.58
N THR A 183 -26.93 -21.19 37.61
CA THR A 183 -28.31 -21.57 37.89
C THR A 183 -29.33 -21.06 36.90
N GLU A 184 -29.54 -19.75 36.90
CA GLU A 184 -30.53 -19.15 36.02
C GLU A 184 -30.60 -19.89 34.68
N ASN A 185 -29.48 -19.89 33.97
CA ASN A 185 -29.38 -20.52 32.68
C ASN A 185 -29.89 -21.93 32.67
N THR A 186 -30.02 -22.54 33.83
CA THR A 186 -30.53 -23.91 33.88
C THR A 186 -32.03 -23.83 33.93
N LYS A 187 -32.52 -22.90 34.75
CA LYS A 187 -33.95 -22.72 34.90
C LYS A 187 -34.58 -22.43 33.54
N LYS A 188 -33.82 -21.77 32.67
CA LYS A 188 -34.32 -21.45 31.34
C LYS A 188 -34.41 -22.73 30.52
N VAL A 189 -33.30 -23.43 30.40
CA VAL A 189 -33.26 -24.68 29.66
C VAL A 189 -34.46 -25.58 29.99
N ILE A 190 -34.88 -25.59 31.26
CA ILE A 190 -36.04 -26.41 31.60
C ILE A 190 -37.25 -25.68 31.10
N GLN A 191 -37.27 -24.37 31.37
CA GLN A 191 -38.37 -23.48 30.99
C GLN A 191 -38.76 -23.67 29.53
N TYR A 192 -37.74 -23.70 28.68
CA TYR A 192 -37.91 -23.88 27.26
C TYR A 192 -38.41 -25.30 26.98
N LEU A 193 -37.58 -26.29 27.27
CA LEU A 193 -37.97 -27.68 27.06
C LEU A 193 -39.33 -28.07 27.68
N ALA A 194 -39.79 -27.30 28.64
CA ALA A 194 -41.05 -27.60 29.29
C ALA A 194 -42.24 -27.29 28.40
N VAL A 195 -42.00 -26.47 27.38
CA VAL A 195 -43.07 -26.09 26.47
C VAL A 195 -42.77 -26.58 25.07
N VAL A 196 -41.52 -26.45 24.66
CA VAL A 196 -41.12 -26.85 23.35
C VAL A 196 -41.15 -28.36 23.16
N ALA A 197 -41.09 -29.13 24.22
CA ALA A 197 -41.09 -30.59 24.04
C ALA A 197 -42.21 -31.33 24.74
N SER A 198 -42.95 -30.62 25.58
CA SER A 198 -44.05 -31.24 26.31
C SER A 198 -45.16 -31.68 25.39
N SER A 199 -46.08 -32.47 25.92
CA SER A 199 -47.22 -32.89 25.13
C SER A 199 -48.35 -32.00 25.65
N HIS A 200 -49.27 -31.64 24.75
CA HIS A 200 -50.38 -30.76 25.10
C HIS A 200 -51.72 -31.45 25.29
N LYS A 201 -52.61 -30.80 26.05
CA LYS A 201 -53.96 -31.30 26.30
C LYS A 201 -54.83 -30.78 25.15
N GLY A 202 -54.24 -30.77 23.96
CA GLY A 202 -54.90 -30.27 22.77
C GLY A 202 -54.45 -28.82 22.63
N LYS A 203 -55.41 -27.90 22.69
CA LYS A 203 -55.13 -26.48 22.59
C LYS A 203 -54.57 -26.13 21.21
N GLN A 210 -47.65 -15.01 25.34
CA GLN A 210 -47.27 -13.67 25.90
C GLN A 210 -46.44 -13.87 27.15
N GLY A 211 -45.13 -13.72 27.01
CA GLY A 211 -44.26 -13.93 28.14
C GLY A 211 -44.60 -15.32 28.64
N PRO A 212 -44.73 -15.48 29.95
CA PRO A 212 -45.06 -16.79 30.57
C PRO A 212 -46.46 -17.33 30.27
N SER A 213 -47.30 -16.51 29.66
CA SER A 213 -48.67 -16.90 29.33
C SER A 213 -48.73 -18.16 28.46
N PHE A 214 -49.14 -19.27 29.06
CA PHE A 214 -49.26 -20.57 28.39
C PHE A 214 -49.65 -21.68 29.37
N SER A 215 -50.61 -22.52 28.98
CA SER A 215 -51.03 -23.62 29.83
C SER A 215 -50.22 -24.85 29.45
N TYR A 216 -49.28 -25.24 30.31
CA TYR A 216 -48.43 -26.40 30.06
C TYR A 216 -49.13 -27.71 30.40
N GLY A 217 -48.46 -28.83 30.11
CA GLY A 217 -49.01 -30.14 30.40
C GLY A 217 -49.25 -30.27 31.89
N GLU A 218 -49.53 -31.48 32.35
CA GLU A 218 -49.79 -31.70 33.77
C GLU A 218 -48.50 -31.92 34.54
N LEU A 219 -47.58 -32.64 33.93
CA LEU A 219 -46.29 -32.94 34.58
C LEU A 219 -45.31 -31.78 34.41
N GLU A 220 -45.31 -31.18 33.22
CA GLU A 220 -44.43 -30.07 32.95
C GLU A 220 -44.76 -28.95 33.92
N LYS A 221 -45.98 -29.02 34.45
CA LYS A 221 -46.46 -28.05 35.43
C LYS A 221 -45.59 -28.17 36.65
N GLN A 222 -45.45 -29.40 37.12
CA GLN A 222 -44.62 -29.72 38.28
C GLN A 222 -43.12 -29.54 37.97
N LEU A 223 -42.67 -30.12 36.86
CA LEU A 223 -41.27 -30.04 36.45
C LEU A 223 -40.80 -28.60 36.61
N LEU A 224 -41.76 -27.68 36.49
CA LEU A 224 -41.51 -26.26 36.61
C LEU A 224 -41.43 -25.75 38.04
N GLN A 225 -42.31 -26.27 38.90
CA GLN A 225 -42.39 -25.86 40.30
C GLN A 225 -41.41 -26.55 41.24
N ALA A 226 -40.60 -27.46 40.70
CA ALA A 226 -39.62 -28.20 41.51
C ALA A 226 -38.45 -27.33 41.97
N ASN A 227 -37.68 -26.84 41.01
CA ASN A 227 -36.54 -25.98 41.30
C ASN A 227 -36.84 -24.83 42.30
N PRO A 228 -38.06 -24.27 42.26
CA PRO A 228 -38.38 -23.18 43.21
C PRO A 228 -38.55 -23.72 44.65
N ILE A 229 -38.58 -25.04 44.78
CA ILE A 229 -38.70 -25.67 46.09
C ILE A 229 -37.30 -25.90 46.65
N LEU A 230 -36.51 -26.71 45.97
CA LEU A 230 -35.15 -26.98 46.42
C LEU A 230 -34.41 -25.67 46.66
N GLU A 231 -34.90 -24.61 46.04
CA GLU A 231 -34.24 -23.32 46.20
C GLU A 231 -34.46 -22.78 47.60
N ALA A 232 -35.55 -23.23 48.23
CA ALA A 232 -35.87 -22.82 49.58
C ALA A 232 -34.84 -23.45 50.52
N PHE A 233 -35.06 -24.71 50.89
CA PHE A 233 -34.13 -25.40 51.76
C PHE A 233 -32.91 -25.78 50.92
N GLY A 234 -32.02 -24.84 50.61
CA GLY A 234 -30.89 -25.23 49.80
C GLY A 234 -30.11 -24.05 49.29
N ASN A 235 -30.74 -22.88 49.24
CA ASN A 235 -30.08 -21.66 48.75
C ASN A 235 -30.01 -20.64 49.84
N ALA A 236 -28.96 -19.82 49.83
CA ALA A 236 -28.82 -18.80 50.87
C ALA A 236 -27.84 -17.67 50.55
N LYS A 237 -28.15 -16.49 51.07
CA LYS A 237 -27.35 -15.28 50.83
C LYS A 237 -25.90 -15.36 51.25
N THR A 238 -25.02 -15.03 50.32
CA THR A 238 -23.60 -15.05 50.60
C THR A 238 -22.91 -13.85 49.99
N VAL A 239 -21.70 -13.57 50.49
CA VAL A 239 -20.90 -12.44 50.05
C VAL A 239 -20.64 -12.46 48.56
N LYS A 240 -21.20 -13.45 47.88
CA LYS A 240 -21.02 -13.55 46.44
C LYS A 240 -22.38 -13.66 45.72
N ASN A 241 -23.45 -13.98 46.46
CA ASN A 241 -24.75 -14.10 45.83
C ASN A 241 -25.93 -14.19 46.80
N ASP A 242 -26.79 -13.18 46.73
CA ASP A 242 -27.98 -13.09 47.56
C ASP A 242 -28.80 -14.38 47.56
N ASN A 243 -28.79 -15.12 46.47
CA ASN A 243 -29.51 -16.38 46.43
C ASN A 243 -28.62 -17.44 45.81
N SER A 244 -27.59 -17.84 46.57
CA SER A 244 -26.65 -18.83 46.11
C SER A 244 -27.13 -20.24 46.27
N SER A 245 -26.79 -21.05 45.28
CA SER A 245 -27.13 -22.46 45.31
C SER A 245 -26.10 -23.15 46.23
N ARG A 246 -26.57 -23.61 47.38
CA ARG A 246 -25.69 -24.22 48.40
C ARG A 246 -25.53 -25.73 48.23
N PHE A 247 -25.53 -26.17 46.99
CA PHE A 247 -25.40 -27.60 46.67
C PHE A 247 -25.50 -27.84 45.18
N GLY A 248 -24.55 -28.61 44.68
CA GLY A 248 -24.52 -29.00 43.27
C GLY A 248 -25.83 -29.68 42.96
N LYS A 249 -26.21 -29.69 41.68
CA LYS A 249 -27.45 -30.32 41.26
C LYS A 249 -27.36 -30.76 39.80
N PHE A 250 -27.80 -31.97 39.50
CA PHE A 250 -27.76 -32.50 38.13
C PHE A 250 -29.16 -33.03 37.77
N ILE A 251 -29.94 -32.23 37.05
CA ILE A 251 -31.31 -32.61 36.63
C ILE A 251 -31.33 -33.47 35.39
N ARG A 252 -32.14 -34.52 35.40
CA ARG A 252 -32.24 -35.41 34.26
C ARG A 252 -33.66 -35.47 33.71
N ILE A 253 -33.84 -35.09 32.46
CA ILE A 253 -35.16 -35.12 31.84
C ILE A 253 -35.25 -36.28 30.84
N ASN A 254 -36.35 -37.01 30.94
CA ASN A 254 -36.59 -38.20 30.12
C ASN A 254 -37.63 -38.06 29.00
N PHE A 255 -37.24 -38.41 27.77
CA PHE A 255 -38.13 -38.32 26.61
C PHE A 255 -38.47 -39.68 26.00
N ASP A 256 -39.66 -39.78 25.42
CA ASP A 256 -40.07 -41.02 24.79
C ASP A 256 -39.49 -41.06 23.39
N VAL A 257 -40.03 -41.93 22.54
CA VAL A 257 -39.56 -42.03 21.16
C VAL A 257 -40.11 -40.91 20.29
N THR A 258 -41.34 -40.48 20.56
CA THR A 258 -41.97 -39.41 19.79
C THR A 258 -41.32 -38.07 20.10
N GLY A 259 -40.48 -38.03 21.13
CA GLY A 259 -39.79 -36.80 21.47
C GLY A 259 -40.42 -35.99 22.57
N TYR A 260 -41.29 -36.63 23.37
CA TYR A 260 -41.95 -35.91 24.46
C TYR A 260 -41.39 -36.15 25.86
N ILE A 261 -41.50 -35.13 26.70
CA ILE A 261 -41.02 -35.20 28.07
C ILE A 261 -41.94 -36.16 28.79
N VAL A 262 -41.36 -37.03 29.61
CA VAL A 262 -42.15 -37.99 30.34
C VAL A 262 -41.67 -38.15 31.78
N GLY A 263 -40.39 -37.90 32.03
CA GLY A 263 -39.89 -38.05 33.38
C GLY A 263 -38.80 -37.06 33.76
N ALA A 264 -38.37 -37.10 35.02
CA ALA A 264 -37.35 -36.18 35.51
C ALA A 264 -36.82 -36.56 36.89
N ASN A 265 -35.51 -36.71 36.96
CA ASN A 265 -34.80 -37.08 38.15
C ASN A 265 -33.96 -35.91 38.59
N ILE A 266 -33.50 -35.94 39.82
CA ILE A 266 -32.63 -34.87 40.32
C ILE A 266 -31.60 -35.44 41.31
N GLU A 267 -30.33 -35.40 40.89
CA GLU A 267 -29.21 -35.88 41.73
C GLU A 267 -28.55 -34.70 42.45
N THR A 268 -28.91 -34.55 43.71
CA THR A 268 -28.38 -33.47 44.59
C THR A 268 -27.02 -33.90 45.15
N TYR A 269 -26.16 -32.94 45.49
CA TYR A 269 -24.82 -33.30 45.97
C TYR A 269 -24.48 -32.69 47.36
N LEU A 270 -23.35 -32.01 47.38
CA LEU A 270 -22.72 -31.45 48.60
C LEU A 270 -23.52 -30.35 49.29
N LEU A 271 -24.55 -30.72 50.04
CA LEU A 271 -25.36 -29.72 50.73
C LEU A 271 -24.67 -29.11 51.96
N GLU A 272 -24.03 -27.95 51.80
CA GLU A 272 -23.33 -27.28 52.92
C GLU A 272 -24.30 -26.92 54.05
N LYS A 273 -24.84 -27.95 54.69
CA LYS A 273 -25.79 -27.78 55.78
C LYS A 273 -25.10 -27.32 57.05
N SER A 274 -23.79 -27.14 56.97
CA SER A 274 -23.06 -26.64 58.11
C SER A 274 -23.77 -25.34 58.53
N ARG A 275 -23.71 -24.34 57.65
CA ARG A 275 -24.32 -23.02 57.88
C ARG A 275 -25.70 -22.99 58.51
N ALA A 276 -26.30 -24.17 58.67
CA ALA A 276 -27.63 -24.24 59.28
C ALA A 276 -27.55 -23.85 60.76
N ILE A 277 -26.32 -23.88 61.30
CA ILE A 277 -26.08 -23.57 62.71
C ILE A 277 -25.37 -22.24 62.93
N ARG A 278 -24.41 -21.93 62.07
CA ARG A 278 -23.67 -20.67 62.19
C ARG A 278 -23.29 -20.13 60.81
N GLN A 279 -23.81 -18.95 60.54
CA GLN A 279 -23.57 -18.22 59.28
C GLN A 279 -22.50 -17.16 59.47
N ALA A 280 -21.67 -17.05 58.46
CA ALA A 280 -20.56 -16.10 58.43
C ALA A 280 -21.13 -14.67 58.39
N LYS A 281 -20.21 -13.73 58.43
CA LYS A 281 -20.52 -12.30 58.39
C LYS A 281 -21.20 -11.94 57.07
N ASP A 282 -22.30 -11.23 57.22
CA ASP A 282 -23.14 -10.71 56.11
C ASP A 282 -23.75 -11.83 55.25
N GLU A 283 -23.80 -13.03 55.81
CA GLU A 283 -24.41 -14.18 55.14
C GLU A 283 -25.65 -14.61 55.91
N ARG A 284 -26.44 -15.45 55.28
CA ARG A 284 -27.70 -15.97 55.85
C ARG A 284 -27.74 -17.49 55.78
N THR A 285 -28.76 -18.03 56.42
CA THR A 285 -29.03 -19.48 56.42
C THR A 285 -29.94 -19.78 55.25
N PHE A 286 -30.40 -21.01 55.21
CA PHE A 286 -31.27 -21.48 54.15
C PHE A 286 -32.59 -20.71 54.12
N HIS A 287 -32.75 -19.91 53.07
CA HIS A 287 -33.94 -19.10 52.86
C HIS A 287 -35.14 -19.53 53.70
N ILE A 288 -35.65 -20.73 53.41
CA ILE A 288 -36.80 -21.26 54.13
C ILE A 288 -36.89 -20.84 55.59
N PHE A 289 -35.76 -20.80 56.29
CA PHE A 289 -35.75 -20.41 57.70
C PHE A 289 -36.43 -19.06 57.87
N TYR A 290 -35.81 -18.04 57.30
CA TYR A 290 -36.35 -16.69 57.36
C TYR A 290 -37.78 -16.68 56.83
N TYR A 291 -38.01 -17.35 55.70
CA TYR A 291 -39.36 -17.39 55.13
C TYR A 291 -40.32 -17.78 56.26
N LEU A 292 -40.01 -18.87 56.95
CA LEU A 292 -40.87 -19.35 58.02
C LEU A 292 -41.03 -18.42 59.17
N ILE A 293 -39.91 -17.95 59.72
CA ILE A 293 -40.00 -17.01 60.84
C ILE A 293 -40.88 -15.82 60.49
N ALA A 294 -41.13 -15.60 59.20
CA ALA A 294 -41.95 -14.47 58.78
C ALA A 294 -43.28 -14.84 58.11
N GLY A 295 -43.22 -15.71 57.13
CA GLY A 295 -44.42 -16.11 56.41
C GLY A 295 -45.33 -16.96 57.26
N ALA A 296 -44.88 -17.24 58.47
CA ALA A 296 -45.64 -18.04 59.40
C ALA A 296 -46.97 -17.36 59.74
N SER A 297 -48.05 -18.16 59.67
CA SER A 297 -49.38 -17.65 59.99
C SER A 297 -49.48 -17.49 61.51
N GLU A 298 -50.21 -16.46 61.94
CA GLU A 298 -50.40 -16.22 63.37
C GLU A 298 -50.62 -17.53 64.12
N GLN A 299 -51.64 -18.27 63.71
CA GLN A 299 -51.96 -19.54 64.33
C GLN A 299 -50.74 -20.46 64.30
N MET A 300 -50.45 -21.02 63.13
CA MET A 300 -49.30 -21.92 62.98
C MET A 300 -48.05 -21.27 63.56
N ARG A 301 -48.10 -19.96 63.76
CA ARG A 301 -46.96 -19.24 64.30
C ARG A 301 -46.55 -19.94 65.59
N ASN A 302 -47.46 -19.99 66.55
CA ASN A 302 -47.18 -20.63 67.81
C ASN A 302 -47.07 -22.14 67.63
N ASP A 303 -47.95 -22.69 66.79
CA ASP A 303 -47.98 -24.13 66.53
C ASP A 303 -46.61 -24.80 66.39
N LEU A 304 -45.59 -24.02 66.05
CA LEU A 304 -44.25 -24.57 65.89
C LEU A 304 -43.30 -23.81 66.82
N LEU A 305 -43.89 -23.00 67.69
CA LEU A 305 -43.12 -22.19 68.64
C LEU A 305 -42.12 -21.36 67.86
N LEU A 306 -42.67 -20.53 66.99
CA LEU A 306 -41.87 -19.68 66.12
C LEU A 306 -41.73 -18.25 66.64
N GLU A 307 -40.89 -18.08 67.65
CA GLU A 307 -40.64 -16.77 68.21
C GLU A 307 -40.05 -15.92 67.09
N GLY A 308 -40.09 -14.60 67.25
CA GLY A 308 -39.57 -13.71 66.22
C GLY A 308 -38.10 -13.90 65.90
N PHE A 309 -37.55 -12.99 65.09
CA PHE A 309 -36.15 -13.06 64.72
C PHE A 309 -35.29 -12.64 65.90
N ASN A 310 -34.05 -13.13 65.93
CA ASN A 310 -33.12 -12.80 67.00
C ASN A 310 -33.52 -13.41 68.33
N ASN A 311 -34.43 -14.37 68.27
CA ASN A 311 -34.88 -15.08 69.46
C ASN A 311 -34.25 -16.47 69.33
N TYR A 312 -33.61 -16.67 68.17
CA TYR A 312 -32.93 -17.92 67.83
C TYR A 312 -31.44 -17.63 67.64
N THR A 313 -30.59 -18.54 68.10
CA THR A 313 -29.16 -18.33 68.00
C THR A 313 -28.49 -18.92 66.77
N PHE A 314 -29.23 -19.70 66.01
CA PHE A 314 -28.68 -20.29 64.80
C PHE A 314 -28.60 -19.26 63.68
N LEU A 315 -29.19 -18.09 63.91
CA LEU A 315 -29.20 -17.02 62.94
C LEU A 315 -28.20 -15.94 63.29
N SER A 316 -26.95 -16.12 62.86
CA SER A 316 -25.89 -15.15 63.08
C SER A 316 -26.27 -13.91 62.30
N ASN A 317 -25.72 -12.77 62.70
CA ASN A 317 -26.06 -11.52 62.02
C ASN A 317 -27.56 -11.30 62.14
N GLY A 318 -28.17 -11.81 63.20
CA GLY A 318 -29.60 -11.65 63.38
C GLY A 318 -30.36 -11.81 62.07
N HIS A 319 -31.38 -10.97 61.86
CA HIS A 319 -32.16 -11.02 60.64
C HIS A 319 -31.61 -10.07 59.58
N VAL A 320 -30.96 -10.62 58.56
CA VAL A 320 -30.41 -9.82 57.48
C VAL A 320 -31.42 -9.90 56.34
N PRO A 321 -31.60 -8.80 55.61
CA PRO A 321 -32.53 -8.75 54.50
C PRO A 321 -31.86 -8.99 53.15
N ILE A 322 -32.68 -9.39 52.18
CA ILE A 322 -32.22 -9.66 50.84
C ILE A 322 -32.80 -8.65 49.84
N PRO A 323 -31.92 -7.95 49.11
CA PRO A 323 -32.32 -6.95 48.13
C PRO A 323 -33.28 -7.45 47.05
N ALA A 324 -34.29 -6.65 46.78
CA ALA A 324 -35.30 -6.95 45.75
C ALA A 324 -36.15 -8.19 46.03
N GLN A 325 -35.92 -8.81 47.17
CA GLN A 325 -36.66 -10.01 47.54
C GLN A 325 -37.39 -9.81 48.86
N GLN A 326 -38.67 -10.19 48.90
CA GLN A 326 -39.46 -10.06 50.11
C GLN A 326 -39.79 -11.45 50.67
N ASP A 327 -39.08 -11.81 51.73
CA ASP A 327 -39.26 -13.10 52.38
C ASP A 327 -40.73 -13.30 52.75
N ASP A 328 -41.38 -12.23 53.16
CA ASP A 328 -42.79 -12.24 53.54
C ASP A 328 -43.59 -13.06 52.53
N GLU A 329 -43.58 -12.60 51.28
CA GLU A 329 -44.30 -13.25 50.20
C GLU A 329 -43.59 -14.55 49.80
N MET A 330 -42.27 -14.47 49.73
CA MET A 330 -41.43 -15.60 49.38
C MET A 330 -42.04 -16.87 49.92
N PHE A 331 -42.54 -16.78 51.15
CA PHE A 331 -43.16 -17.91 51.80
C PHE A 331 -44.23 -18.51 50.89
N GLN A 332 -45.32 -17.79 50.70
CA GLN A 332 -46.42 -18.25 49.86
C GLN A 332 -45.94 -18.84 48.56
N GLU A 333 -45.08 -18.10 47.86
CA GLU A 333 -44.53 -18.55 46.59
C GLU A 333 -44.11 -20.01 46.71
N THR A 334 -43.26 -20.29 47.69
CA THR A 334 -42.77 -21.64 47.91
C THR A 334 -43.88 -22.50 48.49
N LEU A 335 -44.71 -21.90 49.32
CA LEU A 335 -45.81 -22.66 49.88
C LEU A 335 -46.62 -23.12 48.68
N GLU A 336 -46.94 -22.14 47.83
CA GLU A 336 -47.70 -22.37 46.61
C GLU A 336 -47.03 -23.47 45.78
N ALA A 337 -45.72 -23.38 45.66
CA ALA A 337 -44.97 -24.36 44.90
C ALA A 337 -45.24 -25.74 45.47
N MET A 338 -44.86 -25.92 46.73
CA MET A 338 -45.03 -27.21 47.41
C MET A 338 -46.33 -27.90 47.04
N THR A 339 -47.41 -27.12 47.00
CA THR A 339 -48.73 -27.68 46.66
C THR A 339 -48.74 -28.14 45.21
N ILE A 340 -48.30 -27.26 44.31
CA ILE A 340 -48.23 -27.57 42.89
C ILE A 340 -47.52 -28.90 42.75
N MET A 341 -46.39 -28.98 43.44
CA MET A 341 -45.57 -30.18 43.44
C MET A 341 -46.38 -31.38 43.89
N GLY A 342 -46.95 -31.32 45.09
CA GLY A 342 -47.75 -32.44 45.58
C GLY A 342 -47.83 -32.64 47.09
N PHE A 343 -46.97 -31.98 47.85
CA PHE A 343 -46.96 -32.10 49.30
C PHE A 343 -48.31 -31.84 49.95
N THR A 344 -48.93 -32.90 50.47
CA THR A 344 -50.22 -32.81 51.14
C THR A 344 -50.35 -31.60 52.03
N GLU A 345 -51.56 -31.06 52.09
CA GLU A 345 -51.84 -29.88 52.90
C GLU A 345 -51.04 -29.89 54.20
N GLU A 346 -51.23 -30.94 55.00
CA GLU A 346 -50.53 -31.07 56.27
C GLU A 346 -49.10 -31.54 56.01
N GLU A 347 -48.93 -32.37 54.99
CA GLU A 347 -47.63 -32.90 54.63
C GLU A 347 -46.61 -31.78 54.63
N GLN A 348 -47.11 -30.56 54.66
CA GLN A 348 -46.23 -29.40 54.64
C GLN A 348 -46.07 -28.86 56.04
N THR A 349 -47.18 -28.54 56.67
CA THR A 349 -47.18 -28.01 58.04
C THR A 349 -46.06 -28.71 58.80
N SER A 350 -45.96 -30.00 58.57
CA SER A 350 -44.95 -30.83 59.20
C SER A 350 -43.56 -30.34 58.81
N ILE A 351 -43.26 -30.42 57.51
CA ILE A 351 -41.95 -30.00 57.02
C ILE A 351 -41.59 -28.63 57.56
N LEU A 352 -42.54 -27.95 58.18
CA LEU A 352 -42.26 -26.64 58.73
C LEU A 352 -41.87 -26.72 60.21
N ARG A 353 -42.62 -27.48 61.00
CA ARG A 353 -42.30 -27.64 62.41
C ARG A 353 -40.86 -28.14 62.51
N VAL A 354 -40.56 -29.18 61.74
CA VAL A 354 -39.22 -29.75 61.70
C VAL A 354 -38.18 -28.67 61.44
N VAL A 355 -38.63 -27.52 60.95
CA VAL A 355 -37.70 -26.44 60.69
C VAL A 355 -37.50 -25.70 61.99
N SER A 356 -38.62 -25.25 62.57
CA SER A 356 -38.56 -24.53 63.83
C SER A 356 -37.73 -25.36 64.79
N SER A 357 -38.01 -26.66 64.78
CA SER A 357 -37.29 -27.59 65.62
C SER A 357 -35.80 -27.36 65.42
N VAL A 358 -35.36 -27.50 64.17
CA VAL A 358 -33.95 -27.32 63.84
C VAL A 358 -33.40 -25.96 64.28
N LEU A 359 -34.29 -25.11 64.78
CA LEU A 359 -33.85 -23.79 65.21
C LEU A 359 -33.87 -23.69 66.74
N GLN A 360 -34.92 -24.21 67.36
CA GLN A 360 -35.09 -24.19 68.83
C GLN A 360 -33.92 -24.90 69.47
N LEU A 361 -33.61 -26.07 68.94
CA LEU A 361 -32.52 -26.90 69.38
C LEU A 361 -31.26 -26.07 69.49
N GLY A 362 -31.37 -24.81 69.10
CA GLY A 362 -30.22 -23.93 69.15
C GLY A 362 -30.22 -23.12 70.42
N ASN A 363 -31.40 -22.95 70.98
CA ASN A 363 -31.55 -22.19 72.22
C ASN A 363 -30.98 -23.00 73.38
N ILE A 364 -31.23 -24.31 73.34
CA ILE A 364 -30.76 -25.25 74.36
C ILE A 364 -29.36 -24.87 74.84
N VAL A 365 -29.24 -24.70 76.16
CA VAL A 365 -27.96 -24.32 76.76
C VAL A 365 -27.30 -25.35 77.67
N PHE A 366 -26.00 -25.19 77.85
CA PHE A 366 -25.23 -26.09 78.70
C PHE A 366 -24.08 -25.32 79.34
N LYS A 367 -24.34 -24.77 80.52
CA LYS A 367 -23.35 -24.00 81.25
C LYS A 367 -22.48 -24.90 82.11
N LYS A 368 -21.17 -24.70 82.00
CA LYS A 368 -20.20 -25.48 82.75
C LYS A 368 -20.60 -25.63 84.21
N GLU A 369 -20.04 -26.65 84.86
CA GLU A 369 -20.32 -26.90 86.27
C GLU A 369 -18.99 -27.12 87.01
N ARG A 370 -18.49 -26.07 87.64
CA ARG A 370 -17.22 -26.13 88.36
C ARG A 370 -17.25 -27.09 89.56
N ASN A 371 -18.40 -27.72 89.79
CA ASN A 371 -18.54 -28.66 90.88
C ASN A 371 -18.22 -30.06 90.35
N THR A 372 -18.98 -30.47 89.34
CA THR A 372 -18.82 -31.78 88.69
C THR A 372 -18.04 -31.63 87.39
N ASP A 373 -18.21 -30.47 86.75
CA ASP A 373 -17.55 -30.14 85.48
C ASP A 373 -18.23 -30.77 84.27
N GLN A 374 -19.53 -30.96 84.40
CA GLN A 374 -20.37 -31.52 83.35
C GLN A 374 -21.59 -30.63 83.24
N ALA A 375 -21.47 -29.57 82.47
CA ALA A 375 -22.55 -28.61 82.26
C ALA A 375 -23.91 -29.29 82.26
N SER A 376 -24.93 -28.55 82.69
CA SER A 376 -26.26 -29.13 82.73
C SER A 376 -27.32 -28.36 81.98
N MET A 377 -28.55 -28.77 82.23
CA MET A 377 -29.75 -28.20 81.65
C MET A 377 -30.42 -27.30 82.69
N PRO A 378 -29.82 -26.14 82.97
CA PRO A 378 -30.39 -25.22 83.94
C PRO A 378 -31.79 -24.74 83.55
N ASP A 379 -32.17 -24.93 82.28
CA ASP A 379 -33.50 -24.53 81.79
C ASP A 379 -34.21 -25.56 80.94
N ASN A 380 -35.47 -25.84 81.29
CA ASN A 380 -36.28 -26.83 80.63
C ASN A 380 -36.86 -26.28 79.34
N THR A 381 -37.60 -25.18 79.40
CA THR A 381 -38.25 -24.57 78.24
C THR A 381 -37.62 -24.94 76.91
N ALA A 382 -36.33 -24.65 76.78
CA ALA A 382 -35.59 -24.95 75.56
C ALA A 382 -35.96 -26.33 75.00
N ALA A 383 -35.20 -27.34 75.41
CA ALA A 383 -35.42 -28.72 74.99
C ALA A 383 -36.85 -29.12 75.29
N GLN A 384 -37.45 -28.45 76.27
CA GLN A 384 -38.80 -28.74 76.64
C GLN A 384 -39.61 -28.66 75.35
N LYS A 385 -39.50 -27.53 74.68
CA LYS A 385 -40.19 -27.30 73.42
C LYS A 385 -39.69 -28.29 72.38
N VAL A 386 -38.42 -28.14 72.03
CA VAL A 386 -37.77 -28.99 71.03
C VAL A 386 -38.26 -30.45 71.03
N CYS A 387 -38.25 -31.08 72.20
CA CYS A 387 -38.67 -32.47 72.30
C CYS A 387 -40.13 -32.70 71.96
N HIS A 388 -40.89 -31.62 71.94
CA HIS A 388 -42.32 -31.69 71.61
C HIS A 388 -42.46 -31.80 70.11
N LEU A 389 -41.72 -30.96 69.41
CA LEU A 389 -41.75 -30.95 67.96
C LEU A 389 -41.19 -32.26 67.42
N MET A 390 -40.32 -32.91 68.18
CA MET A 390 -39.73 -34.16 67.73
C MET A 390 -40.60 -35.37 67.98
N GLY A 391 -41.69 -35.19 68.73
CA GLY A 391 -42.56 -36.31 69.01
C GLY A 391 -41.85 -37.31 69.93
N ILE A 392 -40.80 -36.82 70.61
CA ILE A 392 -40.01 -37.63 71.55
C ILE A 392 -40.27 -37.19 72.98
N ASN A 393 -39.31 -37.47 73.87
CA ASN A 393 -39.43 -37.09 75.28
C ASN A 393 -38.24 -36.36 75.91
N VAL A 394 -38.59 -35.46 76.82
CA VAL A 394 -37.64 -34.63 77.56
C VAL A 394 -36.58 -35.45 78.27
N THR A 395 -36.89 -35.76 79.53
CA THR A 395 -36.03 -36.53 80.42
C THR A 395 -35.09 -37.43 79.65
N ASP A 396 -35.66 -38.28 78.81
CA ASP A 396 -34.86 -39.18 78.02
C ASP A 396 -33.87 -38.33 77.24
N PHE A 397 -34.41 -37.53 76.32
CA PHE A 397 -33.58 -36.65 75.51
C PHE A 397 -32.47 -36.07 76.37
N THR A 398 -32.85 -35.35 77.42
CA THR A 398 -31.91 -34.73 78.31
C THR A 398 -30.74 -35.63 78.70
N ARG A 399 -31.04 -36.74 79.38
CA ARG A 399 -30.01 -37.67 79.79
C ARG A 399 -29.15 -37.94 78.57
N SER A 400 -29.76 -38.56 77.56
CA SER A 400 -29.06 -38.90 76.31
C SER A 400 -28.20 -37.75 75.83
N ILE A 401 -28.75 -36.55 75.92
CA ILE A 401 -28.06 -35.35 75.46
C ILE A 401 -26.92 -34.94 76.39
N LEU A 402 -27.06 -35.25 77.68
CA LEU A 402 -26.03 -34.89 78.66
C LEU A 402 -25.14 -36.06 79.06
N THR A 403 -25.80 -37.17 79.44
CA THR A 403 -25.15 -38.41 79.87
C THR A 403 -25.39 -39.52 78.85
N PRO A 404 -24.44 -39.69 77.94
CA PRO A 404 -24.57 -40.74 76.92
C PRO A 404 -24.51 -42.14 77.47
N ARG A 405 -25.68 -42.76 77.59
CA ARG A 405 -25.80 -44.13 78.09
C ARG A 405 -25.30 -45.06 76.98
N ILE A 406 -24.20 -44.66 76.36
CA ILE A 406 -23.58 -45.37 75.25
C ILE A 406 -23.23 -46.82 75.52
N LYS A 407 -22.64 -47.47 74.52
CA LYS A 407 -22.22 -48.85 74.64
C LYS A 407 -21.04 -49.14 73.72
N VAL A 408 -19.85 -48.73 74.15
CA VAL A 408 -18.66 -48.96 73.34
C VAL A 408 -18.31 -50.44 73.33
N GLY A 409 -17.72 -50.90 72.22
CA GLY A 409 -17.33 -52.30 72.08
C GLY A 409 -18.15 -53.30 72.87
N ARG A 410 -17.46 -54.11 73.68
CA ARG A 410 -18.10 -55.13 74.52
C ARG A 410 -18.43 -54.56 75.91
N ASP A 411 -18.81 -53.28 75.94
CA ASP A 411 -19.13 -52.60 77.18
C ASP A 411 -20.22 -51.53 77.03
N VAL A 412 -21.06 -51.43 78.06
CA VAL A 412 -22.14 -50.44 78.13
C VAL A 412 -21.55 -49.20 78.81
N VAL A 413 -20.45 -48.73 78.24
CA VAL A 413 -19.75 -47.58 78.76
C VAL A 413 -20.67 -46.40 79.01
N GLN A 414 -21.29 -46.34 80.18
CA GLN A 414 -22.17 -45.21 80.47
C GLN A 414 -21.27 -44.05 80.92
N LYS A 415 -21.40 -42.92 80.26
CA LYS A 415 -20.57 -41.74 80.58
C LYS A 415 -21.34 -40.44 80.38
N ALA A 416 -20.69 -39.36 80.78
CA ALA A 416 -21.25 -38.00 80.69
C ALA A 416 -20.21 -37.05 80.09
N GLN A 417 -20.65 -36.38 79.04
CA GLN A 417 -19.82 -35.42 78.29
C GLN A 417 -19.67 -34.10 79.06
N THR A 418 -18.86 -33.21 78.47
CA THR A 418 -18.57 -31.87 79.01
C THR A 418 -19.34 -30.80 78.25
N LYS A 419 -19.77 -29.80 79.00
CA LYS A 419 -20.53 -28.68 78.44
C LYS A 419 -20.43 -28.68 76.91
N GLU A 420 -19.20 -28.56 76.42
CA GLU A 420 -18.91 -28.51 74.98
C GLU A 420 -19.60 -29.68 74.26
N GLN A 421 -19.12 -30.86 74.55
CA GLN A 421 -19.64 -32.11 73.97
C GLN A 421 -21.17 -32.11 74.02
N ALA A 422 -21.67 -31.51 75.09
CA ALA A 422 -23.10 -31.39 75.34
C ALA A 422 -23.78 -30.64 74.20
N ASP A 423 -23.00 -29.82 73.54
CA ASP A 423 -23.47 -28.98 72.43
C ASP A 423 -23.05 -29.55 71.09
N PHE A 424 -21.77 -29.87 70.95
CA PHE A 424 -21.25 -30.43 69.71
C PHE A 424 -22.21 -31.50 69.22
N ALA A 425 -23.02 -32.00 70.14
CA ALA A 425 -24.00 -33.02 69.82
C ALA A 425 -25.33 -32.34 69.49
N ILE A 426 -25.89 -31.62 70.45
CA ILE A 426 -27.16 -30.94 70.24
C ILE A 426 -27.08 -30.09 68.99
N GLU A 427 -25.83 -29.76 68.62
CA GLU A 427 -25.55 -28.95 67.43
C GLU A 427 -25.52 -29.84 66.20
N ALA A 428 -24.52 -30.70 66.14
CA ALA A 428 -24.37 -31.60 65.02
C ALA A 428 -25.56 -32.57 64.95
N LEU A 429 -26.57 -32.31 65.76
CA LEU A 429 -27.75 -33.16 65.76
C LEU A 429 -28.73 -32.45 64.89
N ALA A 430 -29.07 -31.24 65.28
CA ALA A 430 -30.01 -30.43 64.52
C ALA A 430 -29.45 -30.33 63.10
N LYS A 431 -28.18 -29.93 63.04
CA LYS A 431 -27.45 -29.80 61.78
C LYS A 431 -27.68 -30.98 60.82
N ALA A 432 -27.73 -32.19 61.35
CA ALA A 432 -27.94 -33.36 60.52
C ALA A 432 -29.43 -33.67 60.41
N LYS A 433 -30.20 -33.18 61.37
CA LYS A 433 -31.63 -33.41 61.35
C LYS A 433 -32.13 -32.64 60.14
N PHE A 434 -31.40 -31.58 59.79
CA PHE A 434 -31.75 -30.76 58.65
C PHE A 434 -31.59 -31.54 57.35
N GLU A 435 -30.34 -31.92 57.09
CA GLU A 435 -29.99 -32.69 55.90
C GLU A 435 -30.98 -33.82 55.69
N ARG A 436 -31.45 -34.39 56.80
CA ARG A 436 -32.39 -35.49 56.76
C ARG A 436 -33.66 -34.97 56.09
N LEU A 437 -33.83 -33.64 56.12
CA LEU A 437 -35.01 -33.07 55.50
C LEU A 437 -34.83 -32.88 54.01
N PHE A 438 -33.77 -32.17 53.64
CA PHE A 438 -33.48 -31.92 52.24
C PHE A 438 -33.61 -33.21 51.48
N ARG A 439 -32.72 -34.15 51.78
CA ARG A 439 -32.74 -35.45 51.12
C ARG A 439 -34.15 -36.07 51.05
N TRP A 440 -35.01 -35.70 52.01
CA TRP A 440 -36.37 -36.24 52.06
C TRP A 440 -37.23 -35.58 51.01
N ILE A 441 -37.31 -34.25 51.07
CA ILE A 441 -38.10 -33.47 50.11
C ILE A 441 -37.70 -33.92 48.71
N LEU A 442 -36.40 -33.83 48.46
CA LEU A 442 -35.83 -34.19 47.19
C LEU A 442 -36.32 -35.50 46.62
N THR A 443 -36.74 -36.41 47.50
CA THR A 443 -37.25 -37.69 47.02
C THR A 443 -38.77 -37.65 46.95
N ARG A 444 -39.33 -36.58 47.49
CA ARG A 444 -40.75 -36.36 47.46
C ARG A 444 -40.98 -35.67 46.12
N VAL A 445 -40.09 -34.73 45.80
CA VAL A 445 -40.16 -34.00 44.53
C VAL A 445 -39.94 -35.02 43.44
N ASN A 446 -38.79 -35.67 43.53
CA ASN A 446 -38.38 -36.68 42.58
C ASN A 446 -39.36 -37.84 42.47
N LYS A 447 -40.38 -37.84 43.32
CA LYS A 447 -41.37 -38.91 43.30
C LYS A 447 -42.46 -38.62 42.27
N ALA A 448 -42.62 -37.34 41.96
CA ALA A 448 -43.62 -36.91 40.99
C ALA A 448 -42.98 -36.73 39.63
N LEU A 449 -41.85 -36.02 39.62
CA LEU A 449 -41.15 -35.78 38.37
C LEU A 449 -40.81 -37.09 37.72
N ASP A 450 -41.07 -38.20 38.41
CA ASP A 450 -40.79 -39.54 37.93
C ASP A 450 -41.95 -40.42 38.37
N ALA A 457 -36.69 -43.99 26.20
CA ALA A 457 -35.35 -44.18 25.58
C ALA A 457 -34.31 -43.02 25.67
N SER A 458 -34.68 -41.77 25.95
CA SER A 458 -33.64 -40.68 25.95
C SER A 458 -33.72 -39.73 27.15
N PHE A 459 -32.58 -39.07 27.44
CA PHE A 459 -32.49 -38.13 28.57
C PHE A 459 -31.62 -36.94 28.27
N LEU A 460 -32.01 -35.78 28.79
CA LEU A 460 -31.20 -34.59 28.58
C LEU A 460 -30.59 -34.29 29.94
N GLY A 461 -29.30 -34.03 29.99
CA GLY A 461 -28.70 -33.72 31.26
C GLY A 461 -28.30 -32.27 31.46
N ILE A 462 -28.79 -31.64 32.52
CA ILE A 462 -28.47 -30.26 32.85
C ILE A 462 -27.69 -30.22 34.16
N LEU A 463 -26.44 -29.78 34.14
CA LEU A 463 -25.64 -29.72 35.37
C LEU A 463 -25.33 -28.35 36.00
N ASP A 464 -25.86 -28.18 37.21
CA ASP A 464 -25.70 -26.98 37.98
C ASP A 464 -24.85 -27.31 39.20
N ILE A 465 -23.54 -27.26 39.06
CA ILE A 465 -22.69 -27.53 40.21
C ILE A 465 -22.48 -26.20 40.92
N ALA A 466 -21.99 -26.22 42.16
CA ALA A 466 -21.74 -24.96 42.85
C ALA A 466 -20.41 -24.42 42.30
N GLY A 467 -20.38 -23.12 42.10
CA GLY A 467 -19.23 -22.46 41.47
C GLY A 467 -18.09 -22.17 42.45
N PHE A 468 -16.89 -22.24 41.88
CA PHE A 468 -15.66 -21.91 42.58
C PHE A 468 -15.97 -20.76 43.50
N GLU A 469 -15.84 -21.03 44.76
CA GLU A 469 -16.09 -20.02 45.78
C GLU A 469 -14.96 -20.04 46.76
N ILE A 470 -14.56 -18.87 47.15
CA ILE A 470 -13.43 -18.80 48.02
C ILE A 470 -13.45 -17.59 48.97
N PHE A 471 -14.03 -17.76 50.17
CA PHE A 471 -14.23 -16.65 51.10
C PHE A 471 -13.01 -16.44 51.97
N GLU A 472 -13.29 -16.27 53.30
CA GLU A 472 -12.28 -16.02 54.33
C GLU A 472 -11.86 -17.36 54.92
N ILE A 473 -12.79 -18.02 55.57
CA ILE A 473 -12.56 -19.32 56.15
C ILE A 473 -12.75 -20.34 55.03
N ASN A 474 -11.67 -20.93 54.55
CA ASN A 474 -11.79 -21.90 53.48
C ASN A 474 -11.90 -23.31 54.00
N SER A 475 -13.05 -23.59 54.60
CA SER A 475 -13.35 -24.88 55.19
C SER A 475 -13.30 -26.05 54.22
N PHE A 476 -13.67 -27.23 54.73
CA PHE A 476 -13.68 -28.45 53.96
C PHE A 476 -14.57 -28.31 52.73
N GLU A 477 -15.82 -27.93 52.98
CA GLU A 477 -16.83 -27.71 51.95
C GLU A 477 -16.22 -27.03 50.73
N GLN A 478 -15.65 -25.85 50.97
CA GLN A 478 -14.99 -25.07 49.94
C GLN A 478 -13.93 -25.92 49.23
N LEU A 479 -13.40 -26.91 49.91
CA LEU A 479 -12.38 -27.77 49.30
C LEU A 479 -12.93 -28.72 48.26
N CYS A 480 -14.03 -29.41 48.59
CA CYS A 480 -14.63 -30.32 47.64
C CYS A 480 -15.30 -29.52 46.53
N ILE A 481 -15.89 -28.39 46.91
CA ILE A 481 -16.55 -27.53 45.94
C ILE A 481 -15.56 -27.06 44.89
N ASN A 482 -14.49 -26.39 45.30
CA ASN A 482 -13.49 -25.92 44.35
C ASN A 482 -12.76 -27.12 43.75
N TYR A 483 -13.03 -28.31 44.29
CA TYR A 483 -12.43 -29.54 43.78
C TYR A 483 -13.21 -29.89 42.52
N THR A 484 -14.51 -30.09 42.67
CA THR A 484 -15.42 -30.42 41.57
C THR A 484 -15.22 -29.45 40.45
N ASN A 485 -15.20 -28.16 40.78
CA ASN A 485 -15.00 -27.10 39.80
C ASN A 485 -13.74 -27.36 38.98
N GLU A 486 -12.65 -27.73 39.67
CA GLU A 486 -11.40 -28.05 38.98
C GLU A 486 -11.64 -29.32 38.16
N LYS A 487 -12.44 -30.23 38.71
CA LYS A 487 -12.76 -31.49 38.08
C LYS A 487 -13.44 -31.27 36.75
N LEU A 488 -14.61 -30.66 36.82
CA LEU A 488 -15.41 -30.37 35.65
C LEU A 488 -14.60 -29.69 34.55
N GLN A 489 -13.92 -28.59 34.88
CA GLN A 489 -13.12 -27.87 33.88
C GLN A 489 -12.30 -28.85 33.08
N GLN A 490 -11.54 -29.69 33.78
CA GLN A 490 -10.70 -30.68 33.12
C GLN A 490 -11.50 -31.51 32.13
N LEU A 491 -12.78 -31.73 32.42
CA LEU A 491 -13.62 -32.51 31.52
C LEU A 491 -13.66 -31.79 30.18
N PHE A 492 -13.93 -30.49 30.23
CA PHE A 492 -13.99 -29.65 29.05
C PHE A 492 -12.68 -29.71 28.31
N ASN A 493 -11.58 -29.72 29.06
CA ASN A 493 -10.25 -29.78 28.46
C ASN A 493 -10.06 -31.09 27.71
N HIS A 494 -10.54 -32.18 28.30
CA HIS A 494 -10.41 -33.49 27.69
C HIS A 494 -11.18 -33.62 26.41
N THR A 495 -12.49 -33.47 26.56
CA THR A 495 -13.40 -33.55 25.44
C THR A 495 -13.15 -32.49 24.35
N MET A 496 -12.49 -31.39 24.72
CA MET A 496 -12.22 -30.30 23.79
C MET A 496 -10.93 -30.40 22.98
N PHE A 497 -9.84 -30.80 23.62
CA PHE A 497 -8.59 -30.90 22.90
C PHE A 497 -8.09 -32.34 22.82
N ILE A 498 -8.01 -33.01 23.96
CA ILE A 498 -7.51 -34.39 24.03
C ILE A 498 -8.27 -35.35 23.14
N LEU A 499 -9.50 -35.64 23.52
CA LEU A 499 -10.34 -36.56 22.80
C LEU A 499 -10.42 -36.28 21.32
N GLU A 500 -10.80 -35.05 20.97
CA GLU A 500 -10.96 -34.64 19.58
C GLU A 500 -9.79 -35.04 18.72
N GLN A 501 -8.58 -34.81 19.18
CA GLN A 501 -7.42 -35.15 18.38
C GLN A 501 -7.14 -36.65 18.25
N GLU A 502 -7.55 -37.43 19.25
CA GLU A 502 -7.36 -38.88 19.21
C GLU A 502 -8.10 -39.45 18.01
N GLU A 503 -9.37 -39.10 17.85
CA GLU A 503 -10.19 -39.56 16.73
C GLU A 503 -9.63 -39.15 15.35
N TYR A 504 -8.94 -38.02 15.32
CA TYR A 504 -8.34 -37.58 14.08
C TYR A 504 -7.29 -38.65 13.75
N GLN A 505 -6.58 -39.08 14.78
CA GLN A 505 -5.57 -40.13 14.63
C GLN A 505 -6.24 -41.44 14.21
N ARG A 506 -7.16 -41.91 15.04
CA ARG A 506 -7.88 -43.14 14.78
C ARG A 506 -8.29 -43.30 13.33
N GLU A 507 -9.15 -42.40 12.85
CA GLU A 507 -9.63 -42.45 11.47
C GLU A 507 -8.47 -42.30 10.52
N GLY A 508 -7.35 -41.81 11.05
CA GLY A 508 -6.14 -41.63 10.26
C GLY A 508 -6.19 -40.58 9.18
N ILE A 509 -6.62 -39.38 9.55
CA ILE A 509 -6.72 -38.28 8.61
C ILE A 509 -5.40 -37.51 8.65
N GLU A 510 -5.16 -36.74 7.59
CA GLU A 510 -3.94 -35.95 7.50
C GLU A 510 -3.98 -34.91 8.60
N TRP A 511 -3.43 -35.22 9.77
CA TRP A 511 -3.47 -34.29 10.90
C TRP A 511 -2.28 -34.44 11.83
N ASN A 512 -1.81 -33.29 12.32
CA ASN A 512 -0.70 -33.28 13.28
C ASN A 512 -1.24 -32.74 14.60
N PHE A 513 -0.73 -33.27 15.70
CA PHE A 513 -1.19 -32.88 17.01
C PHE A 513 -0.90 -31.44 17.34
N ILE A 514 -1.61 -30.93 18.34
CA ILE A 514 -1.46 -29.55 18.78
C ILE A 514 -1.62 -29.53 20.29
N ASP A 515 -0.60 -29.04 20.99
CA ASP A 515 -0.67 -29.00 22.45
C ASP A 515 -1.19 -27.68 22.97
N PHE A 516 -2.45 -27.69 23.38
CA PHE A 516 -3.08 -26.49 23.90
C PHE A 516 -2.65 -26.21 25.34
N GLY A 517 -1.83 -27.12 25.87
CA GLY A 517 -1.36 -26.96 27.24
C GLY A 517 -2.49 -26.65 28.20
N LEU A 518 -3.39 -27.60 28.38
CA LEU A 518 -4.51 -27.39 29.29
C LEU A 518 -4.81 -28.67 30.07
N ASP A 519 -4.15 -28.83 31.23
CA ASP A 519 -4.33 -29.99 32.07
C ASP A 519 -4.26 -29.66 33.54
N LEU A 520 -5.17 -30.26 34.30
CA LEU A 520 -5.20 -30.03 35.73
C LEU A 520 -5.20 -31.38 36.46
N GLN A 521 -4.94 -32.46 35.73
CA GLN A 521 -4.92 -33.78 36.32
C GLN A 521 -4.13 -33.65 37.63
N PRO A 522 -2.92 -33.10 37.54
CA PRO A 522 -2.08 -32.92 38.73
C PRO A 522 -2.89 -32.42 39.91
N CYS A 523 -3.34 -31.17 39.85
CA CYS A 523 -4.11 -30.61 40.95
C CYS A 523 -5.24 -31.50 41.41
N ILE A 524 -5.58 -32.54 40.66
CA ILE A 524 -6.65 -33.45 41.10
C ILE A 524 -6.02 -34.56 41.91
N GLU A 525 -4.92 -35.09 41.43
CA GLU A 525 -4.25 -36.13 42.19
C GLU A 525 -3.94 -35.64 43.61
N LEU A 526 -3.40 -34.42 43.71
CA LEU A 526 -3.05 -33.83 45.00
C LEU A 526 -4.21 -33.88 45.97
N ILE A 527 -5.40 -34.19 45.48
CA ILE A 527 -6.56 -34.23 46.35
C ILE A 527 -7.49 -35.40 46.08
N GLU A 528 -7.25 -36.08 44.97
CA GLU A 528 -8.09 -37.18 44.55
C GLU A 528 -7.43 -38.53 44.81
N ARG A 529 -6.31 -38.75 44.13
CA ARG A 529 -5.56 -39.99 44.28
C ARG A 529 -5.50 -40.49 45.72
N PRO A 530 -5.60 -41.81 45.91
CA PRO A 530 -5.57 -42.50 47.21
C PRO A 530 -4.21 -43.12 47.55
N THR A 531 -4.06 -44.41 47.23
CA THR A 531 -2.82 -45.10 47.48
C THR A 531 -1.77 -44.36 46.69
N ASN A 532 -0.52 -44.81 46.77
CA ASN A 532 0.54 -44.14 46.04
C ASN A 532 0.49 -42.72 46.56
N PRO A 533 1.25 -41.79 45.96
CA PRO A 533 1.18 -40.43 46.50
C PRO A 533 -0.25 -40.08 46.89
N PRO A 534 -0.55 -40.11 48.19
CA PRO A 534 -1.90 -39.80 48.68
C PRO A 534 -2.40 -38.42 48.32
N GLY A 535 -3.73 -38.26 48.38
CA GLY A 535 -4.33 -36.98 48.07
C GLY A 535 -4.79 -36.34 49.36
N VAL A 536 -4.99 -35.03 49.35
CA VAL A 536 -5.44 -34.32 50.53
C VAL A 536 -6.57 -35.05 51.22
N LEU A 537 -7.54 -35.54 50.43
CA LEU A 537 -8.68 -36.25 50.98
C LEU A 537 -8.26 -37.54 51.65
N ALA A 538 -7.36 -38.25 50.99
CA ALA A 538 -6.83 -39.52 51.49
C ALA A 538 -6.37 -39.43 52.95
N LEU A 539 -5.32 -38.66 53.17
CA LEU A 539 -4.78 -38.46 54.51
C LEU A 539 -5.91 -38.18 55.47
N LEU A 540 -6.52 -37.00 55.37
CA LEU A 540 -7.62 -36.65 56.25
C LEU A 540 -8.64 -37.77 56.50
N ASP A 541 -8.55 -38.84 55.71
CA ASP A 541 -9.49 -39.97 55.87
C ASP A 541 -9.02 -40.97 56.91
N GLU A 542 -7.80 -41.48 56.73
CA GLU A 542 -7.24 -42.45 57.66
C GLU A 542 -6.81 -41.73 58.94
N GLU A 543 -6.08 -40.62 58.78
CA GLU A 543 -5.60 -39.80 59.88
C GLU A 543 -6.77 -39.35 60.72
N CYS A 544 -7.96 -39.66 60.22
CA CYS A 544 -9.20 -39.32 60.88
C CYS A 544 -9.57 -40.49 61.79
N TRP A 545 -8.90 -41.61 61.59
CA TRP A 545 -9.15 -42.80 62.38
C TRP A 545 -7.92 -43.20 63.20
N PHE A 546 -7.50 -42.30 64.09
CA PHE A 546 -6.35 -42.52 64.97
C PHE A 546 -6.40 -41.45 66.07
N PRO A 547 -6.51 -41.89 67.33
CA PRO A 547 -6.58 -41.05 68.54
C PRO A 547 -5.63 -39.86 68.61
N LYS A 548 -4.33 -40.14 68.68
CA LYS A 548 -3.32 -39.08 68.77
C LYS A 548 -3.16 -38.29 67.48
N ALA A 549 -4.30 -37.92 66.89
CA ALA A 549 -4.31 -37.15 65.65
C ALA A 549 -5.29 -35.97 65.77
N THR A 550 -4.87 -34.84 65.21
CA THR A 550 -5.68 -33.64 65.20
C THR A 550 -5.50 -32.95 63.86
N ASP A 551 -6.53 -32.17 63.52
CA ASP A 551 -6.48 -31.40 62.31
C ASP A 551 -5.06 -30.96 62.01
N THR A 552 -4.44 -30.51 63.11
CA THR A 552 -3.06 -30.08 63.05
C THR A 552 -2.24 -31.28 62.60
N SER A 553 -2.19 -32.27 63.48
CA SER A 553 -1.46 -33.50 63.19
C SER A 553 -1.63 -33.80 61.69
N PHE A 554 -2.87 -33.71 61.22
CA PHE A 554 -3.19 -33.95 59.83
C PHE A 554 -2.30 -33.10 58.93
N VAL A 555 -2.58 -31.80 58.92
CA VAL A 555 -1.83 -30.84 58.12
C VAL A 555 -0.33 -31.14 58.05
N GLU A 556 0.28 -31.32 59.22
CA GLU A 556 1.71 -31.60 59.33
C GLU A 556 2.04 -32.79 58.45
N LYS A 557 1.24 -33.84 58.56
CA LYS A 557 1.41 -35.03 57.76
C LYS A 557 1.18 -34.56 56.33
N LEU A 558 0.16 -33.73 56.15
CA LEU A 558 -0.16 -33.23 54.81
C LEU A 558 1.10 -32.69 54.16
N ILE A 559 1.83 -31.86 54.90
CA ILE A 559 3.06 -31.31 54.39
C ILE A 559 4.01 -32.45 54.08
N GLN A 560 3.95 -33.50 54.90
CA GLN A 560 4.80 -34.68 54.71
C GLN A 560 4.68 -35.21 53.28
N GLU A 561 3.50 -35.72 52.94
CA GLU A 561 3.27 -36.28 51.62
C GLU A 561 3.48 -35.28 50.49
N GLN A 562 2.44 -34.49 50.24
CA GLN A 562 2.49 -33.47 49.19
C GLN A 562 3.72 -32.62 49.36
N GLY A 563 3.69 -31.73 50.34
CA GLY A 563 4.83 -30.87 50.61
C GLY A 563 5.35 -30.07 49.43
N ASN A 564 6.08 -30.75 48.54
CA ASN A 564 6.65 -30.09 47.37
C ASN A 564 5.83 -30.29 46.09
N HIS A 565 4.55 -30.64 46.25
CA HIS A 565 3.69 -30.85 45.09
C HIS A 565 3.58 -29.54 44.29
N ALA A 566 3.87 -29.64 43.00
CA ALA A 566 3.82 -28.48 42.11
C ALA A 566 2.55 -27.68 42.33
N LYS A 567 1.51 -28.34 42.83
CA LYS A 567 0.23 -27.68 43.07
C LYS A 567 -0.07 -27.41 44.55
N PHE A 568 0.91 -27.67 45.41
CA PHE A 568 0.73 -27.43 46.83
C PHE A 568 1.60 -26.27 47.26
N GLN A 569 1.23 -25.67 48.39
CA GLN A 569 1.94 -24.56 48.97
C GLN A 569 1.51 -24.42 50.44
N LYS A 570 2.47 -24.09 51.29
CA LYS A 570 2.21 -23.93 52.75
C LYS A 570 1.71 -22.50 53.04
N SER A 571 0.91 -22.42 54.09
CA SER A 571 0.24 -21.17 54.53
C SER A 571 1.25 -20.05 54.87
N LYS A 572 0.70 -19.01 55.47
CA LYS A 572 1.45 -17.83 55.90
C LYS A 572 1.90 -18.01 57.35
N GLN A 573 2.67 -19.05 57.55
CA GLN A 573 3.19 -19.39 58.88
C GLN A 573 2.08 -19.26 59.92
N LEU A 574 0.95 -19.87 59.60
CA LEU A 574 -0.22 -19.86 60.48
C LEU A 574 -0.72 -21.28 60.71
N LYS A 575 0.24 -22.16 60.96
CA LYS A 575 -0.05 -23.55 61.28
C LYS A 575 -0.74 -23.56 62.63
N ASP A 576 -0.81 -22.35 63.19
CA ASP A 576 -1.51 -22.15 64.47
C ASP A 576 -2.97 -22.46 64.20
N LYS A 577 -3.41 -21.95 63.07
CA LYS A 577 -4.73 -22.23 62.55
C LYS A 577 -4.58 -23.49 61.70
N THR A 578 -3.32 -23.66 61.32
CA THR A 578 -2.88 -24.78 60.47
C THR A 578 -3.70 -24.79 59.19
N GLU A 579 -3.17 -24.10 58.21
CA GLU A 579 -3.81 -23.95 56.91
C GLU A 579 -2.83 -24.31 55.80
N PHE A 580 -3.39 -24.66 54.66
CA PHE A 580 -2.57 -24.98 53.49
C PHE A 580 -3.15 -24.35 52.23
N CYS A 581 -2.35 -24.34 51.17
CA CYS A 581 -2.76 -23.77 49.90
C CYS A 581 -2.62 -24.80 48.79
N ILE A 582 -3.40 -24.62 47.73
CA ILE A 582 -3.36 -25.50 46.56
C ILE A 582 -3.67 -24.63 45.36
N LEU A 583 -2.90 -24.80 44.29
CA LEU A 583 -3.10 -24.01 43.08
C LEU A 583 -4.19 -24.53 42.13
N HIS A 584 -5.44 -24.12 42.37
CA HIS A 584 -6.54 -24.55 41.52
C HIS A 584 -6.37 -23.97 40.14
N TYR A 585 -7.40 -24.06 39.31
CA TYR A 585 -7.32 -23.50 37.96
C TYR A 585 -7.78 -22.07 38.07
N ALA A 586 -8.74 -21.84 38.95
CA ALA A 586 -9.31 -20.52 39.16
C ALA A 586 -8.43 -19.72 40.09
N GLY A 587 -7.32 -20.32 40.53
CA GLY A 587 -6.40 -19.60 41.42
C GLY A 587 -6.09 -20.25 42.76
N LYS A 588 -5.20 -19.60 43.52
CA LYS A 588 -4.78 -20.10 44.83
C LYS A 588 -5.80 -19.88 45.93
N VAL A 589 -5.78 -20.79 46.91
CA VAL A 589 -6.70 -20.74 48.04
C VAL A 589 -6.05 -21.24 49.32
N THR A 590 -6.28 -20.55 50.43
CA THR A 590 -5.72 -20.96 51.71
C THR A 590 -6.83 -21.60 52.56
N TYR A 591 -6.81 -22.93 52.60
CA TYR A 591 -7.82 -23.68 53.34
C TYR A 591 -7.43 -23.81 54.80
N ASN A 592 -8.43 -23.86 55.69
CA ASN A 592 -8.23 -24.01 57.14
C ASN A 592 -8.61 -25.44 57.55
N ALA A 593 -7.61 -26.31 57.58
CA ALA A 593 -7.79 -27.72 57.91
C ALA A 593 -8.48 -27.98 59.23
N SER A 594 -8.65 -26.94 60.04
CA SER A 594 -9.30 -27.09 61.32
C SER A 594 -10.63 -27.85 61.27
N ALA A 595 -10.93 -28.58 62.33
CA ALA A 595 -12.16 -29.34 62.45
C ALA A 595 -12.49 -30.27 61.27
N TRP A 596 -11.52 -30.52 60.43
CA TRP A 596 -11.74 -31.34 59.22
C TRP A 596 -12.01 -32.83 59.55
N LEU A 597 -11.29 -33.36 60.52
CA LEU A 597 -11.44 -34.76 60.90
C LEU A 597 -12.85 -35.04 61.44
N THR A 598 -13.39 -34.06 62.16
CA THR A 598 -14.74 -34.19 62.75
C THR A 598 -15.78 -34.27 61.66
N LYS A 599 -15.79 -33.26 60.80
CA LYS A 599 -16.73 -33.18 59.68
C LYS A 599 -16.58 -34.42 58.82
N ASN A 600 -15.33 -34.74 58.48
CA ASN A 600 -15.04 -35.89 57.64
C ASN A 600 -15.55 -37.21 58.24
N MET A 601 -15.90 -37.20 59.52
CA MET A 601 -16.40 -38.39 60.22
C MET A 601 -17.90 -38.35 60.43
N ASP A 602 -18.41 -37.15 60.69
CA ASP A 602 -19.84 -36.94 60.91
C ASP A 602 -20.37 -37.86 61.98
N PRO A 603 -19.99 -37.59 63.24
CA PRO A 603 -20.42 -38.38 64.39
C PRO A 603 -21.64 -37.73 65.06
N LEU A 604 -22.29 -38.49 65.99
CA LEU A 604 -23.44 -37.89 66.67
C LEU A 604 -24.08 -38.87 67.64
N ASN A 605 -24.61 -38.28 68.74
CA ASN A 605 -25.30 -39.00 69.81
C ASN A 605 -26.44 -39.91 69.37
N ASP A 606 -26.09 -41.17 69.15
CA ASP A 606 -27.03 -42.18 68.75
C ASP A 606 -28.12 -42.32 69.82
N ASN A 607 -27.78 -41.98 71.06
CA ASN A 607 -28.72 -42.08 72.17
C ASN A 607 -30.02 -41.40 71.77
N VAL A 608 -29.90 -40.14 71.40
CA VAL A 608 -31.06 -39.36 71.01
C VAL A 608 -31.44 -39.77 69.60
N THR A 609 -30.45 -40.19 68.81
CA THR A 609 -30.70 -40.66 67.45
C THR A 609 -31.89 -41.63 67.45
N SER A 610 -31.63 -42.83 67.92
CA SER A 610 -32.63 -43.89 68.01
C SER A 610 -33.83 -43.43 68.82
N LEU A 611 -33.57 -42.56 69.80
CA LEU A 611 -34.62 -42.03 70.64
C LEU A 611 -35.77 -41.58 69.72
N LEU A 612 -35.39 -40.92 68.63
CA LEU A 612 -36.36 -40.43 67.66
C LEU A 612 -36.81 -41.60 66.79
N ASN A 613 -35.85 -42.41 66.36
CA ASN A 613 -36.13 -43.55 65.51
C ASN A 613 -37.48 -44.22 65.74
N GLN A 614 -38.05 -44.01 66.93
CA GLN A 614 -39.33 -44.60 67.26
C GLN A 614 -40.26 -43.56 67.85
N SER A 615 -39.91 -42.29 67.70
CA SER A 615 -40.71 -41.19 68.22
C SER A 615 -42.18 -41.31 67.80
N SER A 616 -43.05 -40.63 68.54
CA SER A 616 -44.48 -40.66 68.27
C SER A 616 -44.80 -40.02 66.93
N ASP A 617 -44.08 -38.93 66.62
CA ASP A 617 -44.27 -38.18 65.38
C ASP A 617 -43.79 -38.94 64.14
N LYS A 618 -44.74 -39.50 63.39
CA LYS A 618 -44.44 -40.29 62.20
C LYS A 618 -43.49 -39.60 61.24
N PHE A 619 -43.79 -38.36 60.89
CA PHE A 619 -42.92 -37.64 59.97
C PHE A 619 -41.49 -37.75 60.45
N VAL A 620 -41.25 -37.45 61.73
CA VAL A 620 -39.90 -37.54 62.27
C VAL A 620 -39.52 -38.99 62.32
N ALA A 621 -40.54 -39.85 62.35
CA ALA A 621 -40.34 -41.29 62.39
C ALA A 621 -39.66 -41.75 61.11
N ASP A 622 -40.38 -41.58 60.01
CA ASP A 622 -39.88 -41.99 58.69
C ASP A 622 -38.62 -41.21 58.33
N LEU A 623 -38.55 -39.97 58.81
CA LEU A 623 -37.40 -39.12 58.54
C LEU A 623 -36.17 -39.89 59.02
N TRP A 624 -36.22 -40.27 60.29
CA TRP A 624 -35.12 -40.98 60.91
C TRP A 624 -35.19 -42.52 60.74
N LYS A 625 -36.36 -43.02 60.47
CA LYS A 625 -36.64 -44.48 60.31
C LYS A 625 -35.39 -45.31 59.95
N ASP A 626 -34.37 -44.68 59.37
CA ASP A 626 -33.12 -45.37 58.99
C ASP A 626 -31.92 -44.72 59.70
N VAL A 627 -31.58 -45.30 60.83
CA VAL A 627 -30.50 -44.79 61.70
C VAL A 627 -29.36 -45.78 61.89
N ASP A 628 -29.37 -46.84 61.12
CA ASP A 628 -28.40 -47.93 61.28
C ASP A 628 -26.93 -47.51 61.08
N ARG A 629 -26.68 -46.34 60.51
CA ARG A 629 -25.27 -45.93 60.24
C ARG A 629 -24.72 -44.95 61.30
N ILE A 630 -25.58 -44.46 62.17
CA ILE A 630 -25.15 -43.51 63.22
C ILE A 630 -23.85 -44.02 63.87
N VAL A 631 -23.15 -43.10 64.53
CA VAL A 631 -21.86 -43.41 65.20
C VAL A 631 -22.00 -43.32 66.72
N GLY A 632 -21.62 -44.40 67.40
CA GLY A 632 -21.68 -44.44 68.86
C GLY A 632 -20.49 -45.19 69.41
N LEU A 633 -19.32 -44.54 69.34
CA LEU A 633 -18.09 -45.19 69.83
C LEU A 633 -16.93 -44.20 69.84
N PHE A 655 -18.40 -46.02 59.72
CA PHE A 655 -18.32 -46.93 58.53
C PHE A 655 -17.54 -46.27 57.39
N ARG A 656 -18.26 -45.63 56.47
CA ARG A 656 -17.63 -44.98 55.34
C ARG A 656 -17.41 -43.48 55.57
N THR A 657 -16.29 -43.00 55.05
CA THR A 657 -15.89 -41.62 55.19
C THR A 657 -16.61 -40.64 54.25
N VAL A 658 -16.91 -39.43 54.73
CA VAL A 658 -17.58 -38.41 53.93
C VAL A 658 -16.85 -38.20 52.61
N GLY A 659 -15.60 -37.80 52.71
CA GLY A 659 -14.81 -37.57 51.52
C GLY A 659 -14.84 -38.66 50.46
N GLN A 660 -15.07 -39.90 50.86
CA GLN A 660 -15.10 -40.99 49.89
C GLN A 660 -16.54 -41.33 49.58
N LEU A 661 -17.44 -40.94 50.47
CA LEU A 661 -18.87 -41.19 50.25
C LEU A 661 -19.23 -40.31 49.05
N TYR A 662 -18.77 -39.06 49.12
CA TYR A 662 -18.98 -38.08 48.07
C TYR A 662 -18.17 -38.60 46.89
N LYS A 663 -16.87 -38.37 46.95
CA LYS A 663 -15.92 -38.77 45.91
C LYS A 663 -16.24 -40.09 45.19
N GLU A 664 -17.24 -40.81 45.69
CA GLU A 664 -17.63 -42.09 45.10
C GLU A 664 -18.79 -41.86 44.16
N GLN A 665 -19.76 -41.07 44.60
CA GLN A 665 -20.91 -40.77 43.77
C GLN A 665 -20.53 -39.79 42.67
N LEU A 666 -19.55 -38.94 42.97
CA LEU A 666 -19.07 -37.95 42.01
C LEU A 666 -18.29 -38.61 40.90
N THR A 667 -18.16 -39.93 40.95
CA THR A 667 -17.45 -40.63 39.91
C THR A 667 -18.54 -41.31 39.12
N LYS A 668 -19.69 -41.44 39.77
CA LYS A 668 -20.84 -42.03 39.14
C LYS A 668 -21.20 -40.95 38.14
N LEU A 669 -21.40 -39.73 38.63
CA LEU A 669 -21.76 -38.61 37.76
C LEU A 669 -20.75 -38.45 36.64
N MET A 670 -19.47 -38.27 36.98
CA MET A 670 -18.44 -38.10 35.97
C MET A 670 -18.48 -39.23 34.93
N THR A 671 -19.15 -40.34 35.27
CA THR A 671 -19.24 -41.50 34.38
C THR A 671 -20.34 -41.35 33.32
N THR A 672 -21.53 -40.95 33.73
CA THR A 672 -22.61 -40.78 32.77
C THR A 672 -22.32 -39.62 31.84
N LEU A 673 -21.76 -38.53 32.37
CA LEU A 673 -21.41 -37.38 31.54
C LEU A 673 -20.53 -37.81 30.41
N ARG A 674 -19.59 -38.71 30.70
CA ARG A 674 -18.66 -39.20 29.68
C ARG A 674 -19.37 -40.12 28.71
N ASN A 675 -20.62 -40.42 29.01
CA ASN A 675 -21.41 -41.29 28.17
C ASN A 675 -22.54 -40.56 27.46
N THR A 676 -22.54 -39.23 27.58
CA THR A 676 -23.55 -38.39 26.95
C THR A 676 -22.85 -37.41 26.03
N ASN A 677 -23.60 -36.50 25.45
CA ASN A 677 -22.96 -35.51 24.61
C ASN A 677 -23.02 -34.18 25.31
N PRO A 678 -21.85 -33.62 25.64
CA PRO A 678 -21.73 -32.35 26.34
C PRO A 678 -22.00 -31.12 25.49
N ASN A 679 -22.67 -30.15 26.10
CA ASN A 679 -23.01 -28.87 25.49
C ASN A 679 -22.61 -27.88 26.60
N PHE A 680 -21.48 -27.21 26.43
CA PHE A 680 -20.97 -26.25 27.43
C PHE A 680 -21.50 -24.80 27.35
N VAL A 681 -21.98 -24.28 28.48
CA VAL A 681 -22.50 -22.93 28.51
C VAL A 681 -21.67 -22.12 29.51
N ARG A 682 -20.42 -21.85 29.17
CA ARG A 682 -19.51 -21.09 30.03
C ARG A 682 -19.91 -19.73 30.62
N CYS A 683 -20.66 -19.72 31.72
CA CYS A 683 -21.05 -18.47 32.37
C CYS A 683 -19.81 -17.64 32.73
N ILE A 684 -19.95 -16.32 32.71
CA ILE A 684 -18.85 -15.43 33.04
C ILE A 684 -19.25 -14.25 33.90
N ILE A 685 -18.62 -14.13 35.07
CA ILE A 685 -18.90 -13.03 35.98
C ILE A 685 -18.24 -11.74 35.47
N PRO A 686 -19.01 -10.63 35.39
CA PRO A 686 -18.58 -9.33 34.91
C PRO A 686 -17.85 -8.47 35.93
N ASN A 687 -18.28 -8.61 37.17
CA ASN A 687 -17.70 -7.85 38.26
C ASN A 687 -18.15 -8.47 39.59
N HIS A 688 -17.38 -8.15 40.62
CA HIS A 688 -17.63 -8.63 41.98
C HIS A 688 -18.40 -7.62 42.80
N GLU A 689 -18.63 -6.44 42.23
CA GLU A 689 -19.37 -5.39 42.90
C GLU A 689 -20.87 -5.64 42.78
N LYS A 690 -21.25 -6.76 42.16
CA LYS A 690 -22.66 -7.08 41.99
C LYS A 690 -23.33 -5.91 41.28
N ARG A 691 -22.56 -5.21 40.45
CA ARG A 691 -23.04 -4.06 39.72
C ARG A 691 -23.45 -4.47 38.34
N ALA A 692 -24.54 -3.89 37.88
CA ALA A 692 -25.02 -4.16 36.55
C ALA A 692 -24.44 -3.05 35.66
N GLY A 693 -24.14 -3.36 34.41
CA GLY A 693 -23.59 -2.32 33.56
C GLY A 693 -22.12 -2.07 33.83
N LYS A 694 -21.60 -2.66 34.89
CA LYS A 694 -20.18 -2.52 35.21
C LYS A 694 -19.46 -3.76 34.70
N LEU A 695 -18.38 -3.59 33.94
CA LEU A 695 -17.67 -4.76 33.43
C LEU A 695 -16.16 -4.66 33.55
N ASP A 696 -15.61 -5.36 34.54
CA ASP A 696 -14.17 -5.36 34.80
C ASP A 696 -13.39 -6.12 33.74
N ALA A 697 -12.55 -5.38 33.03
CA ALA A 697 -11.76 -5.93 31.94
C ALA A 697 -10.94 -7.15 32.28
N HIS A 698 -9.98 -6.99 33.18
CA HIS A 698 -9.11 -8.09 33.53
C HIS A 698 -9.81 -9.26 34.22
N LEU A 699 -10.76 -8.95 35.11
CA LEU A 699 -11.48 -10.01 35.80
C LEU A 699 -12.11 -10.92 34.76
N VAL A 700 -12.60 -10.31 33.68
CA VAL A 700 -13.20 -11.07 32.61
C VAL A 700 -12.13 -11.56 31.66
N LEU A 701 -10.95 -10.97 31.74
CA LEU A 701 -9.87 -11.41 30.87
C LEU A 701 -9.32 -12.72 31.41
N GLU A 702 -9.18 -12.82 32.73
CA GLU A 702 -8.67 -14.04 33.34
C GLU A 702 -9.63 -15.23 33.12
N GLN A 703 -10.90 -15.01 33.44
CA GLN A 703 -11.89 -16.04 33.26
C GLN A 703 -11.69 -16.65 31.88
N LEU A 704 -11.67 -15.83 30.85
CA LEU A 704 -11.48 -16.33 29.50
C LEU A 704 -10.13 -17.05 29.38
N ARG A 705 -9.28 -16.90 30.39
CA ARG A 705 -7.96 -17.53 30.41
C ARG A 705 -7.99 -18.92 31.05
N CYS A 706 -8.46 -18.98 32.30
CA CYS A 706 -8.52 -20.23 33.04
C CYS A 706 -9.62 -21.19 32.55
N ASN A 707 -10.49 -20.70 31.68
CA ASN A 707 -11.61 -21.49 31.14
C ASN A 707 -11.30 -22.14 29.81
N GLY A 708 -10.23 -21.67 29.18
CA GLY A 708 -9.81 -22.22 27.91
C GLY A 708 -10.59 -21.79 26.69
N VAL A 709 -11.18 -20.60 26.75
CA VAL A 709 -11.98 -20.09 25.63
C VAL A 709 -11.22 -20.05 24.33
N LEU A 710 -10.20 -19.22 24.25
CA LEU A 710 -9.44 -19.11 23.02
C LEU A 710 -9.13 -20.45 22.38
N GLU A 711 -8.41 -21.30 23.12
CA GLU A 711 -8.04 -22.63 22.64
C GLU A 711 -9.31 -23.31 22.23
N GLY A 712 -10.32 -23.20 23.08
CA GLY A 712 -11.60 -23.80 22.78
C GLY A 712 -12.11 -23.37 21.42
N ILE A 713 -11.53 -22.31 20.88
CA ILE A 713 -11.97 -21.83 19.58
C ILE A 713 -10.98 -22.19 18.45
N ARG A 714 -9.69 -22.25 18.79
CA ARG A 714 -8.66 -22.57 17.80
C ARG A 714 -9.00 -23.86 17.05
N ILE A 715 -9.28 -24.91 17.78
CA ILE A 715 -9.58 -26.22 17.17
C ILE A 715 -10.84 -26.15 16.27
N CYS A 716 -11.82 -25.33 16.66
CA CYS A 716 -13.04 -25.16 15.85
C CYS A 716 -12.65 -24.57 14.49
N ARG A 717 -11.61 -23.74 14.51
CA ARG A 717 -11.13 -23.13 13.28
C ARG A 717 -10.04 -24.05 12.71
N GLN A 718 -9.14 -24.53 13.59
CA GLN A 718 -8.06 -25.40 13.17
C GLN A 718 -8.51 -26.77 12.64
N GLY A 719 -9.16 -27.55 13.49
CA GLY A 719 -9.60 -28.89 13.11
C GLY A 719 -10.92 -29.00 12.39
N PHE A 720 -11.49 -30.20 12.36
CA PHE A 720 -12.75 -30.46 11.69
C PHE A 720 -13.77 -31.02 12.68
N PRO A 721 -14.44 -30.15 13.45
CA PRO A 721 -15.44 -30.53 14.47
C PRO A 721 -16.69 -31.23 14.03
N ASN A 722 -16.78 -31.51 12.73
CA ASN A 722 -17.95 -32.20 12.19
C ASN A 722 -17.49 -33.40 11.41
N ARG A 723 -18.13 -34.54 11.66
CA ARG A 723 -17.77 -35.76 10.98
C ARG A 723 -19.03 -36.53 10.69
N ILE A 724 -19.00 -37.32 9.63
CA ILE A 724 -20.16 -38.07 9.23
C ILE A 724 -19.66 -39.31 8.51
N VAL A 725 -20.24 -40.44 8.83
CA VAL A 725 -19.88 -41.73 8.23
C VAL A 725 -20.33 -41.91 6.77
N PHE A 726 -19.45 -42.53 6.01
CA PHE A 726 -19.68 -42.76 4.59
C PHE A 726 -21.06 -43.13 4.13
N GLN A 727 -21.86 -43.73 4.98
CA GLN A 727 -23.18 -44.16 4.54
C GLN A 727 -24.21 -43.08 4.67
N GLU A 728 -24.23 -42.45 5.82
CA GLU A 728 -25.20 -41.40 6.05
C GLU A 728 -24.92 -40.22 5.11
N PHE A 729 -23.68 -40.09 4.68
CA PHE A 729 -23.34 -39.00 3.76
C PHE A 729 -23.85 -39.24 2.34
N ARG A 730 -23.60 -40.43 1.80
CA ARG A 730 -24.05 -40.72 0.45
C ARG A 730 -25.56 -40.90 0.51
N GLN A 731 -26.10 -40.86 1.73
CA GLN A 731 -27.53 -41.04 1.97
C GLN A 731 -28.29 -39.71 1.97
N ARG A 732 -27.87 -38.80 2.84
CA ARG A 732 -28.50 -37.49 2.98
C ARG A 732 -28.37 -36.59 1.74
N TYR A 733 -27.13 -36.45 1.26
CA TYR A 733 -26.82 -35.59 0.12
C TYR A 733 -26.57 -36.24 -1.23
N GLU A 734 -27.24 -37.32 -1.52
CA GLU A 734 -27.13 -37.91 -2.85
C GLU A 734 -27.98 -37.10 -3.80
N ILE A 735 -29.10 -36.64 -3.26
CA ILE A 735 -30.06 -35.85 -4.02
C ILE A 735 -29.39 -34.65 -4.67
N LEU A 736 -28.21 -34.35 -4.19
CA LEU A 736 -27.46 -33.20 -4.72
C LEU A 736 -26.72 -33.63 -6.00
N ALA A 737 -26.20 -34.85 -6.01
CA ALA A 737 -25.51 -35.40 -7.19
C ALA A 737 -26.15 -36.73 -7.58
N ALA A 738 -27.19 -36.61 -8.38
CA ALA A 738 -27.97 -37.77 -8.80
C ALA A 738 -27.21 -38.65 -9.79
N ASN A 739 -26.20 -38.09 -10.43
CA ASN A 739 -25.44 -38.82 -11.47
C ASN A 739 -23.94 -38.93 -11.18
N ALA A 740 -23.55 -38.72 -9.95
CA ALA A 740 -22.14 -38.86 -9.57
C ALA A 740 -21.83 -40.33 -9.37
N ILE A 741 -22.74 -41.04 -8.71
CA ILE A 741 -22.55 -42.46 -8.46
C ILE A 741 -23.27 -43.22 -9.55
N PRO A 742 -22.58 -44.15 -10.23
CA PRO A 742 -23.15 -44.97 -11.30
C PRO A 742 -24.29 -45.86 -10.82
N LYS A 743 -25.10 -46.35 -11.77
CA LYS A 743 -26.26 -47.19 -11.46
C LYS A 743 -25.89 -48.42 -10.62
N GLY A 744 -24.71 -48.96 -10.85
CA GLY A 744 -24.24 -50.15 -10.14
C GLY A 744 -23.86 -49.80 -8.70
N PHE A 745 -23.51 -50.82 -7.93
CA PHE A 745 -23.11 -50.64 -6.52
C PHE A 745 -21.72 -50.03 -6.47
N MET A 746 -21.22 -49.87 -5.26
CA MET A 746 -19.90 -49.28 -5.06
C MET A 746 -19.57 -49.10 -3.58
N ASP A 747 -18.28 -49.15 -3.33
CA ASP A 747 -17.72 -49.02 -1.98
C ASP A 747 -18.13 -47.71 -1.34
N GLY A 748 -18.79 -47.80 -0.19
CA GLY A 748 -19.25 -46.62 0.50
C GLY A 748 -18.31 -45.44 0.37
N LYS A 749 -17.08 -45.63 0.80
CA LYS A 749 -16.12 -44.55 0.71
C LYS A 749 -16.05 -44.04 -0.72
N GLN A 750 -15.24 -44.70 -1.54
CA GLN A 750 -15.10 -44.30 -2.93
C GLN A 750 -16.42 -43.81 -3.57
N ALA A 751 -17.48 -44.58 -3.41
CA ALA A 751 -18.77 -44.22 -3.97
C ALA A 751 -19.24 -42.86 -3.52
N CYS A 752 -18.82 -42.41 -2.35
CA CYS A 752 -19.24 -41.11 -1.88
C CYS A 752 -18.22 -40.03 -2.20
N ILE A 753 -16.99 -40.44 -2.44
CA ILE A 753 -15.89 -39.53 -2.81
C ILE A 753 -16.20 -38.99 -4.20
N LEU A 754 -16.99 -39.74 -4.95
CA LEU A 754 -17.41 -39.35 -6.28
C LEU A 754 -18.25 -38.09 -6.16
N MET A 755 -19.29 -38.18 -5.34
CA MET A 755 -20.20 -37.07 -5.15
C MET A 755 -19.57 -35.91 -4.45
N ILE A 756 -18.34 -36.05 -4.00
CA ILE A 756 -17.68 -34.92 -3.35
C ILE A 756 -17.08 -34.14 -4.49
N LYS A 757 -16.71 -34.85 -5.56
CA LYS A 757 -16.13 -34.19 -6.74
C LYS A 757 -17.28 -33.56 -7.48
N ALA A 758 -18.44 -34.17 -7.33
CA ALA A 758 -19.64 -33.70 -7.95
C ALA A 758 -20.07 -32.34 -7.37
N LEU A 759 -19.60 -32.02 -6.17
CA LEU A 759 -19.98 -30.75 -5.60
C LEU A 759 -18.76 -29.87 -5.66
N GLU A 760 -17.68 -30.41 -6.23
CA GLU A 760 -16.43 -29.68 -6.35
C GLU A 760 -16.08 -29.00 -5.03
N LEU A 761 -16.31 -29.71 -3.93
CA LEU A 761 -16.01 -29.23 -2.59
C LEU A 761 -14.52 -28.94 -2.45
N ASP A 762 -14.16 -27.83 -1.83
CA ASP A 762 -12.74 -27.56 -1.68
C ASP A 762 -12.04 -28.52 -0.75
N PRO A 763 -10.91 -29.06 -1.19
CA PRO A 763 -10.09 -30.01 -0.44
C PRO A 763 -9.53 -29.47 0.86
N ASN A 764 -10.16 -28.44 1.41
CA ASN A 764 -9.68 -27.92 2.67
C ASN A 764 -10.82 -27.83 3.65
N LEU A 765 -12.01 -27.99 3.11
CA LEU A 765 -13.20 -27.95 3.93
C LEU A 765 -13.31 -29.33 4.53
N TYR A 766 -13.13 -30.37 3.73
CA TYR A 766 -13.24 -31.73 4.22
C TYR A 766 -11.94 -32.46 4.48
N ARG A 767 -12.06 -33.67 4.99
CA ARG A 767 -10.95 -34.57 5.33
C ARG A 767 -11.53 -35.98 5.34
N ILE A 768 -11.23 -36.77 4.32
CA ILE A 768 -11.71 -38.14 4.24
C ILE A 768 -10.93 -39.01 5.23
N GLY A 769 -11.66 -39.88 5.93
CA GLY A 769 -11.03 -40.74 6.91
C GLY A 769 -11.09 -42.22 6.54
N GLN A 770 -11.31 -43.06 7.54
CA GLN A 770 -11.38 -44.51 7.31
C GLN A 770 -12.81 -44.95 7.09
N SER A 771 -13.70 -44.58 8.02
CA SER A 771 -15.10 -44.94 7.94
C SER A 771 -16.01 -43.72 7.80
N LYS A 772 -15.49 -42.57 8.21
CA LYS A 772 -16.26 -41.33 8.18
C LYS A 772 -15.44 -40.20 7.54
N ILE A 773 -16.15 -39.14 7.13
CA ILE A 773 -15.53 -37.94 6.55
C ILE A 773 -15.49 -36.84 7.62
N PHE A 774 -14.40 -36.08 7.70
CA PHE A 774 -14.32 -35.01 8.67
C PHE A 774 -14.44 -33.66 7.98
N PHE A 775 -15.55 -32.96 8.18
CA PHE A 775 -15.75 -31.68 7.56
C PHE A 775 -15.38 -30.49 8.42
N ARG A 776 -15.34 -29.32 7.80
CA ARG A 776 -15.02 -28.10 8.49
C ARG A 776 -16.31 -27.41 8.89
N THR A 777 -16.20 -26.52 9.87
CA THR A 777 -17.38 -25.80 10.33
C THR A 777 -18.14 -25.18 9.19
N GLY A 778 -19.46 -25.31 9.27
CA GLY A 778 -20.35 -24.73 8.26
C GLY A 778 -20.51 -25.50 6.97
N VAL A 779 -19.49 -26.27 6.62
CA VAL A 779 -19.52 -27.01 5.38
C VAL A 779 -20.72 -27.94 5.33
N LEU A 780 -21.07 -28.56 6.43
CA LEU A 780 -22.20 -29.46 6.40
C LEU A 780 -23.54 -28.70 6.43
N ALA A 781 -23.54 -27.52 7.03
CA ALA A 781 -24.75 -26.72 7.16
C ALA A 781 -25.29 -26.35 5.80
N HIS A 782 -24.38 -25.87 4.96
CA HIS A 782 -24.70 -25.43 3.61
C HIS A 782 -25.20 -26.61 2.80
N LEU A 783 -24.56 -27.75 3.00
CA LEU A 783 -24.95 -28.96 2.31
C LEU A 783 -26.41 -29.29 2.68
N GLU A 784 -26.75 -29.10 3.94
CA GLU A 784 -28.09 -29.37 4.42
C GLU A 784 -29.08 -28.40 3.78
N GLU A 785 -28.76 -27.11 3.83
CA GLU A 785 -29.59 -26.07 3.24
C GLU A 785 -30.02 -26.49 1.84
N GLU A 786 -29.05 -26.62 0.95
CA GLU A 786 -29.27 -27.03 -0.44
C GLU A 786 -30.31 -28.14 -0.54
N ARG A 787 -30.03 -29.26 0.13
CA ARG A 787 -30.92 -30.41 0.12
C ARG A 787 -32.33 -30.05 0.51
N ASP A 788 -32.46 -29.16 1.50
CA ASP A 788 -33.77 -28.73 1.98
C ASP A 788 -34.48 -27.88 0.94
N LEU A 789 -33.69 -27.35 0.02
CA LEU A 789 -34.20 -26.50 -1.05
C LEU A 789 -34.60 -27.43 -2.17
N LYS A 790 -33.70 -28.36 -2.46
CA LYS A 790 -33.95 -29.34 -3.50
C LYS A 790 -35.28 -30.09 -3.26
N ILE A 791 -35.81 -30.04 -2.04
CA ILE A 791 -37.04 -30.76 -1.73
C ILE A 791 -38.21 -29.92 -1.24
N THR A 792 -38.01 -28.62 -1.06
CA THR A 792 -39.05 -27.72 -0.56
C THR A 792 -40.36 -27.88 -1.29
N ASP A 793 -40.33 -27.56 -2.57
CA ASP A 793 -41.51 -27.67 -3.42
C ASP A 793 -42.30 -28.94 -3.13
N VAL A 794 -41.63 -30.08 -3.31
CA VAL A 794 -42.24 -31.38 -3.05
C VAL A 794 -42.95 -31.36 -1.69
N ILE A 795 -42.24 -30.88 -0.67
CA ILE A 795 -42.80 -30.80 0.65
C ILE A 795 -44.04 -29.93 0.52
N ILE A 796 -43.89 -28.79 -0.14
CA ILE A 796 -45.00 -27.87 -0.34
C ILE A 796 -46.13 -28.64 -0.98
N ALA A 797 -45.80 -29.37 -2.04
CA ALA A 797 -46.79 -30.18 -2.76
C ALA A 797 -47.49 -31.12 -1.82
N PHE A 798 -46.71 -31.96 -1.17
CA PHE A 798 -47.24 -32.94 -0.23
C PHE A 798 -48.06 -32.24 0.86
N GLN A 799 -47.44 -31.29 1.57
CA GLN A 799 -48.12 -30.56 2.62
C GLN A 799 -49.57 -30.28 2.26
N ALA A 800 -49.81 -29.88 1.02
CA ALA A 800 -51.14 -29.56 0.51
C ALA A 800 -52.12 -30.71 0.68
N GLN A 801 -51.83 -31.80 -0.02
CA GLN A 801 -52.66 -32.98 0.02
C GLN A 801 -52.99 -33.36 1.46
N CYS A 802 -52.05 -33.07 2.37
CA CYS A 802 -52.24 -33.36 3.78
C CYS A 802 -53.33 -32.48 4.33
N ARG A 803 -53.28 -31.18 4.03
CA ARG A 803 -54.30 -30.27 4.52
C ARG A 803 -55.61 -30.72 3.88
N GLY A 804 -55.50 -31.22 2.66
CA GLY A 804 -56.68 -31.72 1.97
C GLY A 804 -57.21 -32.87 2.79
N TYR A 805 -56.53 -34.01 2.72
CA TYR A 805 -56.88 -35.21 3.48
C TYR A 805 -57.32 -34.79 4.89
N LEU A 806 -56.38 -34.26 5.65
CA LEU A 806 -56.60 -33.80 7.03
C LEU A 806 -57.87 -32.97 7.12
N ALA A 807 -58.35 -32.45 6.01
CA ALA A 807 -59.55 -31.63 6.03
C ALA A 807 -60.85 -32.38 5.74
N ARG A 808 -60.99 -32.90 4.53
CA ARG A 808 -62.17 -33.63 4.13
C ARG A 808 -62.63 -34.54 5.24
N LYS A 809 -61.69 -35.04 6.02
CA LYS A 809 -62.01 -35.97 7.11
C LYS A 809 -62.58 -35.33 8.36
N ALA A 810 -61.91 -34.30 8.89
CA ALA A 810 -62.40 -33.64 10.10
C ALA A 810 -63.68 -32.82 9.91
N PHE A 811 -64.07 -32.63 8.65
CA PHE A 811 -65.30 -31.91 8.31
C PHE A 811 -66.38 -32.99 8.30
N ALA A 812 -66.11 -34.07 7.58
CA ALA A 812 -67.00 -35.21 7.49
C ALA A 812 -67.16 -35.82 8.89
N LYS A 813 -66.60 -35.14 9.90
CA LYS A 813 -66.71 -35.58 11.28
C LYS A 813 -67.83 -34.79 11.92
N ARG A 814 -67.77 -33.46 11.82
CA ARG A 814 -68.79 -32.61 12.40
C ARG A 814 -70.12 -33.03 11.83
N GLN A 815 -70.05 -33.77 10.73
CA GLN A 815 -71.22 -34.28 10.05
C GLN A 815 -71.90 -35.38 10.86
N GLN A 816 -71.12 -36.15 11.63
CA GLN A 816 -71.67 -37.24 12.43
C GLN A 816 -72.41 -36.71 13.65
N GLN A 817 -71.84 -35.70 14.29
CA GLN A 817 -72.46 -35.11 15.48
C GLN A 817 -73.74 -34.42 15.03
N LEU A 818 -73.81 -34.12 13.73
CA LEU A 818 -74.99 -33.51 13.16
C LEU A 818 -75.96 -34.67 12.90
N GLY A 819 -75.44 -35.73 12.29
CA GLY A 819 -76.27 -36.88 11.99
C GLY A 819 -76.45 -37.73 13.22
N SER A 820 -76.15 -37.15 14.37
CA SER A 820 -76.31 -37.86 15.64
C SER A 820 -77.66 -37.50 16.23
N PHE B 3 -68.77 -28.42 -14.51
CA PHE B 3 -69.36 -29.17 -13.37
C PHE B 3 -70.84 -29.45 -13.61
N SER B 4 -71.16 -30.69 -13.98
CA SER B 4 -72.53 -31.09 -14.23
C SER B 4 -73.44 -30.60 -13.11
N GLU B 5 -74.64 -30.13 -13.47
CA GLU B 5 -75.57 -29.63 -12.47
C GLU B 5 -75.73 -30.69 -11.38
N GLU B 6 -75.62 -31.96 -11.77
CA GLU B 6 -75.73 -33.06 -10.83
C GLU B 6 -74.83 -32.81 -9.63
N GLN B 7 -73.57 -32.48 -9.88
CA GLN B 7 -72.63 -32.20 -8.80
C GLN B 7 -72.84 -30.78 -8.30
N THR B 8 -72.96 -29.84 -9.23
CA THR B 8 -73.18 -28.44 -8.88
C THR B 8 -74.33 -28.35 -7.88
N ALA B 9 -75.34 -29.18 -8.10
CA ALA B 9 -76.50 -29.21 -7.22
C ALA B 9 -76.07 -29.64 -5.83
N GLU B 10 -75.16 -30.60 -5.77
CA GLU B 10 -74.66 -31.11 -4.50
C GLU B 10 -73.64 -30.15 -3.89
N PHE B 11 -72.81 -29.54 -4.72
CA PHE B 11 -71.81 -28.60 -4.25
C PHE B 11 -72.48 -27.68 -3.24
N LYS B 12 -73.66 -27.19 -3.62
CA LYS B 12 -74.45 -26.31 -2.77
C LYS B 12 -74.66 -26.95 -1.41
N GLU B 13 -75.01 -28.24 -1.43
CA GLU B 13 -75.25 -29.00 -0.21
C GLU B 13 -74.01 -28.94 0.68
N ALA B 14 -72.84 -28.93 0.06
CA ALA B 14 -71.58 -28.87 0.81
C ALA B 14 -71.32 -27.45 1.28
N PHE B 15 -71.40 -26.49 0.36
CA PHE B 15 -71.18 -25.09 0.70
C PHE B 15 -72.09 -24.69 1.85
N GLN B 16 -73.38 -24.96 1.68
CA GLN B 16 -74.38 -24.64 2.69
C GLN B 16 -73.99 -25.26 4.02
N LEU B 17 -73.51 -26.50 3.96
CA LEU B 17 -73.08 -27.23 5.15
C LEU B 17 -71.79 -26.63 5.69
N PHE B 18 -71.69 -25.31 5.71
CA PHE B 18 -70.47 -24.65 6.18
C PHE B 18 -70.65 -23.30 6.87
N ASP B 19 -71.85 -22.98 7.34
CA ASP B 19 -72.07 -21.70 7.99
C ASP B 19 -72.58 -21.83 9.42
N ARG B 20 -71.75 -21.41 10.38
CA ARG B 20 -72.09 -21.48 11.79
C ARG B 20 -73.36 -20.70 12.14
N THR B 21 -73.46 -19.47 11.65
CA THR B 21 -74.63 -18.64 11.90
C THR B 21 -75.70 -18.94 10.84
N GLY B 22 -75.72 -18.19 9.74
CA GLY B 22 -76.71 -18.47 8.72
C GLY B 22 -76.92 -17.64 7.45
N ASP B 23 -76.26 -16.48 7.33
CA ASP B 23 -76.43 -15.64 6.14
C ASP B 23 -76.29 -16.42 4.84
N GLY B 24 -75.47 -17.48 4.88
CA GLY B 24 -75.24 -18.28 3.70
C GLY B 24 -73.94 -17.80 3.10
N LYS B 25 -72.99 -17.50 3.98
CA LYS B 25 -71.69 -17.01 3.56
C LYS B 25 -70.52 -17.75 4.17
N ILE B 26 -69.51 -17.99 3.36
CA ILE B 26 -68.31 -18.69 3.78
C ILE B 26 -67.19 -17.66 3.89
N LEU B 27 -66.73 -17.42 5.12
CA LEU B 27 -65.66 -16.44 5.34
C LEU B 27 -64.54 -16.73 4.35
N TYR B 28 -63.93 -15.66 3.84
CA TYR B 28 -62.84 -15.80 2.87
C TYR B 28 -61.86 -16.90 3.29
N SER B 29 -61.82 -17.19 4.58
CA SER B 29 -60.94 -18.21 5.11
C SER B 29 -61.39 -19.61 4.69
N GLN B 30 -62.59 -19.99 5.11
CA GLN B 30 -63.17 -21.29 4.82
C GLN B 30 -63.06 -21.79 3.39
N CYS B 31 -63.03 -20.88 2.42
CA CYS B 31 -62.93 -21.28 1.02
C CYS B 31 -62.05 -22.52 0.88
N GLY B 32 -60.84 -22.46 1.42
CA GLY B 32 -59.93 -23.57 1.35
C GLY B 32 -60.50 -24.93 1.72
N ASP B 33 -60.97 -25.05 2.97
CA ASP B 33 -61.54 -26.31 3.45
C ASP B 33 -62.74 -26.78 2.64
N VAL B 34 -63.58 -25.84 2.22
CA VAL B 34 -64.77 -26.16 1.43
C VAL B 34 -64.35 -26.75 0.08
N MET B 35 -63.26 -26.23 -0.48
CA MET B 35 -62.77 -26.73 -1.75
C MET B 35 -62.24 -28.12 -1.49
N ARG B 36 -61.51 -28.27 -0.39
CA ARG B 36 -60.95 -29.55 0.01
C ARG B 36 -62.06 -30.57 0.23
N ALA B 37 -63.01 -30.22 1.10
CA ALA B 37 -64.14 -31.09 1.40
C ALA B 37 -64.78 -31.60 0.12
N LEU B 38 -64.75 -30.77 -0.92
CA LEU B 38 -65.31 -31.14 -2.22
C LEU B 38 -64.30 -31.98 -2.98
N GLY B 39 -63.34 -32.54 -2.24
CA GLY B 39 -62.31 -33.36 -2.85
C GLY B 39 -61.24 -32.59 -3.58
N GLN B 40 -60.96 -31.35 -3.14
CA GLN B 40 -59.94 -30.55 -3.79
C GLN B 40 -58.70 -30.43 -2.92
N ASN B 41 -57.54 -30.42 -3.57
CA ASN B 41 -56.27 -30.29 -2.87
C ASN B 41 -55.52 -29.05 -3.31
N PRO B 42 -56.20 -27.90 -3.36
CA PRO B 42 -55.52 -26.68 -3.78
C PRO B 42 -54.44 -26.28 -2.77
N THR B 43 -53.25 -25.94 -3.26
CA THR B 43 -52.17 -25.53 -2.38
C THR B 43 -52.61 -24.21 -1.75
N ASN B 44 -51.87 -23.74 -0.75
CA ASN B 44 -52.23 -22.49 -0.09
C ASN B 44 -52.23 -21.28 -1.00
N ALA B 45 -51.39 -21.30 -2.02
CA ALA B 45 -51.30 -20.19 -2.97
C ALA B 45 -52.45 -20.21 -3.96
N GLU B 46 -52.72 -21.40 -4.51
CA GLU B 46 -53.80 -21.57 -5.48
C GLU B 46 -55.12 -21.06 -4.93
N VAL B 47 -55.22 -20.93 -3.61
CA VAL B 47 -56.44 -20.46 -2.97
C VAL B 47 -56.47 -18.94 -2.83
N MET B 48 -55.32 -18.36 -2.48
CA MET B 48 -55.22 -16.91 -2.32
C MET B 48 -55.31 -16.23 -3.68
N LYS B 49 -54.65 -16.83 -4.67
CA LYS B 49 -54.64 -16.28 -6.02
C LYS B 49 -56.06 -16.02 -6.50
N VAL B 50 -56.98 -16.92 -6.15
CA VAL B 50 -58.38 -16.77 -6.54
C VAL B 50 -59.18 -16.12 -5.42
N LEU B 51 -58.50 -15.33 -4.61
CA LEU B 51 -59.12 -14.63 -3.50
C LEU B 51 -58.66 -13.18 -3.55
N GLY B 52 -57.88 -12.86 -4.58
CA GLY B 52 -57.36 -11.52 -4.73
C GLY B 52 -56.31 -11.20 -3.69
N ASN B 53 -55.68 -12.24 -3.15
CA ASN B 53 -54.64 -12.07 -2.14
C ASN B 53 -55.05 -11.06 -1.07
N PRO B 54 -56.04 -11.40 -0.24
CA PRO B 54 -56.49 -10.50 0.82
C PRO B 54 -55.46 -10.41 1.94
N LYS B 55 -55.90 -10.01 3.12
CA LYS B 55 -55.00 -9.90 4.27
C LYS B 55 -55.65 -10.45 5.52
N SER B 56 -54.90 -11.31 6.23
CA SER B 56 -55.36 -11.95 7.47
C SER B 56 -56.62 -11.32 8.04
N ASP B 57 -56.52 -10.06 8.44
CA ASP B 57 -57.64 -9.33 9.02
C ASP B 57 -58.90 -9.46 8.16
N GLU B 58 -58.84 -8.96 6.94
CA GLU B 58 -59.98 -9.02 6.03
C GLU B 58 -60.31 -10.45 5.61
N MET B 59 -59.42 -11.39 5.93
CA MET B 59 -59.65 -12.78 5.57
C MET B 59 -60.60 -13.43 6.58
N ASN B 60 -60.88 -12.69 7.66
CA ASN B 60 -61.79 -13.17 8.70
C ASN B 60 -63.06 -12.33 8.73
N LEU B 61 -63.13 -11.34 7.83
CA LEU B 61 -64.28 -10.47 7.73
C LEU B 61 -65.05 -10.74 6.44
N LYS B 62 -64.33 -10.75 5.33
CA LYS B 62 -64.91 -10.99 4.01
C LYS B 62 -65.71 -12.30 3.96
N THR B 63 -66.77 -12.31 3.16
CA THR B 63 -67.61 -13.50 3.04
C THR B 63 -67.81 -13.98 1.60
N LEU B 64 -68.48 -15.12 1.45
CA LEU B 64 -68.72 -15.69 0.14
C LEU B 64 -70.10 -16.32 -0.02
N LYS B 65 -70.61 -16.27 -1.24
CA LYS B 65 -71.90 -16.84 -1.58
C LYS B 65 -71.64 -17.86 -2.68
N PHE B 66 -72.29 -19.02 -2.61
CA PHE B 66 -72.06 -20.07 -3.61
C PHE B 66 -71.87 -19.56 -5.04
N GLU B 67 -72.80 -18.73 -5.51
CA GLU B 67 -72.70 -18.23 -6.87
C GLU B 67 -71.35 -17.59 -7.19
N GLN B 68 -70.77 -16.91 -6.21
CA GLN B 68 -69.47 -16.27 -6.42
C GLN B 68 -68.35 -17.25 -6.07
N PHE B 69 -68.71 -18.30 -5.33
CA PHE B 69 -67.75 -19.32 -4.92
C PHE B 69 -67.56 -20.34 -6.03
N LEU B 70 -68.67 -20.83 -6.58
CA LEU B 70 -68.63 -21.82 -7.65
C LEU B 70 -67.61 -21.47 -8.73
N PRO B 71 -67.62 -20.22 -9.23
CA PRO B 71 -66.67 -19.81 -10.27
C PRO B 71 -65.22 -20.09 -9.89
N MET B 72 -64.95 -20.21 -8.60
CA MET B 72 -63.61 -20.49 -8.12
C MET B 72 -63.38 -21.98 -8.02
N MET B 73 -64.37 -22.69 -7.49
CA MET B 73 -64.29 -24.14 -7.33
C MET B 73 -63.73 -24.75 -8.60
N GLN B 74 -64.27 -24.33 -9.75
CA GLN B 74 -63.83 -24.83 -11.04
C GLN B 74 -62.43 -24.33 -11.38
N THR B 75 -62.27 -23.01 -11.48
CA THR B 75 -60.99 -22.41 -11.81
C THR B 75 -59.87 -23.24 -11.20
N ILE B 76 -60.07 -23.65 -9.95
CA ILE B 76 -59.08 -24.49 -9.27
C ILE B 76 -59.18 -25.85 -9.94
N ALA B 77 -60.32 -26.51 -9.73
CA ALA B 77 -60.59 -27.83 -10.30
C ALA B 77 -59.73 -28.18 -11.52
N LYS B 78 -59.61 -27.24 -12.45
CA LYS B 78 -58.80 -27.46 -13.65
C LYS B 78 -57.39 -26.87 -13.47
N ASN B 79 -56.41 -27.75 -13.24
CA ASN B 79 -55.05 -27.27 -13.04
C ASN B 79 -53.99 -27.95 -13.90
N LYS B 80 -52.76 -27.45 -13.80
CA LYS B 80 -51.63 -27.95 -14.59
C LYS B 80 -50.97 -29.22 -14.05
N ASP B 81 -50.83 -29.32 -12.72
CA ASP B 81 -50.17 -30.50 -12.14
C ASP B 81 -50.87 -31.18 -10.97
N GLN B 82 -50.03 -31.87 -10.19
CA GLN B 82 -50.44 -32.61 -9.00
C GLN B 82 -49.28 -33.52 -8.58
N GLY B 83 -49.22 -33.85 -7.29
CA GLY B 83 -48.16 -34.73 -6.81
C GLY B 83 -48.53 -36.16 -7.13
N CYS B 84 -47.70 -37.10 -6.67
CA CYS B 84 -47.94 -38.53 -6.94
C CYS B 84 -46.87 -39.38 -6.28
N PHE B 85 -47.28 -40.51 -5.72
CA PHE B 85 -46.38 -41.46 -5.06
C PHE B 85 -45.00 -41.26 -5.68
N GLU B 86 -44.96 -41.61 -6.93
CA GLU B 86 -43.76 -41.52 -7.74
C GLU B 86 -42.71 -40.53 -7.23
N ASP B 87 -43.11 -39.26 -7.09
CA ASP B 87 -42.20 -38.22 -6.62
C ASP B 87 -42.44 -37.94 -5.16
N TYR B 88 -43.72 -37.88 -4.77
CA TYR B 88 -44.10 -37.59 -3.39
C TYR B 88 -43.19 -38.31 -2.43
N VAL B 89 -43.24 -39.63 -2.46
CA VAL B 89 -42.40 -40.40 -1.54
C VAL B 89 -40.89 -40.22 -1.81
N GLU B 90 -40.55 -40.07 -3.08
CA GLU B 90 -39.16 -39.88 -3.47
C GLU B 90 -38.49 -38.80 -2.63
N GLY B 91 -39.31 -37.86 -2.15
CA GLY B 91 -38.79 -36.79 -1.35
C GLY B 91 -38.62 -37.17 0.11
N LEU B 92 -39.60 -37.91 0.64
CA LEU B 92 -39.53 -38.32 2.03
C LEU B 92 -38.42 -39.34 2.24
N ARG B 93 -38.25 -40.22 1.27
CA ARG B 93 -37.22 -41.26 1.31
C ARG B 93 -35.81 -40.70 1.52
N VAL B 94 -35.72 -39.38 1.49
CA VAL B 94 -34.48 -38.65 1.68
C VAL B 94 -34.22 -38.42 3.17
N PHE B 95 -35.19 -38.79 3.99
CA PHE B 95 -35.05 -38.60 5.41
C PHE B 95 -34.97 -39.95 6.09
N ASP B 96 -34.89 -40.98 5.26
CA ASP B 96 -34.80 -42.37 5.72
C ASP B 96 -33.40 -42.69 6.23
N LYS B 97 -33.09 -42.24 7.45
CA LYS B 97 -31.79 -42.41 8.09
C LYS B 97 -30.86 -43.48 7.52
N GLU B 98 -31.40 -44.68 7.28
CA GLU B 98 -30.58 -45.75 6.72
C GLU B 98 -31.34 -46.77 5.86
N GLY B 99 -31.79 -46.32 4.69
CA GLY B 99 -32.50 -47.18 3.77
C GLY B 99 -33.46 -48.19 4.38
N ASN B 100 -33.84 -47.97 5.64
CA ASN B 100 -34.76 -48.87 6.33
C ASN B 100 -36.12 -48.93 5.65
N GLY B 101 -36.53 -47.81 5.05
CA GLY B 101 -37.81 -47.74 4.38
C GLY B 101 -38.79 -46.99 5.26
N THR B 102 -38.31 -46.61 6.44
CA THR B 102 -39.10 -45.88 7.43
C THR B 102 -38.35 -44.65 7.97
N VAL B 103 -39.12 -43.63 8.36
CA VAL B 103 -38.52 -42.43 8.94
C VAL B 103 -39.10 -42.22 10.32
N MET B 104 -38.32 -41.60 11.19
CA MET B 104 -38.77 -41.34 12.56
C MET B 104 -39.90 -40.31 12.61
N GLY B 105 -41.00 -40.70 13.22
CA GLY B 105 -42.15 -39.81 13.32
C GLY B 105 -41.85 -38.46 13.94
N ALA B 106 -40.56 -38.22 14.20
CA ALA B 106 -40.17 -36.95 14.79
C ALA B 106 -39.50 -36.14 13.71
N GLU B 107 -38.76 -36.82 12.85
CA GLU B 107 -38.09 -36.14 11.76
C GLU B 107 -39.18 -35.80 10.75
N ILE B 108 -40.11 -36.72 10.51
CA ILE B 108 -41.18 -36.45 9.57
C ILE B 108 -41.95 -35.29 10.16
N ARG B 109 -42.20 -35.35 11.47
CA ARG B 109 -42.96 -34.30 12.13
C ARG B 109 -42.26 -32.94 12.04
N HIS B 110 -40.95 -32.96 11.86
CA HIS B 110 -40.21 -31.72 11.75
C HIS B 110 -40.42 -31.12 10.38
N VAL B 111 -39.76 -31.70 9.40
CA VAL B 111 -39.84 -31.28 8.01
C VAL B 111 -41.19 -30.69 7.68
N LEU B 112 -42.22 -31.45 7.96
CA LEU B 112 -43.58 -31.02 7.65
C LEU B 112 -43.93 -29.70 8.30
N VAL B 113 -43.23 -29.33 9.35
CA VAL B 113 -43.54 -28.07 9.99
C VAL B 113 -42.35 -27.15 10.03
N THR B 114 -41.56 -27.13 8.95
CA THR B 114 -40.37 -26.27 8.87
C THR B 114 -39.96 -26.00 7.45
N LEU B 115 -40.72 -26.52 6.50
CA LEU B 115 -40.40 -26.35 5.09
C LEU B 115 -41.66 -25.98 4.32
N GLY B 116 -41.50 -25.23 3.24
CA GLY B 116 -42.65 -24.85 2.43
C GLY B 116 -43.88 -24.40 3.22
N GLU B 117 -45.06 -24.80 2.74
CA GLU B 117 -46.32 -24.44 3.39
C GLU B 117 -46.38 -25.02 4.79
N LYS B 118 -45.56 -24.46 5.68
CA LYS B 118 -45.47 -24.92 7.05
C LYS B 118 -46.80 -25.26 7.69
N MET B 119 -46.91 -26.49 8.21
CA MET B 119 -48.11 -26.95 8.89
C MET B 119 -48.00 -26.58 10.38
N THR B 120 -48.93 -27.06 11.18
CA THR B 120 -48.89 -26.77 12.61
C THR B 120 -48.53 -28.04 13.39
N GLU B 121 -48.08 -27.84 14.62
CA GLU B 121 -47.70 -28.94 15.49
C GLU B 121 -48.85 -29.93 15.61
N GLU B 122 -50.06 -29.40 15.73
CA GLU B 122 -51.25 -30.23 15.86
C GLU B 122 -51.55 -30.90 14.53
N GLU B 123 -51.52 -30.11 13.46
CA GLU B 123 -51.80 -30.65 12.14
C GLU B 123 -51.04 -31.97 11.95
N VAL B 124 -49.71 -31.92 12.02
CA VAL B 124 -48.87 -33.11 11.82
C VAL B 124 -49.22 -34.17 12.84
N GLU B 125 -49.45 -33.76 14.08
CA GLU B 125 -49.81 -34.74 15.11
C GLU B 125 -50.97 -35.61 14.60
N GLN B 126 -52.10 -34.95 14.32
CA GLN B 126 -53.32 -35.61 13.82
C GLN B 126 -53.06 -36.48 12.58
N LEU B 127 -52.05 -36.13 11.80
CA LEU B 127 -51.74 -36.88 10.58
C LEU B 127 -51.01 -38.19 10.81
N VAL B 128 -49.74 -38.10 11.20
CA VAL B 128 -48.90 -39.28 11.44
C VAL B 128 -49.42 -40.12 12.58
N ALA B 129 -49.94 -39.44 13.60
CA ALA B 129 -50.47 -40.10 14.78
C ALA B 129 -51.11 -41.45 14.46
N GLY B 130 -50.51 -42.52 15.00
CA GLY B 130 -51.04 -43.85 14.78
C GLY B 130 -50.36 -44.62 13.67
N HIS B 131 -49.23 -44.11 13.19
CA HIS B 131 -48.52 -44.77 12.10
C HIS B 131 -47.10 -45.00 12.55
N GLU B 132 -46.79 -44.51 13.75
CA GLU B 132 -45.47 -44.67 14.33
C GLU B 132 -45.54 -46.03 15.01
N ASP B 133 -44.49 -46.82 14.90
CA ASP B 133 -44.51 -48.15 15.54
C ASP B 133 -43.98 -48.08 16.96
N SER B 134 -43.50 -49.21 17.46
CA SER B 134 -42.98 -49.27 18.82
C SER B 134 -41.85 -48.27 18.95
N ASN B 135 -41.04 -48.19 17.90
CA ASN B 135 -39.89 -47.29 17.89
C ASN B 135 -40.27 -45.98 17.27
N GLY B 136 -41.56 -45.68 17.29
CA GLY B 136 -42.06 -44.44 16.72
C GLY B 136 -41.67 -44.29 15.27
N CYS B 137 -41.65 -45.40 14.55
CA CYS B 137 -41.27 -45.39 13.15
C CYS B 137 -42.44 -45.52 12.21
N ILE B 138 -42.47 -44.58 11.27
CA ILE B 138 -43.52 -44.48 10.27
C ILE B 138 -42.97 -44.99 8.94
N ASN B 139 -43.83 -45.62 8.13
CA ASN B 139 -43.41 -46.07 6.81
C ASN B 139 -44.03 -45.11 5.78
N TYR B 140 -43.23 -44.19 5.27
CA TYR B 140 -43.74 -43.16 4.33
C TYR B 140 -44.59 -43.80 3.22
N GLU B 141 -43.97 -44.68 2.46
CA GLU B 141 -44.66 -45.36 1.35
C GLU B 141 -46.17 -45.45 1.64
N GLU B 142 -46.47 -45.88 2.84
CA GLU B 142 -47.85 -46.05 3.31
C GLU B 142 -48.47 -44.69 3.64
N LEU B 143 -47.90 -43.99 4.61
CA LEU B 143 -48.42 -42.66 4.98
C LEU B 143 -48.75 -41.87 3.72
N VAL B 144 -47.90 -42.02 2.70
CA VAL B 144 -48.09 -41.35 1.42
C VAL B 144 -49.45 -41.77 0.91
N ARG B 145 -49.60 -43.06 0.66
CA ARG B 145 -50.86 -43.59 0.15
C ARG B 145 -52.06 -43.20 1.00
N MET B 146 -51.86 -43.22 2.30
CA MET B 146 -52.94 -42.86 3.23
C MET B 146 -53.58 -41.52 2.88
N VAL B 147 -52.80 -40.46 2.94
CA VAL B 147 -53.31 -39.15 2.65
C VAL B 147 -53.78 -39.15 1.22
N LEU B 148 -53.08 -39.88 0.38
CA LEU B 148 -53.44 -39.90 -1.01
C LEU B 148 -54.76 -40.60 -1.26
N SER B 149 -54.69 -41.91 -1.48
CA SER B 149 -55.88 -42.70 -1.72
C SER B 149 -57.01 -42.35 -0.74
N GLY B 150 -56.67 -41.76 0.40
CA GLY B 150 -57.70 -41.36 1.34
C GLY B 150 -58.36 -40.08 0.83
N ALA C 1 66.79 0.04 18.74
CA ALA C 1 66.28 -0.13 20.12
C ALA C 1 65.08 0.76 20.30
N GLN C 2 64.20 0.78 19.31
CA GLN C 2 63.04 1.67 19.34
C GLN C 2 61.67 1.05 19.39
N LYS C 3 60.70 1.92 19.66
CA LYS C 3 59.30 1.56 19.78
C LYS C 3 58.91 0.62 18.66
N PRO C 4 57.72 0.02 18.74
CA PRO C 4 57.26 -0.90 17.71
C PRO C 4 56.29 -0.20 16.76
N LEU C 5 56.29 -0.60 15.50
CA LEU C 5 55.43 0.07 14.54
C LEU C 5 54.23 -0.68 14.03
N SER C 6 53.09 -0.04 14.11
CA SER C 6 51.85 -0.62 13.62
C SER C 6 52.01 -0.88 12.13
N ASP C 7 51.40 -1.94 11.66
CA ASP C 7 51.45 -2.32 10.26
C ASP C 7 51.30 -1.12 9.33
N ASP C 8 50.53 -0.13 9.76
CA ASP C 8 50.31 1.11 9.00
C ASP C 8 51.51 2.06 9.04
N GLU C 9 52.00 2.33 10.24
CA GLU C 9 53.14 3.21 10.42
C GLU C 9 54.31 2.74 9.61
N LYS C 10 54.26 1.47 9.22
CA LYS C 10 55.32 0.86 8.43
C LYS C 10 55.25 1.36 6.99
N PHE C 11 54.29 2.25 6.75
CA PHE C 11 54.09 2.85 5.45
C PHE C 11 54.63 4.27 5.34
N LEU C 12 55.09 4.79 6.44
CA LEU C 12 55.68 6.13 6.47
C LEU C 12 56.89 6.12 7.40
N PHE C 13 57.04 5.02 8.12
CA PHE C 13 58.14 4.82 9.07
C PHE C 13 59.02 3.65 8.62
N VAL C 14 60.32 3.82 8.85
CA VAL C 14 61.32 2.80 8.49
C VAL C 14 61.44 1.77 9.62
N ASP C 15 61.47 0.52 9.20
CA ASP C 15 61.63 -0.61 10.12
C ASP C 15 63.10 -0.80 10.42
N LYS C 16 63.47 -0.40 11.63
CA LYS C 16 64.87 -0.42 12.08
C LYS C 16 65.11 -1.36 13.26
N ASN C 17 64.05 -1.79 13.91
CA ASN C 17 64.19 -2.67 15.08
C ASN C 17 64.43 -4.11 14.63
N PHE C 18 65.72 -4.39 14.51
CA PHE C 18 66.25 -5.70 14.10
C PHE C 18 67.60 -5.94 14.79
N VAL C 19 68.22 -7.05 14.44
CA VAL C 19 69.53 -7.44 14.98
C VAL C 19 70.65 -6.81 14.15
N ASN C 20 71.74 -6.53 14.85
CA ASN C 20 72.94 -5.91 14.23
C ASN C 20 73.75 -6.97 13.49
N ASN C 21 73.09 -7.63 12.55
CA ASN C 21 73.71 -8.70 11.76
C ASN C 21 75.01 -8.22 11.12
N PRO C 22 76.07 -9.01 11.28
CA PRO C 22 77.38 -8.68 10.73
C PRO C 22 77.59 -9.32 9.36
N LEU C 23 76.53 -9.89 8.79
CA LEU C 23 76.61 -10.51 7.47
C LEU C 23 76.98 -9.43 6.45
N ALA C 24 76.23 -8.33 6.47
CA ALA C 24 76.48 -7.21 5.57
C ALA C 24 77.72 -6.48 6.10
N GLN C 25 77.80 -6.35 7.42
CA GLN C 25 78.93 -5.68 8.06
C GLN C 25 80.23 -6.44 7.87
N ALA C 26 80.12 -7.65 7.35
CA ALA C 26 81.29 -8.49 7.10
C ALA C 26 81.58 -8.54 5.61
N ASP C 27 80.51 -8.63 4.85
CA ASP C 27 80.58 -8.71 3.39
C ASP C 27 81.30 -7.48 2.82
N TRP C 28 81.36 -6.44 3.66
CA TRP C 28 81.98 -5.16 3.30
C TRP C 28 83.39 -5.34 2.72
N SER C 29 84.00 -6.46 3.07
CA SER C 29 85.37 -6.78 2.61
C SER C 29 85.42 -6.83 1.09
N ALA C 30 84.29 -7.20 0.50
CA ALA C 30 84.15 -7.24 -0.95
C ALA C 30 84.09 -5.79 -1.45
N LYS C 31 84.84 -4.99 -0.73
CA LYS C 31 84.93 -3.54 -0.96
C LYS C 31 84.76 -3.23 -2.44
N LYS C 32 85.25 -4.14 -3.28
CA LYS C 32 85.16 -3.98 -4.72
C LYS C 32 83.73 -3.91 -5.20
N LEU C 33 82.80 -3.82 -4.25
CA LEU C 33 81.38 -3.72 -4.60
C LEU C 33 81.06 -2.36 -5.20
N VAL C 34 80.49 -2.38 -6.39
CA VAL C 34 80.14 -1.18 -7.11
C VAL C 34 78.80 -1.32 -7.80
N TRP C 35 78.48 -0.29 -8.57
CA TRP C 35 77.23 -0.28 -9.31
C TRP C 35 77.60 -0.29 -10.77
N VAL C 36 76.76 -0.92 -11.59
CA VAL C 36 77.06 -0.96 -13.02
C VAL C 36 75.83 -1.19 -13.88
N PRO C 37 75.92 -0.78 -15.15
CA PRO C 37 74.87 -0.90 -16.17
C PRO C 37 73.95 -2.09 -16.01
N SER C 38 72.79 -1.99 -16.62
CA SER C 38 71.79 -3.07 -16.57
C SER C 38 70.62 -2.72 -17.46
N GLU C 39 70.48 -3.43 -18.56
CA GLU C 39 69.38 -3.17 -19.47
C GLU C 39 68.04 -3.60 -18.87
N LYS C 40 68.05 -3.91 -17.57
CA LYS C 40 66.83 -4.34 -16.90
C LYS C 40 66.71 -3.84 -15.46
N HIS C 41 67.81 -3.30 -14.92
CA HIS C 41 67.83 -2.79 -13.54
C HIS C 41 68.41 -1.40 -13.50
N GLY C 42 68.74 -0.88 -14.68
CA GLY C 42 69.33 0.43 -14.76
C GLY C 42 70.76 0.36 -14.25
N PHE C 43 70.91 -0.31 -13.13
CA PHE C 43 72.20 -0.50 -12.50
C PHE C 43 72.02 -1.77 -11.69
N GLU C 44 73.14 -2.38 -11.28
CA GLU C 44 73.06 -3.60 -10.48
C GLU C 44 74.34 -3.81 -9.68
N ALA C 45 74.23 -4.58 -8.61
CA ALA C 45 75.36 -4.85 -7.72
C ALA C 45 76.37 -5.78 -8.33
N ALA C 46 77.65 -5.49 -8.06
CA ALA C 46 78.73 -6.32 -8.58
C ALA C 46 80.03 -5.92 -7.87
N SER C 47 81.07 -6.75 -7.97
CA SER C 47 82.34 -6.44 -7.32
C SER C 47 83.57 -6.57 -8.20
N ILE C 48 84.41 -5.55 -8.10
CA ILE C 48 85.64 -5.46 -8.85
C ILE C 48 86.45 -6.73 -8.71
N LYS C 49 87.02 -7.17 -9.83
CA LYS C 49 87.85 -8.37 -9.88
C LYS C 49 89.29 -8.00 -10.23
N GLU C 50 89.45 -7.00 -11.10
CA GLU C 50 90.78 -6.54 -11.51
C GLU C 50 90.77 -5.19 -12.22
N GLU C 51 91.43 -4.21 -11.61
CA GLU C 51 91.53 -2.86 -12.16
C GLU C 51 92.62 -2.82 -13.22
N LYS C 52 92.21 -2.64 -14.47
CA LYS C 52 93.15 -2.59 -15.58
C LYS C 52 93.09 -1.27 -16.32
N GLY C 53 93.75 -0.25 -15.76
CA GLY C 53 93.75 1.07 -16.39
C GLY C 53 92.36 1.60 -16.67
N ASP C 54 92.19 2.26 -17.82
CA ASP C 54 90.90 2.81 -18.19
C ASP C 54 89.73 1.81 -18.07
N GLU C 55 90.05 0.53 -17.89
CA GLU C 55 89.04 -0.52 -17.75
C GLU C 55 89.26 -1.35 -16.49
N VAL C 56 88.22 -2.07 -16.08
CA VAL C 56 88.28 -2.91 -14.90
C VAL C 56 87.36 -4.11 -15.01
N THR C 57 87.83 -5.26 -14.52
CA THR C 57 87.07 -6.52 -14.54
C THR C 57 86.21 -6.65 -13.28
N VAL C 58 84.96 -7.05 -13.42
CA VAL C 58 84.08 -7.18 -12.27
C VAL C 58 83.10 -8.34 -12.42
N GLU C 59 82.67 -8.91 -11.30
CA GLU C 59 81.72 -10.01 -11.33
C GLU C 59 80.42 -9.62 -10.62
N LEU C 60 79.30 -9.80 -11.30
CA LEU C 60 78.00 -9.46 -10.72
C LEU C 60 77.76 -10.19 -9.42
N GLN C 61 77.57 -9.43 -8.34
CA GLN C 61 77.27 -10.02 -7.04
C GLN C 61 75.81 -10.50 -7.13
N GLU C 62 75.37 -10.72 -8.37
CA GLU C 62 74.01 -11.18 -8.65
C GLU C 62 74.06 -12.48 -9.43
N ASN C 63 74.33 -12.37 -10.73
CA ASN C 63 74.35 -13.54 -11.60
C ASN C 63 75.63 -14.35 -11.49
N GLY C 64 76.51 -13.96 -10.58
CA GLY C 64 77.76 -14.67 -10.43
C GLY C 64 78.59 -14.54 -11.68
N LYS C 65 78.02 -13.88 -12.69
CA LYS C 65 78.68 -13.67 -13.97
C LYS C 65 79.90 -12.78 -13.83
N LYS C 66 80.83 -12.90 -14.78
CA LYS C 66 82.06 -12.10 -14.78
C LYS C 66 82.24 -11.30 -16.08
N VAL C 67 82.02 -9.99 -15.98
CA VAL C 67 82.15 -9.09 -17.13
C VAL C 67 83.01 -7.88 -16.78
N THR C 68 83.77 -7.39 -17.77
CA THR C 68 84.64 -6.24 -17.56
C THR C 68 84.15 -5.02 -18.33
N LEU C 69 84.08 -3.91 -17.61
CA LEU C 69 83.63 -2.63 -18.18
C LEU C 69 84.67 -1.54 -17.90
N SER C 70 84.51 -0.43 -18.60
CA SER C 70 85.41 0.71 -18.48
C SER C 70 85.50 1.16 -17.02
N LYS C 71 86.68 1.62 -16.64
CA LYS C 71 86.93 2.10 -15.28
C LYS C 71 86.19 3.41 -15.04
N ASP C 72 85.07 3.58 -15.73
CA ASP C 72 84.27 4.80 -15.60
C ASP C 72 82.80 4.50 -15.79
N ASP C 73 82.47 3.22 -15.85
CA ASP C 73 81.08 2.80 -16.02
C ASP C 73 80.58 2.16 -14.73
N ILE C 74 81.45 2.18 -13.73
CA ILE C 74 81.13 1.64 -12.41
C ILE C 74 80.82 2.81 -11.47
N GLN C 75 79.95 2.57 -10.51
CA GLN C 75 79.60 3.63 -9.58
C GLN C 75 79.64 3.16 -8.15
N LYS C 76 80.34 3.93 -7.33
CA LYS C 76 80.49 3.67 -5.91
C LYS C 76 79.15 3.30 -5.25
N MET C 77 79.21 2.32 -4.37
CA MET C 77 78.03 1.86 -3.65
C MET C 77 78.05 2.48 -2.25
N ASN C 78 76.88 2.75 -1.71
CA ASN C 78 76.78 3.35 -0.37
C ASN C 78 76.65 2.25 0.68
N PRO C 79 77.19 2.50 1.89
CA PRO C 79 77.21 1.49 2.96
C PRO C 79 75.84 0.99 3.33
N PRO C 80 75.75 -0.21 3.95
CA PRO C 80 74.48 -0.81 4.36
C PRO C 80 73.76 0.05 5.37
N LYS C 81 74.50 0.96 5.96
CA LYS C 81 73.99 1.86 7.01
C LYS C 81 73.06 2.95 6.43
N PHE C 82 72.90 2.92 5.12
CA PHE C 82 72.09 3.93 4.43
C PHE C 82 70.81 3.33 3.84
N SER C 83 70.57 2.04 4.02
CA SER C 83 69.38 1.46 3.42
C SER C 83 68.09 2.20 3.73
N LYS C 84 67.35 2.51 2.68
CA LYS C 84 66.09 3.22 2.80
C LYS C 84 66.23 4.58 3.50
N VAL C 85 67.27 5.35 3.11
CA VAL C 85 67.56 6.67 3.67
C VAL C 85 66.41 7.66 3.48
N GLU C 86 66.37 8.69 4.34
CA GLU C 86 65.33 9.70 4.27
C GLU C 86 65.67 10.90 3.36
N ASP C 87 66.94 11.31 3.38
CA ASP C 87 67.42 12.45 2.58
C ASP C 87 68.67 12.14 1.73
N MET C 88 68.43 11.75 0.48
CA MET C 88 69.49 11.40 -0.46
C MET C 88 70.70 12.27 -0.25
N ALA C 89 70.46 13.53 0.05
CA ALA C 89 71.54 14.45 0.28
C ALA C 89 72.43 13.97 1.44
N GLU C 90 72.15 12.75 1.92
CA GLU C 90 72.94 12.18 3.00
C GLU C 90 73.95 11.12 2.53
N LEU C 91 73.48 10.16 1.77
CA LEU C 91 74.35 9.08 1.27
C LEU C 91 75.69 9.68 0.79
N THR C 92 76.77 9.10 1.29
CA THR C 92 78.13 9.57 0.99
C THR C 92 78.51 9.35 -0.47
N CYS C 93 77.58 8.85 -1.27
CA CYS C 93 77.86 8.63 -2.68
C CYS C 93 76.64 9.00 -3.49
N LEU C 94 76.78 10.02 -4.33
CA LEU C 94 75.66 10.43 -5.16
C LEU C 94 75.82 9.77 -6.53
N ASN C 95 74.79 9.10 -7.02
CA ASN C 95 74.87 8.42 -8.30
C ASN C 95 73.50 8.28 -8.89
N GLU C 96 73.45 8.15 -10.19
CA GLU C 96 72.17 7.98 -10.87
C GLU C 96 71.74 6.59 -10.43
N ALA C 97 72.72 5.85 -9.92
CA ALA C 97 72.52 4.49 -9.46
C ALA C 97 71.96 4.40 -8.06
N SER C 98 72.71 4.93 -7.09
CA SER C 98 72.28 4.92 -5.69
C SER C 98 70.92 5.60 -5.59
N VAL C 99 70.90 6.89 -5.94
CA VAL C 99 69.69 7.71 -5.92
C VAL C 99 68.51 6.90 -6.45
N LEU C 100 68.79 6.07 -7.44
CA LEU C 100 67.77 5.23 -8.03
C LEU C 100 67.47 4.16 -7.02
N HIS C 101 68.51 3.44 -6.65
CA HIS C 101 68.38 2.38 -5.68
C HIS C 101 67.46 2.79 -4.55
N ASN C 102 67.96 3.70 -3.71
CA ASN C 102 67.20 4.21 -2.58
C ASN C 102 65.73 4.32 -2.92
N LEU C 103 65.43 5.12 -3.94
CA LEU C 103 64.06 5.31 -4.34
C LEU C 103 63.40 3.97 -4.56
N ARG C 104 64.12 3.03 -5.18
CA ARG C 104 63.55 1.71 -5.44
C ARG C 104 63.11 1.01 -4.16
N GLU C 105 64.04 0.93 -3.21
CA GLU C 105 63.78 0.28 -1.95
C GLU C 105 62.58 0.91 -1.28
N ARG C 106 62.77 2.10 -0.71
CA ARG C 106 61.69 2.80 -0.03
C ARG C 106 60.36 2.59 -0.77
N TYR C 107 60.44 2.63 -2.08
CA TYR C 107 59.23 2.46 -2.91
C TYR C 107 58.55 1.12 -2.62
N PHE C 108 59.33 0.07 -2.70
CA PHE C 108 58.79 -1.27 -2.50
C PHE C 108 58.44 -1.50 -1.05
N SER C 109 59.13 -0.80 -0.15
CA SER C 109 58.85 -0.93 1.27
C SER C 109 57.50 -0.27 1.64
N GLY C 110 57.00 0.60 0.76
CA GLY C 110 55.72 1.22 1.03
C GLY C 110 55.79 2.71 1.23
N LEU C 111 56.99 3.26 1.21
CA LEU C 111 57.12 4.69 1.36
C LEU C 111 57.37 5.32 0.00
N ILE C 112 56.61 6.36 -0.35
CA ILE C 112 56.81 7.00 -1.64
C ILE C 112 57.54 8.35 -1.54
N TYR C 113 57.22 9.14 -0.53
CA TYR C 113 57.85 10.46 -0.35
C TYR C 113 59.30 10.31 0.15
N THR C 114 60.20 11.05 -0.48
CA THR C 114 61.64 11.02 -0.12
C THR C 114 62.27 12.41 -0.29
N TYR C 115 63.16 12.81 0.61
CA TYR C 115 63.78 14.11 0.46
C TYR C 115 65.03 14.04 -0.39
N SER C 116 65.28 15.11 -1.14
CA SER C 116 66.47 15.22 -1.99
C SER C 116 66.94 16.65 -1.79
N GLY C 117 67.67 16.87 -0.71
CA GLY C 117 68.15 18.19 -0.42
C GLY C 117 66.98 19.05 -0.03
N LEU C 118 66.68 20.07 -0.84
CA LEU C 118 65.58 20.99 -0.55
C LEU C 118 64.29 20.43 -1.06
N PHE C 119 64.25 20.15 -2.35
CA PHE C 119 63.04 19.59 -2.92
C PHE C 119 62.90 18.13 -2.48
N CYS C 120 61.77 17.51 -2.82
CA CYS C 120 61.53 16.12 -2.46
C CYS C 120 60.81 15.31 -3.56
N VAL C 121 61.28 14.08 -3.79
CA VAL C 121 60.71 13.20 -4.83
C VAL C 121 59.49 12.55 -4.28
N VAL C 122 58.64 11.98 -5.14
CA VAL C 122 57.41 11.34 -4.69
C VAL C 122 56.81 10.29 -5.65
N ILE C 123 57.46 9.11 -5.82
CA ILE C 123 56.95 8.07 -6.74
C ILE C 123 55.50 7.61 -6.53
N ASN C 124 54.64 7.85 -7.50
CA ASN C 124 53.26 7.42 -7.46
C ASN C 124 53.20 5.96 -6.95
N PRO C 125 52.29 5.70 -6.01
CA PRO C 125 52.13 4.36 -5.45
C PRO C 125 51.18 3.57 -6.33
N TYR C 126 50.09 4.24 -6.70
CA TYR C 126 49.01 3.70 -7.52
C TYR C 126 48.10 2.84 -6.65
N LYS C 127 48.49 2.75 -5.39
CA LYS C 127 47.78 1.98 -4.40
C LYS C 127 47.32 2.90 -3.31
N GLN C 128 46.30 2.47 -2.60
CA GLN C 128 45.69 3.22 -1.50
C GLN C 128 46.44 3.07 -0.17
N LEU C 129 47.67 3.57 -0.11
CA LEU C 129 48.45 3.52 1.10
C LEU C 129 47.63 4.25 2.16
N PRO C 130 47.85 3.97 3.46
CA PRO C 130 47.11 4.64 4.52
C PRO C 130 47.98 5.64 5.27
N ILE C 131 48.32 6.75 4.63
CA ILE C 131 49.18 7.70 5.33
C ILE C 131 48.59 9.11 5.28
N TYR C 132 47.28 9.20 5.18
CA TYR C 132 46.61 10.48 5.16
C TYR C 132 45.39 10.35 6.09
N SER C 133 45.42 10.98 7.25
CA SER C 133 44.30 10.88 8.16
C SER C 133 44.43 11.90 9.27
N GLU C 134 43.31 12.35 9.83
CA GLU C 134 43.35 13.32 10.92
C GLU C 134 44.48 12.92 11.85
N LYS C 135 44.49 11.62 12.18
CA LYS C 135 45.51 11.06 13.05
C LYS C 135 46.89 11.54 12.62
N ILE C 136 47.24 11.21 11.38
CA ILE C 136 48.54 11.59 10.83
C ILE C 136 48.72 13.07 10.69
N ILE C 137 47.61 13.80 10.50
CA ILE C 137 47.68 15.26 10.33
C ILE C 137 48.28 15.88 11.56
N ASP C 138 47.69 15.52 12.69
CA ASP C 138 48.11 16.03 13.98
C ASP C 138 49.51 15.56 14.37
N MET C 139 49.92 14.44 13.79
CA MET C 139 51.24 13.92 14.08
C MET C 139 52.26 14.89 13.56
N TYR C 140 52.01 15.38 12.36
CA TYR C 140 52.90 16.31 11.65
C TYR C 140 52.74 17.80 12.02
N LYS C 141 51.57 18.11 12.57
CA LYS C 141 51.24 19.46 13.00
C LYS C 141 52.34 20.04 13.88
N GLY C 142 53.02 21.05 13.37
CA GLY C 142 54.08 21.67 14.14
C GLY C 142 55.39 20.93 14.07
N LYS C 143 55.33 19.61 13.90
CA LYS C 143 56.52 18.80 13.85
C LYS C 143 57.52 19.31 12.81
N LYS C 144 58.75 19.50 13.29
CA LYS C 144 59.87 19.97 12.47
C LYS C 144 60.09 19.15 11.21
N ARG C 145 61.22 19.36 10.56
CA ARG C 145 61.55 18.68 9.32
C ARG C 145 62.00 17.27 9.63
N HIS C 146 62.84 17.15 10.65
CA HIS C 146 63.37 15.86 11.04
C HIS C 146 62.60 15.12 12.14
N GLU C 147 61.80 15.83 12.93
CA GLU C 147 61.01 15.17 13.96
C GLU C 147 60.01 14.18 13.37
N MET C 148 60.04 14.00 12.05
CA MET C 148 59.13 13.10 11.37
C MET C 148 59.68 12.70 10.02
N PRO C 149 59.06 11.72 9.37
CA PRO C 149 59.52 11.26 8.07
C PRO C 149 58.93 11.98 6.88
N PRO C 150 59.66 12.01 5.76
CA PRO C 150 59.19 12.66 4.56
C PRO C 150 57.81 12.26 4.32
N HIS C 151 56.96 13.26 4.10
CA HIS C 151 55.56 13.08 3.80
C HIS C 151 55.07 14.40 3.22
N ILE C 152 54.00 14.36 2.47
CA ILE C 152 53.49 15.59 1.88
C ILE C 152 53.08 16.56 2.98
N TYR C 153 52.27 16.08 3.90
CA TYR C 153 51.79 16.93 5.00
C TYR C 153 52.95 17.70 5.62
N ALA C 154 54.17 17.23 5.39
CA ALA C 154 55.37 17.88 5.95
C ALA C 154 55.76 19.09 5.15
N ILE C 155 55.77 18.94 3.82
CA ILE C 155 56.11 20.05 2.94
C ILE C 155 55.13 21.19 3.17
N ALA C 156 53.86 20.83 3.30
CA ALA C 156 52.81 21.79 3.55
C ALA C 156 53.06 22.58 4.82
N ASP C 157 53.34 21.89 5.93
CA ASP C 157 53.60 22.56 7.21
C ASP C 157 54.92 23.35 7.18
N THR C 158 55.94 22.81 6.52
CA THR C 158 57.24 23.49 6.43
C THR C 158 57.11 24.87 5.78
N ALA C 159 56.25 24.96 4.76
CA ALA C 159 56.00 26.20 4.04
C ALA C 159 55.10 27.09 4.90
N TYR C 160 53.91 26.58 5.20
CA TYR C 160 52.94 27.32 6.01
C TYR C 160 53.53 27.99 7.24
N ARG C 161 54.64 27.47 7.73
CA ARG C 161 55.26 28.08 8.87
C ARG C 161 56.23 29.10 8.33
N SER C 162 57.13 28.65 7.46
CA SER C 162 58.12 29.51 6.85
C SER C 162 57.47 30.83 6.48
N MET C 163 56.23 30.76 5.98
CA MET C 163 55.51 31.99 5.63
C MET C 163 55.38 32.88 6.88
N LEU C 164 54.74 32.35 7.92
CA LEU C 164 54.57 33.09 9.17
C LEU C 164 55.85 33.40 9.94
N GLN C 165 56.99 32.85 9.52
CA GLN C 165 58.23 33.08 10.24
C GLN C 165 58.99 34.26 9.69
N ASP C 166 59.41 34.18 8.43
CA ASP C 166 60.17 35.28 7.83
C ASP C 166 59.26 36.21 7.05
N ARG C 167 57.95 36.03 7.25
CA ARG C 167 56.96 36.85 6.57
C ARG C 167 57.33 37.02 5.10
N GLU C 168 57.03 36.01 4.29
CA GLU C 168 57.34 36.03 2.86
C GLU C 168 56.68 34.88 2.08
N ASP C 169 55.52 35.21 1.51
CA ASP C 169 54.71 34.29 0.72
C ASP C 169 55.43 33.15 0.05
N GLN C 170 54.72 32.04 -0.10
CA GLN C 170 55.30 30.85 -0.66
C GLN C 170 54.43 30.08 -1.64
N SER C 171 55.10 29.21 -2.38
CA SER C 171 54.50 28.39 -3.41
C SER C 171 54.97 26.93 -3.32
N ILE C 172 54.04 26.00 -3.57
CA ILE C 172 54.35 24.56 -3.59
C ILE C 172 54.04 24.16 -5.04
N LEU C 173 55.09 23.91 -5.82
CA LEU C 173 54.97 23.58 -7.24
C LEU C 173 55.16 22.10 -7.57
N CYS C 174 54.08 21.41 -7.92
CA CYS C 174 54.15 19.98 -8.25
C CYS C 174 54.53 19.75 -9.71
N THR C 175 55.75 19.27 -9.94
CA THR C 175 56.23 18.99 -11.29
C THR C 175 55.90 17.56 -11.66
N GLY C 176 56.71 16.94 -12.49
CA GLY C 176 56.47 15.57 -12.87
C GLY C 176 55.61 15.41 -14.11
N GLU C 177 55.96 14.40 -14.90
CA GLU C 177 55.28 14.09 -16.15
C GLU C 177 53.83 13.74 -15.93
N SER C 178 53.06 13.78 -16.99
CA SER C 178 51.65 13.51 -16.90
C SER C 178 51.35 12.20 -16.19
N GLY C 179 50.48 12.29 -15.17
CA GLY C 179 50.09 11.11 -14.40
C GLY C 179 50.82 10.92 -13.09
N ALA C 180 52.04 11.46 -13.02
CA ALA C 180 52.88 11.33 -11.83
C ALA C 180 52.27 11.81 -10.55
N GLY C 181 50.99 12.19 -10.57
CA GLY C 181 50.37 12.62 -9.34
C GLY C 181 50.40 14.08 -8.95
N LYS C 182 50.62 14.95 -9.92
CA LYS C 182 50.65 16.38 -9.63
C LYS C 182 49.44 16.84 -8.82
N THR C 183 48.28 16.32 -9.19
CA THR C 183 47.02 16.69 -8.54
C THR C 183 46.84 16.23 -7.11
N GLU C 184 46.74 14.92 -6.93
CA GLU C 184 46.57 14.36 -5.60
C GLU C 184 47.35 15.17 -4.57
N ASN C 185 48.67 15.19 -4.72
CA ASN C 185 49.54 15.90 -3.81
C ASN C 185 49.11 17.32 -3.53
N THR C 186 48.24 17.86 -4.36
CA THR C 186 47.77 19.21 -4.14
C THR C 186 46.58 19.12 -3.22
N LYS C 187 45.68 18.19 -3.53
CA LYS C 187 44.50 18.02 -2.73
C LYS C 187 44.89 17.78 -1.27
N LYS C 188 46.05 17.15 -1.03
CA LYS C 188 46.48 16.90 0.33
C LYS C 188 46.89 18.22 0.95
N VAL C 189 47.79 18.94 0.29
CA VAL C 189 48.25 20.23 0.80
C VAL C 189 47.11 21.12 1.25
N ILE C 190 45.98 21.09 0.56
CA ILE C 190 44.86 21.89 0.99
C ILE C 190 44.25 21.17 2.19
N GLN C 191 44.07 19.86 2.03
CA GLN C 191 43.49 18.98 3.07
C GLN C 191 44.11 19.25 4.44
N TYR C 192 45.43 19.32 4.47
CA TYR C 192 46.19 19.56 5.67
C TYR C 192 45.95 20.97 6.13
N LEU C 193 46.37 21.95 5.34
CA LEU C 193 46.18 23.36 5.69
C LEU C 193 44.73 23.71 6.03
N ALA C 194 43.77 22.89 5.61
CA ALA C 194 42.36 23.18 5.91
C ALA C 194 42.00 22.94 7.37
N VAL C 195 42.83 22.17 8.05
CA VAL C 195 42.62 21.84 9.45
C VAL C 195 43.73 22.41 10.31
N VAL C 196 44.96 22.25 9.87
CA VAL C 196 46.09 22.73 10.62
C VAL C 196 46.12 24.24 10.74
N ALA C 197 45.49 24.97 9.82
CA ALA C 197 45.58 26.43 9.89
C ALA C 197 44.25 27.14 9.99
N SER C 198 43.17 26.40 9.86
CA SER C 198 41.84 26.98 9.94
C SER C 198 41.53 27.49 11.35
N SER C 199 40.47 28.27 11.48
CA SER C 199 40.06 28.73 12.79
C SER C 199 38.89 27.82 13.16
N HIS C 200 38.75 27.50 14.44
CA HIS C 200 37.70 26.59 14.90
C HIS C 200 36.52 27.28 15.57
N LYS C 201 35.38 26.59 15.57
CA LYS C 201 34.14 27.09 16.21
C LYS C 201 34.20 26.63 17.67
N GLY C 202 35.43 26.69 18.21
CA GLY C 202 35.66 26.25 19.58
C GLY C 202 36.14 24.81 19.46
N LYS C 203 35.37 23.90 20.04
CA LYS C 203 35.69 22.47 20.01
C LYS C 203 37.00 22.19 20.77
N GLN C 210 40.10 10.85 13.67
CA GLN C 210 40.07 9.48 13.04
C GLN C 210 39.93 9.62 11.53
N GLY C 211 41.05 9.48 10.82
CA GLY C 211 41.01 9.62 9.39
C GLY C 211 40.40 10.98 9.14
N PRO C 212 39.45 11.08 8.20
CA PRO C 212 38.77 12.34 7.87
C PRO C 212 37.86 12.91 8.97
N SER C 213 37.61 12.13 10.02
CA SER C 213 36.75 12.54 11.12
C SER C 213 37.21 13.84 11.80
N PHE C 214 36.49 14.93 11.53
CA PHE C 214 36.78 16.25 12.07
C PHE C 214 35.84 17.31 11.51
N SER C 215 35.31 18.17 12.38
CA SER C 215 34.41 19.23 11.94
C SER C 215 35.25 20.49 11.70
N TYR C 216 35.41 20.84 10.42
CA TYR C 216 36.19 21.99 10.03
C TYR C 216 35.39 23.28 10.16
N GLY C 217 36.08 24.41 9.91
CA GLY C 217 35.42 25.70 9.99
C GLY C 217 34.31 25.75 8.98
N GLU C 218 33.77 26.95 8.73
CA GLU C 218 32.68 27.11 7.78
C GLU C 218 33.17 27.29 6.35
N LEU C 219 34.26 28.03 6.20
CA LEU C 219 34.83 28.29 4.88
C LEU C 219 35.72 27.12 4.44
N GLU C 220 36.51 26.59 5.36
CA GLU C 220 37.41 25.48 5.06
C GLU C 220 36.57 24.32 4.58
N LYS C 221 35.29 24.38 4.94
CA LYS C 221 34.31 23.37 4.54
C LYS C 221 34.22 23.43 3.03
N GLN C 222 34.02 24.64 2.53
CA GLN C 222 33.91 24.88 1.10
C GLN C 222 35.25 24.72 0.40
N LEU C 223 36.29 25.36 0.95
CA LEU C 223 37.64 25.28 0.38
C LEU C 223 37.94 23.82 0.03
N LEU C 224 37.29 22.91 0.77
CA LEU C 224 37.46 21.48 0.59
C LEU C 224 36.62 20.89 -0.54
N GLN C 225 35.39 21.38 -0.67
CA GLN C 225 34.46 20.92 -1.69
C GLN C 225 34.61 21.56 -3.06
N ALA C 226 35.53 22.51 -3.22
CA ALA C 226 35.76 23.18 -4.51
C ALA C 226 36.43 22.27 -5.57
N ASN C 227 37.65 21.84 -5.29
CA ASN C 227 38.36 20.96 -6.20
C ASN C 227 37.52 19.78 -6.72
N PRO C 228 36.63 19.21 -5.88
CA PRO C 228 35.83 18.10 -6.38
C PRO C 228 34.79 18.56 -7.40
N ILE C 229 34.65 19.88 -7.55
CA ILE C 229 33.69 20.42 -8.51
C ILE C 229 34.41 20.64 -9.84
N LEU C 230 35.46 21.45 -9.84
CA LEU C 230 36.19 21.69 -11.07
C LEU C 230 36.64 20.38 -11.67
N GLU C 231 36.68 19.34 -10.84
CA GLU C 231 37.13 18.04 -11.30
C GLU C 231 36.10 17.43 -12.23
N ALA C 232 34.85 17.87 -12.07
CA ALA C 232 33.76 17.37 -12.92
C ALA C 232 33.97 17.96 -14.30
N PHE C 233 33.51 19.18 -14.49
CA PHE C 233 33.67 19.85 -15.78
C PHE C 233 35.13 20.27 -15.92
N GLY C 234 36.02 19.34 -16.22
CA GLY C 234 37.42 19.74 -16.36
C GLY C 234 38.41 18.59 -16.39
N ASN C 235 37.97 17.43 -15.91
CA ASN C 235 38.81 16.23 -15.85
C ASN C 235 38.19 15.16 -16.72
N ALA C 236 39.03 14.32 -17.32
CA ALA C 236 38.50 13.25 -18.15
C ALA C 236 39.51 12.14 -18.48
N LYS C 237 38.99 10.93 -18.61
CA LYS C 237 39.80 9.73 -18.88
C LYS C 237 40.68 9.76 -20.13
N THR C 238 41.94 9.49 -19.95
CA THR C 238 42.86 9.49 -21.09
C THR C 238 43.80 8.32 -21.02
N VAL C 239 44.44 8.02 -22.16
CA VAL C 239 45.37 6.92 -22.27
C VAL C 239 46.51 7.02 -21.29
N LYS C 240 46.46 8.05 -20.45
CA LYS C 240 47.48 8.22 -19.44
C LYS C 240 46.90 8.36 -18.03
N ASN C 241 45.60 8.63 -17.94
CA ASN C 241 44.97 8.81 -16.63
C ASN C 241 43.45 8.86 -16.63
N ASP C 242 42.87 7.85 -15.99
CA ASP C 242 41.43 7.74 -15.88
C ASP C 242 40.75 9.03 -15.44
N ASN C 243 41.42 9.83 -14.63
CA ASN C 243 40.85 11.10 -14.21
C ASN C 243 41.92 12.15 -14.34
N SER C 244 42.22 12.50 -15.58
CA SER C 244 43.22 13.50 -15.85
C SER C 244 42.70 14.91 -15.73
N SER C 245 43.57 15.78 -15.22
CA SER C 245 43.27 17.19 -15.07
C SER C 245 43.45 17.84 -16.46
N ARG C 246 42.35 18.17 -17.10
CA ARG C 246 42.37 18.72 -18.47
C ARG C 246 42.65 20.22 -18.52
N PHE C 247 43.20 20.76 -17.46
CA PHE C 247 43.51 22.19 -17.39
C PHE C 247 44.40 22.50 -16.18
N GLY C 248 45.39 23.33 -16.44
CA GLY C 248 46.33 23.78 -15.41
C GLY C 248 45.54 24.58 -14.37
N LYS C 249 46.02 24.56 -13.15
CA LYS C 249 45.34 25.27 -12.06
C LYS C 249 46.32 25.77 -11.01
N PHE C 250 46.12 27.00 -10.56
CA PHE C 250 46.99 27.61 -9.55
C PHE C 250 46.10 28.15 -8.44
N ILE C 251 46.01 27.42 -7.32
CA ILE C 251 45.21 27.80 -6.15
C ILE C 251 45.95 28.70 -5.21
N ARG C 252 45.27 29.73 -4.71
CA ARG C 252 45.88 30.69 -3.81
C ARG C 252 45.13 30.79 -2.50
N ILE C 253 45.81 30.47 -1.40
CA ILE C 253 45.17 30.52 -0.08
C ILE C 253 45.69 31.71 0.71
N ASN C 254 44.75 32.44 1.29
CA ASN C 254 45.04 33.67 2.02
C ASN C 254 44.93 33.60 3.54
N PHE C 255 45.97 34.05 4.22
CA PHE C 255 46.04 34.03 5.69
C PHE C 255 46.11 35.39 6.32
N ASP C 256 45.54 35.54 7.51
CA ASP C 256 45.60 36.80 8.24
C ASP C 256 46.93 36.90 8.97
N VAL C 257 47.02 37.80 9.93
CA VAL C 257 48.26 37.98 10.67
C VAL C 257 48.41 36.90 11.71
N THR C 258 47.30 36.47 12.30
CA THR C 258 47.33 35.44 13.33
C THR C 258 47.68 34.08 12.77
N GLY C 259 47.71 33.98 11.44
CA GLY C 259 48.04 32.72 10.82
C GLY C 259 46.85 31.88 10.38
N TYR C 260 45.68 32.46 10.28
CA TYR C 260 44.52 31.69 9.87
C TYR C 260 44.07 31.87 8.45
N ILE C 261 43.46 30.82 7.90
CA ILE C 261 42.95 30.86 6.53
C ILE C 261 41.76 31.78 6.49
N VAL C 262 41.68 32.60 5.47
CA VAL C 262 40.57 33.53 5.36
C VAL C 262 40.04 33.63 3.93
N GLY C 263 40.87 33.33 2.94
CA GLY C 263 40.41 33.40 1.56
C GLY C 263 41.05 32.40 0.62
N ALA C 264 40.54 32.34 -0.60
CA ALA C 264 41.07 31.42 -1.58
C ALA C 264 40.64 31.74 -3.01
N ASN C 265 41.63 31.89 -3.88
CA ASN C 265 41.45 32.19 -5.29
C ASN C 265 41.86 30.98 -6.12
N ILE C 266 41.40 30.93 -7.37
CA ILE C 266 41.78 29.84 -8.27
C ILE C 266 41.95 30.36 -9.70
N GLU C 267 43.18 30.34 -10.17
CA GLU C 267 43.50 30.78 -11.55
C GLU C 267 43.60 29.58 -12.48
N THR C 268 42.54 29.38 -13.25
CA THR C 268 42.42 28.26 -14.20
C THR C 268 43.12 28.65 -15.52
N TYR C 269 43.59 27.67 -16.27
CA TYR C 269 44.32 27.98 -17.51
C TYR C 269 43.73 27.30 -18.76
N LEU C 270 44.62 26.66 -19.51
CA LEU C 270 44.34 26.03 -20.82
C LEU C 270 43.36 24.85 -20.75
N LEU C 271 42.08 25.18 -20.77
CA LEU C 271 41.01 24.17 -20.71
C LEU C 271 40.81 23.49 -22.05
N GLU C 272 41.42 22.33 -22.26
CA GLU C 272 41.28 21.59 -23.54
C GLU C 272 39.82 21.18 -23.80
N LYS C 273 38.95 22.17 -24.03
CA LYS C 273 37.54 21.95 -24.27
C LYS C 273 37.29 21.42 -25.65
N SER C 274 38.36 21.24 -26.38
CA SER C 274 38.23 20.69 -27.71
C SER C 274 37.45 19.39 -27.55
N ARG C 275 38.07 18.42 -26.88
CA ARG C 275 37.49 17.09 -26.63
C ARG C 275 36.03 17.05 -26.25
N ALA C 276 35.42 18.21 -26.03
CA ALA C 276 34.01 18.25 -25.67
C ALA C 276 33.14 17.79 -26.84
N ILE C 277 33.74 17.79 -28.04
CA ILE C 277 33.06 17.40 -29.28
C ILE C 277 33.51 16.07 -29.84
N ARG C 278 34.80 15.79 -29.74
CA ARG C 278 35.32 14.53 -30.25
C ARG C 278 36.50 14.02 -29.38
N GLN C 279 36.31 12.87 -28.74
CA GLN C 279 37.33 12.27 -27.90
C GLN C 279 38.08 11.22 -28.71
N ALA C 280 39.38 11.15 -28.47
CA ALA C 280 40.26 10.19 -29.15
C ALA C 280 39.78 8.77 -28.88
N LYS C 281 40.62 7.83 -29.23
CA LYS C 281 40.34 6.40 -29.02
C LYS C 281 40.62 6.03 -27.55
N ASP C 282 39.64 5.35 -26.97
CA ASP C 282 39.72 4.84 -25.59
C ASP C 282 39.65 5.96 -24.53
N GLU C 283 39.42 7.19 -24.96
CA GLU C 283 39.33 8.34 -24.03
C GLU C 283 37.86 8.71 -23.77
N ARG C 284 37.68 9.73 -22.95
CA ARG C 284 36.33 10.22 -22.57
C ARG C 284 36.28 11.73 -22.57
N THR C 285 35.07 12.26 -22.40
CA THR C 285 34.88 13.69 -22.37
C THR C 285 34.93 14.06 -20.89
N PHE C 286 34.55 15.29 -20.61
CA PHE C 286 34.53 15.80 -19.25
C PHE C 286 33.52 15.05 -18.38
N HIS C 287 34.07 14.28 -17.43
CA HIS C 287 33.29 13.48 -16.48
C HIS C 287 31.81 13.88 -16.40
N ILE C 288 31.56 15.08 -15.90
CA ILE C 288 30.21 15.58 -15.75
C ILE C 288 29.23 15.09 -16.82
N PHE C 289 29.68 15.02 -18.07
CA PHE C 289 28.80 14.58 -19.17
C PHE C 289 28.20 13.22 -18.80
N TYR C 290 29.06 12.21 -18.72
CA TYR C 290 28.64 10.87 -18.37
C TYR C 290 27.87 10.89 -17.04
N TYR C 291 28.39 11.60 -16.05
CA TYR C 291 27.72 11.69 -14.77
C TYR C 291 26.26 12.02 -15.04
N LEU C 292 26.02 13.08 -15.81
CA LEU C 292 24.66 13.52 -16.11
C LEU C 292 23.82 12.52 -16.88
N ILE C 293 24.36 12.01 -17.98
CA ILE C 293 23.62 11.03 -18.77
C ILE C 293 23.19 9.86 -17.89
N ALA C 294 23.81 9.72 -16.73
CA ALA C 294 23.48 8.61 -15.82
C ALA C 294 22.85 9.01 -14.49
N GLY C 295 23.51 9.90 -13.77
CA GLY C 295 22.99 10.35 -12.48
C GLY C 295 21.72 11.17 -12.62
N ALA C 296 21.32 11.41 -13.86
CA ALA C 296 20.12 12.17 -14.14
C ALA C 296 18.90 11.49 -13.53
N SER C 297 18.07 12.27 -12.85
CA SER C 297 16.86 11.75 -12.23
C SER C 297 15.81 11.52 -13.32
N GLU C 298 15.01 10.48 -13.17
CA GLU C 298 13.98 10.17 -14.14
C GLU C 298 13.30 11.44 -14.65
N GLN C 299 12.75 12.21 -13.71
CA GLN C 299 12.08 13.46 -14.06
C GLN C 299 13.00 14.38 -14.84
N MET C 300 13.95 15.00 -14.14
CA MET C 300 14.90 15.90 -14.78
C MET C 300 15.54 15.22 -16.00
N ARG C 301 15.44 13.89 -16.06
CA ARG C 301 16.00 13.13 -17.17
C ARG C 301 15.49 13.76 -18.46
N ASN C 302 14.18 13.76 -18.62
CA ASN C 302 13.56 14.36 -19.81
C ASN C 302 13.72 15.87 -19.81
N ASP C 303 13.54 16.48 -18.63
CA ASP C 303 13.64 17.93 -18.47
C ASP C 303 14.77 18.59 -19.24
N LEU C 304 15.80 17.81 -19.58
CA LEU C 304 16.92 18.35 -20.33
C LEU C 304 17.11 17.55 -21.60
N LEU C 305 16.12 16.69 -21.88
CA LEU C 305 16.14 15.84 -23.07
C LEU C 305 17.44 15.05 -23.05
N LEU C 306 17.58 14.26 -22.00
CA LEU C 306 18.78 13.46 -21.80
C LEU C 306 18.59 12.00 -22.23
N GLU C 307 18.61 11.78 -23.54
CA GLU C 307 18.48 10.43 -24.08
C GLU C 307 19.66 9.63 -23.54
N GLY C 308 19.57 8.30 -23.57
CA GLY C 308 20.65 7.47 -23.08
C GLY C 308 21.99 7.66 -23.76
N PHE C 309 22.95 6.80 -23.44
CA PHE C 309 24.28 6.88 -24.04
C PHE C 309 24.22 6.40 -25.48
N ASN C 310 25.14 6.88 -26.30
CA ASN C 310 25.20 6.49 -27.71
C ASN C 310 24.03 7.04 -28.52
N ASN C 311 23.33 8.00 -27.94
CA ASN C 311 22.22 8.66 -28.61
C ASN C 311 22.76 10.04 -28.95
N TYR C 312 23.98 10.30 -28.46
CA TYR C 312 24.68 11.56 -28.67
C TYR C 312 25.96 11.28 -29.46
N THR C 313 26.30 12.17 -30.39
CA THR C 313 27.47 11.96 -31.22
C THR C 313 28.77 12.59 -30.72
N PHE C 314 28.65 13.41 -29.67
CA PHE C 314 29.82 14.07 -29.10
C PHE C 314 30.63 13.09 -28.24
N LEU C 315 30.05 11.92 -27.98
CA LEU C 315 30.70 10.90 -27.18
C LEU C 315 31.29 9.79 -28.04
N SER C 316 32.53 10.00 -28.49
CA SER C 316 33.24 9.02 -29.29
C SER C 316 33.48 7.81 -28.39
N ASN C 317 33.68 6.64 -28.99
CA ASN C 317 33.88 5.42 -28.23
C ASN C 317 32.62 5.21 -27.36
N GLY C 318 31.46 5.66 -27.84
CA GLY C 318 30.24 5.50 -27.07
C GLY C 318 30.48 5.72 -25.59
N HIS C 319 29.83 4.91 -24.75
CA HIS C 319 30.01 5.03 -23.30
C HIS C 319 31.13 4.13 -22.79
N VAL C 320 32.24 4.73 -22.42
CA VAL C 320 33.37 3.98 -21.90
C VAL C 320 33.29 4.13 -20.40
N PRO C 321 33.66 3.07 -19.67
CA PRO C 321 33.63 3.07 -18.21
C PRO C 321 34.99 3.37 -17.61
N ILE C 322 34.95 3.82 -16.36
CA ILE C 322 36.15 4.16 -15.62
C ILE C 322 36.36 3.19 -14.45
N PRO C 323 37.54 2.54 -14.40
CA PRO C 323 37.87 1.59 -13.34
C PRO C 323 37.77 2.15 -11.93
N ALA C 324 37.19 1.36 -11.04
CA ALA C 324 37.05 1.73 -9.64
C ALA C 324 36.18 2.95 -9.37
N GLN C 325 35.62 3.53 -10.42
CA GLN C 325 34.77 4.69 -10.26
C GLN C 325 33.37 4.44 -10.83
N GLN C 326 32.36 4.82 -10.07
CA GLN C 326 30.99 4.63 -10.51
C GLN C 326 30.34 5.98 -10.80
N ASP C 327 30.22 6.29 -12.08
CA ASP C 327 29.63 7.55 -12.51
C ASP C 327 28.26 7.73 -11.87
N ASP C 328 27.52 6.63 -11.74
CA ASP C 328 26.19 6.65 -11.15
C ASP C 328 26.17 7.52 -9.90
N GLU C 329 26.97 7.12 -8.92
CA GLU C 329 27.08 7.84 -7.65
C GLU C 329 27.85 9.14 -7.85
N MET C 330 28.93 9.06 -8.62
CA MET C 330 29.76 10.21 -8.92
C MET C 330 28.92 11.46 -9.01
N PHE C 331 27.75 11.31 -9.63
CA PHE C 331 26.83 12.41 -9.79
C PHE C 331 26.57 13.07 -8.44
N GLN C 332 25.85 12.36 -7.59
CA GLN C 332 25.51 12.86 -6.27
C GLN C 332 26.70 13.51 -5.59
N GLU C 333 27.83 12.80 -5.57
CA GLU C 333 29.04 13.32 -4.93
C GLU C 333 29.26 14.76 -5.36
N THR C 334 29.27 14.97 -6.65
CA THR C 334 29.49 16.31 -7.19
C THR C 334 28.24 17.16 -6.98
N LEU C 335 27.08 16.54 -7.10
CA LEU C 335 25.86 17.29 -6.87
C LEU C 335 25.98 17.79 -5.43
N GLU C 336 26.28 16.86 -4.54
CA GLU C 336 26.45 17.15 -3.12
C GLU C 336 27.46 18.28 -2.94
N ALA C 337 28.57 18.19 -3.67
CA ALA C 337 29.61 19.20 -3.58
C ALA C 337 29.01 20.54 -3.93
N MET C 338 28.51 20.67 -5.15
CA MET C 338 27.91 21.91 -5.61
C MET C 338 27.10 22.63 -4.52
N THR C 339 26.30 21.87 -3.78
CA THR C 339 25.49 22.44 -2.72
C THR C 339 26.38 22.97 -1.60
N ILE C 340 27.30 22.14 -1.14
CA ILE C 340 28.23 22.53 -0.08
C ILE C 340 28.84 23.87 -0.49
N MET C 341 29.27 23.92 -1.74
CA MET C 341 29.90 25.10 -2.32
C MET C 341 28.95 26.27 -2.21
N GLY C 342 27.76 26.14 -2.78
CA GLY C 342 26.80 27.24 -2.71
C GLY C 342 25.78 27.38 -3.83
N PHE C 343 25.98 26.66 -4.92
CA PHE C 343 25.07 26.72 -6.07
C PHE C 343 23.61 26.42 -5.71
N THR C 344 22.79 27.46 -5.74
CA THR C 344 21.36 27.35 -5.44
C THR C 344 20.75 26.09 -6.02
N GLU C 345 19.77 25.56 -5.29
CA GLU C 345 19.07 24.35 -5.69
C GLU C 345 18.88 24.30 -7.20
N GLU C 346 18.21 25.31 -7.74
CA GLU C 346 17.95 25.38 -9.18
C GLU C 346 19.20 25.85 -9.90
N GLU C 347 19.95 26.72 -9.24
CA GLU C 347 21.17 27.26 -9.81
C GLU C 347 21.99 26.13 -10.41
N GLN C 348 21.65 24.90 -10.05
CA GLN C 348 22.35 23.75 -10.54
C GLN C 348 21.62 23.15 -11.71
N THR C 349 20.36 22.80 -11.48
CA THR C 349 19.52 22.21 -12.52
C THR C 349 19.86 22.86 -13.85
N SER C 350 20.08 24.17 -13.79
CA SER C 350 20.44 24.94 -14.95
C SER C 350 21.77 24.47 -15.49
N ILE C 351 22.83 24.61 -14.69
CA ILE C 351 24.17 24.20 -15.11
C ILE C 351 24.14 22.80 -15.71
N LEU C 352 23.02 22.10 -15.57
CA LEU C 352 22.94 20.78 -16.12
C LEU C 352 22.30 20.78 -17.51
N ARG C 353 21.20 21.52 -17.68
CA ARG C 353 20.55 21.58 -18.99
C ARG C 353 21.59 22.08 -20.00
N VAL C 354 22.30 23.15 -19.63
CA VAL C 354 23.35 23.72 -20.47
C VAL C 354 24.35 22.65 -20.87
N VAL C 355 24.33 21.53 -20.16
CA VAL C 355 25.24 20.45 -20.50
C VAL C 355 24.59 19.65 -21.59
N SER C 356 23.38 19.16 -21.33
CA SER C 356 22.63 18.38 -22.32
C SER C 356 22.65 19.17 -23.61
N SER C 357 22.41 20.48 -23.48
CA SER C 357 22.41 21.37 -24.63
C SER C 357 23.71 21.14 -25.40
N VAL C 358 24.84 21.34 -24.72
CA VAL C 358 26.14 21.15 -25.34
C VAL C 358 26.33 19.77 -25.98
N LEU C 359 25.36 18.89 -25.77
CA LEU C 359 25.46 17.55 -26.33
C LEU C 359 24.48 17.36 -27.49
N GLN C 360 23.25 17.86 -27.32
CA GLN C 360 22.20 17.78 -28.34
C GLN C 360 22.69 18.47 -29.63
N LEU C 361 23.22 19.67 -29.45
CA LEU C 361 23.77 20.48 -30.52
C LEU C 361 24.71 19.64 -31.37
N GLY C 362 24.92 18.39 -30.96
CA GLY C 362 25.81 17.49 -31.68
C GLY C 362 25.02 16.60 -32.61
N ASN C 363 23.75 16.41 -32.31
CA ASN C 363 22.87 15.60 -33.15
C ASN C 363 22.56 16.36 -34.44
N ILE C 364 22.35 17.67 -34.30
CA ILE C 364 22.06 18.55 -35.43
C ILE C 364 22.86 18.15 -36.67
N VAL C 365 22.14 17.90 -37.75
CA VAL C 365 22.75 17.48 -39.01
C VAL C 365 22.65 18.48 -40.17
N PHE C 366 23.57 18.31 -41.12
CA PHE C 366 23.61 19.15 -42.30
C PHE C 366 24.11 18.33 -43.49
N LYS C 367 23.18 17.72 -44.22
CA LYS C 367 23.51 16.90 -45.38
C LYS C 367 23.61 17.77 -46.63
N LYS C 368 24.70 17.59 -47.36
CA LYS C 368 24.96 18.32 -48.59
C LYS C 368 23.73 18.39 -49.49
N GLU C 369 23.72 19.36 -50.40
CA GLU C 369 22.61 19.54 -51.31
C GLU C 369 23.16 19.72 -52.72
N ARG C 370 23.21 18.63 -53.47
CA ARG C 370 23.73 18.67 -54.84
C ARG C 370 22.93 19.57 -55.79
N ASN C 371 21.88 20.19 -55.27
CA ASN C 371 21.05 21.09 -56.07
C ASN C 371 21.59 22.50 -55.91
N THR C 372 21.62 22.96 -54.65
CA THR C 372 22.11 24.30 -54.32
C THR C 372 23.54 24.22 -53.80
N ASP C 373 23.84 23.10 -53.14
CA ASP C 373 25.17 22.84 -52.58
C ASP C 373 25.38 23.53 -51.24
N GLN C 374 24.27 23.72 -50.52
CA GLN C 374 24.28 24.34 -49.20
C GLN C 374 23.42 23.46 -48.31
N ALA C 375 24.05 22.43 -47.73
CA ALA C 375 23.38 21.49 -46.85
C ALA C 375 22.29 22.16 -46.02
N SER C 376 21.24 21.41 -45.71
CA SER C 376 20.17 21.99 -44.92
C SER C 376 19.84 21.27 -43.63
N MET C 377 18.71 21.67 -43.07
CA MET C 377 18.18 21.14 -41.83
C MET C 377 17.03 20.20 -42.18
N PRO C 378 17.35 19.02 -42.71
CA PRO C 378 16.31 18.06 -43.08
C PRO C 378 15.48 17.61 -41.87
N ASP C 379 15.99 17.85 -40.66
CA ASP C 379 15.26 17.48 -39.43
C ASP C 379 15.21 18.56 -38.36
N ASN C 380 14.01 18.81 -37.84
CA ASN C 380 13.76 19.85 -36.87
C ASN C 380 14.15 19.37 -35.48
N THR C 381 13.56 18.28 -35.00
CA THR C 381 13.81 17.73 -33.67
C THR C 381 15.14 18.17 -33.06
N ALA C 382 16.23 17.88 -33.75
CA ALA C 382 17.57 18.23 -33.29
C ALA C 382 17.58 19.63 -32.69
N ALA C 383 17.88 20.61 -33.54
CA ALA C 383 17.93 22.01 -33.14
C ALA C 383 16.62 22.41 -32.50
N GLN C 384 15.57 21.68 -32.85
CA GLN C 384 14.28 21.96 -32.28
C GLN C 384 14.48 21.97 -30.76
N LYS C 385 15.00 20.85 -30.24
CA LYS C 385 15.27 20.70 -28.82
C LYS C 385 16.29 21.73 -28.38
N VAL C 386 17.50 21.59 -28.89
CA VAL C 386 18.60 22.49 -28.57
C VAL C 386 18.19 23.95 -28.32
N CYS C 387 17.44 24.52 -29.26
CA CYS C 387 17.00 25.91 -29.14
C CYS C 387 16.09 26.16 -27.96
N HIS C 388 15.51 25.09 -27.43
CA HIS C 388 14.62 25.18 -26.28
C HIS C 388 15.47 25.38 -25.03
N LEU C 389 16.51 24.56 -24.91
CA LEU C 389 17.39 24.62 -23.78
C LEU C 389 18.14 25.96 -23.76
N MET C 390 18.31 26.55 -24.94
CA MET C 390 19.02 27.82 -25.00
C MET C 390 18.15 29.04 -24.69
N GLY C 391 16.86 28.82 -24.58
CA GLY C 391 15.97 29.93 -24.30
C GLY C 391 15.93 30.87 -25.51
N ILE C 392 16.31 30.33 -26.67
CA ILE C 392 16.32 31.09 -27.92
C ILE C 392 15.23 30.59 -28.86
N ASN C 393 15.40 30.83 -30.16
CA ASN C 393 14.43 30.38 -31.16
C ASN C 393 14.97 29.62 -32.36
N VAL C 394 14.16 28.67 -32.81
CA VAL C 394 14.44 27.81 -33.95
C VAL C 394 14.79 28.59 -35.21
N THR C 395 13.75 28.83 -36.01
CA THR C 395 13.83 29.55 -37.26
C THR C 395 15.03 30.47 -37.29
N ASP C 396 15.08 31.37 -36.32
CA ASP C 396 16.19 32.29 -36.24
C ASP C 396 17.47 31.48 -36.22
N PHE C 397 17.66 30.73 -35.15
CA PHE C 397 18.84 29.89 -34.99
C PHE C 397 19.18 29.27 -36.35
N THR C 398 18.24 28.51 -36.88
CA THR C 398 18.42 27.84 -38.17
C THR C 398 19.07 28.72 -39.25
N ARG C 399 18.35 29.78 -39.62
CA ARG C 399 18.88 30.70 -40.62
C ARG C 399 20.30 31.01 -40.23
N SER C 400 20.45 31.69 -39.08
CA SER C 400 21.75 32.08 -38.57
C SER C 400 22.77 30.95 -38.69
N ILE C 401 22.33 29.74 -38.37
CA ILE C 401 23.19 28.57 -38.41
C ILE C 401 23.50 28.10 -39.84
N LEU C 402 22.57 28.35 -40.76
CA LEU C 402 22.75 27.93 -42.15
C LEU C 402 23.17 29.09 -43.05
N THR C 403 22.38 30.17 -42.98
CA THR C 403 22.58 31.38 -43.77
C THR C 403 23.01 32.54 -42.89
N PRO C 404 24.32 32.75 -42.78
CA PRO C 404 24.83 33.85 -41.95
C PRO C 404 24.48 35.24 -42.48
N ARG C 405 23.46 35.86 -41.88
CA ARG C 405 23.04 37.21 -42.24
C ARG C 405 24.10 38.18 -41.72
N ILE C 406 25.36 37.80 -41.90
CA ILE C 406 26.52 38.57 -41.43
C ILE C 406 26.59 40.00 -41.92
N LYS C 407 27.66 40.67 -41.52
CA LYS C 407 27.89 42.03 -41.93
C LYS C 407 29.38 42.38 -41.98
N VAL C 408 30.06 41.92 -43.03
CA VAL C 408 31.49 42.22 -43.20
C VAL C 408 31.70 43.71 -43.49
N GLY C 409 32.84 44.22 -43.03
CA GLY C 409 33.19 45.62 -43.24
C GLY C 409 32.02 46.58 -43.39
N ARG C 410 32.02 47.33 -44.48
CA ARG C 410 30.96 48.31 -44.77
C ARG C 410 29.84 47.67 -45.60
N ASP C 411 29.56 46.40 -45.32
CA ASP C 411 28.55 45.67 -46.06
C ASP C 411 27.83 44.64 -45.23
N VAL C 412 26.55 44.48 -45.48
CA VAL C 412 25.70 43.49 -44.82
C VAL C 412 25.77 42.22 -45.64
N VAL C 413 26.99 41.77 -45.88
CA VAL C 413 27.24 40.57 -46.66
C VAL C 413 26.40 39.37 -46.24
N GLN C 414 25.18 39.27 -46.75
CA GLN C 414 24.35 38.13 -46.41
C GLN C 414 24.81 36.95 -47.26
N LYS C 415 25.15 35.84 -46.61
CA LYS C 415 25.61 34.67 -47.34
C LYS C 415 25.18 33.38 -46.64
N ALA C 416 25.43 32.28 -47.35
CA ALA C 416 25.10 30.93 -46.88
C ALA C 416 26.32 30.00 -47.02
N GLN C 417 26.65 29.38 -45.90
CA GLN C 417 27.80 28.46 -45.80
C GLN C 417 27.46 27.10 -46.41
N THR C 418 28.47 26.25 -46.43
CA THR C 418 28.39 24.87 -46.98
C THR C 418 28.29 23.85 -45.85
N LYS C 419 27.50 22.83 -46.11
CA LYS C 419 27.28 21.74 -45.14
C LYS C 419 28.32 21.81 -44.02
N GLU C 420 29.58 21.70 -44.44
CA GLU C 420 30.73 21.73 -43.52
C GLU C 420 30.63 22.93 -42.57
N GLN C 421 30.80 24.10 -43.14
CA GLN C 421 30.74 25.37 -42.41
C GLN C 421 29.53 25.38 -41.47
N ALA C 422 28.48 24.74 -41.95
CA ALA C 422 27.20 24.63 -41.24
C ALA C 422 27.39 23.88 -39.91
N ASP C 423 28.47 23.14 -39.86
CA ASP C 423 28.82 22.33 -38.67
C ASP C 423 29.98 22.95 -37.92
N PHE C 424 31.06 23.26 -38.64
CA PHE C 424 32.23 23.87 -38.03
C PHE C 424 31.75 24.98 -37.09
N ALA C 425 30.52 25.44 -37.32
CA ALA C 425 29.94 26.48 -36.50
C ALA C 425 29.13 25.84 -35.38
N ILE C 426 28.11 25.08 -35.74
CA ILE C 426 27.28 24.42 -34.74
C ILE C 426 28.18 23.62 -33.80
N GLU C 427 29.37 23.29 -34.28
CA GLU C 427 30.35 22.55 -33.49
C GLU C 427 31.13 23.52 -32.59
N ALA C 428 31.93 24.36 -33.23
CA ALA C 428 32.73 25.33 -32.50
C ALA C 428 31.82 26.31 -31.73
N LEU C 429 30.52 26.04 -31.73
CA LEU C 429 29.59 26.89 -31.00
C LEU C 429 29.40 26.22 -29.66
N ALA C 430 28.91 24.98 -29.70
CA ALA C 430 28.69 24.22 -28.49
C ALA C 430 30.01 24.18 -27.75
N LYS C 431 31.07 23.80 -28.49
CA LYS C 431 32.41 23.71 -27.97
C LYS C 431 32.82 24.95 -27.13
N ALA C 432 32.38 26.13 -27.54
CA ALA C 432 32.72 27.33 -26.81
C ALA C 432 31.64 27.66 -25.83
N LYS C 433 30.44 27.12 -26.07
CA LYS C 433 29.34 27.35 -25.15
C LYS C 433 29.73 26.65 -23.85
N PHE C 434 30.54 25.59 -23.98
CA PHE C 434 31.03 24.82 -22.84
C PHE C 434 31.96 25.66 -21.99
N GLU C 435 33.08 26.06 -22.59
CA GLU C 435 34.07 26.87 -21.92
C GLU C 435 33.41 28.04 -21.18
N ARG C 436 32.32 28.55 -21.75
CA ARG C 436 31.59 29.67 -21.16
C ARG C 436 31.05 29.18 -19.83
N LEU C 437 30.92 27.87 -19.69
CA LEU C 437 30.42 27.32 -18.46
C LEU C 437 31.52 27.19 -17.42
N PHE C 438 32.60 26.49 -17.78
CA PHE C 438 33.71 26.32 -16.86
C PHE C 438 34.05 27.65 -16.23
N ARG C 439 34.52 28.57 -17.06
CA ARG C 439 34.88 29.91 -16.60
C ARG C 439 33.80 30.53 -15.70
N TRP C 440 32.55 30.12 -15.89
CA TRP C 440 31.45 30.65 -15.08
C TRP C 440 31.46 30.05 -13.67
N ILE C 441 31.39 28.73 -13.63
CA ILE C 441 31.41 28.02 -12.36
C ILE C 441 32.61 28.54 -11.56
N LEU C 442 33.76 28.44 -12.18
CA LEU C 442 34.99 28.85 -11.56
C LEU C 442 34.91 30.18 -10.88
N THR C 443 33.99 31.03 -11.30
CA THR C 443 33.87 32.35 -10.66
C THR C 443 32.76 32.33 -9.65
N ARG C 444 32.01 31.24 -9.67
CA ARG C 444 30.93 31.05 -8.72
C ARG C 444 31.62 30.42 -7.52
N VAL C 445 32.52 29.48 -7.78
CA VAL C 445 33.29 28.81 -6.73
C VAL C 445 34.15 29.89 -6.08
N ASN C 446 34.94 30.54 -6.90
CA ASN C 446 35.83 31.60 -6.47
C ASN C 446 35.11 32.76 -5.81
N LYS C 447 33.78 32.73 -5.83
CA LYS C 447 33.00 33.80 -5.22
C LYS C 447 32.82 33.57 -3.74
N ALA C 448 32.92 32.31 -3.33
CA ALA C 448 32.77 31.94 -1.93
C ALA C 448 34.14 31.81 -1.28
N LEU C 449 35.04 31.10 -1.95
CA LEU C 449 36.37 30.91 -1.43
C LEU C 449 37.03 32.24 -1.17
N ASP C 450 36.34 33.32 -1.59
CA ASP C 450 36.83 34.68 -1.44
C ASP C 450 35.63 35.56 -1.09
N ALA C 457 47.36 39.73 4.94
CA ALA C 457 48.78 39.91 4.51
C ALA C 457 49.56 38.67 3.93
N SER C 458 49.06 37.43 3.95
CA SER C 458 49.90 36.29 3.41
C SER C 458 49.10 35.31 2.51
N PHE C 459 49.83 34.66 1.60
CA PHE C 459 49.22 33.67 0.65
C PHE C 459 50.13 32.49 0.37
N LEU C 460 49.53 31.33 0.26
CA LEU C 460 50.30 30.15 -0.05
C LEU C 460 49.90 29.78 -1.45
N GLY C 461 50.86 29.48 -2.30
CA GLY C 461 50.52 29.11 -3.65
C GLY C 461 50.76 27.65 -3.99
N ILE C 462 49.72 27.00 -4.51
CA ILE C 462 49.83 25.60 -4.89
C ILE C 462 49.58 25.48 -6.38
N LEU C 463 50.58 25.03 -7.14
CA LEU C 463 50.44 24.92 -8.60
C LEU C 463 50.30 23.53 -9.20
N ASP C 464 49.15 23.31 -9.82
CA ASP C 464 48.84 22.05 -10.46
C ASP C 464 48.73 22.31 -11.96
N ILE C 465 49.84 22.24 -12.69
CA ILE C 465 49.77 22.47 -14.13
C ILE C 465 49.52 21.10 -14.76
N ALA C 466 49.09 21.07 -16.00
CA ALA C 466 48.90 19.80 -16.70
C ALA C 466 50.29 19.28 -17.08
N GLY C 467 50.49 18.00 -16.89
CA GLY C 467 51.81 17.36 -17.10
C GLY C 467 52.09 17.00 -18.56
N PHE C 468 53.38 17.08 -18.87
CA PHE C 468 53.90 16.70 -20.18
C PHE C 468 53.08 15.51 -20.63
N GLU C 469 52.44 15.70 -21.74
CA GLU C 469 51.61 14.65 -22.31
C GLU C 469 51.86 14.63 -23.79
N ILE C 470 51.95 13.44 -24.28
CA ILE C 470 52.27 13.31 -25.67
C ILE C 470 51.69 12.03 -26.29
N PHE C 471 50.50 12.14 -26.85
CA PHE C 471 49.77 10.99 -27.45
C PHE C 471 50.17 10.74 -28.92
N GLU C 472 49.13 10.49 -29.71
CA GLU C 472 49.26 10.23 -31.16
C GLU C 472 49.19 11.55 -31.92
N ILE C 473 48.02 12.17 -31.87
CA ILE C 473 47.79 13.45 -32.51
C ILE C 473 48.32 14.53 -31.56
N ASN C 474 49.45 15.12 -31.91
CA ASN C 474 50.03 16.14 -31.05
C ASN C 474 49.58 17.54 -31.44
N SER C 475 48.29 17.77 -31.24
CA SER C 475 47.65 19.04 -31.54
C SER C 475 48.27 20.25 -30.86
N PHE C 476 47.62 21.39 -31.06
CA PHE C 476 48.07 22.66 -30.50
C PHE C 476 48.18 22.56 -28.99
N GLU C 477 47.07 22.18 -28.37
CA GLU C 477 46.94 22.02 -26.92
C GLU C 477 48.19 21.43 -26.34
N GLN C 478 48.52 20.25 -26.84
CA GLN C 478 49.70 19.52 -26.42
C GLN C 478 50.91 20.38 -26.57
N LEU C 479 50.85 21.36 -27.46
CA LEU C 479 52.00 22.22 -27.68
C LEU C 479 52.21 23.22 -26.56
N CYS C 480 51.13 23.88 -26.15
CA CYS C 480 51.27 24.86 -25.09
C CYS C 480 51.48 24.11 -23.77
N ILE C 481 50.82 22.97 -23.64
CA ILE C 481 50.93 22.17 -22.43
C ILE C 481 52.37 21.74 -22.20
N ASN C 482 52.96 21.05 -23.18
CA ASN C 482 54.35 20.63 -23.04
C ASN C 482 55.24 21.86 -23.08
N TYR C 483 54.65 23.01 -23.41
CA TYR C 483 55.40 24.26 -23.46
C TYR C 483 55.61 24.67 -22.01
N THR C 484 54.50 24.89 -21.32
CA THR C 484 54.48 25.28 -19.91
C THR C 484 55.39 24.37 -19.10
N ASN C 485 55.24 23.06 -19.35
CA ASN C 485 56.01 22.03 -18.65
C ASN C 485 57.49 22.33 -18.83
N GLU C 486 57.88 22.68 -20.05
CA GLU C 486 59.27 23.02 -20.32
C GLU C 486 59.58 24.34 -19.60
N LYS C 487 58.58 25.21 -19.57
CA LYS C 487 58.69 26.51 -18.93
C LYS C 487 59.02 26.34 -17.46
N LEU C 488 58.08 25.73 -16.75
CA LEU C 488 58.20 25.49 -15.33
C LEU C 488 59.55 24.87 -14.95
N GLN C 489 59.90 23.78 -15.62
CA GLN C 489 61.16 23.10 -15.30
C GLN C 489 62.30 24.09 -15.22
N GLN C 490 62.42 24.91 -16.27
CA GLN C 490 63.46 25.90 -16.33
C GLN C 490 63.44 26.80 -15.10
N LEU C 491 62.25 27.00 -14.51
CA LEU C 491 62.13 27.83 -13.32
C LEU C 491 62.97 27.20 -12.24
N PHE C 492 62.77 25.89 -12.04
CA PHE C 492 63.48 25.10 -11.04
C PHE C 492 64.97 25.20 -11.30
N ASN C 493 65.36 25.15 -12.57
CA ASN C 493 66.75 25.25 -12.96
C ASN C 493 67.34 26.59 -12.54
N HIS C 494 66.57 27.65 -12.73
CA HIS C 494 67.01 29.00 -12.39
C HIS C 494 67.22 29.20 -10.93
N THR C 495 66.13 29.03 -10.21
CA THR C 495 66.11 29.18 -8.78
C THR C 495 67.02 28.19 -8.07
N MET C 496 67.33 27.07 -8.73
CA MET C 496 68.16 26.01 -8.13
C MET C 496 69.65 26.17 -8.31
N PHE C 497 70.08 26.52 -9.52
CA PHE C 497 71.50 26.65 -9.76
C PHE C 497 71.93 28.07 -10.07
N ILE C 498 71.23 28.68 -11.03
CA ILE C 498 71.53 30.04 -11.44
C ILE C 498 71.48 31.07 -10.32
N LEU C 499 70.27 31.32 -9.84
CA LEU C 499 70.06 32.28 -8.78
C LEU C 499 70.94 32.09 -7.57
N GLU C 500 70.90 30.88 -7.02
CA GLU C 500 71.67 30.56 -5.82
C GLU C 500 73.11 31.00 -5.90
N GLN C 501 73.78 30.73 -7.01
CA GLN C 501 75.17 31.10 -7.11
C GLN C 501 75.38 32.61 -7.26
N GLU C 502 74.42 33.33 -7.82
CA GLU C 502 74.58 34.77 -7.97
C GLU C 502 74.80 35.41 -6.60
N GLU C 503 73.92 35.07 -5.65
CA GLU C 503 73.96 35.62 -4.30
C GLU C 503 75.25 35.28 -3.56
N TYR C 504 75.84 34.16 -3.92
CA TYR C 504 77.07 33.77 -3.29
C TYR C 504 78.05 34.83 -3.75
N GLN C 505 77.93 35.22 -5.02
CA GLN C 505 78.79 36.23 -5.59
C GLN C 505 78.50 37.56 -4.91
N ARG C 506 77.26 38.00 -4.99
CA ARG C 506 76.84 39.26 -4.40
C ARG C 506 77.43 39.50 -3.02
N GLU C 507 77.10 38.64 -2.07
CA GLU C 507 77.59 38.78 -0.70
C GLU C 507 79.11 38.67 -0.67
N GLY C 508 79.65 38.14 -1.77
CA GLY C 508 81.09 37.99 -1.94
C GLY C 508 81.74 36.98 -1.03
N ILE C 509 81.23 35.76 -1.01
CA ILE C 509 81.77 34.70 -0.17
C ILE C 509 82.80 33.93 -0.99
N GLU C 510 83.71 33.25 -0.30
CA GLU C 510 84.73 32.47 -0.97
C GLU C 510 83.99 31.38 -1.76
N TRP C 511 83.66 31.64 -3.03
CA TRP C 511 82.94 30.67 -3.84
C TRP C 511 83.26 30.73 -5.30
N ASN C 512 83.35 29.57 -5.93
CA ASN C 512 83.61 29.47 -7.36
C ASN C 512 82.38 28.88 -8.01
N PHE C 513 82.05 29.38 -9.19
CA PHE C 513 80.89 28.92 -9.92
C PHE C 513 80.95 27.44 -10.29
N ILE C 514 79.78 26.88 -10.61
CA ILE C 514 79.68 25.48 -10.98
C ILE C 514 78.59 25.39 -12.04
N ASP C 515 78.94 24.84 -13.21
CA ASP C 515 77.99 24.71 -14.30
C ASP C 515 77.29 23.39 -14.31
N PHE C 516 76.05 23.36 -13.84
CA PHE C 516 75.28 22.13 -13.79
C PHE C 516 74.70 21.78 -15.16
N GLY C 517 74.96 22.65 -16.14
CA GLY C 517 74.49 22.42 -17.48
C GLY C 517 73.02 22.07 -17.51
N LEU C 518 72.18 23.02 -17.13
CA LEU C 518 70.75 22.80 -17.13
C LEU C 518 70.00 24.05 -17.60
N ASP C 519 69.75 24.12 -18.90
CA ASP C 519 69.06 25.27 -19.50
C ASP C 519 68.19 24.87 -20.65
N LEU C 520 66.99 25.42 -20.69
CA LEU C 520 66.08 25.12 -21.78
C LEU C 520 65.57 26.39 -22.43
N GLN C 521 66.19 27.53 -22.06
CA GLN C 521 65.81 28.82 -22.59
C GLN C 521 65.61 28.61 -24.08
N PRO C 522 66.63 28.06 -24.76
CA PRO C 522 66.56 27.80 -26.20
C PRO C 522 65.21 27.25 -26.60
N CYS C 523 64.93 26.01 -26.20
CA CYS C 523 63.65 25.41 -26.54
C CYS C 523 62.43 26.28 -26.23
N ILE C 524 62.62 27.36 -25.47
CA ILE C 524 61.49 28.24 -25.18
C ILE C 524 61.43 29.31 -26.26
N GLU C 525 62.58 29.85 -26.62
CA GLU C 525 62.62 30.87 -27.66
C GLU C 525 61.96 30.30 -28.94
N LEU C 526 62.35 29.09 -29.31
CA LEU C 526 61.81 28.43 -30.50
C LEU C 526 60.29 28.43 -30.53
N ILE C 527 59.68 28.77 -29.41
CA ILE C 527 58.23 28.77 -29.33
C ILE C 527 57.65 29.95 -28.55
N GLU C 528 58.51 30.68 -27.87
CA GLU C 528 58.09 31.82 -27.08
C GLU C 528 58.41 33.15 -27.77
N ARG C 529 59.70 33.42 -27.95
CA ARG C 529 60.18 34.65 -28.60
C ARG C 529 59.29 35.06 -29.78
N PRO C 530 59.06 36.37 -29.93
CA PRO C 530 58.24 36.98 -30.99
C PRO C 530 59.06 37.61 -32.14
N THR C 531 59.34 38.90 -32.02
CA THR C 531 60.13 39.58 -33.03
C THR C 531 61.48 38.88 -33.04
N ASN C 532 62.38 39.32 -33.91
CA ASN C 532 63.68 38.67 -33.98
C ASN C 532 63.34 37.22 -34.31
N PRO C 533 64.33 36.31 -34.30
CA PRO C 533 63.99 34.92 -34.62
C PRO C 533 62.64 34.56 -34.00
N PRO C 534 61.58 34.53 -34.82
CA PRO C 534 60.23 34.20 -34.34
C PRO C 534 60.10 32.84 -33.68
N GLY C 535 59.05 32.68 -32.87
CA GLY C 535 58.81 31.44 -32.19
C GLY C 535 57.66 30.73 -32.87
N VAL C 536 57.55 29.42 -32.68
CA VAL C 536 56.47 28.66 -33.30
C VAL C 536 55.12 29.36 -33.14
N LEU C 537 54.85 29.88 -31.95
CA LEU C 537 53.59 30.56 -31.68
C LEU C 537 53.49 31.83 -32.51
N ALA C 538 54.59 32.56 -32.61
CA ALA C 538 54.65 33.80 -33.38
C ALA C 538 54.09 33.63 -34.77
N LEU C 539 54.78 32.83 -35.57
CA LEU C 539 54.37 32.57 -36.94
C LEU C 539 52.88 32.24 -37.00
N LEU C 540 52.50 31.11 -36.43
CA LEU C 540 51.11 30.71 -36.43
C LEU C 540 50.14 31.83 -36.05
N ASP C 541 50.66 32.95 -35.53
CA ASP C 541 49.80 34.07 -35.10
C ASP C 541 49.49 35.04 -36.24
N GLU C 542 50.52 35.53 -36.89
CA GLU C 542 50.36 36.45 -38.02
C GLU C 542 49.91 35.66 -39.25
N GLU C 543 50.62 34.56 -39.54
CA GLU C 543 50.32 33.68 -40.66
C GLU C 543 48.89 33.19 -40.55
N CYS C 544 48.26 33.52 -39.43
CA CYS C 544 46.89 33.15 -39.15
C CYS C 544 46.00 34.27 -39.67
N TRP C 545 46.61 35.40 -39.98
CA TRP C 545 45.90 36.55 -40.50
C TRP C 545 46.32 36.91 -41.93
N PHE C 546 46.12 35.97 -42.83
CA PHE C 546 46.46 36.14 -44.24
C PHE C 546 45.75 35.02 -45.02
N PRO C 547 44.87 35.39 -45.96
CA PRO C 547 44.07 34.50 -46.80
C PRO C 547 44.80 33.30 -47.40
N LYS C 548 45.76 33.57 -48.29
CA LYS C 548 46.50 32.51 -48.96
C LYS C 548 47.45 31.77 -48.03
N ALA C 549 46.95 31.43 -46.85
CA ALA C 549 47.75 30.71 -45.87
C ALA C 549 46.95 29.55 -45.30
N THR C 550 47.66 28.45 -45.06
CA THR C 550 47.07 27.27 -44.48
C THR C 550 48.07 26.64 -43.53
N ASP C 551 47.52 25.89 -42.60
CA ASP C 551 48.32 25.18 -41.61
C ASP C 551 49.62 24.74 -42.29
N THR C 552 49.44 24.19 -43.47
CA THR C 552 50.57 23.78 -44.30
C THR C 552 51.44 25.00 -44.53
N SER C 553 50.90 25.96 -45.29
CA SER C 553 51.62 27.19 -45.58
C SER C 553 52.42 27.55 -44.33
N PHE C 554 51.74 27.50 -43.19
CA PHE C 554 52.37 27.82 -41.92
C PHE C 554 53.66 27.01 -41.74
N VAL C 555 53.49 25.71 -41.53
CA VAL C 555 54.60 24.80 -41.34
C VAL C 555 55.78 25.10 -42.20
N GLU C 556 55.50 25.20 -43.50
CA GLU C 556 56.54 25.47 -44.49
C GLU C 556 57.32 26.70 -44.05
N LYS C 557 56.58 27.74 -43.69
CA LYS C 557 57.20 28.96 -43.24
C LYS C 557 57.95 28.57 -41.96
N LEU C 558 57.29 27.75 -41.14
CA LEU C 558 57.89 27.32 -39.90
C LEU C 558 59.29 26.83 -40.18
N ILE C 559 59.41 25.96 -41.16
CA ILE C 559 60.72 25.42 -41.53
C ILE C 559 61.62 26.58 -41.91
N GLN C 560 61.02 27.58 -42.54
CA GLN C 560 61.76 28.76 -42.99
C GLN C 560 62.56 29.36 -41.85
N GLU C 561 61.85 29.88 -40.84
CA GLU C 561 62.49 30.53 -39.71
C GLU C 561 63.39 29.58 -38.92
N GLN C 562 62.76 28.79 -38.05
CA GLN C 562 63.49 27.84 -37.22
C GLN C 562 64.37 26.98 -38.11
N GLY C 563 63.75 26.04 -38.81
CA GLY C 563 64.48 25.15 -39.70
C GLY C 563 65.65 24.42 -39.07
N ASN C 564 66.77 25.14 -38.87
CA ASN C 564 67.96 24.53 -38.29
C ASN C 564 68.12 24.80 -36.78
N HIS C 565 67.03 25.14 -36.12
CA HIS C 565 67.07 25.41 -34.68
C HIS C 565 67.52 24.16 -33.93
N ALA C 566 68.57 24.31 -33.13
CA ALA C 566 69.12 23.19 -32.37
C ALA C 566 68.02 22.37 -31.70
N LYS C 567 66.86 23.00 -31.46
CA LYS C 567 65.75 22.33 -30.82
C LYS C 567 64.60 22.02 -31.75
N PHE C 568 64.82 22.25 -33.05
CA PHE C 568 63.80 21.96 -34.05
C PHE C 568 64.23 20.78 -34.89
N GLN C 569 63.25 20.13 -35.50
CA GLN C 569 63.46 18.97 -36.35
C GLN C 569 62.20 18.75 -37.19
N LYS C 570 62.41 18.35 -38.44
CA LYS C 570 61.30 18.12 -39.39
C LYS C 570 60.76 16.69 -39.25
N SER C 571 59.47 16.56 -39.53
CA SER C 571 58.72 15.29 -39.40
C SER C 571 59.30 14.17 -40.27
N LYS C 572 58.53 13.10 -40.34
CA LYS C 572 58.88 11.89 -41.12
C LYS C 572 58.31 11.99 -42.53
N GLN C 573 58.75 13.02 -43.22
CA GLN C 573 58.30 13.30 -44.60
C GLN C 573 56.79 13.11 -44.68
N LEU C 574 56.10 13.75 -43.76
CA LEU C 574 54.64 13.70 -43.71
C LEU C 574 54.08 15.11 -43.62
N LYS C 575 54.64 15.96 -44.45
CA LYS C 575 54.18 17.34 -44.57
C LYS C 575 52.80 17.29 -45.20
N ASP C 576 52.41 16.06 -45.53
CA ASP C 576 51.07 15.79 -46.06
C ASP C 576 50.10 16.14 -44.95
N LYS C 577 50.49 15.68 -43.79
CA LYS C 577 49.79 15.99 -42.55
C LYS C 577 50.42 17.28 -42.04
N THR C 578 51.63 17.48 -42.55
CA THR C 578 52.47 18.64 -42.22
C THR C 578 52.65 18.71 -40.71
N GLU C 579 53.70 18.06 -40.28
CA GLU C 579 54.02 17.98 -38.85
C GLU C 579 55.46 18.40 -38.60
N PHE C 580 55.75 18.80 -37.37
CA PHE C 580 57.10 19.18 -37.01
C PHE C 580 57.45 18.61 -35.64
N CYS C 581 58.74 18.65 -35.32
CA CYS C 581 59.23 18.14 -34.05
C CYS C 581 60.03 19.21 -33.31
N ILE C 582 60.08 19.10 -31.99
CA ILE C 582 60.82 20.03 -31.14
C ILE C 582 61.36 19.22 -29.99
N LEU C 583 62.63 19.44 -29.64
CA LEU C 583 63.25 18.70 -28.55
C LEU C 583 63.00 19.28 -27.16
N HIS C 584 61.90 18.86 -26.54
CA HIS C 584 61.56 19.34 -25.21
C HIS C 584 62.59 18.83 -24.22
N TYR C 585 62.31 18.94 -22.93
CA TYR C 585 63.25 18.46 -21.91
C TYR C 585 62.85 17.03 -21.62
N ALA C 586 61.56 16.78 -21.72
CA ALA C 586 61.00 15.47 -21.47
C ALA C 586 61.12 14.62 -22.71
N GLY C 587 61.69 15.18 -23.77
CA GLY C 587 61.86 14.43 -25.01
C GLY C 587 61.23 15.00 -26.27
N LYS C 588 61.48 14.32 -27.39
CA LYS C 588 60.96 14.75 -28.70
C LYS C 588 59.48 14.47 -28.90
N VAL C 589 58.86 15.31 -29.72
CA VAL C 589 57.43 15.20 -30.01
C VAL C 589 57.14 15.64 -31.42
N THR C 590 56.25 14.91 -32.09
CA THR C 590 55.86 15.26 -33.46
C THR C 590 54.46 15.84 -33.46
N TYR C 591 54.39 17.17 -33.56
CA TYR C 591 53.13 17.88 -33.54
C TYR C 591 52.52 17.95 -34.94
N ASN C 592 51.18 17.97 -34.98
CA ASN C 592 50.44 18.05 -36.23
C ASN C 592 49.82 19.45 -36.35
N ALA C 593 50.55 20.31 -37.03
CA ALA C 593 50.19 21.74 -37.21
C ALA C 593 48.81 21.96 -37.85
N SER C 594 48.20 20.88 -38.31
CA SER C 594 46.88 20.95 -38.99
C SER C 594 45.79 21.61 -38.13
N ALA C 595 45.12 22.56 -38.76
CA ALA C 595 43.96 23.31 -38.21
C ALA C 595 44.35 24.32 -37.11
N TRP C 596 45.64 24.49 -36.91
CA TRP C 596 46.16 25.37 -35.85
C TRP C 596 45.73 26.84 -36.03
N LEU C 597 45.63 27.25 -37.28
CA LEU C 597 45.24 28.64 -37.59
C LEU C 597 43.80 28.90 -37.13
N THR C 598 42.97 27.89 -37.30
CA THR C 598 41.55 27.98 -36.91
C THR C 598 41.41 28.13 -35.38
N LYS C 599 41.98 27.16 -34.67
CA LYS C 599 41.96 27.13 -33.22
C LYS C 599 42.60 28.41 -32.70
N ASN C 600 43.78 28.74 -33.22
CA ASN C 600 44.50 29.92 -32.82
C ASN C 600 43.69 31.24 -33.01
N MET C 601 42.60 31.14 -33.79
CA MET C 601 41.75 32.30 -34.06
C MET C 601 40.45 32.24 -33.28
N ASP C 602 39.93 31.04 -33.10
CA ASP C 602 38.69 30.84 -32.37
C ASP C 602 37.56 31.72 -32.90
N PRO C 603 37.07 31.39 -34.10
CA PRO C 603 36.00 32.11 -34.76
C PRO C 603 34.67 31.43 -34.48
N LEU C 604 33.56 32.11 -34.82
CA LEU C 604 32.22 31.51 -34.59
C LEU C 604 31.09 32.46 -34.99
N ASN C 605 30.00 31.82 -35.41
CA ASN C 605 28.80 32.48 -35.91
C ASN C 605 28.15 33.43 -34.92
N ASP C 606 28.52 34.69 -35.03
CA ASP C 606 28.01 35.73 -34.16
C ASP C 606 26.50 35.83 -34.31
N ASN C 607 25.99 35.42 -35.46
CA ASN C 607 24.56 35.47 -35.72
C ASN C 607 23.81 34.81 -34.56
N VAL C 608 24.17 33.56 -34.31
CA VAL C 608 23.55 32.80 -33.25
C VAL C 608 24.12 33.31 -31.91
N THR C 609 25.38 33.76 -31.94
CA THR C 609 26.03 34.29 -30.75
C THR C 609 25.08 35.27 -30.06
N SER C 610 24.95 36.45 -30.65
CA SER C 610 24.09 37.49 -30.13
C SER C 610 22.66 37.01 -29.98
N LEU C 611 22.27 36.09 -30.86
CA LEU C 611 20.93 35.52 -30.82
C LEU C 611 20.63 35.11 -29.37
N LEU C 612 21.63 34.50 -28.73
CA LEU C 612 21.51 34.07 -27.34
C LEU C 612 21.67 35.29 -26.43
N ASN C 613 22.68 36.12 -26.72
CA ASN C 613 22.97 37.31 -25.94
C ASN C 613 21.76 37.98 -25.32
N GLN C 614 20.57 37.70 -25.86
CA GLN C 614 19.34 38.27 -25.33
C GLN C 614 18.26 37.21 -25.16
N SER C 615 18.68 35.95 -25.21
CA SER C 615 17.76 34.83 -25.05
C SER C 615 16.88 34.99 -23.81
N SER C 616 15.77 34.27 -23.79
CA SER C 616 14.83 34.31 -22.67
C SER C 616 15.44 33.73 -21.41
N ASP C 617 16.23 32.68 -21.58
CA ASP C 617 16.88 31.99 -20.47
C ASP C 617 18.01 32.81 -19.85
N LYS C 618 17.71 33.42 -18.71
CA LYS C 618 18.67 34.26 -18.01
C LYS C 618 20.04 33.61 -17.81
N PHE C 619 20.06 32.38 -17.32
CA PHE C 619 21.34 31.71 -17.12
C PHE C 619 22.15 31.78 -18.40
N VAL C 620 21.54 31.41 -19.53
CA VAL C 620 22.23 31.47 -20.80
C VAL C 620 22.47 32.93 -21.13
N ALA C 621 21.61 33.78 -20.59
CA ALA C 621 21.72 35.21 -20.81
C ALA C 621 23.03 35.73 -20.25
N ASP C 622 23.18 35.63 -18.93
CA ASP C 622 24.38 36.10 -18.23
C ASP C 622 25.63 35.34 -18.70
N LEU C 623 25.42 34.10 -19.12
CA LEU C 623 26.51 33.24 -19.61
C LEU C 623 27.22 33.93 -20.79
N TRP C 624 26.37 34.33 -21.73
CA TRP C 624 26.77 35.01 -22.98
C TRP C 624 26.47 36.51 -22.94
N LYS C 625 26.45 37.06 -21.75
CA LYS C 625 26.09 38.48 -21.56
C LYS C 625 27.17 39.43 -22.12
N ASP C 626 28.34 38.86 -22.39
CA ASP C 626 29.49 39.63 -22.92
C ASP C 626 30.05 38.95 -24.17
N VAL C 627 29.41 39.27 -25.30
CA VAL C 627 29.75 38.69 -26.61
C VAL C 627 30.36 39.73 -27.55
N ASP C 628 30.94 40.75 -26.97
CA ASP C 628 31.51 41.87 -27.73
C ASP C 628 32.80 41.50 -28.49
N ARG C 629 33.36 40.33 -28.20
CA ARG C 629 34.63 39.92 -28.84
C ARG C 629 34.43 38.88 -29.97
N ILE C 630 33.22 38.34 -30.07
CA ILE C 630 32.91 37.33 -31.10
C ILE C 630 33.50 37.80 -32.44
N VAL C 631 33.67 36.84 -33.35
CA VAL C 631 34.24 37.11 -34.69
C VAL C 631 33.18 36.94 -35.78
N GLY C 632 33.02 37.98 -36.59
CA GLY C 632 32.06 37.94 -37.68
C GLY C 632 32.62 38.66 -38.89
N LEU C 633 33.57 38.02 -39.55
CA LEU C 633 34.20 38.62 -40.72
C LEU C 633 35.12 37.63 -41.43
N PHE C 655 40.30 39.99 -32.74
CA PHE C 655 41.10 40.94 -31.90
C PHE C 655 42.44 40.33 -31.47
N ARG C 656 42.47 39.73 -30.28
CA ARG C 656 43.70 39.13 -29.79
C ARG C 656 43.77 37.64 -30.03
N THR C 657 44.97 37.18 -30.31
CA THR C 657 45.25 35.76 -30.61
C THR C 657 45.31 34.83 -29.39
N VAL C 658 44.79 33.60 -29.54
CA VAL C 658 44.79 32.62 -28.46
C VAL C 658 46.19 32.47 -27.88
N GLY C 659 47.13 32.04 -28.73
CA GLY C 659 48.49 31.88 -28.29
C GLY C 659 49.09 33.02 -27.49
N GLN C 660 48.65 34.26 -27.72
CA GLN C 660 49.18 35.40 -26.98
C GLN C 660 48.25 35.77 -25.83
N LEU C 661 46.98 35.38 -25.95
CA LEU C 661 46.02 35.60 -24.89
C LEU C 661 46.54 34.79 -23.70
N TYR C 662 46.86 33.54 -24.00
CA TYR C 662 47.42 32.62 -23.02
C TYR C 662 48.77 33.20 -22.66
N LYS C 663 49.74 32.95 -23.51
CA LYS C 663 51.11 33.41 -23.31
C LYS C 663 51.26 34.75 -22.61
N GLU C 664 50.16 35.46 -22.43
CA GLU C 664 50.18 36.75 -21.74
C GLU C 664 49.92 36.58 -20.25
N GLN C 665 48.91 35.78 -19.93
CA GLN C 665 48.54 35.51 -18.55
C GLN C 665 49.57 34.59 -17.90
N LEU C 666 50.14 33.70 -18.71
CA LEU C 666 51.14 32.77 -18.23
C LEU C 666 52.44 33.48 -17.89
N THR C 667 52.48 34.79 -18.10
CA THR C 667 53.66 35.57 -17.76
C THR C 667 53.28 36.28 -16.50
N LYS C 668 51.98 36.37 -16.28
CA LYS C 668 51.46 36.98 -15.08
C LYS C 668 51.85 35.97 -14.04
N LEU C 669 51.42 34.72 -14.25
CA LEU C 669 51.73 33.65 -13.31
C LEU C 669 53.23 33.55 -13.06
N MET C 670 54.00 33.38 -14.13
CA MET C 670 55.46 33.25 -13.98
C MET C 670 56.04 34.43 -13.18
N THR C 671 55.27 35.51 -13.08
CA THR C 671 55.71 36.70 -12.36
C THR C 671 55.56 36.62 -10.85
N THR C 672 54.38 36.21 -10.38
CA THR C 672 54.15 36.11 -8.96
C THR C 672 55.02 35.00 -8.38
N LEU C 673 55.16 33.89 -9.12
CA LEU C 673 55.94 32.78 -8.65
C LEU C 673 57.32 33.24 -8.36
N ARG C 674 57.83 34.14 -9.19
CA ARG C 674 59.20 34.64 -9.01
C ARG C 674 59.25 35.61 -7.84
N ASN C 675 58.07 35.89 -7.29
CA ASN C 675 57.96 36.82 -6.17
C ASN C 675 57.56 36.12 -4.88
N THR C 676 57.53 34.80 -4.92
CA THR C 676 57.16 33.99 -3.77
C THR C 676 58.31 33.05 -3.45
N ASN C 677 58.12 32.18 -2.46
CA ASN C 677 59.15 31.22 -2.15
C ASN C 677 58.70 29.85 -2.63
N PRO C 678 59.43 29.29 -3.60
CA PRO C 678 59.11 27.98 -4.16
C PRO C 678 59.47 26.81 -3.28
N ASN C 679 58.60 25.81 -3.32
CA ASN C 679 58.76 24.55 -2.60
C ASN C 679 58.37 23.50 -3.64
N PHE C 680 59.39 22.83 -4.21
CA PHE C 680 59.17 21.82 -5.25
C PHE C 680 58.85 20.38 -4.80
N VAL C 681 57.78 19.81 -5.33
CA VAL C 681 57.39 18.45 -4.97
C VAL C 681 57.42 17.58 -6.22
N ARG C 682 58.62 17.32 -6.75
CA ARG C 682 58.80 16.53 -7.97
C ARG C 682 58.16 15.14 -8.13
N CYS C 683 56.88 15.09 -8.50
CA CYS C 683 56.21 13.81 -8.70
C CYS C 683 56.98 12.96 -9.72
N ILE C 684 56.92 11.64 -9.59
CA ILE C 684 57.62 10.73 -10.49
C ILE C 684 56.79 9.51 -10.87
N ILE C 685 56.54 9.32 -12.16
CA ILE C 685 55.78 8.17 -12.63
C ILE C 685 56.65 6.93 -12.58
N PRO C 686 56.13 5.83 -12.03
CA PRO C 686 56.81 4.54 -11.85
C PRO C 686 56.74 3.64 -13.08
N ASN C 687 55.61 3.71 -13.77
CA ASN C 687 55.39 2.89 -14.94
C ASN C 687 54.21 3.45 -15.72
N HIS C 688 54.16 3.07 -16.99
CA HIS C 688 53.11 3.50 -17.89
C HIS C 688 52.01 2.43 -18.00
N GLU C 689 52.24 1.29 -17.35
CA GLU C 689 51.27 0.21 -17.37
C GLU C 689 50.16 0.47 -16.35
N LYS C 690 50.24 1.60 -15.65
CA LYS C 690 49.23 1.96 -14.66
C LYS C 690 49.18 0.84 -13.64
N ARG C 691 50.32 0.18 -13.47
CA ARG C 691 50.43 -0.92 -12.55
C ARG C 691 50.97 -0.45 -11.24
N ALA C 692 50.43 -1.00 -10.17
CA ALA C 692 50.88 -0.67 -8.83
C ALA C 692 51.92 -1.72 -8.46
N GLY C 693 52.94 -1.35 -7.71
CA GLY C 693 53.94 -2.33 -7.36
C GLY C 693 54.92 -2.60 -8.48
N LYS C 694 54.64 -2.07 -9.67
CA LYS C 694 55.53 -2.24 -10.82
C LYS C 694 56.39 -0.96 -10.93
N LEU C 695 57.70 -1.09 -10.99
CA LEU C 695 58.53 0.10 -11.09
C LEU C 695 59.63 -0.03 -12.12
N ASP C 696 59.42 0.59 -13.29
CA ASP C 696 60.37 0.57 -14.40
C ASP C 696 61.63 1.38 -14.11
N ALA C 697 62.76 0.68 -14.04
CA ALA C 697 64.04 1.28 -13.71
C ALA C 697 64.46 2.48 -14.53
N HIS C 698 64.61 2.26 -15.82
CA HIS C 698 65.05 3.33 -16.67
C HIS C 698 64.03 4.45 -16.81
N LEU C 699 62.74 4.08 -16.89
CA LEU C 699 61.71 5.11 -17.02
C LEU C 699 61.86 6.09 -15.87
N VAL C 700 62.19 5.55 -14.70
CA VAL C 700 62.36 6.38 -13.53
C VAL C 700 63.79 6.89 -13.51
N LEU C 701 64.66 6.28 -14.30
CA LEU C 701 66.02 6.76 -14.30
C LEU C 701 66.09 8.05 -15.11
N GLU C 702 65.36 8.10 -16.21
CA GLU C 702 65.34 9.29 -17.07
C GLU C 702 64.71 10.45 -16.35
N GLN C 703 63.55 10.21 -15.76
CA GLN C 703 62.87 11.25 -15.04
C GLN C 703 63.87 11.95 -14.13
N LEU C 704 64.56 11.17 -13.32
CA LEU C 704 65.54 11.76 -12.42
C LEU C 704 66.63 12.47 -13.21
N ARG C 705 66.62 12.30 -14.53
CA ARG C 705 67.63 12.92 -15.39
C ARG C 705 67.16 14.24 -15.92
N CYS C 706 66.01 14.23 -16.59
CA CYS C 706 65.45 15.45 -17.18
C CYS C 706 64.89 16.44 -16.18
N ASN C 707 64.77 16.00 -14.92
CA ASN C 707 64.22 16.84 -13.85
C ASN C 707 65.30 17.56 -13.04
N GLY C 708 66.54 17.09 -13.19
CA GLY C 708 67.66 17.70 -12.50
C GLY C 708 67.83 17.33 -11.04
N VAL C 709 67.36 16.15 -10.68
CA VAL C 709 67.44 15.73 -9.30
C VAL C 709 68.86 15.77 -8.75
N LEU C 710 69.72 14.94 -9.31
CA LEU C 710 71.10 14.87 -8.82
C LEU C 710 71.73 16.23 -8.57
N GLU C 711 71.80 17.04 -9.61
CA GLU C 711 72.36 18.38 -9.53
C GLU C 711 71.60 19.07 -8.43
N GLY C 712 70.28 18.93 -8.47
CA GLY C 712 69.44 19.55 -7.47
C GLY C 712 69.92 19.20 -6.07
N ILE C 713 70.74 18.17 -5.96
CA ILE C 713 71.24 17.77 -4.65
C ILE C 713 72.68 18.18 -4.42
N ARG C 714 73.49 18.23 -5.50
CA ARG C 714 74.91 18.58 -5.40
C ARG C 714 75.10 19.91 -4.65
N ILE C 715 74.37 20.91 -5.08
CA ILE C 715 74.50 22.25 -4.46
C ILE C 715 74.09 22.22 -2.98
N CYS C 716 73.12 21.40 -2.64
CA CYS C 716 72.69 21.28 -1.24
C CYS C 716 73.85 20.78 -0.42
N ARG C 717 74.67 19.95 -1.05
CA ARG C 717 75.84 19.40 -0.39
C ARG C 717 77.04 20.32 -0.65
N GLN C 718 77.15 20.77 -1.89
CA GLN C 718 78.23 21.66 -2.33
C GLN C 718 78.20 23.05 -1.70
N GLY C 719 77.12 23.78 -1.96
CA GLY C 719 76.98 25.12 -1.43
C GLY C 719 76.39 25.28 -0.05
N PHE C 720 75.95 26.50 0.27
CA PHE C 720 75.37 26.82 1.59
C PHE C 720 73.93 27.32 1.46
N PRO C 721 72.96 26.39 1.30
CA PRO C 721 71.54 26.74 1.11
C PRO C 721 70.86 27.46 2.21
N ASN C 722 71.58 27.77 3.28
CA ASN C 722 71.00 28.49 4.40
C ASN C 722 71.81 29.73 4.65
N ARG C 723 71.14 30.87 4.83
CA ARG C 723 71.82 32.14 5.08
C ARG C 723 71.01 32.91 6.08
N ILE C 724 71.68 33.73 6.86
CA ILE C 724 71.00 34.51 7.86
C ILE C 724 71.78 35.79 8.08
N VAL C 725 71.07 36.92 8.13
CA VAL C 725 71.68 38.22 8.32
C VAL C 725 72.26 38.47 9.71
N PHE C 726 73.42 39.12 9.74
CA PHE C 726 74.14 39.42 10.98
C PHE C 726 73.35 39.84 12.20
N GLN C 727 72.17 40.39 12.02
CA GLN C 727 71.41 40.85 13.18
C GLN C 727 70.56 39.76 13.77
N GLU C 728 69.82 39.09 12.92
CA GLU C 728 68.95 38.04 13.38
C GLU C 728 69.78 36.93 13.97
N PHE C 729 71.03 36.79 13.54
CA PHE C 729 71.88 35.74 14.08
C PHE C 729 72.38 36.06 15.49
N ARG C 730 72.91 37.25 15.70
CA ARG C 730 73.39 37.61 17.02
C ARG C 730 72.17 37.81 17.91
N GLN C 731 71.00 37.68 17.30
CA GLN C 731 69.74 37.86 18.00
C GLN C 731 69.18 36.56 18.54
N ARG C 732 69.00 35.59 17.63
CA ARG C 732 68.45 34.28 17.98
C ARG C 732 69.33 33.44 18.90
N TYR C 733 70.59 33.28 18.52
CA TYR C 733 71.57 32.48 19.26
C TYR C 733 72.58 33.17 20.18
N GLU C 734 72.23 34.32 20.74
CA GLU C 734 73.19 34.97 21.63
C GLU C 734 73.13 34.22 22.95
N ILE C 735 71.94 33.74 23.24
CA ILE C 735 71.68 32.99 24.47
C ILE C 735 72.65 31.84 24.61
N LEU C 736 73.26 31.49 23.49
CA LEU C 736 74.22 30.37 23.48
C LEU C 736 75.57 30.87 24.00
N ALA C 737 75.95 32.07 23.62
CA ALA C 737 77.23 32.68 24.08
C ALA C 737 76.94 34.03 24.73
N ALA C 738 76.63 33.96 26.01
CA ALA C 738 76.25 35.15 26.79
C ALA C 738 77.44 36.09 27.03
N ASN C 739 78.65 35.55 26.90
CA ASN C 739 79.87 36.33 27.20
C ASN C 739 80.85 36.43 26.03
N ALA C 740 80.39 36.14 24.83
CA ALA C 740 81.25 36.25 23.64
C ALA C 740 81.31 37.72 23.23
N ILE C 741 80.17 38.38 23.29
CA ILE C 741 80.08 39.78 22.94
C ILE C 741 80.20 40.60 24.22
N PRO C 742 81.15 41.55 24.25
CA PRO C 742 81.39 42.43 25.41
C PRO C 742 80.14 43.29 25.74
N LYS C 743 80.13 43.89 26.93
CA LYS C 743 78.99 44.71 27.37
C LYS C 743 78.71 45.89 26.43
N GLY C 744 79.76 46.42 25.85
CA GLY C 744 79.65 47.58 24.94
C GLY C 744 79.05 47.14 23.59
N PHE C 745 78.76 48.11 22.75
CA PHE C 745 78.20 47.84 21.42
C PHE C 745 79.26 47.21 20.52
N MET C 746 78.90 47.04 19.26
CA MET C 746 79.81 46.43 18.29
C MET C 746 79.14 46.21 16.94
N ASP C 747 79.99 46.23 15.94
CA ASP C 747 79.60 46.03 14.54
C ASP C 747 78.94 44.67 14.37
N GLY C 748 77.68 44.70 13.92
CA GLY C 748 76.92 43.49 13.72
C GLY C 748 77.76 42.31 13.26
N LYS C 749 78.46 42.47 12.14
CA LYS C 749 79.28 41.40 11.64
C LYS C 749 80.25 40.97 12.72
N GLN C 750 81.35 41.69 12.84
CA GLN C 750 82.37 41.38 13.83
C GLN C 750 81.77 40.92 15.16
N ALA C 751 80.85 41.69 15.70
CA ALA C 751 80.20 41.34 16.97
C ALA C 751 79.59 39.92 17.00
N CYS C 752 79.15 39.42 15.86
CA CYS C 752 78.55 38.09 15.81
C CYS C 752 79.61 37.05 15.46
N ILE C 753 80.70 37.47 14.82
CA ILE C 753 81.79 36.57 14.45
C ILE C 753 82.44 36.09 15.74
N LEU C 754 82.28 36.90 16.79
CA LEU C 754 82.81 36.57 18.10
C LEU C 754 82.12 35.33 18.58
N MET C 755 80.79 35.39 18.60
CA MET C 755 80.02 34.27 19.07
C MET C 755 80.10 33.05 18.18
N ILE C 756 80.76 33.17 17.04
CA ILE C 756 80.90 32.01 16.16
C ILE C 756 82.10 31.25 16.71
N LYS C 757 83.05 32.01 17.26
CA LYS C 757 84.24 31.42 17.84
C LYS C 757 83.83 30.84 19.17
N ALA C 758 82.80 31.45 19.76
CA ALA C 758 82.28 31.02 21.04
C ALA C 758 81.64 29.64 20.91
N LEU C 759 81.25 29.26 19.71
CA LEU C 759 80.64 27.97 19.52
C LEU C 759 81.67 27.09 18.85
N GLU C 760 82.85 27.65 18.60
CA GLU C 760 83.92 26.91 17.92
C GLU C 760 83.39 26.17 16.70
N LEU C 761 82.49 26.82 15.96
CA LEU C 761 81.87 26.27 14.76
C LEU C 761 82.95 25.99 13.73
N ASP C 762 82.86 24.85 13.06
CA ASP C 762 83.89 24.54 12.07
C ASP C 762 83.80 25.44 10.86
N PRO C 763 84.96 26.00 10.47
CA PRO C 763 85.11 26.90 9.32
C PRO C 763 84.74 26.29 7.97
N ASN C 764 83.89 25.29 7.97
CA ASN C 764 83.48 24.71 6.71
C ASN C 764 81.98 24.58 6.71
N LEU C 765 81.42 24.74 7.88
CA LEU C 765 79.99 24.66 8.01
C LEU C 765 79.48 26.00 7.54
N TYR C 766 80.09 27.08 8.04
CA TYR C 766 79.66 28.41 7.66
C TYR C 766 80.50 29.14 6.62
N ARG C 767 80.03 30.31 6.21
CA ARG C 767 80.66 31.18 5.21
C ARG C 767 80.17 32.59 5.50
N ILE C 768 81.03 33.43 6.07
CA ILE C 768 80.67 34.81 6.39
C ILE C 768 80.61 35.64 5.10
N GLY C 769 79.58 36.46 4.97
CA GLY C 769 79.43 37.28 3.77
C GLY C 769 79.56 38.76 4.02
N GLN C 770 78.73 39.55 3.33
CA GLN C 770 78.77 41.00 3.51
C GLN C 770 77.81 41.48 4.58
N SER C 771 76.56 41.05 4.45
CA SER C 771 75.51 41.43 5.40
C SER C 771 74.92 40.22 6.12
N LYS C 772 75.10 39.05 5.54
CA LYS C 772 74.55 37.81 6.08
C LYS C 772 75.62 36.72 6.11
N ILE C 773 75.36 35.66 6.89
CA ILE C 773 76.25 34.51 7.00
C ILE C 773 75.65 33.36 6.21
N PHE C 774 76.48 32.59 5.52
CA PHE C 774 75.97 31.46 4.74
C PHE C 774 76.34 30.15 5.41
N PHE C 775 75.36 29.46 5.97
CA PHE C 775 75.63 28.20 6.64
C PHE C 775 75.39 26.98 5.77
N ARG C 776 75.87 25.85 6.28
CA ARG C 776 75.72 24.57 5.61
C ARG C 776 74.48 23.84 6.14
N THR C 777 73.97 22.92 5.34
CA THR C 777 72.78 22.20 5.73
C THR C 777 72.91 21.65 7.14
N GLY C 778 71.83 21.77 7.89
CA GLY C 778 71.77 21.27 9.26
C GLY C 778 72.44 22.10 10.32
N VAL C 779 73.47 22.84 9.92
CA VAL C 779 74.19 23.66 10.88
C VAL C 779 73.25 24.60 11.66
N LEU C 780 72.26 25.14 10.98
CA LEU C 780 71.38 26.06 11.66
C LEU C 780 70.37 25.32 12.50
N ALA C 781 70.01 24.11 12.07
CA ALA C 781 69.03 23.30 12.80
C ALA C 781 69.48 22.97 14.23
N HIS C 782 70.71 22.50 14.33
CA HIS C 782 71.31 22.14 15.59
C HIS C 782 71.38 23.38 16.48
N LEU C 783 71.75 24.51 15.89
CA LEU C 783 71.85 25.76 16.63
C LEU C 783 70.48 26.09 17.24
N GLU C 784 69.42 25.84 16.47
CA GLU C 784 68.07 26.11 16.93
C GLU C 784 67.73 25.18 18.09
N GLU C 785 68.01 23.89 17.90
CA GLU C 785 67.75 22.89 18.92
C GLU C 785 68.28 23.38 20.26
N GLU C 786 69.60 23.53 20.34
CA GLU C 786 70.27 24.01 21.54
C GLU C 786 69.50 25.15 22.23
N ARG C 787 69.28 26.24 21.50
CA ARG C 787 68.57 27.38 22.02
C ARG C 787 67.22 27.00 22.61
N ASP C 788 66.54 26.06 21.97
CA ASP C 788 65.23 25.62 22.42
C ASP C 788 65.36 24.81 23.70
N LEU C 789 66.57 24.31 23.95
CA LEU C 789 66.83 23.54 25.15
C LEU C 789 67.20 24.54 26.24
N LYS C 790 68.10 25.45 25.89
CA LYS C 790 68.51 26.50 26.80
C LYS C 790 67.31 27.24 27.40
N ILE C 791 66.13 27.13 26.78
CA ILE C 791 64.95 27.84 27.26
C ILE C 791 63.75 26.99 27.65
N THR C 792 63.85 25.68 27.47
CA THR C 792 62.74 24.77 27.78
C THR C 792 62.17 24.97 29.16
N ASP C 793 62.99 24.70 30.16
CA ASP C 793 62.61 24.86 31.56
C ASP C 793 61.78 26.13 31.76
N VAL C 794 62.38 27.26 31.42
CA VAL C 794 61.74 28.55 31.55
C VAL C 794 60.35 28.47 30.96
N ILE C 795 60.28 27.91 29.76
CA ILE C 795 59.00 27.74 29.09
C ILE C 795 58.10 26.89 29.98
N ILE C 796 58.67 25.80 30.45
CA ILE C 796 57.96 24.92 31.34
C ILE C 796 57.46 25.75 32.53
N ALA C 797 58.37 26.52 33.11
CA ALA C 797 58.05 27.37 34.24
C ALA C 797 56.85 28.26 33.92
N PHE C 798 57.03 29.07 32.88
CA PHE C 798 56.02 30.00 32.46
C PHE C 798 54.72 29.27 32.14
N GLN C 799 54.79 28.26 31.29
CA GLN C 799 53.62 27.50 30.91
C GLN C 799 52.71 27.25 32.13
N ALA C 800 53.33 26.91 33.25
CA ALA C 800 52.63 26.61 34.49
C ALA C 800 51.72 27.75 34.90
N GLN C 801 52.36 28.87 35.25
CA GLN C 801 51.67 30.07 35.68
C GLN C 801 50.48 30.38 34.77
N CYS C 802 50.65 30.05 33.48
CA CYS C 802 49.61 30.25 32.49
C CYS C 802 48.43 29.35 32.77
N ARG C 803 48.70 28.07 33.05
CA ARG C 803 47.65 27.12 33.36
C ARG C 803 47.02 27.62 34.65
N GLY C 804 47.86 28.19 35.51
CA GLY C 804 47.38 28.74 36.76
C GLY C 804 46.40 29.84 36.43
N TYR C 805 46.95 30.97 35.97
CA TYR C 805 46.17 32.14 35.57
C TYR C 805 44.93 31.65 34.78
N LEU C 806 45.20 31.09 33.60
CA LEU C 806 44.18 30.56 32.70
C LEU C 806 43.14 29.73 33.46
N ALA C 807 43.49 29.28 34.67
CA ALA C 807 42.58 28.44 35.45
C ALA C 807 41.74 29.21 36.45
N ARG C 808 42.40 29.80 37.44
CA ARG C 808 41.69 30.57 38.45
C ARG C 808 40.58 31.42 37.84
N LYS C 809 40.83 31.91 36.64
CA LYS C 809 39.87 32.78 35.96
C LYS C 809 38.64 32.07 35.37
N ALA C 810 38.85 31.01 34.59
CA ALA C 810 37.73 30.28 33.98
C ALA C 810 36.86 29.50 34.98
N PHE C 811 37.36 29.35 36.20
CA PHE C 811 36.63 28.66 37.27
C PHE C 811 35.78 29.74 37.90
N ALA C 812 36.43 30.84 38.23
CA ALA C 812 35.77 31.99 38.83
C ALA C 812 34.76 32.52 37.82
N LYS C 813 34.57 31.79 36.73
CA LYS C 813 33.61 32.17 35.71
C LYS C 813 32.32 31.37 35.92
N ARG C 814 32.49 30.07 36.02
CA ARG C 814 31.35 29.18 36.27
C ARG C 814 30.64 29.61 37.54
N GLN C 815 31.36 30.42 38.30
CA GLN C 815 30.88 30.96 39.57
C GLN C 815 29.81 32.04 39.34
N GLN C 816 29.93 32.73 38.22
CA GLN C 816 28.98 33.81 37.89
C GLN C 816 27.64 33.23 37.41
N GLN C 817 27.72 32.20 36.59
CA GLN C 817 26.50 31.52 36.10
C GLN C 817 25.79 30.88 37.28
N LEU C 818 26.56 30.65 38.32
CA LEU C 818 26.06 30.09 39.57
C LEU C 818 25.41 31.22 40.35
N GLY C 819 26.17 32.30 40.45
CA GLY C 819 25.74 33.50 41.15
C GLY C 819 24.77 34.28 40.27
N SER C 820 24.28 33.64 39.21
CA SER C 820 23.34 34.27 38.29
C SER C 820 21.92 33.89 38.69
N PHE D 3 49.18 26.26 57.27
CA PHE D 3 47.99 26.98 56.75
C PHE D 3 47.02 27.31 57.88
N SER D 4 47.01 28.56 58.31
CA SER D 4 46.12 28.99 59.39
C SER D 4 44.71 28.47 59.15
N GLU D 5 44.04 28.05 60.22
CA GLU D 5 42.69 27.53 60.10
C GLU D 5 41.84 28.54 59.32
N GLU D 6 42.16 29.82 59.49
CA GLU D 6 41.46 30.89 58.81
C GLU D 6 41.35 30.58 57.32
N GLN D 7 42.48 30.23 56.71
CA GLN D 7 42.50 29.89 55.29
C GLN D 7 42.03 28.45 55.10
N THR D 8 42.56 27.54 55.93
CA THR D 8 42.18 26.14 55.86
C THR D 8 40.66 26.04 55.86
N ALA D 9 40.01 26.89 56.65
CA ALA D 9 38.56 26.92 56.74
C ALA D 9 37.98 27.28 55.38
N GLU D 10 38.62 28.23 54.71
CA GLU D 10 38.18 28.67 53.39
C GLU D 10 38.55 27.66 52.31
N PHE D 11 39.73 27.07 52.43
CA PHE D 11 40.21 26.09 51.47
C PHE D 11 39.04 25.15 51.17
N LYS D 12 38.40 24.69 52.24
CA LYS D 12 37.27 23.79 52.15
C LYS D 12 36.21 24.39 51.23
N GLU D 13 35.93 25.68 51.43
CA GLU D 13 34.95 26.40 50.62
C GLU D 13 35.32 26.27 49.13
N ALA D 14 36.61 26.26 48.85
CA ALA D 14 37.08 26.16 47.47
C ALA D 14 36.99 24.71 47.00
N PHE D 15 37.52 23.80 47.79
CA PHE D 15 37.49 22.38 47.46
C PHE D 15 36.06 21.95 47.19
N GLN D 16 35.18 22.24 48.14
CA GLN D 16 33.77 21.90 48.03
C GLN D 16 33.20 22.46 46.75
N LEU D 17 33.59 23.69 46.43
CA LEU D 17 33.13 24.37 45.22
C LEU D 17 33.75 23.73 43.98
N PHE D 18 33.84 22.39 43.98
CA PHE D 18 34.46 21.69 42.86
C PHE D 18 33.91 20.32 42.49
N ASP D 19 32.69 20.01 42.94
CA ASP D 19 32.13 18.71 42.64
C ASP D 19 30.80 18.79 41.89
N ARG D 20 30.80 18.31 40.65
CA ARG D 20 29.63 18.34 39.79
C ARG D 20 28.44 17.56 40.37
N THR D 21 28.69 16.36 40.88
CA THR D 21 27.63 15.55 41.47
C THR D 21 27.43 15.90 42.96
N GLY D 22 28.00 15.13 43.89
CA GLY D 22 27.85 15.39 45.34
C GLY D 22 28.69 14.71 46.46
N ASP D 23 29.32 13.57 46.18
CA ASP D 23 30.08 12.81 47.17
C ASP D 23 31.04 13.65 48.01
N GLY D 24 31.60 14.68 47.40
CA GLY D 24 32.53 15.52 48.12
C GLY D 24 33.92 15.05 47.74
N LYS D 25 34.08 14.69 46.47
CA LYS D 25 35.34 14.19 45.96
C LYS D 25 35.82 14.89 44.71
N ILE D 26 37.12 15.15 44.66
CA ILE D 26 37.75 15.80 43.52
C ILE D 26 38.54 14.74 42.75
N LEU D 27 38.09 14.45 41.53
CA LEU D 27 38.77 13.45 40.71
C LEU D 27 40.26 13.75 40.72
N TYR D 28 41.07 12.69 40.76
CA TYR D 28 42.52 12.85 40.77
C TYR D 28 42.99 13.90 39.78
N SER D 29 42.16 14.14 38.76
CA SER D 29 42.47 15.12 37.73
C SER D 29 42.40 16.55 38.28
N GLN D 30 41.20 16.93 38.74
CA GLN D 30 40.94 18.25 39.28
C GLN D 30 41.95 18.82 40.26
N CYS D 31 42.61 17.94 41.02
CA CYS D 31 43.60 18.39 41.99
C CYS D 31 44.33 19.62 41.49
N GLY D 32 44.90 19.51 40.28
CA GLY D 32 45.63 20.61 39.69
C GLY D 32 44.93 21.96 39.73
N ASP D 33 43.77 22.05 39.09
CA ASP D 33 43.01 23.30 39.04
C ASP D 33 42.61 23.82 40.42
N VAL D 34 42.27 22.91 41.32
CA VAL D 34 41.88 23.30 42.67
C VAL D 34 43.06 23.92 43.40
N MET D 35 44.25 23.41 43.14
CA MET D 35 45.46 23.94 43.75
C MET D 35 45.67 25.32 43.15
N ARG D 36 45.49 25.40 41.84
CA ARG D 36 45.65 26.65 41.11
C ARG D 36 44.65 27.69 41.62
N ALA D 37 43.38 27.32 41.60
CA ALA D 37 42.31 28.21 42.07
C ALA D 37 42.66 28.78 43.44
N LEU D 38 43.36 27.99 44.25
CA LEU D 38 43.78 28.42 45.57
C LEU D 38 45.03 29.28 45.45
N GLY D 39 45.27 29.78 44.25
CA GLY D 39 46.44 30.61 44.00
C GLY D 39 47.73 29.84 43.89
N GLN D 40 47.66 28.59 43.44
CA GLN D 40 48.87 27.79 43.29
C GLN D 40 49.26 27.61 41.83
N ASN D 41 50.57 27.62 41.58
CA ASN D 41 51.08 27.43 40.22
C ASN D 41 51.95 26.19 40.12
N PRO D 42 51.47 25.06 40.64
CA PRO D 42 52.29 23.84 40.57
C PRO D 42 52.45 23.38 39.13
N THR D 43 53.67 23.04 38.75
CA THR D 43 53.92 22.57 37.38
C THR D 43 53.19 21.25 37.26
N ASN D 44 53.11 20.71 36.04
CA ASN D 44 52.41 19.45 35.81
C ASN D 44 53.02 18.27 36.56
N ALA D 45 54.33 18.31 36.80
CA ALA D 45 55.02 17.24 37.50
C ALA D 45 54.80 17.33 39.00
N GLU D 46 54.93 18.54 39.54
CA GLU D 46 54.74 18.78 40.96
C GLU D 46 53.39 18.26 41.45
N VAL D 47 52.46 18.09 40.51
CA VAL D 47 51.12 17.61 40.83
C VAL D 47 51.03 16.08 40.81
N MET D 48 51.68 15.47 39.83
CA MET D 48 51.67 14.02 39.70
C MET D 48 52.49 13.40 40.82
N LYS D 49 53.64 14.01 41.11
CA LYS D 49 54.53 13.54 42.16
C LYS D 49 53.76 13.31 43.45
N VAL D 50 52.83 14.21 43.76
CA VAL D 50 52.02 14.11 44.97
C VAL D 50 50.69 13.44 44.66
N LEU D 51 50.69 12.59 43.64
CA LEU D 51 49.51 11.86 43.23
C LEU D 51 49.90 10.41 43.03
N GLY D 52 51.17 10.12 43.30
CA GLY D 52 51.67 8.77 43.16
C GLY D 52 51.81 8.39 41.70
N ASN D 53 51.92 9.39 40.83
CA ASN D 53 52.05 9.17 39.40
C ASN D 53 51.06 8.12 38.89
N PRO D 54 49.77 8.45 38.89
CA PRO D 54 48.73 7.51 38.43
C PRO D 54 48.79 7.35 36.91
N LYS D 55 47.69 6.92 36.32
CA LYS D 55 47.63 6.74 34.87
C LYS D 55 46.32 7.26 34.31
N SER D 56 46.41 8.07 33.26
CA SER D 56 45.25 8.66 32.59
C SER D 56 43.92 8.04 33.00
N ASP D 57 43.77 6.76 32.69
CA ASP D 57 42.54 6.03 33.02
C ASP D 57 42.14 6.22 34.47
N GLU D 58 42.99 5.77 35.39
CA GLU D 58 42.72 5.89 36.82
C GLU D 58 42.73 7.34 37.29
N MET D 59 43.18 8.25 36.43
CA MET D 59 43.21 9.65 36.77
C MET D 59 41.83 10.28 36.59
N ASN D 60 40.92 9.51 36.01
CA ASN D 60 39.56 9.96 35.78
C ASN D 60 38.59 9.14 36.63
N LEU D 61 39.12 8.20 37.39
CA LEU D 61 38.32 7.35 38.26
C LEU D 61 38.58 7.68 39.73
N LYS D 62 39.85 7.73 40.10
CA LYS D 62 40.26 8.03 41.47
C LYS D 62 39.67 9.35 41.97
N THR D 63 39.38 9.42 43.26
CA THR D 63 38.81 10.64 43.85
C THR D 63 39.60 11.17 45.05
N LEU D 64 39.17 12.32 45.54
CA LEU D 64 39.84 12.96 46.67
C LEU D 64 38.89 13.63 47.66
N LYS D 65 39.30 13.63 48.93
CA LYS D 65 38.53 14.24 50.01
C LYS D 65 39.44 15.30 50.63
N PHE D 66 38.88 16.46 50.94
CA PHE D 66 39.68 17.54 51.50
C PHE D 66 40.76 17.10 52.48
N GLU D 67 40.39 16.30 53.48
CA GLU D 67 41.36 15.85 54.47
C GLU D 67 42.59 15.20 53.87
N GLN D 68 42.40 14.46 52.77
CA GLN D 68 43.54 13.81 52.11
C GLN D 68 44.14 14.77 51.08
N PHE D 69 43.36 15.78 50.71
CA PHE D 69 43.82 16.77 49.73
C PHE D 69 44.68 17.83 50.40
N LEU D 70 44.19 18.36 51.52
CA LEU D 70 44.90 19.39 52.25
C LEU D 70 46.39 19.07 52.42
N PRO D 71 46.72 17.84 52.86
CA PRO D 71 48.12 17.45 53.05
C PRO D 71 48.98 17.69 51.81
N MET D 72 48.33 17.75 50.65
CA MET D 72 49.04 17.99 49.40
C MET D 72 49.13 19.47 49.11
N MET D 73 48.02 20.18 49.32
CA MET D 73 47.96 21.61 49.09
C MET D 73 49.21 22.27 49.67
N GLN D 74 49.55 21.90 50.89
CA GLN D 74 50.72 22.45 51.57
C GLN D 74 52.01 21.94 50.95
N THR D 75 52.21 20.62 50.97
CA THR D 75 53.42 20.01 50.41
C THR D 75 53.85 20.79 49.18
N ILE D 76 52.88 21.15 48.34
CA ILE D 76 53.18 21.93 47.16
C ILE D 76 53.52 23.33 47.67
N ALA D 77 52.51 24.01 48.22
CA ALA D 77 52.66 25.35 48.77
C ALA D 77 54.10 25.73 49.12
N LYS D 78 54.82 24.83 49.79
CA LYS D 78 56.21 25.08 50.16
C LYS D 78 57.16 24.46 49.13
N ASN D 79 57.76 25.30 48.28
CA ASN D 79 58.66 24.81 47.25
C ASN D 79 60.03 25.49 47.20
N LYS D 80 60.90 24.96 46.33
CA LYS D 80 62.26 25.48 46.18
C LYS D 80 62.39 26.73 45.29
N ASP D 81 61.66 26.75 44.18
CA ASP D 81 61.76 27.88 43.27
C ASP D 81 60.45 28.53 42.81
N GLN D 82 60.55 29.17 41.64
CA GLN D 82 59.47 29.89 40.97
C GLN D 82 60.07 30.76 39.85
N GLY D 83 59.28 31.02 38.81
CA GLY D 83 59.76 31.86 37.73
C GLY D 83 59.69 33.31 38.15
N CYS D 84 60.00 34.21 37.22
CA CYS D 84 59.97 35.64 37.51
C CYS D 84 60.34 36.46 36.28
N PHE D 85 59.61 37.56 36.06
CA PHE D 85 59.84 38.48 34.95
C PHE D 85 61.28 38.35 34.65
N GLU D 86 61.90 38.87 35.68
CA GLU D 86 63.31 38.93 35.72
C GLU D 86 63.82 37.91 34.73
N ASP D 87 63.43 36.66 34.92
CA ASP D 87 63.85 35.58 34.03
C ASP D 87 62.73 35.21 33.05
N TYR D 88 61.50 35.10 33.56
CA TYR D 88 60.36 34.74 32.74
C TYR D 88 60.44 35.42 31.37
N VAL D 89 60.34 36.73 31.36
CA VAL D 89 60.39 37.48 30.11
C VAL D 89 61.75 37.33 29.39
N GLU D 90 62.83 37.23 30.16
CA GLU D 90 64.17 37.06 29.59
C GLU D 90 64.19 35.92 28.57
N GLY D 91 63.27 34.98 28.73
CA GLY D 91 63.21 33.85 27.82
C GLY D 91 62.40 34.16 26.57
N LEU D 92 61.28 34.83 26.75
CA LEU D 92 60.45 35.17 25.62
C LEU D 92 61.15 36.18 24.72
N ARG D 93 61.86 37.15 25.32
CA ARG D 93 62.58 38.20 24.58
C ARG D 93 63.56 37.61 23.57
N VAL D 94 63.69 36.29 23.58
CA VAL D 94 64.57 35.56 22.68
C VAL D 94 63.88 35.26 21.35
N PHE D 95 62.59 35.56 21.30
CA PHE D 95 61.79 35.30 20.12
C PHE D 95 61.37 36.62 19.50
N ASP D 96 61.93 37.70 20.05
CA ASP D 96 61.66 39.06 19.59
C ASP D 96 62.45 39.34 18.32
N LYS D 97 61.93 38.84 17.20
CA LYS D 97 62.55 38.96 15.87
C LYS D 97 63.60 40.05 15.69
N GLU D 98 63.31 41.26 16.17
CA GLU D 98 64.25 42.38 16.04
C GLU D 98 64.18 43.43 17.16
N GLY D 99 64.57 43.06 18.37
CA GLY D 99 64.57 43.98 19.49
C GLY D 99 63.40 44.93 19.56
N ASN D 100 62.32 44.64 18.85
CA ASN D 100 61.15 45.51 18.85
C ASN D 100 60.54 45.61 20.25
N GLY D 101 60.64 44.52 20.99
CA GLY D 101 60.07 44.48 22.32
C GLY D 101 58.77 43.71 22.28
N THR D 102 58.43 43.26 21.06
CA THR D 102 57.20 42.50 20.83
C THR D 102 57.46 41.25 19.98
N VAL D 103 56.66 40.21 20.21
CA VAL D 103 56.76 38.97 19.46
C VAL D 103 55.45 38.68 18.80
N MET D 104 55.51 38.03 17.63
CA MET D 104 54.30 37.72 16.86
C MET D 104 53.43 36.71 17.58
N GLY D 105 52.18 37.07 17.79
CA GLY D 105 51.26 36.19 18.48
C GLY D 105 51.14 34.80 17.87
N ALA D 106 51.96 34.51 16.86
CA ALA D 106 51.92 33.23 16.21
C ALA D 106 53.16 32.48 16.64
N GLU D 107 54.26 33.20 16.82
CA GLU D 107 55.49 32.57 17.27
C GLU D 107 55.31 32.29 18.76
N ILE D 108 54.70 33.22 19.49
CA ILE D 108 54.46 32.99 20.90
C ILE D 108 53.51 31.82 20.97
N ARG D 109 52.49 31.83 20.14
CA ARG D 109 51.53 30.75 20.14
C ARG D 109 52.17 29.38 19.83
N HIS D 110 53.29 29.39 19.14
CA HIS D 110 53.97 28.14 18.80
C HIS D 110 54.69 27.62 20.02
N VAL D 111 55.81 28.27 20.32
CA VAL D 111 56.64 27.91 21.48
C VAL D 111 55.80 27.33 22.61
N LEU D 112 54.83 28.09 23.05
CA LEU D 112 53.96 27.69 24.13
C LEU D 112 53.31 26.34 23.90
N VAL D 113 53.20 25.90 22.66
CA VAL D 113 52.60 24.61 22.43
C VAL D 113 53.54 23.69 21.69
N THR D 114 54.83 23.75 22.01
CA THR D 114 55.81 22.89 21.36
C THR D 114 57.06 22.69 22.20
N LEU D 115 57.03 23.24 23.41
CA LEU D 115 58.16 23.11 24.31
C LEU D 115 57.68 22.80 25.72
N GLY D 116 58.52 22.10 26.49
CA GLY D 116 58.17 21.77 27.87
C GLY D 116 56.74 21.30 28.03
N GLU D 117 56.10 21.72 29.13
CA GLU D 117 54.71 21.36 29.43
C GLU D 117 53.75 21.87 28.35
N LYS D 118 53.85 21.28 27.18
CA LYS D 118 53.04 21.66 26.03
C LYS D 118 51.58 21.96 26.36
N MET D 119 51.15 23.15 25.99
CA MET D 119 49.76 23.58 26.21
C MET D 119 48.92 23.14 25.01
N THR D 120 47.68 23.61 24.95
CA THR D 120 46.82 23.24 23.83
C THR D 120 46.59 24.45 22.94
N GLU D 121 46.17 24.19 21.70
CA GLU D 121 45.89 25.26 20.73
C GLU D 121 44.89 26.25 21.31
N GLU D 122 43.88 25.72 22.00
CA GLU D 122 42.85 26.54 22.63
C GLU D 122 43.44 27.28 23.81
N GLU D 123 44.16 26.54 24.66
CA GLU D 123 44.77 27.14 25.83
C GLU D 123 45.45 28.46 25.47
N VAL D 124 46.45 28.40 24.59
CA VAL D 124 47.16 29.60 24.17
C VAL D 124 46.21 30.61 23.57
N GLU D 125 45.28 30.15 22.74
CA GLU D 125 44.32 31.07 22.13
C GLU D 125 43.71 31.97 23.21
N GLN D 126 43.04 31.34 24.17
CA GLN D 126 42.41 32.03 25.30
C GLN D 126 43.35 32.95 26.07
N LEU D 127 44.64 32.62 26.07
CA LEU D 127 45.63 33.42 26.78
C LEU D 127 46.02 34.74 26.09
N VAL D 128 46.76 34.63 24.99
CA VAL D 128 47.23 35.79 24.22
C VAL D 128 46.06 36.57 23.64
N ALA D 129 45.05 35.84 23.19
CA ALA D 129 43.86 36.43 22.59
C ALA D 129 43.53 37.80 23.18
N GLY D 130 43.64 38.83 22.34
CA GLY D 130 43.33 40.17 22.79
C GLY D 130 44.53 40.99 23.19
N HIS D 131 45.73 40.51 22.88
CA HIS D 131 46.94 41.22 23.23
C HIS D 131 47.77 41.43 21.98
N GLU D 132 47.26 40.88 20.87
CA GLU D 132 47.91 41.02 19.59
C GLU D 132 47.37 42.34 19.04
N ASP D 133 48.25 43.14 18.45
CA ASP D 133 47.80 44.42 17.91
C ASP D 133 47.28 44.27 16.47
N SER D 134 47.33 45.36 15.72
CA SER D 134 46.88 45.35 14.33
C SER D 134 47.70 44.34 13.54
N ASN D 135 49.00 44.32 13.82
CA ASN D 135 49.92 43.42 13.16
C ASN D 135 50.06 42.13 13.95
N GLY D 136 49.04 41.83 14.76
CA GLY D 136 49.08 40.61 15.58
C GLY D 136 50.30 40.53 16.48
N CYS D 137 50.73 41.68 16.99
CA CYS D 137 51.91 41.74 17.82
C CYS D 137 51.58 41.93 19.28
N ILE D 138 52.17 41.05 20.07
CA ILE D 138 51.99 41.02 21.51
C ILE D 138 53.27 41.53 22.18
N ASN D 139 53.12 42.22 23.28
CA ASN D 139 54.26 42.71 24.08
C ASN D 139 54.41 41.81 25.30
N TYR D 140 55.41 40.93 25.27
CA TYR D 140 55.61 39.96 26.36
C TYR D 140 55.64 40.67 27.72
N GLU D 141 56.61 41.56 27.90
CA GLU D 141 56.71 42.31 29.17
C GLU D 141 55.33 42.41 29.82
N GLU D 142 54.33 42.81 29.04
CA GLU D 142 52.98 42.92 29.54
C GLU D 142 52.33 41.56 29.74
N LEU D 143 52.19 40.79 28.65
CA LEU D 143 51.59 39.46 28.75
C LEU D 143 52.15 38.75 29.95
N VAL D 144 53.45 38.94 30.19
CA VAL D 144 54.11 38.34 31.34
C VAL D 144 53.35 38.76 32.61
N ARG D 145 53.38 40.08 32.87
CA ARG D 145 52.71 40.65 34.04
C ARG D 145 51.24 40.23 34.12
N MET D 146 50.57 40.16 32.99
CA MET D 146 49.16 39.77 32.95
C MET D 146 48.89 38.44 33.68
N VAL D 147 49.51 37.37 33.19
CA VAL D 147 49.34 36.08 33.79
C VAL D 147 49.88 36.14 35.20
N LEU D 148 50.97 36.88 35.37
CA LEU D 148 51.55 37.00 36.70
C LEU D 148 50.64 37.75 37.70
N SER D 149 50.81 39.06 37.77
CA SER D 149 50.01 39.88 38.68
C SER D 149 48.52 39.50 38.65
N GLY D 150 48.09 38.82 37.57
CA GLY D 150 46.71 38.39 37.49
C GLY D 150 46.54 37.13 38.34
N ALA E 1 -31.10 74.05 -17.67
CA ALA E 1 -31.45 74.16 -19.11
C ALA E 1 -32.49 73.11 -19.43
N GLN E 2 -33.46 72.95 -18.54
CA GLN E 2 -34.48 71.92 -18.72
C GLN E 2 -35.92 72.36 -18.93
N LYS E 3 -36.73 71.38 -19.32
CA LYS E 3 -38.14 71.54 -19.58
C LYS E 3 -38.77 72.41 -18.52
N PRO E 4 -40.02 72.81 -18.73
CA PRO E 4 -40.72 73.64 -17.76
C PRO E 4 -41.66 72.79 -16.92
N LEU E 5 -41.86 73.17 -15.66
CA LEU E 5 -42.72 72.38 -14.79
C LEU E 5 -44.07 72.96 -14.44
N SER E 6 -45.11 72.17 -14.68
CA SER E 6 -46.47 72.56 -14.34
C SER E 6 -46.54 72.84 -12.83
N ASP E 7 -47.33 73.82 -12.43
CA ASP E 7 -47.50 74.18 -11.03
C ASP E 7 -47.56 72.97 -10.12
N ASP E 8 -48.14 71.89 -10.63
CA ASP E 8 -48.27 70.62 -9.90
C ASP E 8 -46.95 69.84 -9.79
N GLU E 9 -46.29 69.62 -10.93
CA GLU E 9 -45.03 68.91 -10.96
C GLU E 9 -44.05 69.58 -10.03
N LYS E 10 -44.32 70.83 -9.66
CA LYS E 10 -43.45 71.58 -8.76
C LYS E 10 -43.60 71.06 -7.33
N PHE E 11 -44.44 70.04 -7.20
CA PHE E 11 -44.69 69.42 -5.91
C PHE E 11 -43.98 68.10 -5.72
N LEU E 12 -43.35 67.64 -6.77
CA LEU E 12 -42.58 66.40 -6.71
C LEU E 12 -41.27 66.59 -7.48
N PHE E 13 -41.22 67.69 -8.21
CA PHE E 13 -40.06 68.04 -9.03
C PHE E 13 -39.40 69.32 -8.49
N VAL E 14 -38.08 69.33 -8.56
CA VAL E 14 -37.27 70.47 -8.10
C VAL E 14 -37.17 71.51 -9.22
N ASP E 15 -37.34 72.75 -8.81
CA ASP E 15 -37.24 73.90 -9.72
C ASP E 15 -35.78 74.29 -9.85
N LYS E 16 -35.23 73.96 -11.01
CA LYS E 16 -33.81 74.17 -11.30
C LYS E 16 -33.56 75.15 -12.45
N ASN E 17 -34.58 75.43 -13.22
CA ASN E 17 -34.43 76.33 -14.37
C ASN E 17 -34.44 77.79 -13.90
N PHE E 18 -33.23 78.24 -13.64
CA PHE E 18 -32.93 79.61 -13.17
C PHE E 18 -31.57 80.04 -13.72
N VAL E 19 -31.14 81.22 -13.30
CA VAL E 19 -29.85 81.81 -13.71
C VAL E 19 -28.75 81.33 -12.76
N ASN E 20 -27.57 81.22 -13.32
CA ASN E 20 -26.37 80.76 -12.58
C ASN E 20 -25.81 81.92 -11.74
N ASN E 21 -26.66 82.49 -10.90
CA ASN E 21 -26.26 83.60 -10.03
C ASN E 21 -25.00 83.28 -9.25
N PRO E 22 -24.04 84.20 -9.30
CA PRO E 22 -22.76 84.05 -8.59
C PRO E 22 -22.81 84.70 -7.20
N LEU E 23 -24.01 85.09 -6.75
CA LEU E 23 -24.16 85.72 -5.45
C LEU E 23 -23.76 84.72 -4.37
N ALA E 24 -24.34 83.55 -4.49
CA ALA E 24 -24.05 82.45 -3.58
C ALA E 24 -22.67 81.89 -3.93
N GLN E 25 -22.43 81.80 -5.22
CA GLN E 25 -21.17 81.28 -5.75
C GLN E 25 -20.01 82.22 -5.41
N ALA E 26 -20.35 83.39 -4.92
CA ALA E 26 -19.32 84.38 -4.55
C ALA E 26 -19.22 84.46 -3.03
N ASP E 27 -20.37 84.40 -2.40
CA ASP E 27 -20.47 84.48 -0.93
C ASP E 27 -19.65 83.35 -0.30
N TRP E 28 -19.35 82.34 -1.10
CA TRP E 28 -18.61 81.15 -0.66
C TRP E 28 -17.32 81.52 0.07
N SER E 29 -16.83 82.72 -0.21
CA SER E 29 -15.58 83.22 0.40
C SER E 29 -15.71 83.26 1.92
N ALA E 30 -16.93 83.47 2.38
CA ALA E 30 -17.24 83.48 3.81
C ALA E 30 -17.15 82.03 4.30
N LYS E 31 -16.23 81.33 3.66
CA LYS E 31 -15.96 79.92 3.91
C LYS E 31 -16.26 79.57 5.36
N LYS E 32 -15.99 80.53 6.24
CA LYS E 32 -16.22 80.35 7.66
C LYS E 32 -17.69 80.06 7.99
N LEU E 33 -18.50 79.88 6.94
CA LEU E 33 -19.90 79.59 7.13
C LEU E 33 -20.09 78.19 7.71
N VAL E 34 -20.80 78.11 8.83
CA VAL E 34 -21.05 76.85 9.50
C VAL E 34 -22.46 76.79 10.03
N TRP E 35 -22.74 75.73 10.76
CA TRP E 35 -24.05 75.52 11.35
C TRP E 35 -23.86 75.59 12.85
N VAL E 36 -24.85 76.07 13.57
CA VAL E 36 -24.74 76.14 15.03
C VAL E 36 -26.06 76.20 15.74
N PRO E 37 -26.07 75.80 17.01
CA PRO E 37 -27.24 75.78 17.91
C PRO E 37 -28.28 76.84 17.62
N SER E 38 -29.49 76.61 18.10
CA SER E 38 -30.59 77.54 17.93
C SER E 38 -31.82 77.01 18.67
N GLU E 39 -32.18 77.66 19.77
CA GLU E 39 -33.33 77.24 20.55
C GLU E 39 -34.64 77.49 19.79
N LYS E 40 -34.53 77.81 18.50
CA LYS E 40 -35.71 78.07 17.69
C LYS E 40 -35.59 77.57 16.25
N HIS E 41 -34.37 77.19 15.84
CA HIS E 41 -34.13 76.71 14.49
C HIS E 41 -33.36 75.40 14.51
N GLY E 42 -33.09 74.92 15.72
CA GLY E 42 -32.34 73.69 15.87
C GLY E 42 -30.89 73.96 15.54
N PHE E 43 -30.71 74.67 14.43
CA PHE E 43 -29.39 75.05 13.96
C PHE E 43 -29.64 76.29 13.13
N GLU E 44 -28.58 77.05 12.85
CA GLU E 44 -28.73 78.24 12.04
C GLU E 44 -27.41 78.65 11.40
N ALA E 45 -27.52 79.40 10.31
CA ALA E 45 -26.35 79.85 9.55
C ALA E 45 -25.54 80.90 10.28
N ALA E 46 -24.22 80.80 10.14
CA ALA E 46 -23.32 81.75 10.78
C ALA E 46 -21.91 81.54 10.22
N SER E 47 -21.03 82.53 10.42
CA SER E 47 -19.65 82.39 9.92
C SER E 47 -18.55 82.69 10.91
N ILE E 48 -17.58 81.77 10.94
CA ILE E 48 -16.43 81.86 11.83
C ILE E 48 -15.80 83.23 11.78
N LYS E 49 -15.43 83.72 12.96
CA LYS E 49 -14.79 85.02 13.09
C LYS E 49 -13.35 84.84 13.60
N GLU E 50 -13.16 83.87 14.49
CA GLU E 50 -11.83 83.60 15.04
C GLU E 50 -11.73 82.26 15.75
N GLU E 51 -10.87 81.38 15.22
CA GLU E 51 -10.66 80.06 15.79
C GLU E 51 -9.69 80.16 16.99
N LYS E 52 -10.22 79.90 18.18
CA LYS E 52 -9.42 79.98 19.40
C LYS E 52 -9.37 78.64 20.14
N GLY E 53 -8.53 77.73 19.66
CA GLY E 53 -8.41 76.43 20.29
C GLY E 53 -9.74 75.71 20.40
N ASP E 54 -9.95 75.04 21.53
CA ASP E 54 -11.18 74.30 21.78
C ASP E 54 -12.45 75.12 21.50
N GLU E 55 -12.29 76.43 21.34
CA GLU E 55 -13.41 77.33 21.08
C GLU E 55 -13.18 78.18 19.84
N VAL E 56 -14.26 78.76 19.33
CA VAL E 56 -14.17 79.61 18.15
C VAL E 56 -15.27 80.69 18.14
N THR E 57 -14.89 81.89 17.71
CA THR E 57 -15.82 83.04 17.63
C THR E 57 -16.53 83.07 16.27
N VAL E 58 -17.83 83.28 16.28
CA VAL E 58 -18.59 83.30 15.03
C VAL E 58 -19.73 84.31 15.06
N GLU E 59 -20.11 84.83 13.89
CA GLU E 59 -21.20 85.80 13.80
C GLU E 59 -22.33 85.23 12.96
N LEU E 60 -23.54 85.25 13.50
CA LEU E 60 -24.71 84.74 12.79
C LEU E 60 -24.91 85.42 11.46
N GLN E 61 -24.86 84.66 10.37
CA GLN E 61 -25.09 85.21 9.03
C GLN E 61 -26.59 85.49 8.96
N GLU E 62 -27.20 85.61 10.14
CA GLU E 62 -28.62 85.88 10.27
C GLU E 62 -28.84 87.17 11.05
N ASN E 63 -28.74 87.09 12.38
CA ASN E 63 -28.96 88.26 13.22
C ASN E 63 -27.80 89.24 13.24
N GLY E 64 -26.78 88.98 12.43
CA GLY E 64 -25.63 89.86 12.41
C GLY E 64 -24.94 89.83 13.77
N LYS E 65 -25.53 89.10 14.71
CA LYS E 65 -24.98 88.97 16.05
C LYS E 65 -23.64 88.25 16.07
N LYS E 66 -22.86 88.49 17.12
CA LYS E 66 -21.54 87.88 17.27
C LYS E 66 -21.41 87.10 18.59
N VAL E 67 -21.42 85.77 18.48
CA VAL E 67 -21.29 84.88 19.64
C VAL E 67 -20.23 83.81 19.39
N THR E 68 -19.54 83.42 20.46
CA THR E 68 -18.49 82.41 20.34
C THR E 68 -18.90 81.12 21.06
N LEU E 69 -18.76 80.02 20.35
CA LEU E 69 -19.08 78.67 20.86
C LEU E 69 -17.88 77.75 20.73
N SER E 70 -17.97 76.62 21.41
CA SER E 70 -16.89 75.61 21.41
C SER E 70 -16.58 75.19 19.98
N LYS E 71 -15.30 74.90 19.73
CA LYS E 71 -14.84 74.48 18.42
C LYS E 71 -15.37 73.08 18.10
N ASP E 72 -16.52 72.75 18.66
CA ASP E 72 -17.13 71.44 18.45
C ASP E 72 -18.65 71.53 18.47
N ASP E 73 -19.15 72.75 18.49
CA ASP E 73 -20.60 72.96 18.50
C ASP E 73 -21.03 73.54 17.14
N ILE E 74 -20.06 73.64 16.24
CA ILE E 74 -20.30 74.14 14.90
C ILE E 74 -20.33 72.96 13.95
N GLN E 75 -21.09 73.06 12.87
CA GLN E 75 -21.20 71.98 11.92
C GLN E 75 -21.07 72.49 10.50
N LYS E 76 -20.20 71.82 9.78
CA LYS E 76 -19.92 72.11 8.37
C LYS E 76 -21.19 72.29 7.57
N MET E 77 -21.17 73.28 6.69
CA MET E 77 -22.32 73.60 5.83
C MET E 77 -22.05 72.99 4.45
N ASN E 78 -23.11 72.57 3.79
CA ASN E 78 -22.97 71.96 2.46
C ASN E 78 -23.12 73.03 1.38
N PRO E 79 -22.45 72.83 0.22
CA PRO E 79 -22.43 73.81 -0.85
C PRO E 79 -23.80 74.17 -1.36
N PRO E 80 -23.95 75.37 -1.96
CA PRO E 80 -25.23 75.82 -2.49
C PRO E 80 -25.72 74.90 -3.58
N LYS E 81 -24.81 74.09 -4.10
CA LYS E 81 -25.10 73.16 -5.20
C LYS E 81 -25.86 71.92 -4.72
N PHE E 82 -26.25 71.95 -3.47
CA PHE E 82 -26.95 70.81 -2.84
C PHE E 82 -28.36 71.17 -2.40
N SER E 83 -28.77 72.39 -2.63
CA SER E 83 -30.08 72.84 -2.17
C SER E 83 -31.21 71.95 -2.64
N LYS E 84 -32.03 71.53 -1.67
CA LYS E 84 -33.17 70.67 -1.92
C LYS E 84 -32.78 69.36 -2.54
N VAL E 85 -31.68 68.82 -2.03
CA VAL E 85 -31.16 67.55 -2.54
C VAL E 85 -32.20 66.45 -2.47
N GLU E 86 -32.04 65.44 -3.31
CA GLU E 86 -32.95 64.31 -3.36
C GLU E 86 -32.54 63.15 -2.43
N ASP E 87 -31.23 62.89 -2.32
CA ASP E 87 -30.71 61.83 -1.50
C ASP E 87 -29.59 62.29 -0.55
N MET E 88 -29.99 62.65 0.67
CA MET E 88 -29.09 63.11 1.72
C MET E 88 -27.77 62.38 1.63
N ALA E 89 -27.84 61.09 1.32
CA ALA E 89 -26.63 60.30 1.22
C ALA E 89 -25.69 60.90 0.16
N GLU E 90 -26.04 62.08 -0.31
CA GLU E 90 -25.24 62.75 -1.36
C GLU E 90 -24.42 63.92 -0.80
N LEU E 91 -25.09 64.81 -0.08
CA LEU E 91 -24.41 65.99 0.51
C LEU E 91 -23.07 65.55 1.10
N THR E 92 -22.03 66.29 0.74
CA THR E 92 -20.67 65.96 1.17
C THR E 92 -20.44 66.21 2.66
N CYS E 93 -21.51 66.57 3.38
CA CYS E 93 -21.42 66.80 4.82
C CYS E 93 -22.67 66.26 5.49
N LEU E 94 -22.50 65.24 6.33
CA LEU E 94 -23.63 64.66 7.05
C LEU E 94 -23.68 65.30 8.42
N ASN E 95 -24.84 65.84 8.78
CA ASN E 95 -24.97 66.50 10.07
C ASN E 95 -26.41 66.47 10.52
N GLU E 96 -26.60 66.59 11.82
CA GLU E 96 -27.93 66.61 12.36
C GLU E 96 -28.49 67.94 11.89
N ALA E 97 -27.56 68.81 11.50
CA ALA E 97 -27.88 70.15 11.03
C ALA E 97 -28.30 70.18 9.56
N SER E 98 -27.39 69.77 8.68
CA SER E 98 -27.68 69.74 7.25
C SER E 98 -28.91 68.90 6.98
N VAL E 99 -28.81 67.62 7.35
CA VAL E 99 -29.89 66.66 7.20
C VAL E 99 -31.21 67.31 7.60
N LEU E 100 -31.14 68.17 8.62
CA LEU E 100 -32.31 68.87 9.12
C LEU E 100 -32.65 69.90 8.08
N HIS E 101 -31.67 70.75 7.82
CA HIS E 101 -31.84 71.80 6.85
C HIS E 101 -32.57 71.30 5.62
N ASN E 102 -31.89 70.46 4.85
CA ASN E 102 -32.47 69.89 3.64
C ASN E 102 -33.93 69.58 3.80
N LEU E 103 -34.22 68.76 4.79
CA LEU E 103 -35.58 68.38 5.05
C LEU E 103 -36.43 69.65 5.21
N ARG E 104 -35.91 70.64 5.91
CA ARG E 104 -36.67 71.86 6.14
C ARG E 104 -37.04 72.53 4.80
N GLU E 105 -36.04 72.74 3.96
CA GLU E 105 -36.26 73.38 2.66
C GLU E 105 -37.30 72.62 1.88
N ARG E 106 -36.92 71.49 1.34
CA ARG E 106 -37.83 70.67 0.55
C ARG E 106 -39.23 70.71 1.14
N TYR E 107 -39.29 70.66 2.46
CA TYR E 107 -40.57 70.66 3.16
C TYR E 107 -41.38 71.91 2.83
N PHE E 108 -40.75 73.05 2.97
CA PHE E 108 -41.43 74.32 2.71
C PHE E 108 -41.64 74.52 1.24
N SER E 109 -40.79 73.91 0.42
CA SER E 109 -40.94 74.02 -1.03
C SER E 109 -42.16 73.23 -1.54
N GLY E 110 -42.64 72.28 -0.73
CA GLY E 110 -43.80 71.52 -1.15
C GLY E 110 -43.54 70.04 -1.34
N LEU E 111 -42.29 69.64 -1.17
CA LEU E 111 -41.97 68.24 -1.31
C LEU E 111 -41.77 67.64 0.07
N ILE E 112 -42.39 66.51 0.33
CA ILE E 112 -42.27 65.89 1.65
C ILE E 112 -41.39 64.62 1.61
N TYR E 113 -41.50 63.83 0.56
CA TYR E 113 -40.69 62.58 0.44
C TYR E 113 -39.23 62.91 0.08
N THR E 114 -38.33 62.28 0.81
CA THR E 114 -36.87 62.48 0.61
C THR E 114 -36.11 61.18 0.84
N TYR E 115 -35.08 60.93 0.04
CA TYR E 115 -34.31 59.70 0.24
C TYR E 115 -33.18 59.90 1.20
N SER E 116 -32.88 58.85 1.97
CA SER E 116 -31.78 58.86 2.94
C SER E 116 -31.10 57.52 2.80
N GLY E 117 -30.24 57.41 1.81
CA GLY E 117 -29.58 56.15 1.59
C GLY E 117 -30.59 55.15 1.06
N LEU E 118 -30.85 54.10 1.83
CA LEU E 118 -31.80 53.08 1.42
C LEU E 118 -33.19 53.47 1.79
N PHE E 119 -33.42 53.72 3.07
CA PHE E 119 -34.74 54.12 3.52
C PHE E 119 -35.01 55.56 3.08
N CYS E 120 -36.22 56.04 3.31
CA CYS E 120 -36.57 57.39 2.92
C CYS E 120 -37.49 58.07 3.93
N VAL E 121 -37.21 59.34 4.22
CA VAL E 121 -37.98 60.13 5.18
C VAL E 121 -39.23 60.66 4.53
N VAL E 122 -40.23 61.08 5.30
CA VAL E 122 -41.49 61.59 4.72
C VAL E 122 -42.30 62.54 5.62
N ILE E 123 -41.84 63.78 5.83
CA ILE E 123 -42.54 64.75 6.72
C ILE E 123 -43.98 65.06 6.36
N ASN E 124 -44.89 64.72 7.27
CA ASN E 124 -46.32 64.96 7.06
C ASN E 124 -46.47 66.38 6.54
N PRO E 125 -47.33 66.55 5.52
CA PRO E 125 -47.61 67.86 4.94
C PRO E 125 -48.74 68.52 5.72
N TYR E 126 -49.77 67.71 5.98
CA TYR E 126 -50.98 68.09 6.69
C TYR E 126 -51.90 68.82 5.74
N LYS E 127 -51.39 68.96 4.51
CA LYS E 127 -52.10 69.68 3.47
C LYS E 127 -52.32 68.72 2.33
N GLN E 128 -53.32 69.05 1.52
CA GLN E 128 -53.71 68.27 0.38
C GLN E 128 -52.86 68.55 -0.87
N LEU E 129 -51.58 68.20 -0.81
CA LEU E 129 -50.68 68.37 -1.95
C LEU E 129 -51.29 67.53 -3.07
N PRO E 130 -50.99 67.84 -4.34
CA PRO E 130 -51.53 67.11 -5.48
C PRO E 130 -50.50 66.23 -6.12
N ILE E 131 -50.09 65.16 -5.45
CA ILE E 131 -49.05 64.34 -6.07
C ILE E 131 -49.45 62.87 -6.10
N TYR E 132 -50.74 62.62 -6.12
CA TYR E 132 -51.25 61.26 -6.17
C TYR E 132 -52.38 61.26 -7.22
N SER E 133 -52.17 60.69 -8.39
CA SER E 133 -53.21 60.66 -9.41
C SER E 133 -52.84 59.68 -10.50
N GLU E 134 -53.83 59.13 -11.18
CA GLU E 134 -53.56 58.18 -12.24
C GLU E 134 -52.39 58.73 -13.05
N LYS E 135 -52.50 60.02 -13.39
CA LYS E 135 -51.48 60.72 -14.15
C LYS E 135 -50.10 60.40 -13.56
N ILE E 136 -49.91 60.77 -12.29
CA ILE E 136 -48.66 60.53 -11.60
C ILE E 136 -48.32 59.06 -11.42
N ILE E 137 -49.33 58.21 -11.37
CA ILE E 137 -49.09 56.77 -11.22
C ILE E 137 -48.32 56.27 -12.42
N ASP E 138 -48.83 56.61 -13.60
CA ASP E 138 -48.23 56.16 -14.82
C ASP E 138 -46.87 56.77 -15.07
N MET E 139 -46.66 57.91 -14.45
CA MET E 139 -45.39 58.57 -14.59
C MET E 139 -44.30 57.70 -13.98
N TYR E 140 -44.60 57.18 -12.80
CA TYR E 140 -43.68 56.36 -12.02
C TYR E 140 -43.62 54.89 -12.42
N LYS E 141 -44.69 54.46 -13.09
CA LYS E 141 -44.79 53.08 -13.55
C LYS E 141 -43.53 52.65 -14.31
N GLY E 142 -42.78 51.72 -13.74
CA GLY E 142 -41.60 51.23 -14.41
C GLY E 142 -40.40 52.12 -14.18
N LYS E 143 -40.65 53.41 -14.05
CA LYS E 143 -39.57 54.37 -13.83
C LYS E 143 -38.62 53.95 -12.70
N LYS E 144 -37.34 53.90 -13.04
CA LYS E 144 -36.26 53.55 -12.13
C LYS E 144 -36.28 54.39 -10.85
N ARG E 145 -35.20 54.29 -10.08
CA ARG E 145 -35.07 55.01 -8.82
C ARG E 145 -34.76 56.46 -9.07
N HIS E 146 -33.86 56.70 -10.02
CA HIS E 146 -33.46 58.06 -10.34
C HIS E 146 -34.21 58.71 -11.49
N GLU E 147 -34.83 57.92 -12.35
CA GLU E 147 -35.57 58.50 -13.46
C GLU E 147 -36.73 59.36 -12.98
N MET E 148 -36.83 59.55 -11.67
CA MET E 148 -37.91 60.32 -11.11
C MET E 148 -37.56 60.75 -9.70
N PRO E 149 -38.36 61.64 -9.11
CA PRO E 149 -38.09 62.11 -7.76
C PRO E 149 -38.71 61.29 -6.66
N PRO E 150 -38.10 61.34 -5.45
CA PRO E 150 -38.59 60.61 -4.29
C PRO E 150 -40.07 60.83 -4.15
N HIS E 151 -40.79 59.73 -4.04
CA HIS E 151 -42.24 59.76 -3.88
C HIS E 151 -42.61 58.38 -3.36
N ILE E 152 -43.76 58.28 -2.75
CA ILE E 152 -44.15 56.98 -2.22
C ILE E 152 -44.33 55.97 -3.36
N TYR E 153 -45.11 56.35 -4.37
CA TYR E 153 -45.36 55.48 -5.52
C TYR E 153 -44.08 54.87 -6.02
N ALA E 154 -42.96 55.49 -5.69
CA ALA E 154 -41.64 55.01 -6.11
C ALA E 154 -41.18 53.83 -5.26
N ILE E 155 -41.31 53.97 -3.94
CA ILE E 155 -40.93 52.90 -3.01
C ILE E 155 -41.75 51.66 -3.36
N ALA E 156 -43.03 51.88 -3.61
CA ALA E 156 -43.93 50.80 -3.99
C ALA E 156 -43.44 50.06 -5.25
N ASP E 157 -43.14 50.80 -6.32
CA ASP E 157 -42.66 50.16 -7.53
C ASP E 157 -41.28 49.55 -7.35
N THR E 158 -40.40 50.20 -6.59
CA THR E 158 -39.05 49.68 -6.38
C THR E 158 -39.08 48.29 -5.74
N ALA E 159 -40.01 48.11 -4.82
CA ALA E 159 -40.17 46.83 -4.15
C ALA E 159 -40.84 45.87 -5.10
N TYR E 160 -42.06 46.22 -5.53
CA TYR E 160 -42.84 45.37 -6.42
C TYR E 160 -42.08 44.80 -7.59
N ARG E 161 -40.99 45.44 -7.96
CA ARG E 161 -40.20 44.91 -9.05
C ARG E 161 -39.17 44.00 -8.39
N SER E 162 -38.43 44.55 -7.43
CA SER E 162 -37.40 43.80 -6.72
C SER E 162 -37.91 42.40 -6.43
N MET E 163 -39.18 42.31 -6.06
CA MET E 163 -39.76 41.02 -5.79
C MET E 163 -39.65 40.17 -7.07
N LEU E 164 -40.27 40.62 -8.16
CA LEU E 164 -40.23 39.87 -9.41
C LEU E 164 -38.84 39.73 -10.03
N GLN E 165 -37.84 40.45 -9.53
CA GLN E 165 -36.50 40.37 -10.09
C GLN E 165 -35.65 39.26 -9.48
N ASP E 166 -35.36 39.37 -8.19
CA ASP E 166 -34.56 38.37 -7.51
C ASP E 166 -35.42 37.31 -6.82
N ARG E 167 -36.70 37.31 -7.17
CA ARG E 167 -37.67 36.39 -6.62
C ARG E 167 -37.45 36.27 -5.11
N GLU E 168 -37.95 37.23 -4.35
CA GLU E 168 -37.77 37.23 -2.90
C GLU E 168 -38.64 38.24 -2.18
N ASP E 169 -39.79 37.76 -1.70
CA ASP E 169 -40.79 38.56 -1.00
C ASP E 169 -40.27 39.77 -0.24
N GLN E 170 -41.12 40.78 -0.18
CA GLN E 170 -40.75 42.03 0.43
C GLN E 170 -41.80 42.69 1.33
N SER E 171 -41.30 43.62 2.15
CA SER E 171 -42.11 44.34 3.12
C SER E 171 -41.83 45.84 3.09
N ILE E 172 -42.88 46.64 3.25
CA ILE E 172 -42.75 48.10 3.29
C ILE E 172 -43.26 48.42 4.69
N LEU E 173 -42.33 48.78 5.58
CA LEU E 173 -42.64 49.09 6.98
C LEU E 173 -42.68 50.58 7.33
N CYS E 174 -43.86 51.14 7.56
CA CYS E 174 -43.99 52.56 7.91
C CYS E 174 -43.79 52.82 9.39
N THR E 175 -42.66 53.44 9.75
CA THR E 175 -42.36 53.76 11.14
C THR E 175 -42.92 55.13 11.46
N GLY E 176 -42.28 55.82 12.40
CA GLY E 176 -42.73 57.15 12.74
C GLY E 176 -43.70 57.19 13.91
N GLU E 177 -43.56 58.24 14.71
CA GLU E 177 -44.38 58.44 15.89
C GLU E 177 -45.83 58.61 15.52
N SER E 178 -46.71 58.42 16.49
CA SER E 178 -48.13 58.53 16.25
C SER E 178 -48.51 59.81 15.52
N GLY E 179 -49.26 59.64 14.43
CA GLY E 179 -49.72 60.75 13.63
C GLY E 179 -48.88 61.05 12.40
N ALA E 180 -47.60 60.71 12.46
CA ALA E 180 -46.66 60.96 11.38
C ALA E 180 -47.09 60.43 10.04
N GLY E 181 -48.30 59.88 9.93
CA GLY E 181 -48.75 59.39 8.64
C GLY E 181 -48.51 57.94 8.23
N LYS E 182 -48.25 57.09 9.21
CA LYS E 182 -48.01 55.70 8.92
C LYS E 182 -49.09 55.10 8.00
N THR E 183 -50.34 55.47 8.24
CA THR E 183 -51.47 54.96 7.48
C THR E 183 -51.54 55.43 6.05
N GLU E 184 -51.79 56.71 5.85
CA GLU E 184 -51.90 57.27 4.51
C GLU E 184 -50.93 56.59 3.56
N ASN E 185 -49.65 56.72 3.86
CA ASN E 185 -48.62 56.13 3.05
C ASN E 185 -48.85 54.67 2.72
N THR E 186 -49.70 54.01 3.47
CA THR E 186 -49.97 52.61 3.18
C THR E 186 -51.07 52.56 2.15
N LYS E 187 -52.09 53.38 2.35
CA LYS E 187 -53.21 53.42 1.43
C LYS E 187 -52.72 53.72 0.01
N LYS E 188 -51.63 54.48 -0.10
CA LYS E 188 -51.07 54.82 -1.40
C LYS E 188 -50.44 53.56 -2.00
N VAL E 189 -49.51 52.95 -1.27
CA VAL E 189 -48.85 51.75 -1.72
C VAL E 189 -49.84 50.74 -2.30
N ILE E 190 -51.04 50.65 -1.72
CA ILE E 190 -52.01 49.71 -2.24
C ILE E 190 -52.58 50.36 -3.47
N GLN E 191 -52.92 51.64 -3.33
CA GLN E 191 -53.49 52.44 -4.42
C GLN E 191 -52.71 52.28 -5.72
N TYR E 192 -51.40 52.39 -5.62
CA TYR E 192 -50.51 52.24 -6.77
C TYR E 192 -50.54 50.78 -7.25
N LEU E 193 -50.08 49.86 -6.42
CA LEU E 193 -50.05 48.45 -6.78
C LEU E 193 -51.39 47.96 -7.28
N ALA E 194 -52.48 48.66 -6.96
CA ALA E 194 -53.80 48.21 -7.39
C ALA E 194 -54.05 48.42 -8.85
N VAL E 195 -53.24 49.29 -9.45
CA VAL E 195 -53.37 49.60 -10.86
C VAL E 195 -52.11 49.19 -11.64
N VAL E 196 -50.95 49.46 -11.07
CA VAL E 196 -49.71 49.14 -11.67
C VAL E 196 -49.46 47.67 -11.78
N ALA E 197 -50.12 46.86 -10.95
CA ALA E 197 -49.86 45.41 -11.02
C ALA E 197 -51.07 44.54 -11.27
N SER E 198 -52.24 45.15 -11.25
CA SER E 198 -53.45 44.40 -11.47
C SER E 198 -53.55 43.89 -12.89
N SER E 199 -54.50 42.99 -13.13
CA SER E 199 -54.72 42.50 -14.48
C SER E 199 -55.96 43.26 -14.96
N HIS E 200 -56.00 43.58 -16.24
CA HIS E 200 -57.11 44.35 -16.80
C HIS E 200 -58.11 43.54 -17.59
N LYS E 201 -59.32 44.09 -17.71
CA LYS E 201 -60.40 43.46 -18.48
C LYS E 201 -60.25 43.94 -19.92
N GLY E 202 -59.00 44.04 -20.34
CA GLY E 202 -58.67 44.52 -21.67
C GLY E 202 -58.40 46.00 -21.52
N LYS E 203 -59.21 46.83 -22.17
CA LYS E 203 -59.06 48.28 -22.10
C LYS E 203 -57.71 48.72 -22.70
N GLN E 210 -56.78 60.26 -15.30
CA GLN E 210 -57.03 61.60 -14.68
C GLN E 210 -57.30 61.43 -13.19
N GLY E 211 -56.28 61.69 -12.38
CA GLY E 211 -56.43 61.52 -10.96
C GLY E 211 -56.92 60.10 -10.79
N PRO E 212 -57.93 59.86 -9.93
CA PRO E 212 -58.48 58.52 -9.68
C PRO E 212 -59.22 57.86 -10.86
N SER E 213 -59.44 58.63 -11.94
CA SER E 213 -60.15 58.12 -13.13
C SER E 213 -59.45 56.91 -13.75
N PHE E 214 -60.07 55.74 -13.58
CA PHE E 214 -59.54 54.47 -14.09
C PHE E 214 -60.42 53.29 -13.63
N SER E 215 -60.73 52.38 -14.55
CA SER E 215 -61.53 51.22 -14.19
C SER E 215 -60.58 50.07 -13.86
N TYR E 216 -60.50 49.73 -12.57
CA TYR E 216 -59.62 48.67 -12.11
C TYR E 216 -60.24 47.30 -12.29
N GLY E 217 -59.46 46.26 -12.00
CA GLY E 217 -59.94 44.89 -12.12
C GLY E 217 -61.14 44.68 -11.23
N GLU E 218 -61.55 43.43 -11.07
CA GLU E 218 -62.71 43.12 -10.25
C GLU E 218 -62.34 42.98 -8.76
N LEU E 219 -61.20 42.39 -8.52
CA LEU E 219 -60.72 42.16 -7.15
C LEU E 219 -60.02 43.41 -6.61
N GLU E 220 -59.23 44.04 -7.47
CA GLU E 220 -58.51 45.26 -7.09
C GLU E 220 -59.53 46.31 -6.68
N LYS E 221 -60.76 46.11 -7.16
CA LYS E 221 -61.88 46.99 -6.85
C LYS E 221 -62.12 46.90 -5.36
N GLN E 222 -62.21 45.67 -4.87
CA GLN E 222 -62.44 45.38 -3.45
C GLN E 222 -61.20 45.70 -2.64
N LEU E 223 -60.05 45.21 -3.07
CA LEU E 223 -58.79 45.44 -2.36
C LEU E 223 -58.70 46.90 -1.97
N LEU E 224 -59.37 47.74 -2.76
CA LEU E 224 -59.40 49.17 -2.56
C LEU E 224 -60.41 49.64 -1.52
N GLN E 225 -61.58 49.01 -1.53
CA GLN E 225 -62.67 49.35 -0.62
C GLN E 225 -62.58 48.70 0.78
N ALA E 226 -61.55 47.89 1.02
CA ALA E 226 -61.39 47.21 2.30
C ALA E 226 -60.95 48.16 3.39
N ASN E 227 -59.76 48.74 3.27
CA ASN E 227 -59.24 49.71 4.25
C ASN E 227 -60.26 50.79 4.69
N PRO E 228 -61.14 51.26 3.78
CA PRO E 228 -62.11 52.26 4.19
C PRO E 228 -63.20 51.66 5.11
N ILE E 229 -63.21 50.33 5.24
CA ILE E 229 -64.17 49.64 6.10
C ILE E 229 -63.57 49.48 7.49
N LEU E 230 -62.45 48.78 7.60
CA LEU E 230 -61.81 48.62 8.88
C LEU E 230 -61.58 49.97 9.52
N GLU E 231 -61.58 51.02 8.71
CA GLU E 231 -61.33 52.37 9.24
C GLU E 231 -62.53 52.85 10.05
N ALA E 232 -63.69 52.28 9.75
CA ALA E 232 -64.90 52.62 10.47
C ALA E 232 -64.77 52.04 11.88
N PHE E 233 -65.10 50.75 12.04
CA PHE E 233 -64.99 50.10 13.34
C PHE E 233 -63.52 49.86 13.63
N GLY E 234 -62.78 50.88 14.01
CA GLY E 234 -61.38 50.66 14.27
C GLY E 234 -60.55 51.92 14.41
N ASN E 235 -61.06 53.01 13.87
CA ASN E 235 -60.36 54.30 13.91
C ASN E 235 -61.19 55.29 14.71
N ALA E 236 -60.53 56.21 15.41
CA ALA E 236 -61.27 57.20 16.19
C ALA E 236 -60.45 58.42 16.63
N LYS E 237 -61.15 59.55 16.75
CA LYS E 237 -60.53 60.82 17.11
C LYS E 237 -59.76 60.87 18.42
N THR E 238 -58.52 61.32 18.36
CA THR E 238 -57.74 61.39 19.56
C THR E 238 -56.94 62.69 19.58
N VAL E 239 -56.45 63.03 20.76
CA VAL E 239 -55.67 64.25 20.99
C VAL E 239 -54.43 64.31 20.11
N LYS E 240 -54.26 63.29 19.29
CA LYS E 240 -53.11 63.25 18.39
C LYS E 240 -53.53 63.05 16.92
N ASN E 241 -54.76 62.61 16.68
CA ASN E 241 -55.24 62.42 15.33
C ASN E 241 -56.74 62.19 15.17
N ASP E 242 -57.38 63.12 14.49
CA ASP E 242 -58.82 63.06 14.22
C ASP E 242 -59.29 61.71 13.72
N ASN E 243 -58.44 61.02 12.97
CA ASN E 243 -58.79 59.70 12.48
C ASN E 243 -57.62 58.75 12.72
N SER E 244 -57.43 58.41 13.99
CA SER E 244 -56.34 57.52 14.37
C SER E 244 -56.67 56.07 14.21
N SER E 245 -55.66 55.33 13.78
CA SER E 245 -55.77 53.90 13.59
C SER E 245 -55.64 53.26 15.00
N ARG E 246 -56.75 52.79 15.52
CA ARG E 246 -56.80 52.23 16.90
C ARG E 246 -56.35 50.76 16.97
N PHE E 247 -55.62 50.32 15.97
CA PHE E 247 -55.14 48.93 15.92
C PHE E 247 -54.11 48.76 14.81
N GLY E 248 -53.05 48.04 15.17
CA GLY E 248 -51.97 47.71 14.23
C GLY E 248 -52.56 46.86 13.11
N LYS E 249 -51.95 46.95 11.95
CA LYS E 249 -52.43 46.20 10.79
C LYS E 249 -51.30 45.84 9.84
N PHE E 250 -51.30 44.59 9.35
CA PHE E 250 -50.26 44.13 8.44
C PHE E 250 -50.95 43.49 7.25
N ILE E 251 -51.02 44.22 6.12
CA ILE E 251 -51.65 43.75 4.89
C ILE E 251 -50.70 42.94 4.04
N ARG E 252 -51.21 41.84 3.48
CA ARG E 252 -50.39 40.99 2.64
C ARG E 252 -50.99 40.82 1.25
N ILE E 253 -50.25 41.25 0.22
CA ILE E 253 -50.75 41.12 -1.15
C ILE E 253 -50.01 40.01 -1.88
N ASN E 254 -50.78 39.18 -2.58
CA ASN E 254 -50.27 38.00 -3.27
C ASN E 254 -50.24 38.08 -4.79
N PHE E 255 -49.08 37.77 -5.37
CA PHE E 255 -48.88 37.84 -6.82
C PHE E 255 -48.57 36.50 -7.45
N ASP E 256 -49.02 36.31 -8.70
CA ASP E 256 -48.72 35.08 -9.42
C ASP E 256 -47.31 35.17 -9.99
N VAL E 257 -47.02 34.28 -10.95
CA VAL E 257 -45.71 34.24 -11.57
C VAL E 257 -45.59 35.35 -12.59
N THR E 258 -46.68 35.64 -13.29
CA THR E 258 -46.68 36.68 -14.30
C THR E 258 -46.54 38.09 -13.70
N GLY E 259 -46.68 38.18 -12.38
CA GLY E 259 -46.54 39.46 -11.71
C GLY E 259 -47.85 40.16 -11.41
N TYR E 260 -48.96 39.44 -11.44
CA TYR E 260 -50.26 40.03 -11.15
C TYR E 260 -50.80 39.78 -9.75
N ILE E 261 -51.58 40.74 -9.24
CA ILE E 261 -52.20 40.64 -7.92
C ILE E 261 -53.30 39.59 -8.01
N VAL E 262 -53.36 38.72 -7.03
CA VAL E 262 -54.37 37.68 -7.05
C VAL E 262 -55.04 37.50 -5.70
N GLY E 263 -54.35 37.88 -4.63
CA GLY E 263 -54.93 37.74 -3.30
C GLY E 263 -54.51 38.80 -2.30
N ALA E 264 -55.13 38.78 -1.12
CA ALA E 264 -54.81 39.74 -0.09
C ALA E 264 -55.35 39.35 1.28
N ASN E 265 -54.44 39.31 2.26
CA ASN E 265 -54.74 38.95 3.63
C ASN E 265 -54.54 40.20 4.51
N ILE E 266 -55.10 40.17 5.70
CA ILE E 266 -54.95 41.28 6.65
C ILE E 266 -54.89 40.75 8.08
N GLU E 267 -53.74 40.94 8.69
CA GLU E 267 -53.51 40.50 10.08
C GLU E 267 -53.64 41.70 11.03
N THR E 268 -54.80 41.77 11.66
CA THR E 268 -55.15 42.85 12.60
C THR E 268 -54.56 42.52 13.98
N TYR E 269 -54.27 43.55 14.78
CA TYR E 269 -53.64 43.31 16.09
C TYR E 269 -54.45 43.88 17.28
N LEU E 270 -53.72 44.64 18.08
CA LEU E 270 -54.19 45.21 19.37
C LEU E 270 -55.33 46.21 19.25
N LEU E 271 -56.56 45.72 19.04
CA LEU E 271 -57.70 46.64 18.91
C LEU E 271 -58.13 47.27 20.23
N GLU E 272 -57.67 48.48 20.54
CA GLU E 272 -58.03 49.17 21.80
C GLU E 272 -59.56 49.40 21.90
N LYS E 273 -60.31 48.30 22.06
CA LYS E 273 -61.77 48.33 22.15
C LYS E 273 -62.23 48.81 23.51
N SER E 274 -61.26 49.12 24.36
CA SER E 274 -61.57 49.64 25.67
C SER E 274 -62.51 50.84 25.44
N ARG E 275 -61.94 51.90 24.86
CA ARG E 275 -62.64 53.15 24.54
C ARG E 275 -64.06 53.00 23.98
N ALA E 276 -64.50 51.78 23.72
CA ALA E 276 -65.84 51.56 23.20
C ALA E 276 -66.88 51.88 24.27
N ILE E 277 -66.40 51.95 25.52
CA ILE E 277 -67.26 52.23 26.68
C ILE E 277 -67.02 53.62 27.28
N ARG E 278 -65.77 54.06 27.33
CA ARG E 278 -65.45 55.37 27.89
C ARG E 278 -64.26 56.01 27.16
N GLN E 279 -64.52 57.13 26.51
CA GLN E 279 -63.52 57.89 25.77
C GLN E 279 -62.97 59.00 26.66
N ALA E 280 -61.68 59.24 26.51
CA ALA E 280 -60.99 60.29 27.27
C ALA E 280 -61.61 61.66 26.93
N LYS E 281 -60.91 62.68 27.36
CA LYS E 281 -61.32 64.08 27.13
C LYS E 281 -60.93 64.49 25.70
N ASP E 282 -61.91 65.09 25.03
CA ASP E 282 -61.75 65.61 23.66
C ASP E 282 -61.51 64.50 22.63
N GLU E 283 -61.81 63.27 23.02
CA GLU E 283 -61.64 62.11 22.13
C GLU E 283 -63.03 61.56 21.73
N ARG E 284 -63.00 60.52 20.92
CA ARG E 284 -64.23 59.88 20.41
C ARG E 284 -64.09 58.35 20.40
N THR E 285 -65.20 57.70 20.10
CA THR E 285 -65.22 56.26 20.00
C THR E 285 -64.99 55.93 18.53
N PHE E 286 -65.18 54.67 18.21
CA PHE E 286 -65.01 54.18 16.87
C PHE E 286 -66.01 54.83 15.91
N HIS E 287 -65.45 55.65 15.03
CA HIS E 287 -66.21 56.36 14.01
C HIS E 287 -67.60 55.77 13.78
N ILE E 288 -67.66 54.55 13.25
CA ILE E 288 -68.92 53.89 12.97
C ILE E 288 -70.05 54.25 13.93
N PHE E 289 -69.75 54.35 15.22
CA PHE E 289 -70.77 54.68 16.20
C PHE E 289 -71.51 55.96 15.78
N TYR E 290 -70.78 57.07 15.81
CA TYR E 290 -71.32 58.35 15.41
C TYR E 290 -71.93 58.24 14.01
N TYR E 291 -71.23 57.60 13.08
CA TYR E 291 -71.77 57.47 11.72
C TYR E 291 -73.20 56.96 11.83
N LEU E 292 -73.37 55.88 12.59
CA LEU E 292 -74.68 55.27 12.76
C LEU E 292 -75.71 56.16 13.43
N ILE E 293 -75.36 56.70 14.59
CA ILE E 293 -76.29 57.58 15.29
C ILE E 293 -76.78 58.70 14.38
N ALA E 294 -76.06 58.94 13.28
CA ALA E 294 -76.44 60.01 12.36
C ALA E 294 -76.87 59.54 10.97
N GLY E 295 -76.03 58.75 10.32
CA GLY E 295 -76.34 58.27 8.99
C GLY E 295 -77.52 57.32 8.98
N ALA E 296 -78.02 57.01 10.18
CA ALA E 296 -79.14 56.11 10.33
C ALA E 296 -80.36 56.65 9.58
N SER E 297 -81.01 55.78 8.83
CA SER E 297 -82.21 56.14 8.09
C SER E 297 -83.38 56.24 9.08
N GLU E 298 -84.29 57.16 8.85
CA GLU E 298 -85.44 57.34 9.72
C GLU E 298 -86.01 55.98 10.14
N GLN E 299 -86.37 55.17 9.15
CA GLN E 299 -86.92 53.86 9.42
C GLN E 299 -85.96 53.04 10.29
N MET E 300 -84.88 52.56 9.69
CA MET E 300 -83.88 51.77 10.41
C MET E 300 -83.45 52.49 11.70
N ARG E 301 -83.73 53.80 11.76
CA ARG E 301 -83.37 54.59 12.93
C ARG E 301 -83.93 53.89 14.16
N ASN E 302 -85.26 53.72 14.19
CA ASN E 302 -85.91 53.05 15.30
C ASN E 302 -85.57 51.56 15.30
N ASP E 303 -85.54 50.96 14.12
CA ASP E 303 -85.25 49.54 13.95
C ASP E 303 -84.14 49.00 14.84
N LEU E 304 -83.25 49.89 15.29
CA LEU E 304 -82.15 49.46 16.14
C LEU E 304 -82.20 50.26 17.42
N LEU E 305 -83.31 50.99 17.60
CA LEU E 305 -83.52 51.84 18.78
C LEU E 305 -82.35 52.79 18.90
N LEU E 306 -82.19 53.60 17.86
CA LEU E 306 -81.09 54.54 17.80
C LEU E 306 -81.48 55.96 18.22
N GLU E 307 -81.63 56.16 19.52
CA GLU E 307 -81.96 57.47 20.05
C GLU E 307 -80.84 58.41 19.63
N GLY E 308 -81.10 59.71 19.66
CA GLY E 308 -80.08 60.67 19.27
C GLY E 308 -78.80 60.62 20.09
N PHE E 309 -77.94 61.61 19.89
CA PHE E 309 -76.68 61.69 20.62
C PHE E 309 -76.95 62.15 22.05
N ASN E 310 -76.05 61.76 22.95
CA ASN E 310 -76.18 62.13 24.36
C ASN E 310 -77.35 61.44 25.05
N ASN E 311 -77.86 60.41 24.39
CA ASN E 311 -78.95 59.62 24.94
C ASN E 311 -78.27 58.31 25.34
N TYR E 312 -76.99 58.19 24.98
CA TYR E 312 -76.17 57.02 25.26
C TYR E 312 -75.02 57.45 26.18
N THR E 313 -74.66 56.60 27.13
CA THR E 313 -73.62 56.96 28.06
C THR E 313 -72.22 56.50 27.67
N PHE E 314 -72.13 55.68 26.62
CA PHE E 314 -70.83 55.18 26.18
C PHE E 314 -70.08 56.25 25.41
N LEU E 315 -70.77 57.33 25.09
CA LEU E 315 -70.17 58.44 24.36
C LEU E 315 -69.80 59.60 25.29
N SER E 316 -68.60 59.53 25.87
CA SER E 316 -68.09 60.58 26.75
C SER E 316 -67.93 61.82 25.89
N ASN E 317 -67.94 63.00 26.51
CA ASN E 317 -67.82 64.24 25.77
C ASN E 317 -68.99 64.31 24.77
N GLY E 318 -70.13 63.72 25.13
CA GLY E 318 -71.28 63.73 24.24
C GLY E 318 -70.87 63.56 22.78
N HIS E 319 -71.53 64.29 21.88
CA HIS E 319 -71.19 64.22 20.46
C HIS E 319 -70.13 65.27 20.07
N VAL E 320 -68.91 64.81 19.84
CA VAL E 320 -67.84 65.70 19.43
C VAL E 320 -67.76 65.57 17.91
N PRO E 321 -67.45 66.69 17.22
CA PRO E 321 -67.33 66.71 15.77
C PRO E 321 -65.88 66.60 15.28
N ILE E 322 -65.74 66.14 14.05
CA ILE E 322 -64.44 65.97 13.45
C ILE E 322 -64.23 66.97 12.30
N PRO E 323 -63.15 67.77 12.38
CA PRO E 323 -62.82 68.78 11.35
C PRO E 323 -62.69 68.24 9.94
N ALA E 324 -63.31 68.96 9.00
CA ALA E 324 -63.25 68.59 7.58
C ALA E 324 -63.93 67.27 7.23
N GLN E 325 -64.52 66.63 8.21
CA GLN E 325 -65.20 65.35 7.98
C GLN E 325 -66.66 65.44 8.42
N GLN E 326 -67.53 64.96 7.56
CA GLN E 326 -68.97 64.96 7.83
C GLN E 326 -69.47 63.54 8.04
N ASP E 327 -69.67 63.18 9.31
CA ASP E 327 -70.15 61.86 9.68
C ASP E 327 -71.42 61.50 8.91
N ASP E 328 -72.30 62.50 8.74
CA ASP E 328 -73.55 62.34 8.00
C ASP E 328 -73.33 61.51 6.74
N GLU E 329 -72.47 62.02 5.85
CA GLU E 329 -72.14 61.34 4.60
C GLU E 329 -71.26 60.14 4.88
N MET E 330 -70.28 60.34 5.76
CA MET E 330 -69.34 59.29 6.15
C MET E 330 -70.03 57.95 6.17
N PHE E 331 -71.25 57.96 6.66
CA PHE E 331 -72.04 56.76 6.71
C PHE E 331 -72.08 56.10 5.32
N GLN E 332 -72.79 56.74 4.39
CA GLN E 332 -72.93 56.19 3.06
C GLN E 332 -71.61 55.69 2.49
N GLU E 333 -70.58 56.53 2.57
CA GLU E 333 -69.26 56.18 2.07
C GLU E 333 -68.92 54.77 2.51
N THR E 334 -68.99 54.54 3.81
CA THR E 334 -68.70 53.22 4.37
C THR E 334 -69.81 52.23 4.04
N LEU E 335 -71.04 52.71 4.04
CA LEU E 335 -72.12 51.83 3.68
C LEU E 335 -71.78 51.36 2.26
N GLU E 336 -71.52 52.35 1.39
CA GLU E 336 -71.16 52.10 -0.01
C GLU E 336 -70.01 51.10 -0.09
N ALA E 337 -69.02 51.30 0.76
CA ALA E 337 -67.85 50.42 0.78
C ALA E 337 -68.31 49.00 1.07
N MET E 338 -68.91 48.81 2.23
CA MET E 338 -69.40 47.50 2.63
C MET E 338 -69.99 46.72 1.45
N THR E 339 -70.81 47.40 0.63
CA THR E 339 -71.43 46.73 -0.52
C THR E 339 -70.37 46.32 -1.55
N ILE E 340 -69.52 47.28 -1.90
CA ILE E 340 -68.43 47.03 -2.85
C ILE E 340 -67.72 45.78 -2.40
N MET E 341 -67.40 45.76 -1.11
CA MET E 341 -66.71 44.65 -0.47
C MET E 341 -67.48 43.36 -0.68
N GLY E 342 -68.75 43.33 -0.24
CA GLY E 342 -69.56 42.12 -0.41
C GLY E 342 -70.66 41.84 0.60
N PHE E 343 -70.64 42.58 1.71
CA PHE E 343 -71.65 42.39 2.75
C PHE E 343 -73.09 42.51 2.26
N THR E 344 -73.78 41.37 2.19
CA THR E 344 -75.18 41.31 1.75
C THR E 344 -76.00 42.47 2.25
N GLU E 345 -76.95 42.89 1.44
CA GLU E 345 -77.83 44.01 1.77
C GLU E 345 -78.18 44.01 3.26
N GLU E 346 -78.78 42.91 3.73
CA GLU E 346 -79.18 42.79 5.12
C GLU E 346 -77.96 42.47 5.98
N GLU E 347 -77.03 41.71 5.40
CA GLU E 347 -75.81 41.32 6.08
C GLU E 347 -75.18 42.53 6.75
N GLN E 348 -75.66 43.70 6.39
CA GLN E 348 -75.14 44.93 6.96
C GLN E 348 -76.06 45.41 8.05
N THR E 349 -77.34 45.61 7.69
CA THR E 349 -78.34 46.09 8.63
C THR E 349 -78.03 45.46 9.98
N SER E 350 -77.67 44.19 9.93
CA SER E 350 -77.33 43.44 11.13
C SER E 350 -76.13 44.07 11.79
N ILE E 351 -75.00 44.08 11.10
CA ILE E 351 -73.77 44.63 11.67
C ILE E 351 -74.02 45.99 12.28
N LEU E 352 -75.20 46.56 12.02
CA LEU E 352 -75.52 47.86 12.55
C LEU E 352 -76.28 47.75 13.87
N ARG E 353 -77.30 46.89 13.93
CA ARG E 353 -78.05 46.72 15.17
C ARG E 353 -77.07 46.34 16.27
N VAL E 354 -76.21 45.37 15.97
CA VAL E 354 -75.20 44.91 16.91
C VAL E 354 -74.39 46.09 17.42
N VAL E 355 -74.46 47.22 16.72
CA VAL E 355 -73.72 48.40 17.16
C VAL E 355 -74.56 49.13 18.18
N SER E 356 -75.79 49.42 17.80
CA SER E 356 -76.71 50.12 18.70
C SER E 356 -76.74 49.32 19.99
N SER E 357 -76.80 48.01 19.85
CA SER E 357 -76.82 47.09 20.99
C SER E 357 -75.63 47.44 21.87
N VAL E 358 -74.43 47.38 21.32
CA VAL E 358 -73.21 47.71 22.06
C VAL E 358 -73.26 49.10 22.71
N LEU E 359 -74.31 49.87 22.41
CA LEU E 359 -74.45 51.20 22.97
C LEU E 359 -75.55 51.25 24.04
N GLN E 360 -76.69 50.61 23.74
CA GLN E 360 -77.83 50.56 24.65
C GLN E 360 -77.39 49.93 25.96
N LEU E 361 -76.68 48.80 25.84
CA LEU E 361 -76.14 48.06 26.97
C LEU E 361 -75.38 48.98 27.91
N GLY E 362 -75.27 50.25 27.51
CA GLY E 362 -74.61 51.24 28.32
C GLY E 362 -75.60 52.01 29.20
N ASN E 363 -76.86 52.05 28.76
CA ASN E 363 -77.91 52.74 29.49
C ASN E 363 -78.27 51.93 30.75
N ILE E 364 -78.30 50.61 30.59
CA ILE E 364 -78.60 49.68 31.67
C ILE E 364 -77.98 50.15 33.00
N VAL E 365 -78.84 50.29 34.02
CA VAL E 365 -78.40 50.76 35.32
C VAL E 365 -78.49 49.76 36.46
N PHE E 366 -77.72 50.02 37.50
CA PHE E 366 -77.68 49.16 38.68
C PHE E 366 -77.41 50.00 39.90
N LYS E 367 -78.48 50.49 40.54
CA LYS E 367 -78.36 51.32 41.73
C LYS E 367 -78.28 50.45 42.99
N LYS E 368 -77.29 50.76 43.83
CA LYS E 368 -77.07 50.05 45.07
C LYS E 368 -78.37 49.82 45.84
N GLU E 369 -78.35 48.84 46.74
CA GLU E 369 -79.52 48.53 47.53
C GLU E 369 -79.09 48.39 48.98
N ARG E 370 -79.27 49.46 49.75
CA ARG E 370 -78.89 49.47 51.17
C ARG E 370 -79.67 48.47 52.04
N ASN E 371 -80.57 47.73 51.41
CA ASN E 371 -81.36 46.73 52.12
C ASN E 371 -80.63 45.40 52.00
N THR E 372 -80.42 44.95 50.76
CA THR E 372 -79.73 43.68 50.47
C THR E 372 -78.28 43.95 50.09
N ASP E 373 -78.06 45.11 49.46
CA ASP E 373 -76.72 45.55 49.04
C ASP E 373 -76.30 44.91 47.73
N GLN E 374 -77.30 44.59 46.91
CA GLN E 374 -77.08 43.99 45.61
C GLN E 374 -77.94 44.78 44.62
N ALA E 375 -77.39 45.88 44.12
CA ALA E 375 -78.07 46.75 43.17
C ALA E 375 -78.98 45.97 42.24
N SER E 376 -80.07 46.59 41.80
CA SER E 376 -80.99 45.88 40.92
C SER E 376 -81.26 46.59 39.61
N MET E 377 -82.28 46.06 38.93
CA MET E 377 -82.74 46.54 37.65
C MET E 377 -84.02 47.34 37.89
N PRO E 378 -83.91 48.54 38.45
CA PRO E 378 -85.08 49.38 38.71
C PRO E 378 -85.84 49.74 37.43
N ASP E 379 -85.19 49.57 36.27
CA ASP E 379 -85.82 49.87 34.98
C ASP E 379 -85.62 48.80 33.90
N ASN E 380 -86.73 48.39 33.28
CA ASN E 380 -86.75 47.36 32.27
C ASN E 380 -86.30 47.91 30.93
N THR E 381 -86.98 48.92 30.39
CA THR E 381 -86.65 49.51 29.08
C THR E 381 -85.23 49.26 28.61
N ALA E 382 -84.26 49.66 29.42
CA ALA E 382 -82.85 49.49 29.11
C ALA E 382 -82.59 48.10 28.51
N ALA E 383 -82.25 47.15 29.37
CA ALA E 383 -81.98 45.78 28.97
C ALA E 383 -83.18 45.22 28.19
N GLN E 384 -84.34 45.80 28.42
CA GLN E 384 -85.54 45.38 27.72
C GLN E 384 -85.20 45.43 26.24
N LYS E 385 -84.76 46.60 25.80
CA LYS E 385 -84.38 46.81 24.41
C LYS E 385 -83.20 45.91 24.08
N VAL E 386 -82.06 46.18 24.73
CA VAL E 386 -80.83 45.44 24.52
C VAL E 386 -81.03 43.94 24.23
N CYS E 387 -81.80 43.29 25.08
CA CYS E 387 -82.04 41.85 24.91
C CYS E 387 -82.79 41.51 23.64
N HIS E 388 -83.43 42.52 23.05
CA HIS E 388 -84.19 42.33 21.81
C HIS E 388 -83.21 42.27 20.64
N LEU E 389 -82.28 43.22 20.64
CA LEU E 389 -81.27 43.27 19.60
C LEU E 389 -80.38 42.04 19.67
N MET E 390 -80.25 41.45 20.85
CA MET E 390 -79.41 40.25 20.99
C MET E 390 -80.08 38.96 20.59
N GLY E 391 -81.37 39.01 20.32
CA GLY E 391 -82.08 37.81 19.95
C GLY E 391 -82.14 36.86 21.13
N ILE E 392 -81.94 37.42 22.34
CA ILE E 392 -81.97 36.65 23.59
C ILE E 392 -83.21 37.00 24.41
N ASN E 393 -83.14 36.77 25.72
CA ASN E 393 -84.25 37.08 26.63
C ASN E 393 -83.92 37.88 27.88
N VAL E 394 -84.89 38.71 28.26
CA VAL E 394 -84.83 39.59 29.41
C VAL E 394 -84.52 38.85 30.70
N THR E 395 -85.58 38.46 31.37
CA THR E 395 -85.55 37.74 32.63
C THR E 395 -84.25 36.98 32.78
N ASP E 396 -83.99 36.10 31.82
CA ASP E 396 -82.78 35.32 31.85
C ASP E 396 -81.62 36.27 31.97
N PHE E 397 -81.41 37.05 30.92
CA PHE E 397 -80.35 38.03 30.89
C PHE E 397 -80.22 38.66 32.28
N THR E 398 -81.29 39.30 32.72
CA THR E 398 -81.34 39.97 34.01
C THR E 398 -80.71 39.17 35.14
N ARG E 399 -81.29 38.02 35.42
CA ARG E 399 -80.77 37.16 36.48
C ARG E 399 -79.27 37.01 36.24
N SER E 400 -78.93 36.39 35.12
CA SER E 400 -77.54 36.17 34.73
C SER E 400 -76.69 37.41 34.97
N ILE E 401 -77.24 38.55 34.61
CA ILE E 401 -76.54 39.82 34.74
C ILE E 401 -76.43 40.30 36.19
N LEU E 402 -77.41 39.94 37.01
CA LEU E 402 -77.43 40.35 38.41
C LEU E 402 -76.98 39.24 39.35
N THR E 403 -77.61 38.08 39.18
CA THR E 403 -77.35 36.88 39.98
C THR E 403 -76.69 35.78 39.15
N PRO E 404 -75.35 35.73 39.18
CA PRO E 404 -74.63 34.71 38.41
C PRO E 404 -74.87 33.28 38.91
N ARG E 405 -75.74 32.56 38.20
CA ARG E 405 -76.03 31.16 38.51
C ARG E 405 -74.81 30.34 38.10
N ILE E 406 -73.63 30.87 38.41
CA ILE E 406 -72.34 30.26 38.06
C ILE E 406 -72.15 28.84 38.56
N LYS E 407 -70.96 28.30 38.28
CA LYS E 407 -70.60 26.96 38.69
C LYS E 407 -69.10 26.80 38.89
N VAL E 408 -68.60 27.31 40.00
CA VAL E 408 -67.16 27.21 40.30
C VAL E 408 -66.79 25.78 40.60
N GLY E 409 -65.56 25.39 40.26
CA GLY E 409 -65.08 24.05 40.50
C GLY E 409 -66.14 22.94 40.52
N ARG E 410 -66.15 22.17 41.61
CA ARG E 410 -67.09 21.06 41.79
C ARG E 410 -68.35 21.54 42.50
N ASP E 411 -68.76 22.78 42.23
CA ASP E 411 -69.93 23.37 42.86
C ASP E 411 -70.69 24.35 41.96
N VAL E 412 -72.02 24.32 42.07
CA VAL E 412 -72.89 25.20 41.31
C VAL E 412 -73.04 26.48 42.13
N VAL E 413 -71.91 27.06 42.48
CA VAL E 413 -71.90 28.26 43.28
C VAL E 413 -72.85 29.34 42.77
N GLN E 414 -74.12 29.32 43.20
CA GLN E 414 -75.05 30.36 42.77
C GLN E 414 -74.83 31.56 43.68
N LYS E 415 -74.57 32.72 43.08
CA LYS E 415 -74.32 33.92 43.86
C LYS E 415 -74.84 35.16 43.12
N ALA E 416 -74.77 36.28 43.84
CA ALA E 416 -75.21 37.59 43.34
C ALA E 416 -74.14 38.65 43.60
N GLN E 417 -73.78 39.32 42.53
CA GLN E 417 -72.74 40.37 42.54
C GLN E 417 -73.31 41.68 43.13
N THR E 418 -72.40 42.64 43.26
CA THR E 418 -72.71 43.99 43.81
C THR E 418 -72.80 45.02 42.68
N LYS E 419 -73.71 45.95 42.88
CA LYS E 419 -73.95 47.03 41.90
C LYS E 419 -72.81 47.10 40.89
N GLU E 420 -71.62 47.35 41.42
CA GLU E 420 -70.39 47.47 40.60
C GLU E 420 -70.28 46.29 39.64
N GLN E 421 -70.03 45.12 40.22
CA GLN E 421 -69.88 43.87 39.48
C GLN E 421 -71.00 43.73 38.45
N ALA E 422 -72.14 44.25 38.83
CA ALA E 422 -73.35 44.20 38.00
C ALA E 422 -73.10 44.94 36.67
N ASP E 423 -72.14 45.85 36.74
CA ASP E 423 -71.78 46.68 35.58
C ASP E 423 -70.47 46.22 34.96
N PHE E 424 -69.46 45.99 35.79
CA PHE E 424 -68.16 45.54 35.29
C PHE E 424 -68.39 44.42 34.31
N ALA E 425 -69.56 43.81 34.41
CA ALA E 425 -69.94 42.72 33.52
C ALA E 425 -70.70 43.29 32.33
N ILE E 426 -71.85 43.90 32.59
CA ILE E 426 -72.65 44.49 31.51
C ILE E 426 -71.76 45.43 30.66
N GLU E 427 -70.67 45.88 31.26
CA GLU E 427 -69.70 46.75 30.59
C GLU E 427 -68.72 45.90 29.77
N ALA E 428 -67.90 45.13 30.48
CA ALA E 428 -66.92 44.27 29.84
C ALA E 428 -67.62 43.21 28.99
N LEU E 429 -68.94 43.34 28.82
CA LEU E 429 -69.67 42.40 28.02
C LEU E 429 -69.81 43.07 26.68
N ALA E 430 -70.46 44.23 26.68
CA ALA E 430 -70.65 44.97 25.45
C ALA E 430 -69.26 45.18 24.84
N LYS E 431 -68.35 45.67 25.68
CA LYS E 431 -66.97 45.91 25.28
C LYS E 431 -66.36 44.77 24.48
N ALA E 432 -66.66 43.54 24.87
CA ALA E 432 -66.11 42.39 24.16
C ALA E 432 -67.05 41.94 23.07
N LYS E 433 -68.32 42.32 23.19
CA LYS E 433 -69.28 41.96 22.16
C LYS E 433 -68.85 42.73 20.92
N PHE E 434 -68.19 43.87 21.14
CA PHE E 434 -67.70 44.72 20.05
C PHE E 434 -66.60 44.01 19.30
N GLU E 435 -65.51 43.74 20.01
CA GLU E 435 -64.35 43.06 19.45
C GLU E 435 -64.78 41.83 18.64
N ARG E 436 -65.84 41.18 19.10
CA ARG E 436 -66.37 40.01 18.43
C ARG E 436 -66.83 40.46 17.07
N LEU E 437 -67.09 41.75 16.91
CA LEU E 437 -67.53 42.25 15.62
C LEU E 437 -66.37 42.51 14.71
N PHE E 438 -65.43 43.33 15.18
CA PHE E 438 -64.27 43.66 14.37
C PHE E 438 -63.72 42.38 13.78
N ARG E 439 -63.25 41.51 14.66
CA ARG E 439 -62.68 40.24 14.24
C ARG E 439 -63.56 39.52 13.24
N TRP E 440 -64.87 39.77 13.29
CA TRP E 440 -65.80 39.12 12.38
C TRP E 440 -65.72 39.74 10.98
N ILE E 441 -65.94 41.05 10.92
CA ILE E 441 -65.88 41.77 9.67
C ILE E 441 -64.57 41.41 8.99
N LEU E 442 -63.49 41.63 9.74
CA LEU E 442 -62.16 41.37 9.25
C LEU E 442 -61.98 40.06 8.52
N THR E 443 -62.81 39.08 8.85
CA THR E 443 -62.72 37.78 8.21
C THR E 443 -63.75 37.70 7.10
N ARG E 444 -64.62 38.69 7.05
CA ARG E 444 -65.62 38.76 6.00
C ARG E 444 -64.90 39.48 4.85
N VAL E 445 -64.14 40.51 5.21
CA VAL E 445 -63.36 41.29 4.25
C VAL E 445 -62.33 40.33 3.67
N ASN E 446 -61.53 39.76 4.58
CA ASN E 446 -60.48 38.82 4.24
C ASN E 446 -60.98 37.59 3.52
N LYS E 447 -62.29 37.48 3.38
CA LYS E 447 -62.88 36.33 2.71
C LYS E 447 -62.95 36.56 1.22
N ALA E 448 -62.96 37.83 0.82
CA ALA E 448 -63.01 38.18 -0.60
C ALA E 448 -61.59 38.51 -1.09
N LEU E 449 -60.86 39.28 -0.32
CA LEU E 449 -59.53 39.64 -0.72
C LEU E 449 -58.70 38.41 -0.88
N ASP E 450 -59.29 37.26 -0.53
CA ASP E 450 -58.61 35.97 -0.64
C ASP E 450 -59.64 34.97 -1.15
N ALA E 457 -47.02 32.40 -5.97
CA ALA E 457 -45.62 32.37 -5.45
C ALA E 457 -45.05 33.66 -4.76
N SER E 458 -45.65 34.85 -4.83
CA SER E 458 -45.02 36.04 -4.16
C SER E 458 -46.03 36.90 -3.37
N PHE E 459 -45.49 37.61 -2.35
CA PHE E 459 -46.32 38.50 -1.48
C PHE E 459 -45.58 39.77 -1.12
N LEU E 460 -46.33 40.86 -1.04
CA LEU E 460 -45.72 42.13 -0.67
C LEU E 460 -46.32 42.41 0.67
N GLY E 461 -45.48 42.82 1.64
CA GLY E 461 -45.98 43.11 2.97
C GLY E 461 -45.95 44.57 3.33
N ILE E 462 -47.10 45.10 3.74
CA ILE E 462 -47.21 46.50 4.13
C ILE E 462 -47.61 46.58 5.59
N LEU E 463 -46.76 47.16 6.44
CA LEU E 463 -47.06 47.22 7.86
C LEU E 463 -47.43 48.57 8.46
N ASP E 464 -48.65 48.63 8.95
CA ASP E 464 -49.20 49.81 9.56
C ASP E 464 -49.44 49.50 11.04
N ILE E 465 -48.42 49.72 11.88
CA ILE E 465 -48.62 49.47 13.29
C ILE E 465 -49.10 50.77 13.90
N ALA E 466 -49.64 50.74 15.12
CA ALA E 466 -50.08 52.00 15.75
C ALA E 466 -48.80 52.67 16.29
N GLY E 467 -48.74 53.97 16.13
CA GLY E 467 -47.54 54.74 16.47
C GLY E 467 -47.44 55.11 17.96
N PHE E 468 -46.19 55.21 18.38
CA PHE E 468 -45.83 55.63 19.73
C PHE E 468 -46.82 56.70 20.12
N GLU E 469 -47.57 56.41 21.14
CA GLU E 469 -48.57 57.33 21.63
C GLU E 469 -48.48 57.37 23.12
N ILE E 470 -48.58 58.55 23.64
CA ILE E 470 -48.42 58.68 25.05
C ILE E 470 -49.21 59.89 25.61
N PHE E 471 -50.43 59.62 26.07
CA PHE E 471 -51.34 60.67 26.58
C PHE E 471 -51.14 60.94 28.08
N GLU E 472 -52.27 61.04 28.76
CA GLU E 472 -52.31 61.31 30.22
C GLU E 472 -52.30 59.98 30.96
N ILE E 473 -53.37 59.21 30.77
CA ILE E 473 -53.50 57.90 31.39
C ILE E 473 -52.76 56.90 30.51
N ASN E 474 -51.60 56.46 30.97
CA ASN E 474 -50.83 55.52 30.18
C ASN E 474 -51.14 54.08 30.52
N SER E 475 -52.37 53.70 30.15
CA SER E 475 -52.88 52.36 30.40
C SER E 475 -52.05 51.25 29.79
N PHE E 476 -52.56 50.02 29.94
CA PHE E 476 -51.90 48.84 29.43
C PHE E 476 -51.66 48.96 27.93
N GLU E 477 -52.75 49.22 27.21
CA GLU E 477 -52.76 49.38 25.76
C GLU E 477 -51.53 50.15 25.30
N GLN E 478 -51.40 51.35 25.82
CA GLN E 478 -50.28 52.22 25.51
C GLN E 478 -48.97 51.50 25.79
N LEU E 479 -48.99 50.52 26.69
CA LEU E 479 -47.77 49.78 27.03
C LEU E 479 -47.34 48.82 25.94
N CYS E 480 -48.28 48.04 25.41
CA CYS E 480 -47.93 47.11 24.35
C CYS E 480 -47.68 47.90 23.07
N ILE E 481 -48.46 48.96 22.86
CA ILE E 481 -48.33 49.81 21.68
C ILE E 481 -46.95 50.41 21.63
N ASN E 482 -46.56 51.13 22.66
CA ASN E 482 -45.22 51.72 22.67
C ASN E 482 -44.19 50.60 22.79
N TYR E 483 -44.66 49.37 23.01
CA TYR E 483 -43.77 48.22 23.13
C TYR E 483 -43.37 47.88 21.70
N THR E 484 -44.38 47.54 20.91
CA THR E 484 -44.20 47.18 19.51
C THR E 484 -43.33 48.21 18.82
N ASN E 485 -43.68 49.48 19.03
CA ASN E 485 -42.95 50.60 18.44
C ASN E 485 -41.47 50.48 18.76
N GLU E 486 -41.17 50.18 20.02
CA GLU E 486 -39.79 49.99 20.44
C GLU E 486 -39.24 48.73 19.76
N LYS E 487 -40.12 47.73 19.62
CA LYS E 487 -39.77 46.47 18.99
C LYS E 487 -39.31 46.70 17.55
N LEU E 488 -40.25 47.19 16.74
CA LEU E 488 -40.02 47.47 15.34
C LEU E 488 -38.73 48.25 15.10
N GLN E 489 -38.58 49.38 15.78
CA GLN E 489 -37.39 50.22 15.61
C GLN E 489 -36.14 49.36 15.66
N GLN E 490 -36.04 48.55 16.71
CA GLN E 490 -34.89 47.68 16.87
C GLN E 490 -34.67 46.83 15.62
N LEU E 491 -35.76 46.47 14.94
CA LEU E 491 -35.67 45.67 13.72
C LEU E 491 -34.79 46.43 12.75
N PHE E 492 -35.16 47.68 12.51
CA PHE E 492 -34.43 48.55 11.61
C PHE E 492 -32.98 48.62 12.02
N ASN E 493 -32.75 48.69 13.32
CA ASN E 493 -31.40 48.78 13.86
C ASN E 493 -30.61 47.53 13.49
N HIS E 494 -31.28 46.39 13.60
CA HIS E 494 -30.62 45.11 13.31
C HIS E 494 -30.23 44.97 11.87
N THR E 495 -31.25 45.00 11.04
CA THR E 495 -31.10 44.87 9.61
C THR E 495 -30.25 45.98 9.01
N MET E 496 -30.15 47.11 9.71
CA MET E 496 -29.40 48.26 9.20
C MET E 496 -27.91 48.30 9.51
N PHE E 497 -27.56 47.98 10.75
CA PHE E 497 -26.17 48.03 11.14
C PHE E 497 -25.61 46.66 11.48
N ILE E 498 -26.32 45.96 12.36
CA ILE E 498 -25.91 44.63 12.81
C ILE E 498 -25.71 43.62 11.68
N LEU E 499 -26.83 43.22 11.10
CA LEU E 499 -26.82 42.24 10.03
C LEU E 499 -25.85 42.59 8.92
N GLU E 500 -26.00 43.79 8.36
CA GLU E 500 -25.16 44.22 7.26
C GLU E 500 -23.68 43.97 7.48
N GLN E 501 -23.19 44.28 8.68
CA GLN E 501 -21.77 44.08 8.92
C GLN E 501 -21.38 42.62 9.07
N GLU E 502 -22.29 41.78 9.51
CA GLU E 502 -22.00 40.35 9.66
C GLU E 502 -21.57 39.76 8.32
N GLU E 503 -22.39 40.00 7.31
CA GLU E 503 -22.13 39.50 5.95
C GLU E 503 -20.81 39.99 5.36
N TYR E 504 -20.39 41.19 5.77
CA TYR E 504 -19.15 41.74 5.29
C TYR E 504 -18.09 40.81 5.83
N GLN E 505 -18.30 40.38 7.07
CA GLN E 505 -17.39 39.47 7.73
C GLN E 505 -17.46 38.11 7.02
N ARG E 506 -18.64 37.52 7.00
CA ARG E 506 -18.84 36.23 6.34
C ARG E 506 -18.10 36.08 5.02
N GLU E 507 -18.44 36.90 4.03
CA GLU E 507 -17.79 36.86 2.72
C GLU E 507 -16.31 37.16 2.87
N GLY E 508 -15.95 37.73 4.01
CA GLY E 508 -14.57 38.07 4.31
C GLY E 508 -13.94 39.17 3.47
N ILE E 509 -14.61 40.31 3.40
CA ILE E 509 -14.10 41.42 2.63
C ILE E 509 -13.27 42.30 3.55
N GLU E 510 -12.40 43.11 2.97
CA GLU E 510 -11.55 44.00 3.75
C GLU E 510 -12.48 45.00 4.45
N TRP E 511 -12.90 44.67 5.66
CA TRP E 511 -13.81 45.54 6.41
C TRP E 511 -13.62 45.47 7.91
N ASN E 512 -13.74 46.63 8.56
CA ASN E 512 -13.63 46.73 10.01
C ASN E 512 -14.98 47.16 10.53
N PHE E 513 -15.36 46.62 11.67
CA PHE E 513 -16.65 46.94 12.27
C PHE E 513 -16.80 48.40 12.65
N ILE E 514 -18.05 48.81 12.84
CA ILE E 514 -18.39 50.16 13.21
C ILE E 514 -19.57 50.12 14.16
N ASP E 515 -19.40 50.67 15.35
CA ASP E 515 -20.48 50.66 16.34
C ASP E 515 -21.33 51.90 16.30
N PHE E 516 -22.51 51.77 15.71
CA PHE E 516 -23.43 52.90 15.58
C PHE E 516 -24.18 53.15 16.89
N GLY E 517 -23.88 52.33 17.89
CA GLY E 517 -24.54 52.47 19.18
C GLY E 517 -26.04 52.64 19.05
N LEU E 518 -26.70 51.60 18.59
CA LEU E 518 -28.14 51.65 18.43
C LEU E 518 -28.77 50.31 18.81
N ASP E 519 -29.15 50.19 20.08
CA ASP E 519 -29.76 48.96 20.58
C ASP E 519 -30.78 49.24 21.66
N LEU E 520 -31.90 48.54 21.58
CA LEU E 520 -32.94 48.72 22.57
C LEU E 520 -33.34 47.36 23.13
N GLN E 521 -32.56 46.33 22.81
CA GLN E 521 -32.85 44.98 23.32
C GLN E 521 -33.20 45.14 24.80
N PRO E 522 -32.33 45.80 25.58
CA PRO E 522 -32.58 46.02 27.01
C PRO E 522 -34.03 46.39 27.27
N CYS E 523 -34.43 47.60 26.85
CA CYS E 523 -35.79 48.04 27.06
C CYS E 523 -36.85 47.04 26.61
N ILE E 524 -36.45 46.00 25.86
CA ILE E 524 -37.44 45.00 25.46
C ILE E 524 -37.49 43.92 26.54
N GLU E 525 -36.31 43.49 27.00
CA GLU E 525 -36.25 42.48 28.04
C GLU E 525 -37.08 42.95 29.25
N LEU E 526 -36.88 44.20 29.66
CA LEU E 526 -37.60 44.76 30.80
C LEU E 526 -39.12 44.56 30.69
N ILE E 527 -39.59 44.17 29.50
CA ILE E 527 -41.02 44.00 29.29
C ILE E 527 -41.38 42.77 28.45
N GLU E 528 -40.37 42.18 27.84
CA GLU E 528 -40.54 41.01 27.00
C GLU E 528 -40.14 39.72 27.73
N ARG E 529 -38.85 39.60 28.03
CA ARG E 529 -38.29 38.43 28.71
C ARG E 529 -39.23 37.88 29.80
N PRO E 530 -39.32 36.55 29.92
CA PRO E 530 -40.15 35.82 30.89
C PRO E 530 -39.39 35.31 32.11
N THR E 531 -38.95 34.06 32.03
CA THR E 531 -38.19 33.47 33.12
C THR E 531 -36.95 34.33 33.27
N ASN E 532 -36.09 33.99 34.22
CA ASN E 532 -34.89 34.79 34.43
C ASN E 532 -35.43 36.17 34.72
N PRO E 533 -34.55 37.19 34.82
CA PRO E 533 -35.09 38.51 35.10
C PRO E 533 -36.40 38.71 34.35
N PRO E 534 -37.54 38.61 35.06
CA PRO E 534 -38.87 38.79 34.43
C PRO E 534 -39.09 40.13 33.75
N GLY E 535 -40.07 40.16 32.85
CA GLY E 535 -40.41 41.39 32.15
C GLY E 535 -41.69 41.94 32.72
N VAL E 536 -41.95 43.23 32.51
CA VAL E 536 -43.17 43.85 33.04
C VAL E 536 -44.41 43.01 32.74
N LEU E 537 -44.47 42.46 31.52
CA LEU E 537 -45.60 41.64 31.12
C LEU E 537 -45.65 40.36 31.95
N ALA E 538 -44.47 39.76 32.15
CA ALA E 538 -44.34 38.52 32.92
C ALA E 538 -45.05 38.60 34.27
N LEU E 539 -44.55 39.46 35.13
CA LEU E 539 -45.12 39.65 36.45
C LEU E 539 -46.63 39.78 36.34
N LEU E 540 -47.08 40.88 35.76
CA LEU E 540 -48.51 41.10 35.61
C LEU E 540 -49.30 39.89 35.11
N ASP E 541 -48.60 38.86 34.64
CA ASP E 541 -49.27 37.66 34.13
C ASP E 541 -49.57 36.66 35.24
N GLU E 542 -48.55 36.27 35.99
CA GLU E 542 -48.71 35.32 37.09
C GLU E 542 -49.38 36.01 38.28
N GLU E 543 -48.86 37.19 38.64
CA GLU E 543 -49.36 38.01 39.74
C GLU E 543 -50.83 38.32 39.48
N CYS E 544 -51.28 37.93 38.30
CA CYS E 544 -52.66 38.14 37.88
C CYS E 544 -53.47 36.92 38.29
N TRP E 545 -52.74 35.86 38.67
CA TRP E 545 -53.36 34.61 39.09
C TRP E 545 -53.03 34.28 40.55
N PHE E 546 -53.45 35.19 41.44
CA PHE E 546 -53.24 35.05 42.89
C PHE E 546 -54.15 36.07 43.60
N PRO E 547 -55.07 35.57 44.44
CA PRO E 547 -56.04 36.35 45.20
C PRO E 547 -55.54 37.62 45.87
N LYS E 548 -54.66 37.45 46.85
CA LYS E 548 -54.11 38.58 47.59
C LYS E 548 -53.16 39.44 46.76
N ALA E 549 -53.57 39.74 45.53
CA ALA E 549 -52.78 40.55 44.64
C ALA E 549 -53.65 41.61 43.99
N THR E 550 -53.07 42.80 43.84
CA THR E 550 -53.74 43.92 43.20
C THR E 550 -52.74 44.68 42.35
N ASP E 551 -53.27 45.39 41.38
CA ASP E 551 -52.46 46.20 40.49
C ASP E 551 -51.30 46.79 41.29
N THR E 552 -51.65 47.29 42.45
CA THR E 552 -50.67 47.82 43.39
C THR E 552 -49.70 46.70 43.70
N SER E 553 -50.19 45.69 44.42
CA SER E 553 -49.36 44.54 44.76
C SER E 553 -48.40 44.28 43.60
N PHE E 554 -48.95 44.27 42.40
CA PHE E 554 -48.18 44.05 41.19
C PHE E 554 -46.99 45.02 41.15
N VAL E 555 -47.30 46.29 40.91
CA VAL E 555 -46.29 47.33 40.83
C VAL E 555 -45.17 47.16 41.84
N GLU E 556 -45.56 47.01 43.10
CA GLU E 556 -44.61 46.85 44.20
C GLU E 556 -43.63 45.73 43.85
N LYS E 557 -44.19 44.61 43.40
CA LYS E 557 -43.38 43.48 43.00
C LYS E 557 -42.58 43.98 41.80
N LEU E 558 -43.24 44.72 40.92
CA LEU E 558 -42.58 45.24 39.75
C LEU E 558 -41.28 45.91 40.15
N ILE E 559 -41.38 46.77 41.17
CA ILE E 559 -40.19 47.46 41.67
C ILE E 559 -39.21 46.40 42.15
N GLN E 560 -39.74 45.32 42.73
CA GLN E 560 -38.90 44.24 43.23
C GLN E 560 -37.90 43.76 42.17
N GLU E 561 -38.44 43.16 41.10
CA GLU E 561 -37.63 42.63 40.02
C GLU E 561 -36.78 43.70 39.33
N GLN E 562 -37.41 44.40 38.40
CA GLN E 562 -36.73 45.45 37.66
C GLN E 562 -36.06 46.41 38.63
N GLY E 563 -36.86 47.26 39.26
CA GLY E 563 -36.34 48.20 40.23
C GLY E 563 -35.19 49.07 39.73
N ASN E 564 -33.99 48.50 39.65
CA ASN E 564 -32.83 49.25 39.19
C ASN E 564 -32.48 49.03 37.71
N HIS E 565 -33.46 48.58 36.92
CA HIS E 565 -33.24 48.35 35.50
C HIS E 565 -32.86 49.66 34.80
N ALA E 566 -31.72 49.65 34.11
CA ALA E 566 -31.24 50.82 33.41
C ALA E 566 -32.35 51.50 32.63
N LYS E 567 -33.40 50.75 32.28
CA LYS E 567 -34.52 51.27 31.53
C LYS E 567 -35.79 51.43 32.35
N PHE E 568 -35.67 51.23 33.65
CA PHE E 568 -36.81 51.39 34.53
C PHE E 568 -36.62 52.61 35.42
N GLN E 569 -37.75 53.12 35.91
CA GLN E 569 -37.76 54.27 36.78
C GLN E 569 -39.12 54.32 37.50
N LYS E 570 -39.08 54.72 38.76
CA LYS E 570 -40.29 54.80 39.60
C LYS E 570 -40.99 56.17 39.43
N SER E 571 -42.30 56.13 39.57
CA SER E 571 -43.18 57.30 39.38
C SER E 571 -42.81 58.47 40.30
N LYS E 572 -43.72 59.45 40.30
CA LYS E 572 -43.60 60.67 41.10
C LYS E 572 -44.29 60.48 42.45
N GLN E 573 -43.81 59.50 43.18
CA GLN E 573 -44.36 59.15 44.50
C GLN E 573 -45.88 59.14 44.44
N LEU E 574 -46.39 58.45 43.44
CA LEU E 574 -47.84 58.32 43.25
C LEU E 574 -48.22 56.85 43.09
N LYS E 575 -47.65 56.05 43.97
CA LYS E 575 -47.94 54.62 44.03
C LYS E 575 -49.39 54.47 44.46
N ASP E 576 -49.93 55.62 44.85
CA ASP E 576 -51.35 55.74 45.23
C ASP E 576 -52.17 55.30 44.03
N LYS E 577 -51.71 55.80 42.91
CA LYS E 577 -52.23 55.43 41.60
C LYS E 577 -51.43 54.21 41.16
N THR E 578 -50.23 54.19 41.70
CA THR E 578 -49.23 53.12 41.51
C THR E 578 -48.82 53.01 40.04
N GLU E 579 -48.02 53.98 39.65
CA GLU E 579 -47.51 54.11 38.27
C GLU E 579 -46.00 53.86 38.25
N PHE E 580 -45.52 53.49 37.06
CA PHE E 580 -44.07 53.27 36.82
C PHE E 580 -43.65 53.91 35.50
N CYS E 581 -42.35 54.03 35.31
CA CYS E 581 -41.79 54.62 34.10
C CYS E 581 -40.79 53.66 33.45
N ILE E 582 -40.63 53.79 32.13
CA ILE E 582 -39.70 52.96 31.37
C ILE E 582 -39.15 53.85 30.26
N LEU E 583 -37.83 53.78 30.05
CA LEU E 583 -37.19 54.60 29.03
C LEU E 583 -37.23 54.02 27.61
N HIS E 584 -38.31 54.32 26.89
CA HIS E 584 -38.44 53.83 25.53
C HIS E 584 -37.41 54.48 24.64
N TYR E 585 -37.55 54.33 23.33
CA TYR E 585 -36.58 54.95 22.43
C TYR E 585 -37.13 56.33 22.11
N ALA E 586 -38.45 56.39 22.07
CA ALA E 586 -39.12 57.64 21.78
C ALA E 586 -39.23 58.50 23.03
N GLY E 587 -38.70 58.00 24.14
CA GLY E 587 -38.74 58.77 25.38
C GLY E 587 -39.41 58.09 26.57
N LYS E 588 -39.36 58.78 27.72
CA LYS E 588 -39.96 58.27 28.97
C LYS E 588 -41.48 58.36 29.01
N VAL E 589 -42.08 57.46 29.76
CA VAL E 589 -43.52 57.39 29.89
C VAL E 589 -43.91 56.88 31.27
N THR E 590 -44.94 57.49 31.86
CA THR E 590 -45.42 57.07 33.17
C THR E 590 -46.75 56.33 33.00
N TYR E 591 -46.65 55.01 33.11
CA TYR E 591 -47.80 54.14 32.96
C TYR E 591 -48.54 53.97 34.29
N ASN E 592 -49.85 53.81 34.19
CA ASN E 592 -50.71 53.61 35.36
C ASN E 592 -51.16 52.14 35.41
N ALA E 593 -50.40 51.37 36.16
CA ALA E 593 -50.61 49.90 36.31
C ALA E 593 -52.02 49.53 36.79
N SER E 594 -52.80 50.52 37.18
CA SER E 594 -54.16 50.31 37.72
C SER E 594 -55.07 49.54 36.74
N ALA E 595 -55.73 48.53 37.32
CA ALA E 595 -56.73 47.68 36.63
C ALA E 595 -56.08 46.72 35.61
N TRP E 596 -54.77 46.71 35.58
CA TRP E 596 -54.00 45.92 34.61
C TRP E 596 -54.28 44.41 34.71
N LEU E 597 -54.42 43.92 35.93
CA LEU E 597 -54.66 42.48 36.15
C LEU E 597 -56.00 42.06 35.55
N THR E 598 -56.98 42.95 35.64
CA THR E 598 -58.33 42.68 35.10
C THR E 598 -58.28 42.54 33.59
N LYS E 599 -57.78 43.58 32.92
CA LYS E 599 -57.66 43.60 31.48
C LYS E 599 -56.83 42.42 31.01
N ASN E 600 -55.69 42.22 31.67
CA ASN E 600 -54.78 41.13 31.33
C ASN E 600 -55.42 39.74 31.45
N MET E 601 -56.60 39.69 32.09
CA MET E 601 -57.33 38.44 32.28
C MET E 601 -58.55 38.35 31.39
N ASP E 602 -59.18 39.48 31.15
CA ASP E 602 -60.36 39.53 30.30
C ASP E 602 -61.42 38.52 30.71
N PRO E 603 -62.06 38.76 31.85
CA PRO E 603 -63.11 37.92 32.41
C PRO E 603 -64.46 38.44 32.01
N LEU E 604 -65.51 37.64 32.22
CA LEU E 604 -66.88 38.06 31.85
C LEU E 604 -67.92 36.97 32.12
N ASN E 605 -69.12 37.47 32.45
CA ASN E 605 -70.28 36.66 32.81
C ASN E 605 -70.70 35.66 31.74
N ASP E 606 -70.19 34.45 31.88
CA ASP E 606 -70.49 33.38 30.97
C ASP E 606 -71.98 33.10 30.95
N ASN E 607 -72.65 33.42 32.06
CA ASN E 607 -74.08 33.19 32.17
C ASN E 607 -74.78 33.78 30.96
N VAL E 608 -74.54 35.05 30.73
CA VAL E 608 -75.16 35.74 29.62
C VAL E 608 -74.39 35.32 28.37
N THR E 609 -73.10 35.01 28.54
CA THR E 609 -72.28 34.59 27.41
C THR E 609 -73.03 33.54 26.60
N SER E 610 -73.08 32.34 27.17
CA SER E 610 -73.74 31.20 26.55
C SER E 610 -75.19 31.52 26.25
N LEU E 611 -75.78 32.35 27.10
CA LEU E 611 -77.17 32.75 26.92
C LEU E 611 -77.36 33.15 25.45
N LEU E 612 -76.38 33.87 24.92
CA LEU E 612 -76.43 34.31 23.54
C LEU E 612 -76.05 33.15 22.66
N ASN E 613 -74.98 32.44 23.06
CA ASN E 613 -74.46 31.31 22.30
C ASN E 613 -75.51 30.50 21.55
N GLN E 614 -76.77 30.64 21.96
CA GLN E 614 -77.84 29.92 21.29
C GLN E 614 -79.02 30.85 21.04
N SER E 615 -78.76 32.16 21.14
CA SER E 615 -79.80 33.15 20.90
C SER E 615 -80.52 32.91 19.57
N SER E 616 -81.72 33.48 19.43
CA SER E 616 -82.52 33.35 18.22
C SER E 616 -81.85 34.02 17.03
N ASP E 617 -81.24 35.17 17.28
CA ASP E 617 -80.55 35.95 16.24
C ASP E 617 -79.27 35.28 15.73
N LYS E 618 -79.37 34.65 14.56
CA LYS E 618 -78.26 33.95 13.97
C LYS E 618 -76.98 34.77 13.94
N PHE E 619 -77.07 36.00 13.43
CA PHE E 619 -75.87 36.83 13.37
C PHE E 619 -75.17 36.82 14.73
N VAL E 620 -75.92 37.09 15.77
CA VAL E 620 -75.36 37.08 17.13
C VAL E 620 -74.96 35.66 17.49
N ALA E 621 -75.65 34.74 16.84
CA ALA E 621 -75.42 33.31 17.04
C ALA E 621 -73.98 32.96 16.62
N ASP E 622 -73.74 33.09 15.32
CA ASP E 622 -72.42 32.79 14.73
C ASP E 622 -71.33 33.66 15.37
N LEU E 623 -71.76 34.85 15.74
CA LEU E 623 -70.87 35.83 16.38
C LEU E 623 -70.28 35.25 17.66
N TRP E 624 -71.19 34.70 18.48
CA TRP E 624 -70.85 34.11 19.79
C TRP E 624 -70.87 32.57 19.75
N LYS E 625 -70.92 32.04 18.55
CA LYS E 625 -70.98 30.57 18.32
C LYS E 625 -69.83 29.84 19.04
N ASP E 626 -68.71 30.52 19.17
CA ASP E 626 -67.51 30.01 19.87
C ASP E 626 -67.43 30.70 21.23
N VAL E 627 -67.65 29.92 22.29
CA VAL E 627 -67.74 30.48 23.66
C VAL E 627 -66.95 29.70 24.73
N ASP E 628 -66.47 28.53 24.37
CA ASP E 628 -65.79 27.62 25.30
C ASP E 628 -64.61 28.27 26.08
N ARG E 629 -64.12 29.41 25.62
CA ARG E 629 -62.94 30.07 26.26
C ARG E 629 -63.35 31.00 27.42
N ILE E 630 -64.57 31.49 27.37
CA ILE E 630 -65.09 32.42 28.41
C ILE E 630 -64.60 31.99 29.81
N VAL E 631 -64.67 32.95 30.74
CA VAL E 631 -64.22 32.74 32.14
C VAL E 631 -65.40 32.77 33.10
N GLY E 632 -65.52 31.71 33.89
CA GLY E 632 -66.58 31.59 34.88
C GLY E 632 -66.05 30.93 36.15
N LEU E 633 -65.26 31.68 36.91
CA LEU E 633 -64.67 31.14 38.14
C LEU E 633 -63.95 32.23 38.93
N PHE E 655 -57.68 30.65 30.79
CA PHE E 655 -56.70 29.82 30.05
C PHE E 655 -55.41 30.58 29.76
N ARG E 656 -55.33 31.20 28.58
CA ARG E 656 -54.15 31.96 28.22
C ARG E 656 -54.29 33.45 28.47
N THR E 657 -53.18 34.06 28.87
CA THR E 657 -53.11 35.48 29.20
C THR E 657 -53.03 36.42 27.98
N VAL E 658 -53.72 37.56 28.09
CA VAL E 658 -53.71 38.56 27.01
C VAL E 658 -52.28 38.88 26.60
N GLY E 659 -51.52 39.46 27.50
CA GLY E 659 -50.14 39.79 27.19
C GLY E 659 -49.32 38.71 26.48
N GLN E 660 -49.66 37.44 26.64
CA GLN E 660 -48.90 36.38 25.98
C GLN E 660 -49.66 35.94 24.76
N LEU E 661 -50.96 36.17 24.77
CA LEU E 661 -51.77 35.83 23.60
C LEU E 661 -51.25 36.71 22.45
N TYR E 662 -51.11 38.00 22.75
CA TYR E 662 -50.58 38.98 21.84
C TYR E 662 -49.15 38.57 21.63
N LYS E 663 -48.31 38.92 22.59
CA LYS E 663 -46.88 38.64 22.55
C LYS E 663 -46.49 37.33 21.86
N GLU E 664 -47.48 36.50 21.54
CA GLU E 664 -47.20 35.23 20.87
C GLU E 664 -47.34 35.40 19.36
N GLN E 665 -48.41 36.08 18.96
CA GLN E 665 -48.66 36.31 17.54
C GLN E 665 -47.70 37.37 17.01
N LEU E 666 -47.30 38.28 17.88
CA LEU E 666 -46.38 39.34 17.51
C LEU E 666 -44.99 38.80 17.32
N THR E 667 -44.82 37.50 17.51
CA THR E 667 -43.52 36.87 17.28
C THR E 667 -43.66 36.15 15.97
N LYS E 668 -44.92 35.90 15.63
CA LYS E 668 -45.25 35.25 14.37
C LYS E 668 -44.88 36.33 13.38
N LEU E 669 -45.51 37.50 13.53
CA LEU E 669 -45.23 38.63 12.64
C LEU E 669 -43.71 38.92 12.58
N MET E 670 -43.08 39.21 13.72
CA MET E 670 -41.65 39.47 13.72
C MET E 670 -40.85 38.38 12.99
N THR E 671 -41.48 37.21 12.77
CA THR E 671 -40.82 36.09 12.10
C THR E 671 -40.84 36.18 10.59
N THR E 672 -42.01 36.45 10.02
CA THR E 672 -42.10 36.57 8.57
C THR E 672 -41.34 37.77 8.07
N LEU E 673 -41.41 38.88 8.83
CA LEU E 673 -40.69 40.09 8.44
C LEU E 673 -39.22 39.81 8.29
N ARG E 674 -38.69 38.97 9.17
CA ARG E 674 -37.27 38.62 9.13
C ARG E 674 -36.99 37.67 7.97
N ASN E 675 -38.06 37.25 7.31
CA ASN E 675 -37.97 36.34 6.18
C ASN E 675 -38.32 37.01 4.85
N THR E 676 -38.50 38.32 4.89
CA THR E 676 -38.85 39.08 3.70
C THR E 676 -37.79 40.14 3.51
N ASN E 677 -38.00 41.02 2.52
CA ASN E 677 -37.06 42.10 2.33
C ASN E 677 -37.72 43.39 2.76
N PRO E 678 -37.18 44.03 3.80
CA PRO E 678 -37.71 45.28 4.34
C PRO E 678 -37.43 46.51 3.50
N ASN E 679 -38.40 47.41 3.45
CA ASN E 679 -38.33 48.68 2.73
C ASN E 679 -38.93 49.64 3.75
N PHE E 680 -38.08 50.43 4.40
CA PHE E 680 -38.52 51.38 5.43
C PHE E 680 -38.95 52.78 4.95
N VAL E 681 -40.14 53.21 5.37
CA VAL E 681 -40.65 54.54 4.99
C VAL E 681 -40.85 55.38 6.25
N ARG E 682 -39.76 55.74 6.91
CA ARG E 682 -39.79 56.53 8.15
C ARG E 682 -40.62 57.83 8.24
N CYS E 683 -41.92 57.72 8.46
CA CYS E 683 -42.76 58.91 8.61
C CYS E 683 -42.19 59.85 9.69
N ILE E 684 -42.42 61.15 9.54
CA ILE E 684 -41.93 62.13 10.50
C ILE E 684 -42.93 63.23 10.79
N ILE E 685 -43.32 63.38 12.06
CA ILE E 685 -44.27 64.40 12.47
C ILE E 685 -43.54 65.75 12.50
N PRO E 686 -44.15 66.79 11.89
CA PRO E 686 -43.62 68.17 11.80
C PRO E 686 -43.94 69.04 13.00
N ASN E 687 -45.09 68.78 13.59
CA ASN E 687 -45.52 69.55 14.73
C ASN E 687 -46.68 68.86 15.39
N HIS E 688 -46.92 69.23 16.65
CA HIS E 688 -47.99 68.66 17.44
C HIS E 688 -49.20 69.58 17.43
N GLU E 689 -49.06 70.73 16.81
CA GLU E 689 -50.17 71.67 16.74
C GLU E 689 -51.14 71.30 15.62
N LYS E 690 -50.86 70.19 14.94
CA LYS E 690 -51.71 69.75 13.84
C LYS E 690 -51.80 70.88 12.84
N ARG E 691 -50.73 71.67 12.78
CA ARG E 691 -50.65 72.80 11.87
C ARG E 691 -49.92 72.43 10.61
N ALA E 692 -50.43 72.92 9.50
CA ALA E 692 -49.80 72.67 8.22
C ALA E 692 -48.87 73.85 7.96
N GLY E 693 -47.74 73.60 7.32
CA GLY E 693 -46.82 74.70 7.06
C GLY E 693 -46.01 75.07 8.28
N LYS E 694 -46.35 74.48 9.42
CA LYS E 694 -45.60 74.75 10.64
C LYS E 694 -44.61 73.60 10.83
N LEU E 695 -43.33 73.91 11.04
CA LEU E 695 -42.36 72.82 11.22
C LEU E 695 -41.39 73.05 12.37
N ASP E 696 -41.66 72.40 13.51
CA ASP E 696 -40.83 72.49 14.71
C ASP E 696 -39.46 71.86 14.53
N ALA E 697 -38.44 72.69 14.60
CA ALA E 697 -37.06 72.25 14.39
C ALA E 697 -36.59 71.09 15.24
N HIS E 698 -36.58 71.30 16.55
CA HIS E 698 -36.11 70.27 17.45
C HIS E 698 -37.00 69.04 17.49
N LEU E 699 -38.32 69.24 17.44
CA LEU E 699 -39.22 68.10 17.45
C LEU E 699 -38.83 67.17 16.32
N VAL E 700 -38.46 67.77 15.20
CA VAL E 700 -38.07 66.99 14.03
C VAL E 700 -36.61 66.63 14.15
N LEU E 701 -35.89 67.32 15.01
CA LEU E 701 -34.48 67.00 15.16
C LEU E 701 -34.34 65.73 15.98
N GLU E 702 -35.18 65.58 17.01
CA GLU E 702 -35.13 64.39 17.86
C GLU E 702 -35.54 63.16 17.06
N GLN E 703 -36.66 63.27 16.36
CA GLN E 703 -37.14 62.16 15.56
C GLN E 703 -35.97 61.59 14.76
N LEU E 704 -35.30 62.47 14.04
CA LEU E 704 -34.17 62.03 13.25
C LEU E 704 -33.08 61.45 14.14
N ARG E 705 -33.25 61.62 15.44
CA ARG E 705 -32.27 61.12 16.40
C ARG E 705 -32.63 59.72 16.88
N CYS E 706 -33.83 59.58 17.43
CA CYS E 706 -34.28 58.30 17.94
C CYS E 706 -34.61 57.26 16.88
N ASN E 707 -34.66 57.70 15.62
CA ASN E 707 -34.97 56.83 14.49
C ASN E 707 -33.76 56.26 13.79
N GLY E 708 -32.60 56.84 14.09
CA GLY E 708 -31.36 56.37 13.51
C GLY E 708 -31.08 56.78 12.07
N VAL E 709 -31.65 57.91 11.67
CA VAL E 709 -31.48 58.38 10.30
C VAL E 709 -30.04 58.56 9.91
N LEU E 710 -29.35 59.49 10.55
CA LEU E 710 -27.94 59.71 10.21
C LEU E 710 -27.11 58.42 10.02
N GLU E 711 -27.07 57.59 11.08
CA GLU E 711 -26.34 56.34 11.04
C GLU E 711 -26.89 55.55 9.88
N GLY E 712 -28.22 55.53 9.78
CA GLY E 712 -28.88 54.84 8.69
C GLY E 712 -28.31 55.27 7.34
N ILE E 713 -27.61 56.39 7.31
CA ILE E 713 -27.03 56.88 6.06
C ILE E 713 -25.51 56.67 6.00
N ARG E 714 -24.84 56.68 7.16
CA ARG E 714 -23.39 56.51 7.20
C ARG E 714 -22.96 55.23 6.46
N ILE E 715 -23.58 54.12 6.81
CA ILE E 715 -23.24 52.84 6.19
C ILE E 715 -23.51 52.86 4.70
N CYS E 716 -24.54 53.57 4.24
CA CYS E 716 -24.83 53.61 2.80
C CYS E 716 -23.66 54.28 2.10
N ARG E 717 -23.00 55.19 2.82
CA ARG E 717 -21.86 55.89 2.28
C ARG E 717 -20.59 55.12 2.67
N GLN E 718 -20.54 54.67 3.93
CA GLN E 718 -19.41 53.92 4.45
C GLN E 718 -19.20 52.56 3.80
N GLY E 719 -20.19 51.68 3.97
CA GLY E 719 -20.12 50.33 3.44
C GLY E 719 -20.55 50.12 2.00
N PHE E 720 -20.83 48.86 1.64
CA PHE E 720 -21.23 48.51 0.26
C PHE E 720 -22.60 47.85 0.26
N PRO E 721 -23.68 48.64 0.31
CA PRO E 721 -25.05 48.14 0.34
C PRO E 721 -25.55 47.35 -0.84
N ASN E 722 -24.68 47.13 -1.82
CA ASN E 722 -25.04 46.37 -3.00
C ASN E 722 -24.07 45.23 -3.18
N ARG E 723 -24.59 44.03 -3.41
CA ARG E 723 -23.74 42.86 -3.59
C ARG E 723 -24.35 42.00 -4.68
N ILE E 724 -23.50 41.27 -5.38
CA ILE E 724 -23.98 40.43 -6.46
C ILE E 724 -23.02 39.25 -6.61
N VAL E 725 -23.58 38.05 -6.74
CA VAL E 725 -22.80 36.83 -6.85
C VAL E 725 -22.05 36.66 -8.18
N PHE E 726 -20.81 36.18 -8.08
CA PHE E 726 -19.93 35.99 -9.23
C PHE E 726 -20.56 35.52 -10.52
N GLN E 727 -21.66 34.79 -10.45
CA GLN E 727 -22.24 34.28 -11.69
C GLN E 727 -23.16 35.25 -12.39
N GLU E 728 -24.05 35.83 -11.61
CA GLU E 728 -25.01 36.76 -12.17
C GLU E 728 -24.26 37.98 -12.69
N PHE E 729 -23.10 38.25 -12.12
CA PHE E 729 -22.31 39.41 -12.56
C PHE E 729 -21.65 39.18 -13.91
N ARG E 730 -20.95 38.06 -14.06
CA ARG E 730 -20.29 37.77 -15.33
C ARG E 730 -21.38 37.43 -16.33
N GLN E 731 -22.61 37.42 -15.84
CA GLN E 731 -23.76 37.09 -16.67
C GLN E 731 -24.42 38.33 -17.24
N ARG E 732 -24.81 39.25 -16.37
CA ARG E 732 -25.48 40.48 -16.77
C ARG E 732 -24.61 41.45 -17.59
N TYR E 733 -23.42 41.75 -17.08
CA TYR E 733 -22.50 42.67 -17.71
C TYR E 733 -21.33 42.12 -18.53
N GLU E 734 -21.47 40.95 -19.13
CA GLU E 734 -20.36 40.44 -19.93
C GLU E 734 -20.36 41.20 -21.25
N ILE E 735 -21.58 41.53 -21.66
CA ILE E 735 -21.79 42.25 -22.90
C ILE E 735 -20.97 43.52 -22.93
N LEU E 736 -20.52 43.92 -21.76
CA LEU E 736 -19.72 45.14 -21.64
C LEU E 736 -18.25 44.83 -22.02
N ALA E 737 -17.78 43.66 -21.61
CA ALA E 737 -16.40 43.22 -21.94
C ALA E 737 -16.46 41.86 -22.62
N ALA E 738 -16.64 41.91 -23.92
CA ALA E 738 -16.78 40.71 -24.74
C ALA E 738 -15.47 39.93 -24.86
N ASN E 739 -14.36 40.61 -24.61
CA ASN E 739 -13.03 40.00 -24.78
C ASN E 739 -12.17 39.99 -23.51
N ALA E 740 -12.78 40.20 -22.37
CA ALA E 740 -12.03 40.17 -21.10
C ALA E 740 -11.83 38.73 -20.69
N ILE E 741 -12.87 37.92 -20.87
CA ILE E 741 -12.82 36.51 -20.52
C ILE E 741 -12.48 35.74 -21.77
N PRO E 742 -11.44 34.91 -21.71
CA PRO E 742 -10.98 34.08 -22.84
C PRO E 742 -12.07 33.10 -23.32
N LYS E 743 -11.90 32.53 -24.53
CA LYS E 743 -12.86 31.58 -25.08
C LYS E 743 -13.10 30.36 -24.18
N GLY E 744 -12.06 29.95 -23.48
CA GLY E 744 -12.12 28.77 -22.59
C GLY E 744 -12.90 29.11 -21.31
N PHE E 745 -13.13 28.09 -20.49
CA PHE E 745 -13.85 28.27 -19.23
C PHE E 745 -12.97 29.01 -18.23
N MET E 746 -13.47 29.13 -17.02
CA MET E 746 -12.75 29.82 -15.96
C MET E 746 -13.57 29.94 -14.68
N ASP E 747 -12.82 30.02 -13.60
CA ASP E 747 -13.38 30.14 -12.25
C ASP E 747 -14.23 31.40 -12.16
N GLY E 748 -15.52 31.22 -11.86
CA GLY E 748 -16.43 32.34 -11.71
C GLY E 748 -15.79 33.60 -11.17
N LYS E 749 -15.22 33.53 -9.98
CA LYS E 749 -14.57 34.69 -9.38
C LYS E 749 -13.55 35.24 -10.35
N GLN E 750 -12.36 34.67 -10.36
CA GLN E 750 -11.29 35.12 -11.24
C GLN E 750 -11.81 35.52 -12.63
N ALA E 751 -12.59 34.64 -13.25
CA ALA E 751 -13.14 34.92 -14.59
C ALA E 751 -13.90 36.23 -14.67
N CYS E 752 -14.50 36.67 -13.57
CA CYS E 752 -15.26 37.91 -13.59
C CYS E 752 -14.39 39.08 -13.12
N ILE E 753 -13.31 38.78 -12.39
CA ILE E 753 -12.39 39.80 -11.92
C ILE E 753 -11.68 40.38 -13.14
N LEU E 754 -11.64 39.56 -14.19
CA LEU E 754 -11.03 39.95 -15.44
C LEU E 754 -11.82 41.12 -15.98
N MET E 755 -13.11 40.88 -16.15
CA MET E 755 -13.97 41.92 -16.68
C MET E 755 -14.11 43.14 -15.79
N ILE E 756 -13.57 43.07 -14.57
CA ILE E 756 -13.63 44.22 -13.67
C ILE E 756 -12.49 45.13 -14.09
N LYS E 757 -11.41 44.51 -14.56
CA LYS E 757 -10.25 45.25 -15.01
C LYS E 757 -10.60 45.78 -16.39
N ALA E 758 -11.47 45.07 -17.08
CA ALA E 758 -11.91 45.45 -18.40
C ALA E 758 -12.73 46.76 -18.35
N LEU E 759 -13.30 47.06 -17.19
CA LEU E 759 -14.07 48.28 -17.06
C LEU E 759 -13.25 49.28 -16.28
N GLU E 760 -12.05 48.86 -15.90
CA GLU E 760 -11.15 49.71 -15.14
C GLU E 760 -11.89 50.36 -13.96
N LEU E 761 -12.76 49.60 -13.33
CA LEU E 761 -13.55 50.04 -12.19
C LEU E 761 -12.61 50.44 -11.05
N ASP E 762 -12.90 51.55 -10.39
CA ASP E 762 -12.04 51.96 -9.30
C ASP E 762 -12.12 51.03 -8.11
N PRO E 763 -10.95 50.61 -7.60
CA PRO E 763 -10.80 49.71 -6.46
C PRO E 763 -11.38 50.27 -5.16
N ASN E 764 -12.32 51.19 -5.26
CA ASN E 764 -12.93 51.71 -4.04
C ASN E 764 -14.43 51.65 -4.18
N LEU E 765 -14.85 51.42 -5.40
CA LEU E 765 -16.26 51.31 -5.67
C LEU E 765 -16.68 49.90 -5.26
N TYR E 766 -15.88 48.91 -5.66
CA TYR E 766 -16.19 47.52 -5.33
C TYR E 766 -15.37 46.91 -4.20
N ARG E 767 -15.74 45.68 -3.87
CA ARG E 767 -15.09 44.88 -2.83
C ARG E 767 -15.38 43.41 -3.17
N ILE E 768 -14.35 42.69 -3.64
CA ILE E 768 -14.51 41.28 -4.00
C ILE E 768 -14.59 40.43 -2.72
N GLY E 769 -15.55 39.49 -2.70
CA GLY E 769 -15.72 38.66 -1.52
C GLY E 769 -15.38 37.21 -1.77
N GLN E 770 -16.15 36.32 -1.16
CA GLN E 770 -15.92 34.89 -1.35
C GLN E 770 -16.71 34.33 -2.54
N SER E 771 -18.02 34.58 -2.52
CA SER E 771 -18.92 34.09 -3.58
C SER E 771 -19.57 35.21 -4.35
N LYS E 772 -19.60 36.40 -3.75
CA LYS E 772 -20.23 37.57 -4.34
C LYS E 772 -19.31 38.78 -4.26
N ILE E 773 -19.63 39.80 -5.05
CA ILE E 773 -18.87 41.05 -5.06
C ILE E 773 -19.69 42.12 -4.34
N PHE E 774 -19.03 42.97 -3.56
CA PHE E 774 -19.75 44.01 -2.83
C PHE E 774 -19.46 45.38 -3.45
N PHE E 775 -20.46 45.94 -4.11
CA PHE E 775 -20.28 47.24 -4.74
C PHE E 775 -20.72 48.42 -3.90
N ARG E 776 -20.37 49.60 -4.37
CA ARG E 776 -20.73 50.84 -3.71
C ARG E 776 -21.98 51.40 -4.36
N THR E 777 -22.68 52.24 -3.61
CA THR E 777 -23.92 52.83 -4.12
C THR E 777 -23.73 53.41 -5.53
N GLY E 778 -24.72 53.16 -6.38
CA GLY E 778 -24.69 53.67 -7.74
C GLY E 778 -23.80 52.94 -8.73
N VAL E 779 -22.75 52.33 -8.21
CA VAL E 779 -21.82 51.64 -9.08
C VAL E 779 -22.54 50.62 -9.96
N LEU E 780 -23.52 49.92 -9.39
CA LEU E 780 -24.22 48.92 -10.17
C LEU E 780 -25.25 49.54 -11.11
N ALA E 781 -25.78 50.70 -10.72
CA ALA E 781 -26.79 51.39 -11.53
C ALA E 781 -26.24 51.79 -12.89
N HIS E 782 -25.06 52.39 -12.86
CA HIS E 782 -24.36 52.84 -14.06
C HIS E 782 -24.04 51.64 -14.96
N LEU E 783 -23.62 50.54 -14.34
CA LEU E 783 -23.30 49.33 -15.06
C LEU E 783 -24.56 48.87 -15.81
N GLU E 784 -25.71 48.95 -15.15
CA GLU E 784 -26.97 48.54 -15.74
C GLU E 784 -27.30 49.44 -16.92
N GLU E 785 -27.19 50.74 -16.71
CA GLU E 785 -27.46 51.74 -17.74
C GLU E 785 -26.74 51.32 -19.02
N GLU E 786 -25.41 51.34 -18.96
CA GLU E 786 -24.58 50.97 -20.10
C GLU E 786 -25.12 49.76 -20.87
N ARG E 787 -25.28 48.65 -20.17
CA ARG E 787 -25.79 47.42 -20.75
C ARG E 787 -27.10 47.66 -21.48
N ASP E 788 -27.97 48.49 -20.89
CA ASP E 788 -29.27 48.79 -21.48
C ASP E 788 -29.13 49.63 -22.74
N LEU E 789 -27.97 50.25 -22.87
CA LEU E 789 -27.66 51.07 -24.04
C LEU E 789 -27.08 50.13 -25.08
N LYS E 790 -26.16 49.30 -24.63
CA LYS E 790 -25.50 48.33 -25.49
C LYS E 790 -26.52 47.45 -26.22
N ILE E 791 -27.75 47.44 -25.73
CA ILE E 791 -28.78 46.60 -26.33
C ILE E 791 -30.05 47.31 -26.86
N THR E 792 -30.14 48.62 -26.63
CA THR E 792 -31.31 49.40 -27.06
C THR E 792 -31.70 49.14 -28.51
N ASP E 793 -30.81 49.52 -29.42
CA ASP E 793 -31.03 49.34 -30.85
C ASP E 793 -31.66 48.00 -31.14
N VAL E 794 -30.97 46.94 -30.75
CA VAL E 794 -31.44 45.58 -30.94
C VAL E 794 -32.89 45.49 -30.49
N ILE E 795 -33.14 46.00 -29.29
CA ILE E 795 -34.49 45.98 -28.75
C ILE E 795 -35.37 46.72 -29.75
N ILE E 796 -34.91 47.90 -30.14
CA ILE E 796 -35.63 48.72 -31.10
C ILE E 796 -35.90 47.86 -32.34
N ALA E 797 -34.85 47.20 -32.81
CA ALA E 797 -34.95 46.33 -33.99
C ALA E 797 -36.03 45.29 -33.79
N PHE E 798 -35.87 44.51 -32.73
CA PHE E 798 -36.81 43.45 -32.42
C PHE E 798 -38.22 44.02 -32.26
N GLN E 799 -38.36 45.03 -31.42
CA GLN E 799 -39.66 45.64 -31.17
C GLN E 799 -40.44 45.79 -32.45
N ALA E 800 -39.77 46.24 -33.49
CA ALA E 800 -40.38 46.45 -34.79
C ALA E 800 -41.10 45.20 -35.30
N GLN E 801 -40.29 44.18 -35.58
CA GLN E 801 -40.80 42.91 -36.09
C GLN E 801 -42.02 42.47 -35.29
N CYS E 802 -42.02 42.78 -34.01
CA CYS E 802 -43.12 42.43 -33.13
C CYS E 802 -44.37 43.17 -33.53
N ARG E 803 -44.23 44.48 -33.74
CA ARG E 803 -45.37 45.30 -34.16
C ARG E 803 -45.78 44.74 -35.51
N GLY E 804 -44.78 44.28 -36.27
CA GLY E 804 -45.04 43.71 -37.57
C GLY E 804 -45.93 42.50 -37.36
N TYR E 805 -45.30 41.44 -36.85
CA TYR E 805 -45.98 40.19 -36.53
C TYR E 805 -47.34 40.52 -35.86
N LEU E 806 -47.25 41.09 -34.66
CA LEU E 806 -48.42 41.47 -33.87
C LEU E 806 -49.46 42.18 -34.75
N ALA E 807 -49.06 42.69 -35.90
CA ALA E 807 -49.98 43.41 -36.76
C ALA E 807 -50.61 42.57 -37.86
N ARG E 808 -49.80 42.08 -38.77
CA ARG E 808 -50.31 41.25 -39.87
C ARG E 808 -51.36 40.27 -39.38
N LYS E 809 -51.16 39.77 -38.17
CA LYS E 809 -52.07 38.80 -37.59
C LYS E 809 -53.43 39.35 -37.12
N ALA E 810 -53.44 40.41 -36.31
CA ALA E 810 -54.69 40.99 -35.81
C ALA E 810 -55.54 41.68 -36.89
N PHE E 811 -54.94 41.89 -38.06
CA PHE E 811 -55.64 42.51 -39.18
C PHE E 811 -56.30 41.34 -39.91
N ALA E 812 -55.48 40.33 -40.17
CA ALA E 812 -55.93 39.12 -40.84
C ALA E 812 -56.98 38.46 -39.95
N LYS E 813 -57.35 39.15 -38.87
CA LYS E 813 -58.36 38.63 -37.95
C LYS E 813 -59.68 39.29 -38.30
N ARG E 814 -59.69 40.62 -38.39
CA ARG E 814 -60.90 41.36 -38.73
C ARG E 814 -61.41 40.86 -40.08
N GLN E 815 -60.53 40.14 -40.75
CA GLN E 815 -60.81 39.57 -42.07
C GLN E 815 -61.77 38.38 -41.94
N GLN E 816 -61.66 37.67 -40.83
CA GLN E 816 -62.51 36.48 -40.58
C GLN E 816 -63.95 36.89 -40.26
N GLN E 817 -64.09 37.90 -39.43
CA GLN E 817 -65.41 38.41 -39.05
C GLN E 817 -66.08 38.98 -40.30
N LEU E 818 -65.24 39.34 -41.25
CA LEU E 818 -65.68 39.85 -42.55
C LEU E 818 -66.08 38.63 -43.38
N GLY E 819 -65.17 37.65 -43.42
CA GLY E 819 -65.42 36.43 -44.16
C GLY E 819 -66.36 35.52 -43.39
N SER E 820 -67.04 36.10 -42.38
CA SER E 820 -67.98 35.34 -41.56
C SER E 820 -69.39 35.57 -42.11
N PHE F 3 -40.45 46.28 -57.86
CA PHE F 3 -41.62 45.44 -57.49
C PHE F 3 -42.42 45.04 -58.73
N SER F 4 -42.25 43.78 -59.15
CA SER F 4 -42.95 43.27 -60.32
C SER F 4 -44.42 43.65 -60.26
N GLU F 5 -44.99 44.01 -61.41
CA GLU F 5 -46.41 44.38 -61.45
C GLU F 5 -47.23 43.30 -60.77
N GLU F 6 -46.76 42.06 -60.89
CA GLU F 6 -47.44 40.92 -60.29
C GLU F 6 -47.76 41.23 -58.83
N GLN F 7 -46.75 41.68 -58.08
CA GLN F 7 -46.94 42.02 -56.68
C GLN F 7 -47.57 43.40 -56.56
N THR F 8 -47.03 44.35 -57.33
CA THR F 8 -47.56 45.71 -57.32
C THR F 8 -49.06 45.67 -57.50
N ALA F 9 -49.52 44.76 -58.36
CA ALA F 9 -50.94 44.59 -58.63
C ALA F 9 -51.65 44.17 -57.35
N GLU F 10 -51.00 43.29 -56.58
CA GLU F 10 -51.57 42.80 -55.33
C GLU F 10 -51.42 43.84 -54.22
N PHE F 11 -50.29 44.54 -54.20
CA PHE F 11 -50.05 45.57 -53.20
C PHE F 11 -51.32 46.38 -53.06
N LYS F 12 -51.86 46.78 -54.21
CA LYS F 12 -53.10 47.56 -54.26
C LYS F 12 -54.18 46.85 -53.47
N GLU F 13 -54.30 45.55 -53.67
CA GLU F 13 -55.30 44.74 -52.98
C GLU F 13 -55.14 44.89 -51.48
N ALA F 14 -53.90 45.03 -51.03
CA ALA F 14 -53.61 45.19 -49.61
C ALA F 14 -53.90 46.61 -49.17
N PHE F 15 -53.35 47.57 -49.90
CA PHE F 15 -53.57 48.97 -49.58
C PHE F 15 -55.06 49.27 -49.50
N GLN F 16 -55.78 48.89 -50.55
CA GLN F 16 -57.21 49.08 -50.62
C GLN F 16 -57.89 48.47 -49.40
N LEU F 17 -57.42 47.29 -49.02
CA LEU F 17 -57.95 46.57 -47.87
C LEU F 17 -57.54 47.26 -46.58
N PHE F 18 -57.60 48.59 -46.58
CA PHE F 18 -57.19 49.35 -45.39
C PHE F 18 -57.92 50.66 -45.12
N ASP F 19 -59.09 50.85 -45.72
CA ASP F 19 -59.83 52.09 -45.50
C ASP F 19 -61.22 51.88 -44.91
N ARG F 20 -61.40 52.35 -43.67
CA ARG F 20 -62.67 52.21 -42.96
C ARG F 20 -63.85 52.86 -43.71
N THR F 21 -63.66 54.09 -44.17
CA THR F 21 -64.70 54.80 -44.91
C THR F 21 -64.53 54.40 -46.36
N GLY F 22 -63.68 55.15 -47.08
CA GLY F 22 -63.34 54.79 -48.45
C GLY F 22 -62.82 55.67 -49.60
N ASP F 23 -62.46 56.91 -49.28
CA ASP F 23 -61.88 57.79 -50.27
C ASP F 23 -60.76 57.04 -51.01
N GLY F 24 -60.16 56.07 -50.32
CA GLY F 24 -59.07 55.31 -50.90
C GLY F 24 -57.79 55.93 -50.37
N LYS F 25 -57.82 56.29 -49.09
CA LYS F 25 -56.68 56.92 -48.45
C LYS F 25 -56.30 56.26 -47.13
N ILE F 26 -54.99 56.13 -46.92
CA ILE F 26 -54.44 55.54 -45.71
C ILE F 26 -53.86 56.67 -44.86
N LEU F 27 -54.48 56.93 -43.72
CA LEU F 27 -54.01 57.98 -42.83
C LEU F 27 -52.51 57.83 -42.65
N TYR F 28 -51.80 58.95 -42.60
CA TYR F 28 -50.36 58.94 -42.44
C TYR F 28 -49.91 57.95 -41.38
N SER F 29 -50.82 57.63 -40.47
CA SER F 29 -50.54 56.67 -39.40
C SER F 29 -50.42 55.25 -39.96
N GLN F 30 -51.50 54.75 -40.53
CA GLN F 30 -51.57 53.40 -41.09
C GLN F 30 -50.39 52.95 -41.94
N CYS F 31 -49.73 53.88 -42.62
CA CYS F 31 -48.59 53.54 -43.47
C CYS F 31 -47.81 52.38 -42.85
N GLY F 32 -47.40 52.55 -41.60
CA GLY F 32 -46.65 51.52 -40.91
C GLY F 32 -47.20 50.11 -41.01
N ASP F 33 -48.42 49.91 -40.52
CA ASP F 33 -49.05 48.59 -40.55
C ASP F 33 -49.23 48.04 -41.96
N VAL F 34 -49.55 48.92 -42.91
CA VAL F 34 -49.73 48.49 -44.29
C VAL F 34 -48.41 47.99 -44.87
N MET F 35 -47.31 48.62 -44.47
CA MET F 35 -45.99 48.20 -44.93
C MET F 35 -45.74 46.85 -44.30
N ARG F 36 -46.05 46.74 -43.01
CA ARG F 36 -45.86 45.52 -42.25
C ARG F 36 -46.68 44.39 -42.88
N ALA F 37 -47.99 44.62 -43.02
CA ALA F 37 -48.89 43.65 -43.60
C ALA F 37 -48.33 43.11 -44.92
N LEU F 38 -47.61 43.97 -45.63
CA LEU F 38 -47.00 43.58 -46.90
C LEU F 38 -45.69 42.86 -46.61
N GLY F 39 -45.55 42.38 -45.39
CA GLY F 39 -44.34 41.66 -45.00
C GLY F 39 -43.16 42.56 -44.73
N GLN F 40 -43.40 43.79 -44.30
CA GLN F 40 -42.30 44.70 -44.02
C GLN F 40 -42.12 44.93 -42.53
N ASN F 41 -40.86 45.05 -42.11
CA ASN F 41 -40.54 45.27 -40.72
C ASN F 41 -39.80 46.60 -40.52
N PRO F 42 -40.33 47.68 -41.11
CA PRO F 42 -39.66 48.98 -40.95
C PRO F 42 -39.72 49.43 -39.50
N THR F 43 -38.59 49.90 -38.98
CA THR F 43 -38.55 50.38 -37.60
C THR F 43 -39.42 51.64 -37.57
N ASN F 44 -39.69 52.15 -36.38
CA ASN F 44 -40.54 53.34 -36.26
C ASN F 44 -39.95 54.58 -36.94
N ALA F 45 -38.63 54.66 -37.00
CA ALA F 45 -37.96 55.81 -37.63
C ALA F 45 -38.00 55.69 -39.15
N GLU F 46 -37.68 54.50 -39.66
CA GLU F 46 -37.67 54.26 -41.09
C GLU F 46 -39.00 54.63 -41.73
N VAL F 47 -40.04 54.71 -40.91
CA VAL F 47 -41.37 55.05 -41.40
C VAL F 47 -41.62 56.55 -41.41
N MET F 48 -41.16 57.24 -40.37
CA MET F 48 -41.33 58.68 -40.26
C MET F 48 -40.44 59.39 -41.27
N LYS F 49 -39.22 58.88 -41.41
CA LYS F 49 -38.25 59.45 -42.35
C LYS F 49 -38.88 59.60 -43.74
N VAL F 50 -39.67 58.61 -44.13
CA VAL F 50 -40.34 58.63 -45.44
C VAL F 50 -41.75 59.17 -45.30
N LEU F 51 -41.95 60.02 -44.30
CA LEU F 51 -43.25 60.63 -44.04
C LEU F 51 -43.03 62.11 -43.81
N GLY F 52 -41.77 62.52 -43.93
CA GLY F 52 -41.41 63.91 -43.73
C GLY F 52 -41.51 64.30 -42.27
N ASN F 53 -41.40 63.31 -41.39
CA ASN F 53 -41.47 63.55 -39.96
C ASN F 53 -42.61 64.49 -39.59
N PRO F 54 -43.87 64.03 -39.75
CA PRO F 54 -45.03 64.86 -39.41
C PRO F 54 -45.16 65.03 -37.90
N LYS F 55 -46.37 65.34 -37.44
CA LYS F 55 -46.62 65.51 -36.02
C LYS F 55 -47.93 64.87 -35.61
N SER F 56 -47.89 64.06 -34.56
CA SER F 56 -49.05 63.37 -34.03
C SER F 56 -50.39 63.85 -34.60
N ASP F 57 -50.71 65.11 -34.32
CA ASP F 57 -51.94 65.72 -34.81
C ASP F 57 -52.15 65.49 -36.30
N GLU F 58 -51.23 66.02 -37.11
CA GLU F 58 -51.31 65.88 -38.56
C GLU F 58 -51.12 64.45 -39.01
N MET F 59 -50.68 63.58 -38.09
CA MET F 59 -50.46 62.18 -38.41
C MET F 59 -51.79 61.43 -38.40
N ASN F 60 -52.84 62.10 -37.93
CA ASN F 60 -54.16 61.51 -37.87
C ASN F 60 -55.10 62.24 -38.83
N LEU F 61 -54.57 63.23 -39.54
CA LEU F 61 -55.35 64.00 -40.50
C LEU F 61 -54.88 63.69 -41.92
N LYS F 62 -53.57 63.77 -42.14
CA LYS F 62 -52.97 63.52 -43.45
C LYS F 62 -53.36 62.14 -44.00
N THR F 63 -53.48 62.05 -45.32
CA THR F 63 -53.86 60.79 -45.97
C THR F 63 -52.89 60.34 -47.05
N LEU F 64 -53.13 59.14 -47.58
CA LEU F 64 -52.27 58.58 -48.61
C LEU F 64 -53.02 57.83 -49.71
N LYS F 65 -52.46 57.88 -50.92
CA LYS F 65 -53.03 57.19 -52.07
C LYS F 65 -51.96 56.23 -52.57
N PHE F 66 -52.35 55.01 -52.93
CA PHE F 66 -51.39 54.01 -53.38
C PHE F 66 -50.24 54.57 -54.22
N GLU F 67 -50.58 55.31 -55.27
CA GLU F 67 -49.54 55.87 -56.15
C GLU F 67 -48.46 56.63 -55.40
N GLN F 68 -48.85 57.36 -54.34
CA GLN F 68 -47.88 58.10 -53.56
C GLN F 68 -47.32 57.21 -52.45
N PHE F 69 -48.02 56.13 -52.16
CA PHE F 69 -47.59 55.18 -51.13
C PHE F 69 -46.56 54.22 -51.68
N LEU F 70 -46.86 53.64 -52.85
CA LEU F 70 -45.96 52.69 -53.48
C LEU F 70 -44.51 53.16 -53.47
N PRO F 71 -44.26 54.42 -53.88
CA PRO F 71 -42.88 54.94 -53.90
C PRO F 71 -42.16 54.79 -52.57
N MET F 72 -42.93 54.66 -51.49
CA MET F 72 -42.36 54.50 -50.16
C MET F 72 -42.16 53.01 -49.85
N MET F 73 -43.16 52.21 -50.18
CA MET F 73 -43.11 50.78 -49.95
C MET F 73 -41.74 50.24 -50.36
N GLN F 74 -41.29 50.65 -51.54
CA GLN F 74 -40.00 50.23 -52.07
C GLN F 74 -38.85 50.86 -51.30
N THR F 75 -38.78 52.19 -51.32
CA THR F 75 -37.72 52.91 -50.61
C THR F 75 -37.37 52.18 -49.34
N ILE F 76 -38.39 51.72 -48.61
CA ILE F 76 -38.16 50.97 -47.40
C ILE F 76 -37.63 49.62 -47.84
N ALA F 77 -38.48 48.84 -48.52
CA ALA F 77 -38.13 47.52 -49.03
C ALA F 77 -36.63 47.29 -49.20
N LYS F 78 -35.94 48.26 -49.77
CA LYS F 78 -34.49 48.15 -49.98
C LYS F 78 -33.75 48.87 -48.86
N ASN F 79 -33.19 48.10 -47.92
CA ASN F 79 -32.46 48.66 -46.80
C ASN F 79 -31.06 48.11 -46.58
N LYS F 80 -30.36 48.71 -45.62
CA LYS F 80 -28.98 48.34 -45.29
C LYS F 80 -28.84 47.11 -44.39
N ASP F 81 -29.69 47.01 -43.36
CA ASP F 81 -29.59 45.90 -42.44
C ASP F 81 -30.86 45.11 -42.13
N GLN F 82 -30.84 44.49 -40.96
CA GLN F 82 -31.93 43.67 -40.41
C GLN F 82 -31.39 42.86 -39.21
N GLY F 83 -32.27 42.52 -38.28
CA GLY F 83 -31.85 41.73 -37.14
C GLY F 83 -31.71 40.27 -37.56
N CYS F 84 -31.46 39.39 -36.59
CA CYS F 84 -31.31 37.97 -36.88
C CYS F 84 -31.04 37.20 -35.61
N PHE F 85 -31.66 36.03 -35.46
CA PHE F 85 -31.50 35.14 -34.30
C PHE F 85 -30.15 35.45 -33.88
N GLU F 86 -29.50 35.31 -35.01
CA GLU F 86 -28.12 35.51 -34.96
C GLU F 86 -27.88 36.59 -33.90
N ASP F 87 -28.40 37.78 -34.12
CA ASP F 87 -28.24 38.90 -33.20
C ASP F 87 -29.50 39.11 -32.34
N TYR F 88 -30.66 39.07 -32.98
CA TYR F 88 -31.92 39.27 -32.27
C TYR F 88 -31.90 38.60 -30.92
N VAL F 89 -31.83 37.28 -30.91
CA VAL F 89 -31.82 36.53 -29.67
C VAL F 89 -30.58 36.83 -28.82
N GLU F 90 -29.47 37.09 -29.47
CA GLU F 90 -28.22 37.40 -28.77
C GLU F 90 -28.43 38.52 -27.75
N GLY F 91 -29.44 39.36 -28.00
CA GLY F 91 -29.73 40.44 -27.10
C GLY F 91 -30.60 40.01 -25.93
N LEU F 92 -31.62 39.22 -26.21
CA LEU F 92 -32.51 38.76 -25.16
C LEU F 92 -31.79 37.83 -24.20
N ARG F 93 -30.90 36.98 -24.72
CA ARG F 93 -30.13 36.01 -23.94
C ARG F 93 -29.32 36.69 -22.84
N VAL F 94 -29.39 38.01 -22.82
CA VAL F 94 -28.68 38.84 -21.84
C VAL F 94 -29.54 39.04 -20.59
N PHE F 95 -30.77 38.57 -20.67
CA PHE F 95 -31.72 38.72 -19.57
C PHE F 95 -32.02 37.35 -19.00
N ASP F 96 -31.29 36.36 -19.50
CA ASP F 96 -31.43 34.95 -19.09
C ASP F 96 -30.76 34.75 -17.73
N LYS F 97 -31.45 35.16 -16.67
CA LYS F 97 -30.97 35.08 -15.29
C LYS F 97 -29.81 34.13 -15.00
N GLU F 98 -29.90 32.90 -15.50
CA GLU F 98 -28.84 31.92 -15.29
C GLU F 98 -28.66 30.88 -16.41
N GLY F 99 -28.19 31.32 -17.56
CA GLY F 99 -27.97 30.42 -18.69
C GLY F 99 -29.00 29.32 -18.89
N ASN F 100 -30.17 29.45 -18.28
CA ASN F 100 -31.23 28.45 -18.41
C ASN F 100 -31.68 28.30 -19.86
N GLY F 101 -31.66 29.42 -20.59
CA GLY F 101 -32.08 29.42 -21.98
C GLY F 101 -33.46 30.03 -22.06
N THR F 102 -33.97 30.42 -20.89
CA THR F 102 -35.29 31.02 -20.78
C THR F 102 -35.28 32.27 -19.92
N VAL F 103 -36.18 33.20 -20.22
CA VAL F 103 -36.30 34.42 -19.46
C VAL F 103 -37.70 34.53 -18.92
N MET F 104 -37.84 35.17 -17.77
CA MET F 104 -39.15 35.34 -17.11
C MET F 104 -40.06 36.26 -17.92
N GLY F 105 -41.24 35.76 -18.23
CA GLY F 105 -42.20 36.52 -19.00
C GLY F 105 -42.54 37.88 -18.42
N ALA F 106 -41.84 38.25 -17.36
CA ALA F 106 -42.10 39.53 -16.71
C ALA F 106 -40.94 40.42 -17.02
N GLU F 107 -39.75 39.84 -17.07
CA GLU F 107 -38.56 40.61 -17.39
C GLU F 107 -38.62 40.90 -18.89
N ILE F 108 -39.02 39.91 -19.67
CA ILE F 108 -39.14 40.13 -21.11
C ILE F 108 -40.22 41.18 -21.25
N ARG F 109 -41.32 41.03 -20.52
CA ARG F 109 -42.41 42.00 -20.61
C ARG F 109 -41.99 43.43 -20.26
N HIS F 110 -40.94 43.54 -19.46
CA HIS F 110 -40.45 44.84 -19.04
C HIS F 110 -39.69 45.45 -20.18
N VAL F 111 -38.47 44.96 -20.40
CA VAL F 111 -37.58 45.43 -21.45
C VAL F 111 -38.33 45.90 -22.67
N LEU F 112 -39.18 45.03 -23.19
CA LEU F 112 -39.96 45.37 -24.36
C LEU F 112 -40.81 46.63 -24.19
N VAL F 113 -41.09 47.04 -22.97
CA VAL F 113 -41.87 48.25 -22.78
C VAL F 113 -41.14 49.26 -21.91
N THR F 114 -39.84 49.41 -22.12
CA THR F 114 -39.03 50.37 -21.37
C THR F 114 -37.74 50.71 -22.09
N LEU F 115 -37.57 50.16 -23.29
CA LEU F 115 -36.37 50.41 -24.08
C LEU F 115 -36.74 50.68 -25.54
N GLY F 116 -35.92 51.48 -26.21
CA GLY F 116 -36.19 51.79 -27.61
C GLY F 116 -37.64 52.10 -27.93
N GLU F 117 -38.09 51.63 -29.09
CA GLU F 117 -39.48 51.84 -29.53
C GLU F 117 -40.47 51.21 -28.55
N LYS F 118 -40.56 51.78 -27.35
CA LYS F 118 -41.42 51.29 -26.29
C LYS F 118 -42.77 50.81 -26.77
N MET F 119 -43.10 49.56 -26.43
CA MET F 119 -44.39 48.97 -26.81
C MET F 119 -45.41 49.29 -25.71
N THR F 120 -46.58 48.67 -25.78
CA THR F 120 -47.60 48.91 -24.75
C THR F 120 -47.78 47.66 -23.90
N GLU F 121 -48.32 47.85 -22.71
CA GLU F 121 -48.57 46.75 -21.79
C GLU F 121 -49.38 45.67 -22.49
N GLU F 122 -50.36 46.10 -23.26
CA GLU F 122 -51.21 45.16 -23.98
C GLU F 122 -50.42 44.52 -25.10
N GLU F 123 -49.72 45.34 -25.87
CA GLU F 123 -48.94 44.82 -26.98
C GLU F 123 -48.15 43.59 -26.57
N VAL F 124 -47.25 43.75 -25.60
CA VAL F 124 -46.44 42.64 -25.11
C VAL F 124 -47.32 41.52 -24.60
N GLU F 125 -48.38 41.86 -23.87
CA GLU F 125 -49.27 40.82 -23.36
C GLU F 125 -49.65 39.89 -24.51
N GLN F 126 -50.29 40.44 -25.53
CA GLN F 126 -50.72 39.70 -26.71
C GLN F 126 -49.61 38.91 -27.37
N LEU F 127 -48.38 39.37 -27.21
CA LEU F 127 -47.24 38.71 -27.82
C LEU F 127 -46.76 37.43 -27.10
N VAL F 128 -46.14 37.60 -25.95
CA VAL F 128 -45.61 36.50 -25.15
C VAL F 128 -46.73 35.60 -24.71
N ALA F 129 -47.86 36.19 -24.35
CA ALA F 129 -49.02 35.45 -23.88
C ALA F 129 -49.13 34.04 -24.49
N GLY F 130 -48.98 33.03 -23.65
CA GLY F 130 -49.09 31.67 -24.13
C GLY F 130 -47.76 31.00 -24.41
N HIS F 131 -46.66 31.61 -23.97
CA HIS F 131 -45.33 31.05 -24.21
C HIS F 131 -44.62 30.94 -22.88
N GLU F 132 -45.30 31.41 -21.84
CA GLU F 132 -44.77 31.35 -20.49
C GLU F 132 -45.19 29.96 -20.01
N ASP F 133 -44.29 29.26 -19.32
CA ASP F 133 -44.63 27.94 -18.83
C ASP F 133 -45.31 27.99 -17.45
N SER F 134 -45.20 26.91 -16.70
CA SER F 134 -45.79 26.85 -15.36
C SER F 134 -45.19 27.93 -14.50
N ASN F 135 -43.88 28.13 -14.66
CA ASN F 135 -43.15 29.12 -13.90
C ASN F 135 -43.08 30.41 -14.65
N GLY F 136 -44.03 30.60 -15.57
CA GLY F 136 -44.08 31.80 -16.38
C GLY F 136 -42.80 32.06 -17.16
N CYS F 137 -42.16 30.97 -17.58
CA CYS F 137 -40.92 31.07 -18.31
C CYS F 137 -41.07 30.85 -19.80
N ILE F 138 -40.52 31.81 -20.52
CA ILE F 138 -40.54 31.87 -21.97
C ILE F 138 -39.13 31.54 -22.51
N ASN F 139 -39.09 30.86 -23.63
CA ASN F 139 -37.83 30.53 -24.30
C ASN F 139 -37.68 31.45 -25.52
N TYR F 140 -36.85 32.48 -25.36
CA TYR F 140 -36.67 33.48 -26.42
C TYR F 140 -36.38 32.80 -27.76
N GLU F 141 -35.35 31.99 -27.78
CA GLU F 141 -34.96 31.26 -29.00
C GLU F 141 -36.20 31.03 -29.88
N GLU F 142 -37.23 30.53 -29.23
CA GLU F 142 -38.53 30.22 -29.87
C GLU F 142 -39.31 31.50 -30.13
N LEU F 143 -39.65 32.24 -29.07
CA LEU F 143 -40.40 33.48 -29.22
C LEU F 143 -39.82 34.26 -30.36
N VAL F 144 -38.49 34.23 -30.47
CA VAL F 144 -37.78 34.91 -31.55
C VAL F 144 -38.35 34.43 -32.90
N ARG F 145 -38.11 33.15 -33.17
CA ARG F 145 -38.60 32.52 -34.39
C ARG F 145 -40.10 32.76 -34.62
N MET F 146 -40.90 32.73 -33.55
CA MET F 146 -42.35 32.95 -33.65
C MET F 146 -42.70 34.24 -34.40
N VAL F 147 -42.29 35.36 -33.83
CA VAL F 147 -42.55 36.64 -34.45
C VAL F 147 -41.84 36.66 -35.79
N LEU F 148 -40.66 36.07 -35.87
CA LEU F 148 -39.93 36.03 -37.14
C LEU F 148 -40.65 35.21 -38.22
N SER F 149 -40.32 33.92 -38.29
CA SER F 149 -40.93 33.03 -39.26
C SER F 149 -42.44 33.22 -39.37
N GLY F 150 -43.05 33.81 -38.34
CA GLY F 150 -44.48 34.08 -38.41
C GLY F 150 -44.71 35.30 -39.29
N ALA G 1 26.41 -70.18 -5.50
CA ALA G 1 25.15 -70.64 -4.85
C ALA G 1 23.98 -69.89 -5.45
N GLN G 2 24.00 -69.73 -6.77
CA GLN G 2 22.97 -68.96 -7.45
C GLN G 2 22.04 -69.68 -8.42
N LYS G 3 20.99 -68.96 -8.81
CA LYS G 3 19.99 -69.44 -9.73
C LYS G 3 20.64 -70.17 -10.91
N PRO G 4 19.83 -70.88 -11.71
CA PRO G 4 20.35 -71.62 -12.85
C PRO G 4 20.16 -70.78 -14.13
N LEU G 5 21.06 -70.92 -15.10
CA LEU G 5 20.95 -70.14 -16.32
C LEU G 5 20.55 -70.87 -17.57
N SER G 6 19.53 -70.34 -18.24
CA SER G 6 19.07 -70.90 -19.49
C SER G 6 20.22 -70.85 -20.48
N ASP G 7 20.30 -71.86 -21.33
CA ASP G 7 21.34 -71.95 -22.35
C ASP G 7 21.64 -70.60 -23.01
N ASP G 8 20.61 -69.77 -23.15
CA ASP G 8 20.71 -68.43 -23.74
C ASP G 8 21.38 -67.42 -22.78
N GLU G 9 20.87 -67.34 -21.55
CA GLU G 9 21.42 -66.42 -20.56
C GLU G 9 22.90 -66.65 -20.40
N LYS G 10 23.36 -67.82 -20.84
CA LYS G 10 24.75 -68.19 -20.73
C LYS G 10 25.58 -67.42 -21.75
N PHE G 11 24.87 -66.59 -22.52
CA PHE G 11 25.49 -65.76 -23.55
C PHE G 11 25.69 -64.31 -23.12
N LEU G 12 25.18 -63.98 -21.96
CA LEU G 12 25.34 -62.64 -21.41
C LEU G 12 25.62 -62.74 -19.91
N PHE G 13 25.43 -63.94 -19.40
CA PHE G 13 25.64 -64.23 -17.98
C PHE G 13 26.80 -65.21 -17.78
N VAL G 14 27.56 -64.96 -16.72
CA VAL G 14 28.71 -65.84 -16.38
C VAL G 14 28.24 -67.07 -15.62
N ASP G 15 28.80 -68.20 -15.99
CA ASP G 15 28.49 -69.47 -15.33
C ASP G 15 29.39 -69.62 -14.12
N LYS G 16 28.77 -69.45 -12.96
CA LYS G 16 29.49 -69.46 -11.68
C LYS G 16 29.04 -70.58 -10.74
N ASN G 17 27.94 -71.21 -11.05
CA ASN G 17 27.43 -72.29 -10.19
C ASN G 17 28.17 -73.60 -10.48
N PHE G 18 29.23 -73.75 -9.70
CA PHE G 18 30.15 -74.91 -9.74
C PHE G 18 30.70 -75.18 -8.34
N VAL G 19 31.61 -76.14 -8.27
CA VAL G 19 32.26 -76.55 -7.01
C VAL G 19 33.51 -75.70 -6.79
N ASN G 20 33.79 -75.47 -5.52
CA ASN G 20 34.94 -74.66 -5.10
C ASN G 20 36.22 -75.50 -5.16
N ASN G 21 36.50 -75.99 -6.35
CA ASN G 21 37.68 -76.83 -6.61
C ASN G 21 38.96 -76.14 -6.14
N PRO G 22 39.77 -76.85 -5.36
CA PRO G 22 41.04 -76.33 -4.84
C PRO G 22 42.21 -76.68 -5.74
N LEU G 23 41.92 -77.18 -6.93
CA LEU G 23 42.97 -77.54 -7.88
C LEU G 23 43.73 -76.28 -8.27
N ALA G 24 42.95 -75.28 -8.66
CA ALA G 24 43.50 -73.97 -9.02
C ALA G 24 43.93 -73.26 -7.76
N GLN G 25 43.09 -73.40 -6.75
CA GLN G 25 43.32 -72.77 -5.44
C GLN G 25 44.54 -73.39 -4.76
N ALA G 26 45.03 -74.47 -5.32
CA ALA G 26 46.20 -75.16 -4.77
C ALA G 26 47.42 -74.90 -5.67
N ASP G 27 47.16 -74.92 -6.96
CA ASP G 27 48.20 -74.70 -7.97
C ASP G 27 48.87 -73.32 -7.75
N TRP G 28 48.16 -72.46 -7.03
CA TRP G 28 48.61 -71.09 -6.75
C TRP G 28 50.05 -71.06 -6.21
N SER G 29 50.48 -72.17 -5.64
CA SER G 29 51.83 -72.29 -5.07
C SER G 29 52.88 -72.04 -6.15
N ALA G 30 52.52 -72.37 -7.37
CA ALA G 30 53.39 -72.13 -8.53
C ALA G 30 53.41 -70.63 -8.78
N LYS G 31 53.30 -69.92 -7.68
CA LYS G 31 53.27 -68.46 -7.65
C LYS G 31 54.07 -67.88 -8.80
N LYS G 32 55.15 -68.56 -9.15
CA LYS G 32 56.02 -68.12 -10.24
C LYS G 32 55.27 -68.05 -11.56
N LEU G 33 53.96 -68.24 -11.51
CA LEU G 33 53.15 -68.19 -12.72
C LEU G 33 53.07 -66.77 -13.25
N VAL G 34 53.45 -66.61 -14.51
CA VAL G 34 53.44 -65.30 -15.14
C VAL G 34 52.95 -65.39 -16.57
N TRP G 35 53.02 -64.26 -17.26
CA TRP G 35 52.60 -64.18 -18.64
C TRP G 35 53.83 -63.88 -19.46
N VAL G 36 53.90 -64.39 -20.68
CA VAL G 36 55.06 -64.12 -21.52
C VAL G 36 54.78 -64.28 -22.99
N PRO G 37 55.61 -63.63 -23.82
CA PRO G 37 55.54 -63.63 -25.28
C PRO G 37 55.00 -64.92 -25.89
N SER G 38 54.56 -64.80 -27.13
CA SER G 38 54.02 -65.93 -27.87
C SER G 38 53.67 -65.49 -29.28
N GLU G 39 54.44 -65.97 -30.25
CA GLU G 39 54.19 -65.62 -31.64
C GLU G 39 52.90 -66.25 -32.15
N LYS G 40 52.10 -66.82 -31.25
CA LYS G 40 50.85 -67.46 -31.63
C LYS G 40 49.73 -67.26 -30.63
N HIS G 41 50.06 -66.76 -29.44
CA HIS G 41 49.08 -66.54 -28.38
C HIS G 41 49.20 -65.13 -27.82
N GLY G 42 50.13 -64.36 -28.39
CA GLY G 42 50.35 -63.00 -27.92
C GLY G 42 51.06 -63.06 -26.59
N PHE G 43 50.56 -63.94 -25.74
CA PHE G 43 51.12 -64.17 -24.42
C PHE G 43 50.69 -65.58 -24.06
N GLU G 44 51.34 -66.18 -23.08
CA GLU G 44 50.99 -67.52 -22.66
C GLU G 44 51.43 -67.79 -21.23
N ALA G 45 50.78 -68.77 -20.60
CA ALA G 45 51.06 -69.14 -19.22
C ALA G 45 52.39 -69.87 -19.03
N ALA G 46 53.08 -69.55 -17.95
CA ALA G 46 54.35 -70.16 -17.65
C ALA G 46 54.75 -69.81 -16.23
N SER G 47 55.70 -70.55 -15.66
CA SER G 47 56.14 -70.27 -14.30
C SER G 47 57.64 -70.13 -14.08
N ILE G 48 57.99 -69.09 -13.33
CA ILE G 48 59.37 -68.76 -13.02
C ILE G 48 60.12 -69.97 -12.49
N LYS G 49 61.35 -70.12 -12.96
CA LYS G 49 62.22 -71.22 -12.55
C LYS G 49 63.42 -70.68 -11.78
N GLU G 50 63.92 -69.53 -12.21
CA GLU G 50 65.06 -68.91 -11.54
C GLU G 50 65.28 -67.44 -11.92
N GLU G 51 65.17 -66.56 -10.93
CA GLU G 51 65.36 -65.11 -11.14
C GLU G 51 66.84 -64.79 -11.16
N LYS G 52 67.33 -64.39 -12.33
CA LYS G 52 68.74 -64.06 -12.48
C LYS G 52 68.94 -62.62 -12.94
N GLY G 53 68.85 -61.67 -11.99
CA GLY G 53 69.03 -60.27 -12.32
C GLY G 53 68.09 -59.80 -13.42
N ASP G 54 68.61 -58.97 -14.31
CA ASP G 54 67.82 -58.44 -15.42
C ASP G 54 67.07 -59.52 -16.21
N GLU G 55 67.42 -60.78 -15.97
CA GLU G 55 66.80 -61.90 -16.67
C GLU G 55 66.27 -62.94 -15.69
N VAL G 56 65.40 -63.81 -16.17
CA VAL G 56 64.83 -64.86 -15.35
C VAL G 56 64.45 -66.09 -16.18
N THR G 57 64.68 -67.28 -15.61
CA THR G 57 64.38 -68.55 -16.27
C THR G 57 62.96 -68.99 -15.95
N VAL G 58 62.22 -69.45 -16.96
CA VAL G 58 60.84 -69.87 -16.74
C VAL G 58 60.44 -71.04 -17.62
N GLU G 59 59.50 -71.86 -17.14
CA GLU G 59 59.03 -73.00 -17.93
C GLU G 59 57.55 -72.85 -18.27
N LEU G 60 57.22 -72.97 -19.55
CA LEU G 60 55.83 -72.85 -19.99
C LEU G 60 54.91 -73.83 -19.29
N GLN G 61 53.92 -73.30 -18.58
CA GLN G 61 52.96 -74.15 -17.90
C GLN G 61 52.06 -74.72 -19.00
N GLU G 62 52.59 -74.70 -20.21
CA GLU G 62 51.91 -75.20 -21.36
C GLU G 62 52.70 -76.32 -22.03
N ASN G 63 53.72 -75.95 -22.80
CA ASN G 63 54.52 -76.93 -23.51
C ASN G 63 55.54 -77.65 -22.63
N GLY G 64 55.49 -77.38 -21.33
CA GLY G 64 56.43 -78.01 -20.42
C GLY G 64 57.85 -77.58 -20.75
N LYS G 65 57.98 -76.78 -21.81
CA LYS G 65 59.28 -76.28 -22.26
C LYS G 65 59.91 -75.34 -21.25
N LYS G 66 61.23 -75.20 -21.32
CA LYS G 66 61.96 -74.34 -20.39
C LYS G 66 62.79 -73.27 -21.13
N VAL G 67 62.34 -72.03 -21.09
CA VAL G 67 63.02 -70.90 -21.74
C VAL G 67 63.19 -69.73 -20.78
N THR G 68 64.29 -69.01 -20.92
CA THR G 68 64.57 -67.87 -20.06
C THR G 68 64.50 -66.56 -20.85
N LEU G 69 63.75 -65.62 -20.29
CA LEU G 69 63.56 -64.29 -20.88
C LEU G 69 63.94 -63.20 -19.87
N SER G 70 64.09 -62.00 -20.39
CA SER G 70 64.45 -60.84 -19.57
C SER G 70 63.47 -60.67 -18.42
N LYS G 71 63.99 -60.21 -17.28
CA LYS G 71 63.18 -59.99 -16.10
C LYS G 71 62.23 -58.80 -16.30
N ASP G 72 61.83 -58.58 -17.55
CA ASP G 72 60.93 -57.48 -17.88
C ASP G 72 60.04 -57.84 -19.07
N ASP G 73 60.08 -59.11 -19.47
CA ASP G 73 59.26 -59.58 -20.58
C ASP G 73 58.16 -60.50 -20.04
N ILE G 74 58.13 -60.62 -18.73
CA ILE G 74 57.13 -61.43 -18.05
C ILE G 74 56.08 -60.49 -17.46
N GLN G 75 54.84 -60.96 -17.39
CA GLN G 75 53.77 -60.15 -16.86
C GLN G 75 52.93 -60.88 -15.84
N LYS G 76 52.74 -60.22 -14.72
CA LYS G 76 51.98 -60.76 -13.60
C LYS G 76 50.62 -61.29 -14.07
N MET G 77 50.29 -62.46 -13.54
CA MET G 77 49.03 -63.15 -13.82
C MET G 77 48.02 -62.82 -12.71
N ASN G 78 46.76 -62.76 -13.09
CA ASN G 78 45.68 -62.45 -12.14
C ASN G 78 45.10 -63.74 -11.56
N PRO G 79 44.62 -63.70 -10.30
CA PRO G 79 44.12 -64.87 -9.60
C PRO G 79 42.98 -65.54 -10.33
N PRO G 80 42.74 -66.84 -10.06
CA PRO G 80 41.67 -67.61 -10.69
C PRO G 80 40.31 -67.02 -10.39
N LYS G 81 40.27 -66.21 -9.36
CA LYS G 81 39.03 -65.57 -8.88
C LYS G 81 38.57 -64.45 -9.82
N PHE G 82 39.31 -64.26 -10.90
CA PHE G 82 39.02 -63.19 -11.86
C PHE G 82 38.59 -63.73 -13.22
N SER G 83 38.54 -65.04 -13.36
CA SER G 83 38.15 -65.57 -14.66
C SER G 83 36.85 -65.00 -15.23
N LYS G 84 36.94 -64.54 -16.48
CA LYS G 84 35.82 -64.00 -17.21
C LYS G 84 35.18 -62.81 -16.53
N VAL G 85 36.01 -61.91 -16.06
CA VAL G 85 35.51 -60.75 -15.36
C VAL G 85 34.60 -59.86 -16.20
N GLU G 86 33.79 -59.07 -15.52
CA GLU G 86 32.85 -58.15 -16.17
C GLU G 86 33.46 -56.76 -16.41
N ASP G 87 34.23 -56.28 -15.44
CA ASP G 87 34.85 -54.94 -15.52
C ASP G 87 36.37 -54.96 -15.25
N MET G 88 37.17 -55.09 -16.33
CA MET G 88 38.63 -55.13 -16.27
C MET G 88 39.14 -54.24 -15.18
N ALA G 89 38.49 -53.11 -14.99
CA ALA G 89 38.91 -52.18 -13.96
C ALA G 89 38.87 -52.87 -12.60
N GLU G 90 38.60 -54.18 -12.60
CA GLU G 90 38.52 -54.94 -11.36
C GLU G 90 39.78 -55.79 -11.09
N LEU G 91 40.18 -56.58 -12.08
CA LEU G 91 41.36 -57.45 -11.93
C LEU G 91 42.49 -56.67 -11.25
N THR G 92 43.04 -57.28 -10.22
CA THR G 92 44.09 -56.65 -9.41
C THR G 92 45.40 -56.49 -10.18
N CYS G 93 45.39 -56.84 -11.46
CA CYS G 93 46.59 -56.71 -12.28
C CYS G 93 46.19 -56.22 -13.65
N LEU G 94 46.63 -55.03 -14.03
CA LEU G 94 46.32 -54.49 -15.35
C LEU G 94 47.50 -54.77 -16.26
N ASN G 95 47.24 -55.42 -17.39
CA ASN G 95 48.30 -55.76 -18.32
C ASN G 95 47.76 -55.85 -19.73
N GLU G 96 48.65 -55.65 -20.69
CA GLU G 96 48.26 -55.76 -22.09
C GLU G 96 47.96 -57.24 -22.26
N ALA G 97 48.46 -58.03 -21.30
CA ALA G 97 48.30 -59.47 -21.28
C ALA G 97 46.96 -59.91 -20.70
N SER G 98 46.75 -59.59 -19.44
CA SER G 98 45.50 -59.94 -18.78
C SER G 98 44.32 -59.39 -19.56
N VAL G 99 44.29 -58.08 -19.69
CA VAL G 99 43.26 -57.36 -20.42
C VAL G 99 42.95 -58.10 -21.72
N LEU G 100 44.00 -58.65 -22.31
CA LEU G 100 43.84 -59.40 -23.54
C LEU G 100 43.14 -60.68 -23.17
N HIS G 101 43.79 -61.40 -22.27
CA HIS G 101 43.26 -62.67 -21.83
C HIS G 101 41.78 -62.60 -21.63
N ASN G 102 41.37 -61.86 -20.60
CA ASN G 102 39.97 -61.72 -20.28
C ASN G 102 39.12 -61.62 -21.52
N LEU G 103 39.47 -60.67 -22.37
CA LEU G 103 38.73 -60.45 -23.59
C LEU G 103 38.68 -61.74 -24.38
N ARG G 104 39.80 -62.45 -24.44
CA ARG G 104 39.87 -63.70 -25.18
C ARG G 104 38.84 -64.72 -24.67
N GLU G 105 38.89 -64.97 -23.37
CA GLU G 105 37.98 -65.92 -22.75
C GLU G 105 36.53 -65.54 -23.06
N ARG G 106 36.04 -64.51 -22.38
CA ARG G 106 34.67 -64.07 -22.58
C ARG G 106 34.28 -64.19 -24.04
N TYR G 107 35.21 -63.85 -24.91
CA TYR G 107 34.97 -63.88 -26.35
C TYR G 107 34.58 -65.29 -26.81
N PHE G 108 35.40 -66.25 -26.41
CA PHE G 108 35.17 -67.64 -26.82
C PHE G 108 33.97 -68.24 -26.09
N SER G 109 33.69 -67.70 -24.90
CA SER G 109 32.55 -68.18 -24.12
C SER G 109 31.24 -67.74 -24.75
N GLY G 110 31.28 -66.72 -25.59
CA GLY G 110 30.05 -66.28 -26.23
C GLY G 110 29.64 -64.87 -25.87
N LEU G 111 30.40 -64.24 -24.96
CA LEU G 111 30.10 -62.87 -24.58
C LEU G 111 31.05 -61.92 -25.27
N ILE G 112 30.53 -60.88 -25.94
CA ILE G 112 31.41 -59.96 -26.61
C ILE G 112 31.56 -58.61 -25.86
N TYR G 113 30.48 -58.12 -25.30
CA TYR G 113 30.52 -56.84 -24.56
C TYR G 113 31.25 -57.00 -23.20
N THR G 114 32.15 -56.06 -22.93
CA THR G 114 32.93 -56.07 -21.68
C THR G 114 33.20 -54.66 -21.18
N TYR G 115 33.16 -54.43 -19.87
CA TYR G 115 33.39 -53.10 -19.38
C TYR G 115 34.84 -52.89 -19.10
N SER G 116 35.30 -51.66 -19.31
CA SER G 116 36.67 -51.26 -19.04
C SER G 116 36.59 -49.89 -18.39
N GLY G 117 36.35 -49.86 -17.07
CA GLY G 117 36.21 -48.60 -16.38
C GLY G 117 34.92 -47.94 -16.84
N LEU G 118 35.03 -46.78 -17.50
CA LEU G 118 33.86 -46.06 -17.96
C LEU G 118 33.40 -46.57 -19.29
N PHE G 119 34.30 -46.55 -20.26
CA PHE G 119 33.96 -47.03 -21.58
C PHE G 119 33.88 -48.55 -21.56
N CYS G 120 33.45 -49.15 -22.68
CA CYS G 120 33.34 -50.59 -22.75
C CYS G 120 33.76 -51.14 -24.11
N VAL G 121 34.49 -52.26 -24.09
CA VAL G 121 34.98 -52.90 -25.32
C VAL G 121 33.87 -53.77 -25.91
N VAL G 122 33.97 -54.16 -27.18
CA VAL G 122 32.94 -54.99 -27.79
C VAL G 122 33.40 -55.82 -29.00
N ILE G 123 34.23 -56.85 -28.81
CA ILE G 123 34.74 -57.66 -29.95
C ILE G 123 33.68 -58.27 -30.87
N ASN G 124 33.72 -57.89 -32.15
CA ASN G 124 32.77 -58.41 -33.13
C ASN G 124 32.69 -59.92 -33.00
N PRO G 125 31.47 -60.48 -33.00
CA PRO G 125 31.24 -61.92 -32.89
C PRO G 125 31.33 -62.55 -34.26
N TYR G 126 30.69 -61.88 -35.23
CA TYR G 126 30.59 -62.27 -36.63
C TYR G 126 29.55 -63.36 -36.75
N LYS G 127 29.01 -63.71 -35.60
CA LYS G 127 28.00 -64.75 -35.54
C LYS G 127 26.72 -64.14 -34.99
N GLN G 128 25.61 -64.84 -35.26
CA GLN G 128 24.29 -64.43 -34.83
C GLN G 128 23.95 -64.85 -33.42
N LEU G 129 24.66 -64.28 -32.43
CA LEU G 129 24.41 -64.54 -31.02
C LEU G 129 22.97 -64.12 -30.75
N PRO G 130 22.33 -64.68 -29.72
CA PRO G 130 20.94 -64.34 -29.42
C PRO G 130 20.82 -63.50 -28.17
N ILE G 131 21.23 -62.24 -28.24
CA ILE G 131 21.14 -61.42 -27.03
C ILE G 131 20.47 -60.09 -27.32
N TYR G 132 19.60 -60.06 -28.31
CA TYR G 132 18.87 -58.86 -28.66
C TYR G 132 17.44 -59.31 -28.90
N SER G 133 16.53 -58.97 -27.97
CA SER G 133 15.13 -59.35 -28.16
C SER G 133 14.26 -58.61 -27.15
N GLU G 134 12.99 -58.39 -27.49
CA GLU G 134 12.06 -57.70 -26.61
C GLU G 134 12.33 -58.24 -25.22
N LYS G 135 12.37 -59.57 -25.12
CA LYS G 135 12.63 -60.26 -23.87
C LYS G 135 13.80 -59.60 -23.13
N ILE G 136 14.95 -59.59 -23.79
CA ILE G 136 16.16 -59.03 -23.22
C ILE G 136 16.07 -57.54 -23.01
N ILE G 137 15.28 -56.87 -23.84
CA ILE G 137 15.14 -55.41 -23.72
C ILE G 137 14.59 -55.07 -22.37
N ASP G 138 13.48 -55.73 -22.03
CA ASP G 138 12.77 -55.49 -20.78
C ASP G 138 13.58 -55.95 -19.59
N MET G 139 14.51 -56.87 -19.84
CA MET G 139 15.35 -57.36 -18.75
C MET G 139 16.21 -56.20 -18.26
N TYR G 140 16.77 -55.47 -19.22
CA TYR G 140 17.66 -54.36 -18.93
C TYR G 140 16.97 -53.03 -18.62
N LYS G 141 15.71 -52.93 -19.04
CA LYS G 141 14.91 -51.74 -18.82
C LYS G 141 14.96 -51.34 -17.36
N GLY G 142 15.58 -50.21 -17.08
CA GLY G 142 15.66 -49.72 -15.73
C GLY G 142 16.80 -50.30 -14.96
N LYS G 143 17.13 -51.54 -15.28
CA LYS G 143 18.19 -52.23 -14.59
C LYS G 143 19.47 -51.41 -14.52
N LYS G 144 19.96 -51.22 -13.30
CA LYS G 144 21.19 -50.49 -13.04
C LYS G 144 22.39 -51.00 -13.89
N ARG G 145 23.60 -50.54 -13.53
CA ARG G 145 24.83 -50.91 -14.23
C ARG G 145 25.25 -52.32 -13.86
N HIS G 146 25.19 -52.62 -12.57
CA HIS G 146 25.56 -53.94 -12.07
C HIS G 146 24.43 -54.97 -11.95
N GLU G 147 23.18 -54.53 -11.90
CA GLU G 147 22.08 -55.45 -11.81
C GLU G 147 21.98 -56.35 -13.03
N MET G 148 22.94 -56.21 -13.93
CA MET G 148 22.95 -56.99 -15.14
C MET G 148 24.34 -57.01 -15.76
N PRO G 149 24.54 -57.86 -16.76
CA PRO G 149 25.85 -57.93 -17.39
C PRO G 149 26.06 -56.98 -18.56
N PRO G 150 27.34 -56.61 -18.82
CA PRO G 150 27.68 -55.71 -19.91
C PRO G 150 26.95 -56.15 -21.15
N HIS G 151 26.28 -55.19 -21.76
CA HIS G 151 25.53 -55.41 -23.00
C HIS G 151 25.30 -54.04 -23.57
N ILE G 152 25.07 -53.96 -24.85
CA ILE G 152 24.85 -52.65 -25.46
C ILE G 152 23.59 -52.00 -24.85
N TYR G 153 22.50 -52.74 -24.85
CA TYR G 153 21.22 -52.21 -24.31
C TYR G 153 21.43 -51.52 -22.98
N ALA G 154 22.54 -51.85 -22.33
CA ALA G 154 22.89 -51.29 -21.03
C ALA G 154 23.46 -49.90 -21.17
N ILE G 155 24.42 -49.73 -22.08
CA ILE G 155 25.02 -48.41 -22.31
C ILE G 155 23.92 -47.41 -22.70
N ALA G 156 23.02 -47.86 -23.56
CA ALA G 156 21.90 -47.06 -24.02
C ALA G 156 21.04 -46.61 -22.84
N ASP G 157 20.64 -47.53 -21.98
CA ASP G 157 19.82 -47.15 -20.83
C ASP G 157 20.61 -46.32 -19.83
N THR G 158 21.89 -46.60 -19.67
CA THR G 158 22.70 -45.84 -18.72
C THR G 158 22.76 -44.37 -19.08
N ALA G 159 22.81 -44.11 -20.39
CA ALA G 159 22.86 -42.75 -20.90
C ALA G 159 21.47 -42.14 -20.82
N TYR G 160 20.52 -42.76 -21.52
CA TYR G 160 19.15 -42.29 -21.55
C TYR G 160 18.58 -41.89 -20.20
N ARG G 161 19.14 -42.42 -19.13
CA ARG G 161 18.69 -42.09 -17.80
C ARG G 161 19.52 -40.93 -17.38
N SER G 162 20.83 -41.12 -17.38
CA SER G 162 21.74 -40.05 -17.01
C SER G 162 21.26 -38.70 -17.57
N MET G 163 20.71 -38.73 -18.78
CA MET G 163 20.21 -37.50 -19.40
C MET G 163 19.08 -36.91 -18.53
N LEU G 164 18.09 -37.74 -18.29
CA LEU G 164 16.89 -37.33 -17.51
C LEU G 164 17.20 -37.10 -16.02
N GLN G 165 18.36 -37.55 -15.57
CA GLN G 165 18.75 -37.43 -14.15
C GLN G 165 19.38 -36.07 -13.85
N ASP G 166 20.54 -35.83 -14.43
CA ASP G 166 21.30 -34.57 -14.20
C ASP G 166 21.03 -33.56 -15.31
N ARG G 167 19.94 -33.79 -16.02
CA ARG G 167 19.51 -32.93 -17.13
C ARG G 167 20.74 -32.34 -17.82
N GLU G 168 21.26 -33.14 -18.72
CA GLU G 168 22.44 -32.82 -19.53
C GLU G 168 22.50 -33.83 -20.68
N ASP G 169 22.60 -33.29 -21.88
CA ASP G 169 22.62 -34.08 -23.12
C ASP G 169 23.82 -35.04 -23.14
N GLN G 170 23.64 -36.12 -23.89
CA GLN G 170 24.64 -37.18 -23.98
C GLN G 170 24.84 -37.69 -25.42
N SER G 171 25.97 -38.38 -25.57
CA SER G 171 26.42 -38.95 -26.85
C SER G 171 27.00 -40.35 -26.66
N ILE G 172 26.72 -41.24 -27.59
CA ILE G 172 27.25 -42.60 -27.56
C ILE G 172 28.08 -42.67 -28.85
N LEU G 173 29.41 -42.64 -28.69
CA LEU G 173 30.34 -42.65 -29.82
C LEU G 173 31.00 -43.99 -30.09
N CYS G 174 30.63 -44.66 -31.19
CA CYS G 174 31.21 -45.96 -31.53
C CYS G 174 32.51 -45.84 -32.30
N THR G 175 33.62 -46.16 -31.65
CA THR G 175 34.94 -46.08 -32.28
C THR G 175 35.25 -47.41 -32.93
N GLY G 176 36.53 -47.73 -33.05
CA GLY G 176 36.91 -49.00 -33.66
C GLY G 176 37.21 -48.89 -35.14
N GLU G 177 38.20 -49.68 -35.57
CA GLU G 177 38.63 -49.71 -36.96
C GLU G 177 37.53 -50.22 -37.86
N SER G 178 37.69 -49.98 -39.14
CA SER G 178 36.67 -50.37 -40.10
C SER G 178 36.27 -51.82 -39.98
N GLY G 179 34.96 -52.03 -39.87
CA GLY G 179 34.41 -53.37 -39.78
C GLY G 179 34.08 -53.80 -38.38
N ALA G 180 34.80 -53.24 -37.40
CA ALA G 180 34.61 -53.59 -35.98
C ALA G 180 33.20 -53.47 -35.46
N GLY G 181 32.23 -53.17 -36.32
CA GLY G 181 30.85 -53.10 -35.85
C GLY G 181 30.30 -51.77 -35.38
N LYS G 182 30.94 -50.67 -35.75
CA LYS G 182 30.46 -49.36 -35.35
C LYS G 182 28.96 -49.18 -35.62
N THR G 183 28.48 -49.70 -36.76
CA THR G 183 27.09 -49.56 -37.16
C THR G 183 26.11 -50.38 -36.33
N GLU G 184 26.20 -51.70 -36.43
CA GLU G 184 25.29 -52.58 -35.71
C GLU G 184 24.96 -51.99 -34.35
N ASN G 185 25.99 -51.86 -33.53
CA ASN G 185 25.83 -51.32 -32.20
C ASN G 185 25.00 -50.04 -32.15
N THR G 186 24.87 -49.34 -33.26
CA THR G 186 24.11 -48.12 -33.26
C THR G 186 22.68 -48.50 -33.48
N LYS G 187 22.45 -49.41 -34.43
CA LYS G 187 21.10 -49.85 -34.73
C LYS G 187 20.42 -50.40 -33.47
N LYS G 188 21.20 -50.96 -32.56
CA LYS G 188 20.66 -51.50 -31.33
C LYS G 188 20.24 -50.35 -30.46
N VAL G 189 21.17 -49.45 -30.17
CA VAL G 189 20.89 -48.28 -29.35
C VAL G 189 19.57 -47.61 -29.72
N ILE G 190 19.26 -47.56 -31.00
CA ILE G 190 18.00 -46.94 -31.38
C ILE G 190 16.94 -47.97 -31.08
N GLN G 191 17.20 -49.22 -31.47
CA GLN G 191 16.28 -50.35 -31.28
C GLN G 191 15.73 -50.39 -29.87
N TYR G 192 16.63 -50.22 -28.91
CA TYR G 192 16.30 -50.21 -27.50
C TYR G 192 15.48 -48.97 -27.18
N LEU G 193 16.11 -47.81 -27.30
CA LEU G 193 15.44 -46.54 -27.02
C LEU G 193 14.09 -46.39 -27.74
N ALA G 194 13.90 -47.12 -28.82
CA ALA G 194 12.65 -47.02 -29.57
C ALA G 194 11.48 -47.63 -28.85
N VAL G 195 11.79 -48.47 -27.87
CA VAL G 195 10.75 -49.15 -27.11
C VAL G 195 10.78 -48.76 -25.63
N VAL G 196 11.98 -48.71 -25.10
CA VAL G 196 12.18 -48.32 -23.71
C VAL G 196 11.85 -46.88 -23.41
N ALA G 197 11.84 -46.01 -24.42
CA ALA G 197 11.54 -44.60 -24.14
C ALA G 197 10.37 -44.03 -24.93
N SER G 198 9.85 -44.80 -25.87
CA SER G 198 8.72 -44.33 -26.68
C SER G 198 7.46 -44.21 -25.84
N SER G 199 6.46 -43.56 -26.41
CA SER G 199 5.18 -43.46 -25.74
C SER G 199 4.30 -44.51 -26.44
N HIS G 200 3.40 -45.13 -25.68
CA HIS G 200 2.55 -46.18 -26.22
C HIS G 200 1.11 -45.76 -26.50
N LYS G 201 0.46 -46.51 -27.39
CA LYS G 201 -0.94 -46.26 -27.75
C LYS G 201 -1.79 -47.04 -26.74
N GLY G 202 -1.32 -47.03 -25.49
CA GLY G 202 -1.98 -47.75 -24.43
C GLY G 202 -1.26 -49.08 -24.35
N LYS G 203 -2.00 -50.16 -24.59
CA LYS G 203 -1.44 -51.50 -24.56
C LYS G 203 -0.95 -51.87 -23.15
N GLN G 210 8.46 -60.99 -27.30
CA GLN G 210 9.15 -62.17 -27.92
C GLN G 210 10.05 -61.68 -29.05
N GLY G 211 11.35 -61.57 -28.76
CA GLY G 211 12.26 -61.10 -29.78
C GLY G 211 11.70 -59.77 -30.22
N PRO G 212 11.64 -59.51 -31.53
CA PRO G 212 11.12 -58.24 -32.08
C PRO G 212 9.59 -58.01 -31.89
N SER G 213 8.89 -59.04 -31.44
CA SER G 213 7.43 -58.96 -31.23
C SER G 213 7.04 -57.83 -30.26
N PHE G 214 6.48 -56.77 -30.84
CA PHE G 214 6.04 -55.59 -30.09
C PHE G 214 5.52 -54.50 -31.02
N SER G 215 4.39 -53.89 -30.68
CA SER G 215 3.82 -52.82 -31.49
C SER G 215 4.31 -51.49 -30.91
N TYR G 216 5.22 -50.84 -31.63
CA TYR G 216 5.79 -49.58 -31.20
C TYR G 216 4.87 -48.40 -31.53
N GLY G 217 5.27 -47.21 -31.10
CA GLY G 217 4.50 -46.01 -31.36
C GLY G 217 4.37 -45.78 -32.84
N GLU G 218 3.89 -44.61 -33.24
CA GLU G 218 3.72 -44.31 -34.66
C GLU G 218 4.99 -43.76 -35.29
N LEU G 219 5.69 -42.94 -34.53
CA LEU G 219 6.94 -42.32 -35.00
C LEU G 219 8.12 -43.29 -34.82
N GLU G 220 8.15 -43.95 -33.67
CA GLU G 220 9.21 -44.93 -33.38
C GLU G 220 9.18 -46.01 -34.46
N LYS G 221 8.03 -46.13 -35.12
CA LYS G 221 7.84 -47.07 -36.21
C LYS G 221 8.78 -46.65 -37.32
N GLN G 222 8.72 -45.37 -37.66
CA GLN G 222 9.57 -44.79 -38.69
C GLN G 222 11.04 -44.70 -38.25
N LEU G 223 11.27 -44.14 -37.06
CA LEU G 223 12.62 -44.00 -36.52
C LEU G 223 13.35 -45.32 -36.74
N LEU G 224 12.58 -46.40 -36.80
CA LEU G 224 13.16 -47.72 -36.99
C LEU G 224 13.48 -48.06 -38.45
N GLN G 225 12.58 -47.67 -39.34
CA GLN G 225 12.72 -47.95 -40.76
C GLN G 225 13.61 -46.98 -41.52
N ALA G 226 14.18 -46.00 -40.82
CA ALA G 226 15.04 -45.02 -41.48
C ALA G 226 16.40 -45.60 -41.88
N ASN G 227 17.18 -46.01 -40.87
CA ASN G 227 18.49 -46.60 -41.10
C ASN G 227 18.51 -47.67 -42.20
N PRO G 228 17.44 -48.46 -42.34
CA PRO G 228 17.43 -49.47 -43.39
C PRO G 228 17.27 -48.84 -44.79
N ILE G 229 17.00 -47.54 -44.83
CA ILE G 229 16.87 -46.84 -46.11
C ILE G 229 18.24 -46.28 -46.49
N LEU G 230 18.78 -45.40 -45.66
CA LEU G 230 20.09 -44.84 -45.95
C LEU G 230 21.08 -45.94 -46.21
N GLU G 231 20.79 -47.15 -45.73
CA GLU G 231 21.71 -48.27 -45.93
C GLU G 231 21.74 -48.70 -47.37
N ALA G 232 20.66 -48.43 -48.07
CA ALA G 232 20.56 -48.76 -49.48
C ALA G 232 21.53 -47.83 -50.22
N PHE G 233 21.07 -46.62 -50.51
CA PHE G 233 21.90 -45.67 -51.21
C PHE G 233 22.94 -45.15 -50.24
N GLY G 234 23.95 -45.93 -49.90
CA GLY G 234 24.93 -45.40 -48.99
C GLY G 234 25.89 -46.44 -48.48
N ASN G 235 25.50 -47.71 -48.57
CA ASN G 235 26.34 -48.82 -48.11
C ASN G 235 26.72 -49.72 -49.27
N ALA G 236 27.91 -50.32 -49.21
CA ALA G 236 28.34 -51.21 -50.30
C ALA G 236 29.49 -52.13 -49.95
N LYS G 237 29.49 -53.30 -50.60
CA LYS G 237 30.51 -54.33 -50.38
C LYS G 237 31.96 -53.94 -50.60
N THR G 238 32.79 -54.15 -49.60
CA THR G 238 34.18 -53.83 -49.75
C THR G 238 35.06 -54.94 -49.18
N VAL G 239 36.34 -54.91 -49.56
CA VAL G 239 37.31 -55.89 -49.11
C VAL G 239 37.41 -55.95 -47.59
N LYS G 240 36.61 -55.14 -46.91
CA LYS G 240 36.62 -55.14 -45.46
C LYS G 240 35.23 -55.37 -44.87
N ASN G 241 34.18 -55.22 -45.68
CA ASN G 241 32.83 -55.43 -45.19
C ASN G 241 31.73 -55.51 -46.25
N ASP G 242 31.10 -56.67 -46.34
CA ASP G 242 30.02 -56.91 -47.30
C ASP G 242 28.97 -55.81 -47.34
N ASN G 243 28.74 -55.17 -46.21
CA ASN G 243 27.77 -54.08 -46.16
C ASN G 243 28.38 -52.91 -45.38
N SER G 244 29.38 -52.27 -45.98
CA SER G 244 30.04 -51.15 -45.33
C SER G 244 29.31 -49.85 -45.46
N SER G 245 29.38 -49.08 -44.38
CA SER G 245 28.76 -47.78 -44.33
C SER G 245 29.70 -46.81 -45.07
N ARG G 246 29.29 -46.43 -46.27
CA ARG G 246 30.12 -45.57 -47.15
C ARG G 246 30.04 -44.08 -46.79
N PHE G 247 29.55 -43.79 -45.60
CA PHE G 247 29.40 -42.40 -45.16
C PHE G 247 29.17 -42.33 -43.64
N GLY G 248 29.85 -41.37 -43.04
CA GLY G 248 29.71 -41.10 -41.60
C GLY G 248 28.29 -40.63 -41.34
N LYS G 249 27.81 -40.91 -40.14
CA LYS G 249 26.44 -40.54 -39.78
C LYS G 249 26.32 -40.24 -38.29
N PHE G 250 25.62 -39.15 -37.96
CA PHE G 250 25.40 -38.75 -36.57
C PHE G 250 23.90 -38.54 -36.32
N ILE G 251 23.25 -39.54 -35.72
CA ILE G 251 21.81 -39.49 -35.43
C ILE G 251 21.52 -38.78 -34.14
N ARG G 252 20.48 -37.94 -34.15
CA ARG G 252 20.11 -37.19 -32.95
C ARG G 252 18.68 -37.46 -32.55
N ILE G 253 18.48 -37.99 -31.33
CA ILE G 253 17.13 -38.28 -30.86
C ILE G 253 16.71 -37.25 -29.82
N ASN G 254 15.49 -36.75 -29.98
CA ASN G 254 14.92 -35.71 -29.12
C ASN G 254 13.83 -36.15 -28.15
N PHE G 255 14.03 -35.84 -26.87
CA PHE G 255 13.08 -36.21 -25.83
C PHE G 255 12.40 -35.00 -25.17
N ASP G 256 11.17 -35.19 -24.70
CA ASP G 256 10.44 -34.13 -24.02
C ASP G 256 10.88 -34.12 -22.56
N VAL G 257 10.09 -33.48 -21.71
CA VAL G 257 10.40 -33.41 -20.29
C VAL G 257 10.00 -34.70 -19.57
N THR G 258 8.90 -35.30 -20.00
CA THR G 258 8.47 -36.54 -19.41
C THR G 258 9.42 -37.70 -19.73
N GLY G 259 10.37 -37.47 -20.64
CA GLY G 259 11.32 -38.50 -21.03
C GLY G 259 10.96 -39.30 -22.27
N TYR G 260 10.06 -38.79 -23.09
CA TYR G 260 9.68 -39.52 -24.28
C TYR G 260 10.31 -39.03 -25.58
N ILE G 261 10.49 -39.97 -26.50
CA ILE G 261 11.04 -39.68 -27.80
C ILE G 261 10.01 -38.88 -28.56
N VAL G 262 10.46 -37.81 -29.21
CA VAL G 262 9.56 -36.97 -29.95
C VAL G 262 10.10 -36.60 -31.32
N GLY G 263 11.43 -36.56 -31.46
CA GLY G 263 12.02 -36.21 -32.74
C GLY G 263 13.32 -36.91 -33.06
N ALA G 264 13.82 -36.70 -34.27
CA ALA G 264 15.06 -37.34 -34.70
C ALA G 264 15.63 -36.71 -35.96
N ASN G 265 16.89 -36.30 -35.85
CA ASN G 265 17.64 -35.69 -36.94
C ASN G 265 18.76 -36.64 -37.37
N ILE G 266 19.29 -36.41 -38.56
CA ILE G 266 20.41 -37.23 -39.04
C ILE G 266 21.37 -36.37 -39.87
N GLU G 267 22.57 -36.21 -39.34
CA GLU G 267 23.63 -35.41 -40.02
C GLU G 267 24.59 -36.36 -40.74
N THR G 268 24.39 -36.47 -42.05
CA THR G 268 25.21 -37.33 -42.92
C THR G 268 26.49 -36.59 -43.29
N TYR G 269 27.55 -37.33 -43.63
CA TYR G 269 28.84 -36.68 -43.94
C TYR G 269 29.41 -37.08 -45.33
N LEU G 270 30.67 -37.50 -45.28
CA LEU G 270 31.51 -37.82 -46.47
C LEU G 270 31.04 -38.99 -47.32
N LEU G 271 30.01 -38.77 -48.15
CA LEU G 271 29.48 -39.85 -48.97
C LEU G 271 30.39 -40.20 -50.13
N GLU G 272 31.26 -41.21 -49.99
CA GLU G 272 32.17 -41.62 -51.08
C GLU G 272 31.40 -42.08 -52.33
N LYS G 273 30.74 -41.11 -53.01
CA LYS G 273 29.93 -41.36 -54.21
C LYS G 273 30.79 -41.56 -55.43
N SER G 274 32.09 -41.48 -55.21
CA SER G 274 33.04 -41.72 -56.27
C SER G 274 32.64 -43.06 -56.87
N ARG G 275 32.85 -44.13 -56.08
CA ARG G 275 32.54 -45.51 -56.46
C ARG G 275 31.24 -45.73 -57.21
N ALA G 276 30.43 -44.70 -57.36
CA ALA G 276 29.19 -44.84 -58.08
C ALA G 276 29.45 -45.07 -59.56
N ILE G 277 30.68 -44.75 -60.01
CA ILE G 277 31.12 -44.87 -61.41
C ILE G 277 32.11 -46.02 -61.64
N ARG G 278 33.03 -46.21 -60.69
CA ARG G 278 34.01 -47.28 -60.81
C ARG G 278 34.37 -47.89 -59.45
N GLN G 279 34.05 -49.17 -59.29
CA GLN G 279 34.33 -49.89 -58.05
C GLN G 279 35.64 -50.64 -58.18
N ALA G 280 36.36 -50.78 -57.07
CA ALA G 280 37.64 -51.49 -57.09
C ALA G 280 37.41 -52.97 -57.37
N LYS G 281 38.48 -53.72 -57.22
CA LYS G 281 38.47 -55.17 -57.42
C LYS G 281 37.77 -55.85 -56.24
N ASP G 282 36.78 -56.67 -56.59
CA ASP G 282 36.01 -57.50 -55.63
C ASP G 282 35.00 -56.68 -54.80
N GLU G 283 34.86 -55.41 -55.10
CA GLU G 283 33.92 -54.53 -54.37
C GLU G 283 32.64 -54.34 -55.19
N ARG G 284 31.75 -53.52 -54.64
CA ARG G 284 30.44 -53.24 -55.28
C ARG G 284 30.07 -51.76 -55.15
N THR G 285 29.01 -51.37 -55.83
CA THR G 285 28.54 -50.00 -55.76
C THR G 285 27.50 -50.00 -54.66
N PHE G 286 26.77 -48.90 -54.57
CA PHE G 286 25.73 -48.72 -53.58
C PHE G 286 24.60 -49.73 -53.77
N HIS G 287 24.50 -50.65 -52.80
CA HIS G 287 23.49 -51.71 -52.79
C HIS G 287 22.31 -51.43 -53.71
N ILE G 288 21.52 -50.42 -53.37
CA ILE G 288 20.36 -50.06 -54.18
C ILE G 288 20.51 -50.35 -55.69
N PHE G 289 21.68 -50.09 -56.27
CA PHE G 289 21.89 -50.32 -57.69
C PHE G 289 21.52 -51.76 -58.02
N TYR G 290 22.29 -52.69 -57.48
CA TYR G 290 22.04 -54.09 -57.71
C TYR G 290 20.60 -54.43 -57.34
N TYR G 291 20.14 -53.93 -56.21
CA TYR G 291 18.77 -54.21 -55.77
C TYR G 291 17.87 -53.93 -56.96
N LEU G 292 18.00 -52.74 -57.51
CA LEU G 292 17.16 -52.33 -58.62
C LEU G 292 17.30 -53.20 -59.85
N ILE G 293 18.53 -53.38 -60.32
CA ILE G 293 18.75 -54.20 -61.52
C ILE G 293 18.10 -55.55 -61.37
N ALA G 294 17.78 -55.93 -60.12
CA ALA G 294 17.18 -57.23 -59.85
C ALA G 294 15.75 -57.21 -59.35
N GLY G 295 15.53 -56.47 -58.26
CA GLY G 295 14.19 -56.39 -57.68
C GLY G 295 13.21 -55.67 -58.59
N ALA G 296 13.73 -55.15 -59.70
CA ALA G 296 12.90 -54.42 -60.64
C ALA G 296 11.78 -55.32 -61.15
N SER G 297 10.57 -54.77 -61.16
CA SER G 297 9.42 -55.49 -61.66
C SER G 297 9.48 -55.54 -63.18
N GLU G 298 9.01 -56.63 -63.76
CA GLU G 298 9.01 -56.78 -65.21
C GLU G 298 8.60 -55.47 -65.87
N GLN G 299 7.41 -54.99 -65.52
CA GLN G 299 6.89 -53.75 -66.09
C GLN G 299 7.89 -52.61 -65.86
N MET G 300 7.96 -52.12 -64.63
CA MET G 300 8.88 -51.02 -64.29
C MET G 300 10.29 -51.34 -64.77
N ARG G 301 10.55 -52.62 -65.07
CA ARG G 301 11.86 -53.06 -65.54
C ARG G 301 12.22 -52.16 -66.73
N ASN G 302 11.41 -52.21 -67.76
CA ASN G 302 11.65 -51.41 -68.95
C ASN G 302 11.43 -49.93 -68.64
N ASP G 303 10.39 -49.64 -67.87
CA ASP G 303 10.03 -48.26 -67.52
C ASP G 303 11.21 -47.36 -67.17
N LEU G 304 12.34 -47.96 -66.77
CA LEU G 304 13.51 -47.17 -66.44
C LEU G 304 14.68 -47.63 -67.29
N LEU G 305 14.35 -48.45 -68.30
CA LEU G 305 15.35 -49.00 -69.21
C LEU G 305 16.43 -49.69 -68.38
N LEU G 306 15.98 -50.70 -67.64
CA LEU G 306 16.86 -51.46 -66.77
C LEU G 306 17.34 -52.77 -67.36
N GLU G 307 18.28 -52.67 -68.29
CA GLU G 307 18.84 -53.85 -68.91
C GLU G 307 19.49 -54.67 -67.79
N GLY G 308 19.73 -55.96 -68.04
CA GLY G 308 20.33 -56.81 -67.03
C GLY G 308 21.71 -56.36 -66.53
N PHE G 309 22.36 -57.23 -65.76
CA PHE G 309 23.68 -56.92 -65.23
C PHE G 309 24.72 -57.05 -66.35
N ASN G 310 25.82 -56.31 -66.21
CA ASN G 310 26.89 -56.35 -67.20
C ASN G 310 26.50 -55.71 -68.53
N ASN G 311 25.40 -54.95 -68.50
CA ASN G 311 24.93 -54.24 -69.67
C ASN G 311 25.25 -52.79 -69.35
N TYR G 312 25.72 -52.57 -68.12
CA TYR G 312 26.09 -51.24 -67.60
C TYR G 312 27.57 -51.25 -67.27
N THR G 313 28.25 -50.15 -67.58
CA THR G 313 29.69 -50.10 -67.34
C THR G 313 30.11 -49.50 -66.00
N PHE G 314 29.15 -48.97 -65.26
CA PHE G 314 29.46 -48.39 -63.96
C PHE G 314 29.66 -49.48 -62.91
N LEU G 315 29.33 -50.71 -63.30
CA LEU G 315 29.45 -51.84 -62.42
C LEU G 315 30.69 -52.68 -62.72
N SER G 316 31.81 -52.28 -62.13
CA SER G 316 33.07 -53.00 -62.29
C SER G 316 32.89 -54.37 -61.66
N ASN G 317 33.69 -55.33 -62.10
CA ASN G 317 33.57 -56.68 -61.56
C ASN G 317 32.17 -57.17 -61.87
N GLY G 318 31.58 -56.69 -62.96
CA GLY G 318 30.22 -57.11 -63.30
C GLY G 318 29.33 -57.24 -62.07
N HIS G 319 28.49 -58.28 -62.04
CA HIS G 319 27.60 -58.49 -60.90
C HIS G 319 28.25 -59.41 -59.86
N VAL G 320 28.66 -58.84 -58.74
CA VAL G 320 29.27 -59.62 -57.67
C VAL G 320 28.16 -59.85 -56.65
N PRO G 321 28.14 -61.03 -56.02
CA PRO G 321 27.13 -61.38 -55.02
C PRO G 321 27.61 -61.15 -53.60
N ILE G 322 26.64 -60.99 -52.71
CA ILE G 322 26.92 -60.75 -51.30
C ILE G 322 26.47 -61.95 -50.45
N PRO G 323 27.41 -62.53 -49.68
CA PRO G 323 27.13 -63.68 -48.82
C PRO G 323 25.99 -63.48 -47.83
N ALA G 324 25.14 -64.50 -47.71
CA ALA G 324 24.02 -64.48 -46.78
C ALA G 324 22.97 -63.41 -47.07
N GLN G 325 23.16 -62.65 -48.12
CA GLN G 325 22.21 -61.60 -48.47
C GLN G 325 21.67 -61.81 -49.87
N GLN G 326 20.36 -61.70 -50.01
CA GLN G 326 19.71 -61.87 -51.32
C GLN G 326 19.16 -60.53 -51.82
N ASP G 327 19.90 -59.92 -52.76
CA ASP G 327 19.50 -58.64 -53.32
C ASP G 327 18.05 -58.71 -53.83
N ASP G 328 17.68 -59.85 -54.41
CA ASP G 328 16.33 -60.07 -54.95
C ASP G 328 15.29 -59.53 -53.99
N GLU G 329 15.29 -60.09 -52.77
CA GLU G 329 14.35 -59.70 -51.71
C GLU G 329 14.76 -58.34 -51.16
N MET G 330 16.05 -58.16 -50.93
CA MET G 330 16.60 -56.92 -50.41
C MET G 330 15.80 -55.74 -50.93
N PHE G 331 15.43 -55.81 -52.20
CA PHE G 331 14.65 -54.78 -52.83
C PHE G 331 13.41 -54.48 -52.00
N GLN G 332 12.47 -55.42 -52.01
CA GLN G 332 11.23 -55.26 -51.25
C GLN G 332 11.46 -54.72 -49.85
N GLU G 333 12.38 -55.34 -49.11
CA GLU G 333 12.70 -54.91 -47.76
C GLU G 333 12.83 -53.39 -47.71
N THR G 334 13.70 -52.87 -48.58
CA THR G 334 13.92 -51.43 -48.66
C THR G 334 12.72 -50.74 -49.31
N LEU G 335 12.11 -51.41 -50.28
CA LEU G 335 10.94 -50.83 -50.89
C LEU G 335 9.97 -50.65 -49.75
N GLU G 336 9.74 -51.75 -49.02
CA GLU G 336 8.85 -51.79 -47.86
C GLU G 336 9.19 -50.69 -46.88
N ALA G 337 10.47 -50.53 -46.61
CA ALA G 337 10.92 -49.49 -45.70
C ALA G 337 10.45 -48.13 -46.21
N MET G 338 10.90 -47.77 -47.41
CA MET G 338 10.53 -46.48 -47.99
C MET G 338 9.09 -46.11 -47.71
N THR G 339 8.18 -47.07 -47.87
CA THR G 339 6.75 -46.82 -47.63
C THR G 339 6.50 -46.51 -46.15
N ILE G 340 7.02 -47.36 -45.27
CA ILE G 340 6.89 -47.19 -43.83
C ILE G 340 7.31 -45.76 -43.52
N MET G 341 8.45 -45.38 -44.09
CA MET G 341 9.02 -44.06 -43.90
C MET G 341 8.06 -43.00 -44.36
N GLY G 342 7.60 -43.07 -45.62
CA GLY G 342 6.66 -42.07 -46.10
C GLY G 342 6.66 -41.75 -47.59
N PHE G 343 7.70 -42.13 -48.30
CA PHE G 343 7.80 -41.88 -49.74
C PHE G 343 6.61 -42.36 -50.55
N THR G 344 5.82 -41.40 -51.03
CA THR G 344 4.64 -41.68 -51.84
C THR G 344 4.87 -42.82 -52.83
N GLU G 345 3.81 -43.58 -53.07
CA GLU G 345 3.83 -44.71 -54.00
C GLU G 345 4.72 -44.41 -55.21
N GLU G 346 4.40 -43.35 -55.93
CA GLU G 346 5.17 -42.96 -57.10
C GLU G 346 6.45 -42.25 -56.67
N GLU G 347 6.35 -41.52 -55.56
CA GLU G 347 7.48 -40.78 -55.01
C GLU G 347 8.71 -41.66 -54.96
N GLN G 348 8.48 -42.95 -55.13
CA GLN G 348 9.57 -43.92 -55.13
C GLN G 348 9.97 -44.29 -56.54
N THR G 349 8.99 -44.75 -57.32
CA THR G 349 9.23 -45.13 -58.71
C THR G 349 10.24 -44.15 -59.29
N SER G 350 10.05 -42.88 -58.96
CA SER G 350 10.93 -41.83 -59.41
C SER G 350 12.35 -42.07 -58.91
N ILE G 351 12.51 -42.06 -57.59
CA ILE G 351 13.83 -42.25 -56.99
C ILE G 351 14.51 -43.46 -57.60
N LEU G 352 13.78 -44.25 -58.36
CA LEU G 352 14.37 -45.42 -58.97
C LEU G 352 14.87 -45.12 -60.39
N ARG G 353 14.05 -44.46 -61.20
CA ARG G 353 14.47 -44.12 -62.55
C ARG G 353 15.77 -43.32 -62.43
N VAL G 354 15.76 -42.32 -61.56
CA VAL G 354 16.95 -41.51 -61.33
C VAL G 354 18.17 -42.39 -61.05
N VAL G 355 17.93 -43.65 -60.70
CA VAL G 355 19.03 -44.56 -60.43
C VAL G 355 19.50 -45.11 -61.75
N SER G 356 18.57 -45.72 -62.48
CA SER G 356 18.87 -46.29 -63.78
C SER G 356 19.61 -45.22 -64.58
N SER G 357 19.06 -44.00 -64.50
CA SER G 357 19.65 -42.86 -65.20
C SER G 357 21.13 -42.81 -64.82
N VAL G 358 21.43 -42.73 -63.53
CA VAL G 358 22.80 -42.66 -63.06
C VAL G 358 23.63 -43.85 -63.52
N LEU G 359 23.00 -44.80 -64.20
CA LEU G 359 23.74 -45.96 -64.69
C LEU G 359 23.88 -45.91 -66.22
N GLN G 360 22.80 -45.57 -66.92
CA GLN G 360 22.77 -45.47 -68.38
C GLN G 360 23.85 -44.48 -68.83
N LEU G 361 23.85 -43.32 -68.18
CA LEU G 361 24.79 -42.25 -68.42
C LEU G 361 26.19 -42.81 -68.45
N GLY G 362 26.31 -44.09 -68.15
CA GLY G 362 27.61 -44.73 -68.15
C GLY G 362 27.89 -45.40 -69.49
N ASN G 363 26.83 -45.75 -70.21
CA ASN G 363 26.96 -46.39 -71.51
C ASN G 363 27.45 -45.38 -72.52
N ILE G 364 26.93 -44.16 -72.42
CA ILE G 364 27.30 -43.05 -73.31
C ILE G 364 28.79 -43.09 -73.66
N VAL G 365 29.08 -43.12 -74.96
CA VAL G 365 30.46 -43.18 -75.45
C VAL G 365 30.96 -41.96 -76.20
N PHE G 366 32.28 -41.83 -76.25
CA PHE G 366 32.92 -40.73 -76.94
C PHE G 366 34.26 -41.20 -77.51
N LYS G 367 34.21 -41.68 -78.75
CA LYS G 367 35.41 -42.17 -79.43
C LYS G 367 36.15 -41.03 -80.14
N LYS G 368 37.45 -40.97 -79.88
CA LYS G 368 38.31 -39.95 -80.46
C LYS G 368 38.03 -39.75 -81.95
N GLU G 369 38.41 -38.59 -82.46
CA GLU G 369 38.22 -38.27 -83.88
C GLU G 369 39.53 -37.73 -84.44
N ARG G 370 40.30 -38.59 -85.08
CA ARG G 370 41.59 -38.19 -85.64
C ARG G 370 41.48 -37.15 -86.76
N ASN G 371 40.25 -36.76 -87.08
CA ASN G 371 40.02 -35.76 -88.11
C ASN G 371 39.99 -34.39 -87.44
N THR G 372 39.07 -34.22 -86.50
CA THR G 372 38.90 -32.97 -85.75
C THR G 372 39.57 -33.08 -84.39
N ASP G 373 39.58 -34.30 -83.85
CA ASP G 373 40.18 -34.62 -82.55
C ASP G 373 39.28 -34.28 -81.38
N GLN G 374 37.97 -34.32 -81.63
CA GLN G 374 36.96 -34.03 -80.64
C GLN G 374 35.93 -35.14 -80.72
N ALA G 375 36.19 -36.22 -79.99
CA ALA G 375 35.32 -37.39 -79.96
C ALA G 375 33.85 -37.01 -80.07
N SER G 376 33.05 -37.88 -80.66
CA SER G 376 31.63 -37.57 -80.82
C SER G 376 30.70 -38.61 -80.27
N MET G 377 29.44 -38.43 -80.63
CA MET G 377 28.35 -39.29 -80.21
C MET G 377 27.99 -40.18 -81.38
N PRO G 378 28.83 -41.18 -81.66
CA PRO G 378 28.56 -42.10 -82.76
C PRO G 378 27.25 -42.88 -82.57
N ASP G 379 26.73 -42.90 -81.33
CA ASP G 379 25.47 -43.61 -81.01
C ASP G 379 24.48 -42.81 -80.16
N ASN G 380 23.23 -42.75 -80.64
CA ASN G 380 22.16 -42.00 -80.01
C ASN G 380 21.60 -42.78 -78.83
N THR G 381 21.10 -43.99 -79.05
CA THR G 381 20.47 -44.82 -78.01
C THR G 381 20.90 -44.45 -76.61
N ALA G 382 22.21 -44.50 -76.36
CA ALA G 382 22.76 -44.18 -75.05
C ALA G 382 22.07 -42.96 -74.44
N ALA G 383 22.64 -41.79 -74.69
CA ALA G 383 22.10 -40.53 -74.19
C ALA G 383 20.66 -40.38 -74.62
N GLN G 384 20.30 -41.07 -75.70
CA GLN G 384 18.95 -41.02 -76.20
C GLN G 384 18.07 -41.36 -75.01
N LYS G 385 18.33 -42.52 -74.41
CA LYS G 385 17.59 -42.99 -73.25
C LYS G 385 17.78 -42.02 -72.08
N VAL G 386 19.00 -41.95 -71.61
CA VAL G 386 19.37 -41.09 -70.49
C VAL G 386 18.60 -39.77 -70.42
N CYS G 387 18.60 -39.04 -71.54
CA CYS G 387 17.93 -37.75 -71.61
C CYS G 387 16.43 -37.85 -71.40
N HIS G 388 15.89 -39.06 -71.56
CA HIS G 388 14.46 -39.30 -71.38
C HIS G 388 14.17 -39.37 -69.89
N LEU G 389 15.00 -40.11 -69.17
CA LEU G 389 14.83 -40.26 -67.74
C LEU G 389 15.06 -38.92 -67.05
N MET G 390 15.85 -38.04 -67.65
CA MET G 390 16.12 -36.74 -67.04
C MET G 390 15.04 -35.70 -67.30
N GLY G 391 14.09 -36.03 -68.16
CA GLY G 391 13.04 -35.08 -68.47
C GLY G 391 13.63 -33.90 -69.23
N ILE G 392 14.80 -34.10 -69.84
CA ILE G 392 15.48 -33.06 -70.61
C ILE G 392 15.44 -33.42 -72.10
N ASN G 393 16.40 -32.87 -72.86
CA ASN G 393 16.50 -33.12 -74.29
C ASN G 393 17.87 -33.54 -74.84
N VAL G 394 17.79 -34.41 -75.85
CA VAL G 394 18.95 -34.95 -76.53
C VAL G 394 19.88 -33.88 -77.07
N THR G 395 19.63 -33.52 -78.34
CA THR G 395 20.39 -32.52 -79.07
C THR G 395 21.06 -31.53 -78.14
N ASP G 396 20.26 -30.89 -77.30
CA ASP G 396 20.78 -29.92 -76.36
C ASP G 396 21.83 -30.63 -75.53
N PHE G 397 21.40 -31.60 -74.75
CA PHE G 397 22.30 -32.38 -73.92
C PHE G 397 23.60 -32.64 -74.69
N THR G 398 23.46 -33.31 -75.83
CA THR G 398 24.59 -33.65 -76.67
C THR G 398 25.57 -32.50 -76.86
N ARG G 399 25.12 -31.43 -77.49
CA ARG G 399 25.97 -30.27 -77.71
C ARG G 399 26.64 -29.95 -76.39
N SER G 400 25.83 -29.58 -75.41
CA SER G 400 26.31 -29.23 -74.07
C SER G 400 27.35 -30.22 -73.57
N ILE G 401 27.08 -31.49 -73.80
CA ILE G 401 27.96 -32.55 -73.37
C ILE G 401 29.24 -32.64 -74.20
N LEU G 402 29.17 -32.24 -75.46
CA LEU G 402 30.33 -32.30 -76.35
C LEU G 402 30.98 -30.95 -76.57
N THR G 403 30.14 -29.97 -76.93
CA THR G 403 30.56 -28.60 -77.20
C THR G 403 30.01 -27.65 -76.14
N PRO G 404 30.82 -27.38 -75.11
CA PRO G 404 30.39 -26.48 -74.03
C PRO G 404 30.19 -25.03 -74.48
N ARG G 405 28.95 -24.65 -74.70
CA ARG G 405 28.60 -23.29 -75.10
C ARG G 405 28.79 -22.39 -73.88
N ILE G 406 29.89 -22.63 -73.17
CA ILE G 406 30.24 -21.91 -71.95
C ILE G 406 30.31 -20.40 -72.07
N LYS G 407 30.66 -19.76 -70.96
CA LYS G 407 30.79 -18.30 -70.93
C LYS G 407 31.78 -17.87 -69.86
N VAL G 408 33.07 -18.00 -70.17
CA VAL G 408 34.13 -17.61 -69.23
C VAL G 408 34.16 -16.10 -69.08
N GLY G 409 34.53 -15.64 -67.89
CA GLY G 409 34.61 -14.22 -67.60
C GLY G 409 33.68 -13.34 -68.41
N ARG G 410 34.26 -12.34 -69.08
CA ARG G 410 33.52 -11.39 -69.91
C ARG G 410 33.43 -11.87 -71.36
N ASP G 411 33.33 -13.19 -71.52
CA ASP G 411 33.27 -13.79 -72.84
C ASP G 411 32.41 -15.07 -72.90
N VAL G 412 31.71 -15.23 -74.03
CA VAL G 412 30.86 -16.39 -74.27
C VAL G 412 31.75 -17.42 -74.97
N VAL G 413 32.87 -17.73 -74.33
CA VAL G 413 33.84 -18.68 -74.84
C VAL G 413 33.20 -20.00 -75.27
N GLN G 414 32.74 -20.05 -76.51
CA GLN G 414 32.14 -21.31 -76.98
C GLN G 414 33.29 -22.21 -77.39
N LYS G 415 33.33 -23.42 -76.84
CA LYS G 415 34.41 -24.36 -77.15
C LYS G 415 33.91 -25.81 -77.16
N ALA G 416 34.81 -26.69 -77.56
CA ALA G 416 34.53 -28.13 -77.63
C ALA G 416 35.67 -28.92 -76.99
N GLN G 417 35.29 -29.77 -76.06
CA GLN G 417 36.22 -30.62 -75.29
C GLN G 417 36.70 -31.81 -76.13
N THR G 418 37.63 -32.54 -75.53
CA THR G 418 38.23 -33.75 -76.12
C THR G 418 37.60 -35.01 -75.54
N LYS G 419 37.51 -36.02 -76.38
CA LYS G 419 36.93 -37.31 -76.00
C LYS G 419 36.87 -37.43 -74.47
N GLU G 420 38.06 -37.36 -73.87
CA GLU G 420 38.23 -37.48 -72.42
C GLU G 420 37.25 -36.55 -71.69
N GLN G 421 37.49 -35.27 -71.84
CA GLN G 421 36.67 -34.22 -71.22
C GLN G 421 35.19 -34.50 -71.44
N ALA G 422 34.93 -35.10 -72.59
CA ALA G 422 33.57 -35.46 -73.01
C ALA G 422 32.96 -36.45 -72.02
N ASP G 423 33.84 -37.14 -71.32
CA ASP G 423 33.44 -38.16 -70.34
C ASP G 423 33.62 -37.65 -68.92
N PHE G 424 34.79 -37.10 -68.62
CA PHE G 424 35.07 -36.57 -67.29
C PHE G 424 33.88 -35.75 -66.83
N ALA G 425 33.06 -35.35 -67.80
CA ALA G 425 31.87 -34.57 -67.50
C ALA G 425 30.69 -35.53 -67.37
N ILE G 426 30.38 -36.24 -68.44
CA ILE G 426 29.26 -37.18 -68.42
C ILE G 426 29.42 -38.12 -67.22
N GLU G 427 30.64 -38.23 -66.75
CA GLU G 427 30.95 -39.07 -65.61
C GLU G 427 30.69 -38.29 -64.31
N ALA G 428 31.49 -37.26 -64.10
CA ALA G 428 31.36 -36.45 -62.91
C ALA G 428 30.00 -35.75 -62.89
N LEU G 429 29.15 -36.11 -63.83
CA LEU G 429 27.82 -35.52 -63.89
C LEU G 429 26.92 -36.49 -63.17
N ALA G 430 26.86 -37.72 -63.70
CA ALA G 430 26.05 -38.76 -63.10
C ALA G 430 26.49 -38.90 -61.63
N LYS G 431 27.80 -39.06 -61.44
CA LYS G 431 28.41 -39.18 -60.13
C LYS G 431 27.86 -38.14 -59.12
N ALA G 432 27.60 -36.92 -59.58
CA ALA G 432 27.09 -35.87 -58.70
C ALA G 432 25.58 -35.86 -58.74
N LYS G 433 25.01 -36.39 -59.82
CA LYS G 433 23.57 -36.45 -59.91
C LYS G 433 23.13 -37.40 -58.82
N PHE G 434 24.02 -38.35 -58.47
CA PHE G 434 23.75 -39.34 -57.45
C PHE G 434 23.64 -38.68 -56.10
N GLU G 435 24.74 -38.06 -55.69
CA GLU G 435 24.81 -37.36 -54.39
C GLU G 435 23.61 -36.45 -54.19
N ARG G 436 23.14 -35.90 -55.30
CA ARG G 436 21.99 -35.03 -55.27
C ARG G 436 20.80 -35.85 -54.78
N LEU G 437 20.91 -37.16 -54.90
CA LEU G 437 19.82 -38.04 -54.48
C LEU G 437 19.91 -38.31 -53.02
N PHE G 438 21.05 -38.85 -52.60
CA PHE G 438 21.26 -39.16 -51.19
C PHE G 438 20.79 -37.99 -50.35
N ARG G 439 21.50 -36.87 -50.49
CA ARG G 439 21.15 -35.67 -49.75
C ARG G 439 19.65 -35.36 -49.80
N TRP G 440 18.98 -35.80 -50.85
CA TRP G 440 17.54 -35.54 -51.00
C TRP G 440 16.71 -36.45 -50.11
N ILE G 441 16.93 -37.75 -50.27
CA ILE G 441 16.23 -38.75 -49.46
C ILE G 441 16.41 -38.35 -48.01
N LEU G 442 17.67 -38.23 -47.63
CA LEU G 442 18.05 -37.87 -46.28
C LEU G 442 17.25 -36.75 -45.68
N THR G 443 16.69 -35.89 -46.52
CA THR G 443 15.90 -34.78 -45.99
C THR G 443 14.45 -35.11 -46.11
N ARG G 444 14.18 -36.22 -46.78
CA ARG G 444 12.81 -36.70 -46.91
C ARG G 444 12.60 -37.56 -45.65
N VAL G 445 13.63 -38.34 -45.31
CA VAL G 445 13.61 -39.18 -44.12
C VAL G 445 13.51 -38.24 -42.94
N ASN G 446 14.51 -37.37 -42.83
CA ASN G 446 14.60 -36.40 -41.77
C ASN G 446 13.40 -35.46 -41.69
N LYS G 447 12.47 -35.57 -42.65
CA LYS G 447 11.30 -34.72 -42.66
C LYS G 447 10.20 -35.31 -41.78
N ALA G 448 10.25 -36.61 -41.59
CA ALA G 448 9.27 -37.31 -40.75
C ALA G 448 9.85 -37.49 -39.35
N LEU G 449 11.08 -37.97 -39.27
CA LEU G 449 11.72 -38.19 -37.98
C LEU G 449 11.73 -36.91 -37.20
N ASP G 450 11.29 -35.81 -37.85
CA ASP G 450 11.25 -34.49 -37.23
C ASP G 450 9.98 -33.81 -37.72
N ALA G 457 13.30 -30.40 -24.74
CA ALA G 457 14.54 -30.01 -24.01
C ALA G 457 15.76 -31.00 -24.04
N SER G 458 15.65 -32.26 -24.46
CA SER G 458 16.85 -33.18 -24.42
C SER G 458 17.09 -33.96 -25.73
N PHE G 459 18.37 -34.35 -25.93
CA PHE G 459 18.80 -35.12 -27.13
C PHE G 459 19.91 -36.14 -26.82
N LEU G 460 19.80 -37.31 -27.46
CA LEU G 460 20.80 -38.34 -27.26
C LEU G 460 21.52 -38.37 -28.57
N GLY G 461 22.86 -38.38 -28.51
CA GLY G 461 23.64 -38.41 -29.74
C GLY G 461 24.35 -39.72 -30.00
N ILE G 462 24.10 -40.32 -31.17
CA ILE G 462 24.72 -41.59 -31.55
C ILE G 462 25.59 -41.38 -32.77
N LEU G 463 26.90 -41.56 -32.63
CA LEU G 463 27.80 -41.34 -33.76
C LEU G 463 28.42 -42.56 -34.45
N ASP G 464 28.06 -42.71 -35.73
CA ASP G 464 28.54 -43.80 -36.57
C ASP G 464 29.40 -43.20 -37.68
N ILE G 465 30.68 -43.01 -37.42
CA ILE G 465 31.57 -42.45 -38.43
C ILE G 465 32.11 -43.63 -39.21
N ALA G 466 32.68 -43.39 -40.39
CA ALA G 466 33.23 -44.51 -41.14
C ALA G 466 34.59 -44.82 -40.49
N GLY G 467 34.89 -46.11 -40.39
CA GLY G 467 36.10 -46.58 -39.69
C GLY G 467 37.36 -46.56 -40.56
N PHE G 468 38.46 -46.33 -39.84
CA PHE G 468 39.80 -46.33 -40.42
C PHE G 468 39.82 -47.43 -41.46
N GLU G 469 40.00 -47.02 -42.68
CA GLU G 469 40.04 -47.95 -43.79
C GLU G 469 41.25 -47.59 -44.63
N ILE G 470 41.94 -48.60 -45.09
CA ILE G 470 43.16 -48.37 -45.86
C ILE G 470 43.42 -49.52 -46.83
N PHE G 471 42.91 -49.36 -48.05
CA PHE G 471 43.05 -50.40 -49.10
C PHE G 471 44.36 -50.27 -49.88
N GLU G 472 44.22 -50.39 -51.19
CA GLU G 472 45.35 -50.30 -52.15
C GLU G 472 45.55 -48.85 -52.56
N ILE G 473 44.55 -48.33 -53.26
CA ILE G 473 44.56 -46.95 -53.71
C ILE G 473 44.05 -46.10 -52.55
N ASN G 474 44.97 -45.37 -51.92
CA ASN G 474 44.56 -44.54 -50.80
C ASN G 474 44.21 -43.13 -51.22
N SER G 475 43.09 -43.05 -51.95
CA SER G 475 42.59 -41.79 -52.47
C SER G 475 42.31 -40.72 -51.42
N PHE G 476 41.73 -39.61 -51.87
CA PHE G 476 41.42 -38.49 -51.01
C PHE G 476 40.48 -38.92 -49.89
N GLU G 477 39.37 -39.53 -50.30
CA GLU G 477 38.33 -40.02 -49.40
C GLU G 477 38.94 -40.67 -48.18
N GLN G 478 39.75 -41.70 -48.43
CA GLN G 478 40.45 -42.42 -47.38
C GLN G 478 41.27 -41.45 -46.51
N LEU G 479 41.62 -40.29 -47.06
CA LEU G 479 42.40 -39.31 -46.31
C LEU G 479 41.56 -38.60 -45.28
N CYS G 480 40.38 -38.13 -45.68
CA CYS G 480 39.54 -37.44 -44.71
C CYS G 480 38.94 -38.45 -43.72
N ILE G 481 38.62 -39.63 -44.23
CA ILE G 481 38.05 -40.69 -43.42
C ILE G 481 39.03 -41.06 -42.32
N ASN G 482 40.25 -41.46 -42.66
CA ASN G 482 41.22 -41.81 -41.63
C ASN G 482 41.61 -40.53 -40.87
N TYR G 483 41.16 -39.39 -41.37
CA TYR G 483 41.44 -38.13 -40.71
C TYR G 483 40.51 -38.06 -39.51
N THR G 484 39.22 -38.07 -39.80
CA THR G 484 38.19 -38.03 -38.77
C THR G 484 38.49 -39.06 -37.69
N ASN G 485 38.81 -40.29 -38.12
CA ASN G 485 39.12 -41.38 -37.21
C ASN G 485 40.22 -40.95 -36.27
N GLU G 486 41.25 -40.32 -36.81
CA GLU G 486 42.34 -39.82 -35.97
C GLU G 486 41.80 -38.68 -35.08
N LYS G 487 40.88 -37.91 -35.65
CA LYS G 487 40.23 -36.80 -34.97
C LYS G 487 39.51 -37.28 -33.70
N LEU G 488 38.50 -38.10 -33.94
CA LEU G 488 37.67 -38.68 -32.91
C LEU G 488 38.50 -39.27 -31.79
N GLN G 489 39.42 -40.18 -32.13
CA GLN G 489 40.26 -40.81 -31.11
C GLN G 489 40.81 -39.78 -30.14
N GLN G 490 41.39 -38.73 -30.69
CA GLN G 490 41.95 -37.68 -29.86
C GLN G 490 40.91 -37.12 -28.90
N LEU G 491 39.65 -37.12 -29.32
CA LEU G 491 38.57 -36.62 -28.46
C LEU G 491 38.57 -37.44 -27.18
N PHE G 492 38.57 -38.75 -27.36
CA PHE G 492 38.56 -39.70 -26.25
C PHE G 492 39.77 -39.45 -25.36
N ASN G 493 40.89 -39.15 -25.99
CA ASN G 493 42.14 -38.89 -25.26
C ASN G 493 41.99 -37.66 -24.39
N HIS G 494 41.35 -36.64 -24.95
CA HIS G 494 41.15 -35.39 -24.24
C HIS G 494 40.25 -35.53 -23.03
N THR G 495 39.04 -35.97 -23.32
CA THR G 495 38.02 -36.15 -22.33
C THR G 495 38.40 -37.21 -21.31
N MET G 496 39.29 -38.12 -21.70
CA MET G 496 39.70 -39.21 -20.81
C MET G 496 40.85 -38.92 -19.86
N PHE G 497 41.90 -38.26 -20.35
CA PHE G 497 43.03 -37.98 -19.50
C PHE G 497 43.24 -36.49 -19.24
N ILE G 498 43.26 -35.72 -20.32
CA ILE G 498 43.45 -34.28 -20.23
C ILE G 498 42.44 -33.57 -19.36
N LEU G 499 41.21 -33.49 -19.86
CA LEU G 499 40.15 -32.83 -19.15
C LEU G 499 40.00 -33.28 -17.71
N GLU G 500 39.86 -34.59 -17.50
CA GLU G 500 39.67 -35.14 -16.17
C GLU G 500 40.64 -34.60 -15.16
N GLN G 501 41.91 -34.53 -15.53
CA GLN G 501 42.88 -34.04 -14.57
C GLN G 501 42.82 -32.54 -14.31
N GLU G 502 42.35 -31.78 -15.29
CA GLU G 502 42.24 -30.34 -15.10
C GLU G 502 41.32 -30.02 -13.91
N GLU G 503 40.14 -30.65 -13.91
CA GLU G 503 39.14 -30.44 -12.85
C GLU G 503 39.63 -30.84 -11.48
N TYR G 504 40.54 -31.79 -11.46
CA TYR G 504 41.09 -32.25 -10.20
C TYR G 504 41.86 -31.06 -9.67
N GLN G 505 42.52 -30.37 -10.60
CA GLN G 505 43.29 -29.19 -10.26
C GLN G 505 42.34 -28.10 -9.83
N ARG G 506 41.44 -27.73 -10.73
CA ARG G 506 40.46 -26.69 -10.46
C ARG G 506 39.88 -26.74 -9.05
N GLU G 507 39.19 -27.83 -8.74
CA GLU G 507 38.58 -28.01 -7.41
C GLU G 507 39.65 -28.02 -6.35
N GLY G 508 40.89 -28.24 -6.81
CA GLY G 508 42.05 -28.25 -5.93
C GLY G 508 42.12 -29.39 -4.94
N ILE G 509 42.00 -30.61 -5.45
CA ILE G 509 42.04 -31.78 -4.58
C ILE G 509 43.47 -32.26 -4.52
N GLU G 510 43.80 -33.02 -3.49
CA GLU G 510 45.14 -33.55 -3.33
C GLU G 510 45.41 -34.49 -4.51
N TRP G 511 45.97 -33.96 -5.59
CA TRP G 511 46.23 -34.79 -6.77
C TRP G 511 47.44 -34.34 -7.56
N ASN G 512 48.18 -35.31 -8.09
CA ASN G 512 49.36 -35.02 -8.91
C ASN G 512 49.05 -35.52 -10.31
N PHE G 513 49.55 -34.79 -11.30
CA PHE G 513 49.30 -35.14 -12.69
C PHE G 513 49.91 -36.46 -13.10
N ILE G 514 49.41 -37.00 -14.20
CA ILE G 514 49.87 -38.27 -14.73
C ILE G 514 49.85 -38.18 -16.25
N ASP G 515 51.00 -38.39 -16.86
CA ASP G 515 51.10 -38.33 -18.31
C ASP G 515 50.91 -39.68 -18.98
N PHE G 516 49.71 -39.89 -19.52
CA PHE G 516 49.40 -41.14 -20.20
C PHE G 516 49.99 -41.19 -21.60
N GLY G 517 50.67 -40.10 -21.98
CA GLY G 517 51.27 -40.04 -23.30
C GLY G 517 50.32 -40.47 -24.40
N LEU G 518 49.27 -39.69 -24.61
CA LEU G 518 48.31 -40.02 -25.64
C LEU G 518 47.84 -38.75 -26.35
N ASP G 519 48.53 -38.38 -27.42
CA ASP G 519 48.19 -37.19 -28.18
C ASP G 519 48.44 -37.35 -29.65
N LEU G 520 47.52 -36.87 -30.46
CA LEU G 520 47.68 -36.97 -31.90
C LEU G 520 47.46 -35.61 -32.53
N GLN G 521 47.41 -34.57 -31.69
CA GLN G 521 47.22 -33.21 -32.20
C GLN G 521 48.15 -33.06 -33.40
N PRO G 522 49.44 -33.37 -33.22
CA PRO G 522 50.42 -33.27 -34.31
C PRO G 522 49.84 -33.80 -35.61
N CYS G 523 49.66 -35.12 -35.69
CA CYS G 523 49.12 -35.71 -36.91
C CYS G 523 47.86 -35.02 -37.44
N ILE G 524 47.25 -34.15 -36.65
CA ILE G 524 46.06 -33.45 -37.13
C ILE G 524 46.52 -32.15 -37.80
N GLU G 525 47.46 -31.47 -37.17
CA GLU G 525 47.97 -30.23 -37.74
C GLU G 525 48.49 -30.51 -39.16
N LEU G 526 49.29 -31.58 -39.30
CA LEU G 526 49.86 -31.98 -40.58
C LEU G 526 48.81 -32.07 -41.67
N ILE G 527 47.54 -32.04 -41.30
CA ILE G 527 46.47 -32.15 -42.29
C ILE G 527 45.30 -31.24 -42.01
N GLU G 528 45.27 -30.64 -40.82
CA GLU G 528 44.19 -29.76 -40.41
C GLU G 528 44.60 -28.29 -40.51
N ARG G 529 45.57 -27.89 -39.70
CA ARG G 529 46.07 -26.52 -39.65
C ARG G 529 46.16 -25.89 -41.05
N PRO G 530 45.80 -24.60 -41.16
CA PRO G 530 45.81 -23.81 -42.40
C PRO G 530 47.03 -22.89 -42.56
N THR G 531 46.89 -21.64 -42.11
CA THR G 531 47.98 -20.69 -42.19
C THR G 531 49.08 -21.28 -41.33
N ASN G 532 50.21 -20.59 -41.23
CA ASN G 532 51.31 -21.11 -40.44
C ASN G 532 51.62 -22.46 -41.08
N PRO G 533 52.49 -23.26 -40.47
CA PRO G 533 52.77 -24.55 -41.12
C PRO G 533 51.47 -25.13 -41.69
N PRO G 534 51.29 -25.05 -43.02
CA PRO G 534 50.08 -25.57 -43.66
C PRO G 534 49.82 -27.05 -43.46
N GLY G 535 48.58 -27.46 -43.68
CA GLY G 535 48.21 -28.85 -43.53
C GLY G 535 48.02 -29.45 -44.91
N VAL G 536 48.12 -30.77 -45.02
CA VAL G 536 47.95 -31.43 -46.30
C VAL G 536 46.73 -30.89 -47.04
N LEU G 537 45.63 -30.69 -46.33
CA LEU G 537 44.41 -30.19 -46.95
C LEU G 537 44.62 -28.76 -47.47
N ALA G 538 45.30 -27.95 -46.66
CA ALA G 538 45.59 -26.56 -46.99
C ALA G 538 46.18 -26.44 -48.39
N LEU G 539 47.38 -26.99 -48.56
CA LEU G 539 48.07 -26.93 -49.83
C LEU G 539 47.12 -27.33 -50.95
N LEU G 540 46.74 -28.59 -50.96
CA LEU G 540 45.83 -29.07 -52.01
C LEU G 540 44.64 -28.15 -52.29
N ASP G 541 44.42 -27.16 -51.43
CA ASP G 541 43.30 -26.25 -51.59
C ASP G 541 43.66 -25.08 -52.51
N GLU G 542 44.72 -24.36 -52.16
CA GLU G 542 45.16 -23.21 -52.95
C GLU G 542 45.84 -23.69 -54.22
N GLU G 543 46.76 -24.64 -54.06
CA GLU G 543 47.50 -25.23 -55.16
C GLU G 543 46.52 -25.84 -56.15
N CYS G 544 45.25 -25.81 -55.76
CA CYS G 544 44.18 -26.34 -56.58
C CYS G 544 43.65 -25.19 -57.44
N TRP G 545 44.06 -23.99 -57.08
CA TRP G 545 43.66 -22.79 -57.81
C TRP G 545 44.85 -22.08 -58.46
N PHE G 546 45.52 -22.78 -59.36
CA PHE G 546 46.67 -22.26 -60.08
C PHE G 546 46.94 -23.21 -61.25
N PRO G 547 46.87 -22.69 -62.49
CA PRO G 547 47.08 -23.40 -63.74
C PRO G 547 48.25 -24.37 -63.79
N LYS G 548 49.46 -23.83 -63.69
CA LYS G 548 50.67 -24.65 -63.76
C LYS G 548 50.87 -25.53 -62.53
N ALA G 549 49.80 -26.17 -62.10
CA ALA G 549 49.84 -27.05 -60.94
C ALA G 549 49.14 -28.36 -61.25
N THR G 550 49.72 -29.44 -60.72
CA THR G 550 49.16 -30.77 -60.89
C THR G 550 49.35 -31.54 -59.59
N ASP G 551 48.51 -32.53 -59.42
CA ASP G 551 48.56 -33.39 -58.26
C ASP G 551 50.02 -33.57 -57.86
N THR G 552 50.82 -33.82 -58.89
CA THR G 552 52.25 -33.96 -58.71
C THR G 552 52.78 -32.66 -58.11
N SER G 553 52.70 -31.60 -58.89
CA SER G 553 53.13 -30.28 -58.45
C SER G 553 52.78 -30.14 -56.96
N PHE G 554 51.54 -30.52 -56.63
CA PHE G 554 51.05 -30.48 -55.27
C PHE G 554 52.01 -31.22 -54.35
N VAL G 555 52.03 -32.55 -54.49
CA VAL G 555 52.88 -33.41 -53.69
C VAL G 555 54.25 -32.84 -53.43
N GLU G 556 54.91 -32.44 -54.50
CA GLU G 556 56.25 -31.87 -54.41
C GLU G 556 56.24 -30.73 -53.41
N LYS G 557 55.26 -29.85 -53.55
CA LYS G 557 55.11 -28.73 -52.64
C LYS G 557 54.86 -29.38 -51.29
N LEU G 558 54.02 -30.40 -51.28
CA LEU G 558 53.69 -31.08 -50.03
C LEU G 558 54.98 -31.40 -49.30
N ILE G 559 55.92 -31.99 -50.02
CA ILE G 559 57.18 -32.34 -49.42
C ILE G 559 57.83 -31.06 -48.92
N GLN G 560 57.62 -29.98 -49.66
CA GLN G 560 58.20 -28.69 -49.30
C GLN G 560 57.86 -28.31 -47.85
N GLU G 561 56.57 -28.10 -47.60
CA GLU G 561 56.11 -27.71 -46.27
C GLU G 561 56.40 -28.77 -45.20
N GLN G 562 55.54 -29.78 -45.13
CA GLN G 562 55.69 -30.85 -44.15
C GLN G 562 57.09 -31.42 -44.25
N GLY G 563 57.32 -32.21 -45.29
CA GLY G 563 58.62 -32.81 -45.51
C GLY G 563 59.19 -33.56 -44.32
N ASN G 564 59.69 -32.84 -43.32
CA ASN G 564 60.27 -33.48 -42.14
C ASN G 564 59.32 -33.56 -40.96
N HIS G 565 58.03 -33.47 -41.23
CA HIS G 565 57.03 -33.56 -40.16
C HIS G 565 57.10 -34.93 -39.45
N ALA G 566 57.27 -34.89 -38.13
CA ALA G 566 57.37 -36.11 -37.35
C ALA G 566 56.32 -37.13 -37.77
N LYS G 567 55.22 -36.65 -38.35
CA LYS G 567 54.15 -37.52 -38.77
C LYS G 567 54.04 -37.68 -40.27
N PHE G 568 55.01 -37.16 -40.99
CA PHE G 568 55.03 -37.29 -42.44
C PHE G 568 56.16 -38.22 -42.87
N GLN G 569 56.02 -38.76 -44.06
CA GLN G 569 56.99 -39.66 -44.64
C GLN G 569 56.73 -39.75 -46.16
N LYS G 570 57.80 -39.82 -46.93
CA LYS G 570 57.71 -39.89 -48.40
C LYS G 570 57.55 -41.34 -48.86
N SER G 571 56.85 -41.48 -49.98
CA SER G 571 56.51 -42.79 -50.57
C SER G 571 57.75 -43.64 -50.90
N LYS G 572 57.49 -44.71 -51.63
CA LYS G 572 58.51 -45.67 -52.07
C LYS G 572 59.05 -45.28 -53.44
N GLN G 573 59.61 -44.08 -53.48
CA GLN G 573 60.17 -43.52 -54.72
C GLN G 573 59.21 -43.78 -55.88
N LEU G 574 57.96 -43.43 -55.64
CA LEU G 574 56.91 -43.59 -56.64
C LEU G 574 56.14 -42.29 -56.82
N LYS G 575 56.92 -41.21 -56.90
CA LYS G 575 56.38 -39.89 -57.14
C LYS G 575 55.84 -39.88 -58.56
N ASP G 576 56.04 -41.02 -59.21
CA ASP G 576 55.53 -41.24 -60.56
C ASP G 576 54.02 -41.25 -60.44
N LYS G 577 53.60 -41.94 -59.40
CA LYS G 577 52.20 -41.97 -58.99
C LYS G 577 52.02 -40.80 -58.05
N THR G 578 53.18 -40.41 -57.52
CA THR G 578 53.31 -39.31 -56.55
C THR G 578 52.40 -39.59 -55.37
N GLU G 579 52.98 -40.25 -54.40
CA GLU G 579 52.25 -40.65 -53.20
C GLU G 579 53.00 -40.20 -51.95
N PHE G 580 52.28 -40.09 -50.84
CA PHE G 580 52.90 -39.71 -49.59
C PHE G 580 52.35 -40.57 -48.45
N CYS G 581 53.04 -40.52 -47.31
CA CYS G 581 52.64 -41.28 -46.14
C CYS G 581 52.47 -40.36 -44.93
N ILE G 582 51.63 -40.78 -43.99
CA ILE G 582 51.39 -40.03 -42.76
C ILE G 582 51.17 -41.05 -41.67
N LEU G 583 51.78 -40.83 -40.51
CA LEU G 583 51.64 -41.76 -39.40
C LEU G 583 50.39 -41.55 -38.54
N HIS G 584 49.28 -42.18 -38.94
CA HIS G 584 48.05 -42.06 -38.18
C HIS G 584 48.21 -42.72 -36.82
N TYR G 585 47.11 -42.92 -36.11
CA TYR G 585 47.18 -43.56 -34.80
C TYR G 585 47.03 -45.05 -35.08
N ALA G 586 46.22 -45.34 -36.09
CA ALA G 586 45.96 -46.72 -36.47
C ALA G 586 47.06 -47.26 -37.35
N GLY G 587 48.07 -46.43 -37.61
CA GLY G 587 49.19 -46.85 -38.43
C GLY G 587 49.48 -46.04 -39.67
N LYS G 588 50.54 -46.42 -40.39
CA LYS G 588 50.96 -45.72 -41.61
C LYS G 588 50.12 -46.04 -42.82
N VAL G 589 50.04 -45.08 -43.73
CA VAL G 589 49.26 -45.22 -44.95
C VAL G 589 49.91 -44.47 -46.10
N THR G 590 49.91 -45.09 -47.27
CA THR G 590 50.48 -44.45 -48.47
C THR G 590 49.36 -43.98 -49.38
N TYR G 591 49.10 -42.67 -49.35
CA TYR G 591 48.04 -42.08 -50.14
C TYR G 591 48.53 -41.72 -51.52
N ASN G 592 47.63 -41.79 -52.49
CA ASN G 592 47.93 -41.45 -53.89
C ASN G 592 47.28 -40.11 -54.23
N ALA G 593 48.07 -39.06 -54.09
CA ALA G 593 47.65 -37.66 -54.29
C ALA G 593 47.04 -37.41 -55.69
N SER G 594 47.13 -38.40 -56.55
CA SER G 594 46.65 -38.29 -57.94
C SER G 594 45.15 -37.93 -58.03
N ALA G 595 44.90 -36.95 -58.89
CA ALA G 595 43.53 -36.44 -59.21
C ALA G 595 42.89 -35.66 -58.05
N TRP G 596 43.66 -35.45 -57.01
CA TRP G 596 43.17 -34.79 -55.78
C TRP G 596 42.64 -33.37 -56.03
N LEU G 597 43.33 -32.63 -56.88
CA LEU G 597 42.95 -31.24 -57.19
C LEU G 597 41.56 -31.19 -57.85
N THR G 598 41.30 -32.18 -58.68
CA THR G 598 40.02 -32.26 -59.41
C THR G 598 38.87 -32.49 -58.43
N LYS G 599 38.97 -33.56 -57.65
CA LYS G 599 37.99 -33.93 -56.66
C LYS G 599 37.81 -32.77 -55.70
N ASN G 600 38.92 -32.25 -55.20
CA ASN G 600 38.91 -31.13 -54.26
C ASN G 600 38.19 -29.88 -54.80
N MET G 601 37.96 -29.86 -56.11
CA MET G 601 37.30 -28.73 -56.77
C MET G 601 35.87 -29.05 -57.15
N ASP G 602 35.63 -30.29 -57.54
CA ASP G 602 34.30 -30.75 -57.93
C ASP G 602 33.69 -29.85 -58.99
N PRO G 603 34.22 -29.91 -60.21
CA PRO G 603 33.76 -29.12 -61.35
C PRO G 603 32.78 -29.92 -62.19
N LEU G 604 32.05 -29.23 -63.10
CA LEU G 604 31.13 -29.97 -63.96
C LEU G 604 30.37 -29.04 -64.92
N ASN G 605 30.05 -29.64 -66.06
CA ASN G 605 29.39 -28.97 -67.20
C ASN G 605 28.06 -28.35 -66.84
N ASP G 606 28.13 -27.08 -66.48
CA ASP G 606 26.95 -26.31 -66.13
C ASP G 606 25.97 -26.27 -67.29
N ASN G 607 26.47 -26.45 -68.50
CA ASN G 607 25.63 -26.44 -69.69
C ASN G 607 24.46 -27.41 -69.50
N VAL G 608 24.81 -28.65 -69.21
CA VAL G 608 23.81 -29.67 -69.01
C VAL G 608 23.21 -29.46 -67.61
N THR G 609 24.00 -28.93 -66.68
CA THR G 609 23.54 -28.65 -65.31
C THR G 609 22.19 -27.94 -65.37
N SER G 610 22.23 -26.67 -65.73
CA SER G 610 21.05 -25.82 -65.85
C SER G 610 20.06 -26.44 -66.82
N LEU G 611 20.57 -27.14 -67.82
CA LEU G 611 19.74 -27.79 -68.81
C LEU G 611 18.64 -28.55 -68.07
N LEU G 612 19.04 -29.21 -66.99
CA LEU G 612 18.11 -29.97 -66.16
C LEU G 612 17.35 -29.01 -65.27
N ASN G 613 18.08 -28.06 -64.67
CA ASN G 613 17.49 -27.08 -63.77
C ASN G 613 16.06 -26.67 -64.10
N GLN G 614 15.65 -26.88 -65.34
CA GLN G 614 14.30 -26.53 -65.76
C GLN G 614 13.66 -27.68 -66.53
N SER G 615 14.26 -28.86 -66.42
CA SER G 615 13.74 -30.03 -67.11
C SER G 615 12.25 -30.22 -66.86
N SER G 616 11.60 -30.99 -67.74
CA SER G 616 10.19 -31.27 -67.62
C SER G 616 9.91 -32.09 -66.37
N ASP G 617 10.80 -33.04 -66.08
CA ASP G 617 10.66 -33.92 -64.92
C ASP G 617 10.86 -33.21 -63.58
N LYS G 618 9.74 -32.90 -62.93
CA LYS G 618 9.77 -32.21 -61.64
C LYS G 618 10.73 -32.79 -60.63
N PHE G 619 10.67 -34.09 -60.43
CA PHE G 619 11.57 -34.71 -59.47
C PHE G 619 13.01 -34.27 -59.78
N VAL G 620 13.42 -34.40 -61.03
CA VAL G 620 14.76 -34.00 -61.41
C VAL G 620 14.84 -32.49 -61.31
N ALA G 621 13.68 -31.86 -61.42
CA ALA G 621 13.59 -30.41 -61.33
C ALA G 621 14.03 -29.95 -59.94
N ASP G 622 13.26 -30.35 -58.94
CA ASP G 622 13.53 -29.98 -57.56
C ASP G 622 14.89 -30.54 -57.11
N LEU G 623 15.24 -31.69 -57.66
CA LEU G 623 16.51 -32.30 -57.34
C LEU G 623 17.60 -31.28 -57.62
N TRP G 624 17.58 -30.78 -58.85
CA TRP G 624 18.58 -29.82 -59.30
C TRP G 624 18.21 -28.33 -59.02
N LYS G 625 16.94 -28.08 -58.85
CA LYS G 625 16.38 -26.71 -58.61
C LYS G 625 17.37 -25.68 -57.99
N ASP G 626 18.43 -26.15 -57.34
CA ASP G 626 19.44 -25.23 -56.72
C ASP G 626 20.83 -25.49 -57.36
N VAL G 627 21.10 -24.77 -58.45
CA VAL G 627 22.35 -24.95 -59.23
C VAL G 627 23.23 -23.69 -59.27
N ASP G 628 23.06 -22.85 -58.28
CA ASP G 628 23.78 -21.57 -58.25
C ASP G 628 25.28 -21.70 -57.95
N ARG G 629 25.74 -22.88 -57.56
CA ARG G 629 27.16 -23.06 -57.18
C ARG G 629 27.98 -23.83 -58.24
N ILE G 630 27.32 -24.39 -59.23
CA ILE G 630 28.01 -25.15 -60.29
C ILE G 630 29.22 -24.35 -60.79
N VAL G 631 30.16 -25.05 -61.41
CA VAL G 631 31.39 -24.43 -61.93
C VAL G 631 31.41 -24.41 -63.46
N GLY G 632 31.63 -23.22 -64.02
CA GLY G 632 31.69 -23.05 -65.46
C GLY G 632 32.76 -22.02 -65.82
N LEU G 633 34.01 -22.43 -65.68
CA LEU G 633 35.13 -21.52 -65.97
C LEU G 633 36.46 -22.26 -65.94
N PHE G 655 33.73 -21.67 -55.94
CA PHE G 655 33.53 -20.90 -54.68
C PHE G 655 34.31 -21.51 -53.50
N ARG G 656 33.66 -22.37 -52.72
CA ARG G 656 34.32 -22.99 -51.58
C ARG G 656 34.84 -24.38 -51.91
N THR G 657 35.96 -24.70 -51.29
CA THR G 657 36.66 -25.97 -51.47
C THR G 657 36.09 -27.15 -50.69
N VAL G 658 36.07 -28.33 -51.32
CA VAL G 658 35.56 -29.53 -50.66
C VAL G 658 36.20 -29.71 -49.29
N GLY G 659 37.51 -29.88 -49.28
CA GLY G 659 38.23 -30.06 -48.03
C GLY G 659 37.89 -29.08 -46.92
N GLN G 660 37.43 -27.87 -47.25
CA GLN G 660 37.08 -26.90 -46.21
C GLN G 660 35.56 -26.89 -46.02
N LEU G 661 34.85 -27.34 -47.04
CA LEU G 661 33.40 -27.42 -46.95
C LEU G 661 33.13 -28.45 -45.87
N TYR G 662 33.83 -29.58 -45.97
CA TYR G 662 33.73 -30.66 -45.01
C TYR G 662 34.31 -30.10 -43.75
N LYS G 663 35.63 -30.08 -43.68
CA LYS G 663 36.36 -29.58 -42.52
C LYS G 663 35.72 -28.43 -41.74
N GLU G 664 34.66 -27.87 -42.30
CA GLU G 664 33.95 -26.78 -41.66
C GLU G 664 32.79 -27.33 -40.85
N GLN G 665 32.04 -28.24 -41.45
CA GLN G 665 30.91 -28.85 -40.78
C GLN G 665 31.39 -29.82 -39.72
N LEU G 666 32.55 -30.42 -39.97
CA LEU G 666 33.12 -31.39 -39.04
C LEU G 666 33.67 -30.70 -37.79
N THR G 667 33.52 -29.38 -37.74
CA THR G 667 33.96 -28.63 -36.57
C THR G 667 32.68 -28.27 -35.87
N LYS G 668 31.59 -28.30 -36.65
CA LYS G 668 30.29 -28.04 -36.10
C LYS G 668 30.07 -29.25 -35.21
N LEU G 669 30.16 -30.44 -35.81
CA LEU G 669 29.99 -31.70 -35.07
C LEU G 669 30.93 -31.76 -33.87
N MET G 670 32.23 -31.63 -34.09
CA MET G 670 33.16 -31.67 -32.98
C MET G 670 32.77 -30.67 -31.88
N THR G 671 31.93 -29.69 -32.22
CA THR G 671 31.51 -28.68 -31.26
C THR G 671 30.39 -29.14 -30.32
N THR G 672 29.32 -29.70 -30.88
CA THR G 672 28.22 -30.18 -30.05
C THR G 672 28.67 -31.34 -29.18
N LEU G 673 29.52 -32.22 -29.71
CA LEU G 673 30.02 -33.37 -28.96
C LEU G 673 30.71 -32.89 -27.74
N ARG G 674 31.42 -31.79 -27.85
CA ARG G 674 32.13 -31.25 -26.71
C ARG G 674 31.17 -30.58 -25.74
N ASN G 675 29.91 -30.51 -26.14
CA ASN G 675 28.87 -29.89 -25.32
C ASN G 675 27.88 -30.89 -24.79
N THR G 676 28.17 -32.17 -25.00
CA THR G 676 27.29 -33.26 -24.56
C THR G 676 28.08 -34.17 -23.64
N ASN G 677 27.47 -35.27 -23.21
CA ASN G 677 28.20 -36.19 -22.38
C ASN G 677 28.49 -37.43 -23.21
N PRO G 678 29.78 -37.71 -23.42
CA PRO G 678 30.23 -38.85 -24.20
C PRO G 678 30.14 -40.19 -23.48
N ASN G 679 29.76 -41.22 -24.24
CA ASN G 679 29.65 -42.58 -23.78
C ASN G 679 30.32 -43.35 -24.89
N PHE G 680 31.55 -43.81 -24.65
CA PHE G 680 32.35 -44.55 -25.66
C PHE G 680 32.13 -46.09 -25.75
N VAL G 681 31.85 -46.61 -26.94
CA VAL G 681 31.62 -48.03 -27.11
C VAL G 681 32.66 -48.56 -28.08
N ARG G 682 33.92 -48.60 -27.64
CA ARG G 682 35.07 -49.07 -28.47
C ARG G 682 35.00 -50.42 -29.19
N CYS G 683 34.40 -50.47 -30.37
CA CYS G 683 34.30 -51.70 -31.15
C CYS G 683 35.69 -52.24 -31.42
N ILE G 684 35.82 -53.55 -31.53
CA ILE G 684 37.13 -54.18 -31.77
C ILE G 684 37.07 -55.33 -32.75
N ILE G 685 37.84 -55.23 -33.83
CA ILE G 685 37.88 -56.26 -34.86
C ILE G 685 38.72 -57.43 -34.34
N PRO G 686 38.19 -58.66 -34.48
CA PRO G 686 38.83 -59.93 -34.04
C PRO G 686 39.78 -60.52 -35.05
N ASN G 687 39.46 -60.33 -36.33
CA ASN G 687 40.28 -60.86 -37.40
C ASN G 687 39.86 -60.22 -38.71
N HIS G 688 40.77 -60.28 -39.67
CA HIS G 688 40.55 -59.73 -40.99
C HIS G 688 40.07 -60.79 -41.96
N GLU G 689 40.04 -62.03 -41.49
CA GLU G 689 39.61 -63.12 -42.33
C GLU G 689 38.09 -63.18 -42.35
N LYS G 690 37.43 -62.23 -41.68
CA LYS G 690 35.97 -62.20 -41.64
C LYS G 690 35.48 -63.54 -41.11
N ARG G 691 36.32 -64.15 -40.26
CA ARG G 691 36.01 -65.44 -39.68
C ARG G 691 35.40 -65.27 -38.33
N ALA G 692 34.40 -66.08 -38.06
CA ALA G 692 33.76 -66.06 -36.76
C ALA G 692 34.47 -67.11 -35.91
N GLY G 693 34.59 -66.86 -34.61
CA GLY G 693 35.27 -67.83 -33.77
C GLY G 693 36.79 -67.75 -33.88
N LYS G 694 37.27 -66.98 -34.84
CA LYS G 694 38.70 -66.81 -35.02
C LYS G 694 39.11 -65.52 -34.34
N LEU G 695 40.10 -65.56 -33.47
CA LEU G 695 40.51 -64.33 -32.82
C LEU G 695 42.03 -64.11 -32.78
N ASP G 696 42.52 -63.25 -33.67
CA ASP G 696 43.93 -62.92 -33.77
C ASP G 696 44.43 -62.12 -32.58
N ALA G 697 45.33 -62.72 -31.82
CA ALA G 697 45.89 -62.13 -30.61
C ALA G 697 46.51 -60.74 -30.74
N HIS G 698 47.52 -60.63 -31.57
CA HIS G 698 48.18 -59.35 -31.72
C HIS G 698 47.32 -58.30 -32.42
N LEU G 699 46.54 -58.70 -33.43
CA LEU G 699 45.70 -57.75 -34.13
C LEU G 699 44.80 -57.07 -33.10
N VAL G 700 44.35 -57.85 -32.12
CA VAL G 700 43.49 -57.33 -31.07
C VAL G 700 44.36 -56.74 -29.97
N LEU G 701 45.64 -57.07 -29.98
CA LEU G 701 46.50 -56.53 -28.96
C LEU G 701 46.83 -55.09 -29.34
N GLU G 702 47.06 -54.83 -30.63
CA GLU G 702 47.37 -53.47 -31.08
C GLU G 702 46.17 -52.55 -30.88
N GLN G 703 45.00 -52.98 -31.32
CA GLN G 703 43.80 -52.19 -31.17
C GLN G 703 43.76 -51.67 -29.74
N LEU G 704 43.86 -52.58 -28.79
CA LEU G 704 43.84 -52.20 -27.39
C LEU G 704 45.00 -51.25 -27.07
N ARG G 705 45.93 -51.10 -28.02
CA ARG G 705 47.07 -50.23 -27.83
C ARG G 705 46.81 -48.83 -28.38
N CYS G 706 46.45 -48.75 -29.66
CA CYS G 706 46.19 -47.47 -30.31
C CYS G 706 44.89 -46.80 -29.87
N ASN G 707 44.06 -47.55 -29.14
CA ASN G 707 42.78 -47.04 -28.69
C ASN G 707 42.84 -46.45 -27.28
N GLY G 708 43.90 -46.77 -26.56
CA GLY G 708 44.10 -46.25 -25.22
C GLY G 708 43.31 -46.94 -24.14
N VAL G 709 42.97 -48.20 -24.35
CA VAL G 709 42.20 -48.95 -23.37
C VAL G 709 42.83 -48.97 -22.00
N LEU G 710 44.00 -49.57 -21.87
CA LEU G 710 44.68 -49.64 -20.58
C LEU G 710 44.66 -48.34 -19.80
N GLU G 711 45.22 -47.29 -20.39
CA GLU G 711 45.26 -45.98 -19.75
C GLU G 711 43.83 -45.61 -19.43
N GLY G 712 42.95 -45.83 -20.41
CA GLY G 712 41.55 -45.53 -20.22
C GLY G 712 41.00 -46.18 -18.96
N ILE G 713 41.75 -47.15 -18.42
CA ILE G 713 41.31 -47.83 -17.22
C ILE G 713 42.11 -47.40 -15.99
N ARG G 714 43.38 -47.04 -16.18
CA ARG G 714 44.21 -46.63 -15.05
C ARG G 714 43.55 -45.51 -14.24
N ILE G 715 43.12 -44.46 -14.92
CA ILE G 715 42.51 -43.31 -14.23
C ILE G 715 41.22 -43.72 -13.47
N CYS G 716 40.46 -44.65 -14.04
CA CYS G 716 39.24 -45.13 -13.38
C CYS G 716 39.62 -45.74 -12.05
N ARG G 717 40.80 -46.35 -12.01
CA ARG G 717 41.30 -46.96 -10.80
C ARG G 717 42.11 -45.92 -10.04
N GLN G 718 42.94 -45.18 -10.77
CA GLN G 718 43.80 -44.15 -10.18
C GLN G 718 43.05 -42.96 -9.59
N GLY G 719 42.31 -42.25 -10.45
CA GLY G 719 41.56 -41.08 -10.03
C GLY G 719 40.17 -41.31 -9.45
N PHE G 720 39.39 -40.24 -9.40
CA PHE G 720 38.04 -40.30 -8.84
C PHE G 720 37.01 -39.87 -9.90
N PRO G 721 36.64 -40.77 -10.81
CA PRO G 721 35.69 -40.49 -11.90
C PRO G 721 34.28 -40.09 -11.53
N ASN G 722 33.99 -39.98 -10.23
CA ASN G 722 32.67 -39.60 -9.76
C ASN G 722 32.82 -38.40 -8.87
N ARG G 723 31.99 -37.39 -9.10
CA ARG G 723 32.04 -36.16 -8.29
C ARG G 723 30.62 -35.68 -8.08
N ILE G 724 30.38 -35.04 -6.95
CA ILE G 724 29.05 -34.56 -6.65
C ILE G 724 29.21 -33.32 -5.78
N VAL G 725 28.45 -32.28 -6.09
CA VAL G 725 28.48 -31.02 -5.38
C VAL G 725 27.87 -31.06 -3.97
N PHE G 726 28.52 -30.36 -3.06
CA PHE G 726 28.12 -30.33 -1.67
C PHE G 726 26.64 -30.29 -1.33
N GLN G 727 25.82 -29.75 -2.22
CA GLN G 727 24.42 -29.65 -1.89
C GLN G 727 23.66 -30.91 -2.20
N GLU G 728 23.85 -31.42 -3.39
CA GLU G 728 23.16 -32.62 -3.80
C GLU G 728 23.57 -33.79 -2.92
N PHE G 729 24.78 -33.73 -2.37
CA PHE G 729 25.23 -34.81 -1.52
C PHE G 729 24.57 -34.80 -0.15
N ARG G 730 24.50 -33.63 0.50
CA ARG G 730 23.87 -33.55 1.81
C ARG G 730 22.37 -33.65 1.58
N GLN G 731 21.98 -33.73 0.32
CA GLN G 731 20.58 -33.81 -0.06
C GLN G 731 20.13 -35.24 -0.23
N ARG G 732 20.80 -35.97 -1.11
CA ARG G 732 20.46 -37.37 -1.40
C ARG G 732 20.65 -38.33 -0.23
N TYR G 733 21.83 -38.29 0.37
CA TYR G 733 22.19 -39.18 1.46
C TYR G 733 22.11 -38.68 2.91
N GLU G 734 21.25 -37.72 3.19
CA GLU G 734 21.15 -37.26 4.57
C GLU G 734 20.38 -38.30 5.35
N ILE G 735 19.45 -38.91 4.66
CA ILE G 735 18.60 -39.94 5.23
C ILE G 735 19.46 -41.02 5.87
N LEU G 736 20.71 -41.04 5.47
CA LEU G 736 21.65 -42.04 5.98
C LEU G 736 22.16 -41.60 7.36
N ALA G 737 22.41 -40.31 7.53
CA ALA G 737 22.86 -39.74 8.82
C ALA G 737 21.91 -38.63 9.25
N ALA G 738 20.86 -39.04 9.92
CA ALA G 738 19.81 -38.12 10.36
C ALA G 738 20.28 -37.19 11.49
N ASN G 739 21.34 -37.59 12.17
CA ASN G 739 21.83 -36.83 13.35
C ASN G 739 23.29 -36.38 13.24
N ALA G 740 23.83 -36.40 12.03
CA ALA G 740 25.22 -35.95 11.82
C ALA G 740 25.24 -34.44 11.76
N ILE G 741 24.26 -33.88 11.07
CA ILE G 741 24.13 -32.44 10.93
C ILE G 741 23.17 -31.93 12.00
N PRO G 742 23.60 -30.94 12.80
CA PRO G 742 22.80 -30.35 13.87
C PRO G 742 21.53 -29.68 13.33
N LYS G 743 20.57 -29.43 14.22
CA LYS G 743 19.31 -28.82 13.85
C LYS G 743 19.47 -27.47 13.14
N GLY G 744 20.48 -26.73 13.54
CA GLY G 744 20.77 -25.40 12.96
C GLY G 744 21.34 -25.55 11.55
N PHE G 745 21.54 -24.40 10.90
CA PHE G 745 22.09 -24.37 9.54
C PHE G 745 23.58 -24.70 9.59
N MET G 746 24.21 -24.63 8.43
CA MET G 746 25.63 -24.93 8.33
C MET G 746 26.15 -24.88 6.91
N ASP G 747 27.43 -24.52 6.79
CA ASP G 747 28.12 -24.42 5.51
C ASP G 747 28.06 -25.74 4.75
N GLY G 748 27.50 -25.69 3.56
CA GLY G 748 27.36 -26.87 2.73
C GLY G 748 28.49 -27.86 2.87
N LYS G 749 29.70 -27.40 2.61
CA LYS G 749 30.85 -28.27 2.72
C LYS G 749 30.91 -28.90 4.09
N GLN G 750 31.44 -28.14 5.04
CA GLN G 750 31.55 -28.62 6.41
C GLN G 750 30.34 -29.42 6.85
N ALA G 751 29.15 -28.86 6.68
CA ALA G 751 27.91 -29.53 7.06
C ALA G 751 27.78 -30.93 6.47
N CYS G 752 28.38 -31.16 5.31
CA CYS G 752 28.27 -32.47 4.70
C CYS G 752 29.46 -33.34 5.05
N ILE G 753 30.57 -32.70 5.41
CA ILE G 753 31.77 -33.44 5.82
C ILE G 753 31.44 -34.18 7.11
N LEU G 754 30.45 -33.65 7.83
CA LEU G 754 30.00 -34.24 9.10
C LEU G 754 29.45 -35.60 8.80
N MET G 755 28.51 -35.63 7.86
CA MET G 755 27.88 -36.87 7.51
C MET G 755 28.79 -37.84 6.80
N ILE G 756 30.01 -37.41 6.48
CA ILE G 756 30.96 -38.33 5.84
C ILE G 756 31.61 -39.09 6.98
N LYS G 757 31.74 -38.44 8.13
CA LYS G 757 32.31 -39.06 9.32
C LYS G 757 31.23 -39.97 9.88
N ALA G 758 29.98 -39.58 9.65
CA ALA G 758 28.82 -40.34 10.09
C ALA G 758 28.73 -41.69 9.38
N LEU G 759 29.35 -41.80 8.21
CA LEU G 759 29.33 -43.09 7.52
C LEU G 759 30.71 -43.70 7.66
N GLU G 760 31.60 -43.02 8.38
CA GLU G 760 32.96 -43.50 8.57
C GLU G 760 33.56 -43.97 7.25
N LEU G 761 33.28 -43.21 6.19
CA LEU G 761 33.79 -43.48 4.85
C LEU G 761 35.32 -43.44 4.87
N ASP G 762 35.96 -44.39 4.18
CA ASP G 762 37.42 -44.38 4.19
C ASP G 762 37.98 -43.21 3.40
N PRO G 763 38.94 -42.49 4.02
CA PRO G 763 39.61 -41.33 3.44
C PRO G 763 40.39 -41.64 2.17
N ASN G 764 40.02 -42.69 1.47
CA ASN G 764 40.71 -43.00 0.23
C ASN G 764 39.70 -43.23 -0.86
N LEU G 765 38.46 -43.37 -0.42
CA LEU G 765 37.40 -43.58 -1.36
C LEU G 765 37.05 -42.20 -1.87
N TYR G 766 36.96 -41.22 -0.96
CA TYR G 766 36.62 -39.87 -1.39
C TYR G 766 37.77 -38.87 -1.43
N ARG G 767 37.45 -37.67 -1.91
CA ARG G 767 38.38 -36.55 -2.04
C ARG G 767 37.53 -35.28 -2.03
N ILE G 768 37.59 -34.53 -0.93
CA ILE G 768 36.82 -33.29 -0.78
C ILE G 768 37.47 -32.19 -1.61
N GLY G 769 36.65 -31.44 -2.34
CA GLY G 769 37.18 -30.37 -3.17
C GLY G 769 36.77 -28.98 -2.72
N GLN G 770 36.50 -28.10 -3.68
CA GLN G 770 36.10 -26.74 -3.35
C GLN G 770 34.59 -26.64 -3.24
N SER G 771 33.88 -27.09 -4.28
CA SER G 771 32.43 -27.02 -4.31
C SER G 771 31.78 -28.39 -4.35
N LYS G 772 32.56 -29.37 -4.80
CA LYS G 772 32.07 -30.73 -4.95
C LYS G 772 33.03 -31.74 -4.33
N ILE G 773 32.54 -32.96 -4.09
CA ILE G 773 33.34 -34.03 -3.51
C ILE G 773 33.68 -35.00 -4.64
N PHE G 774 34.90 -35.53 -4.61
CA PHE G 774 35.32 -36.47 -5.65
C PHE G 774 35.43 -37.87 -5.08
N PHE G 775 34.50 -38.74 -5.47
CA PHE G 775 34.51 -40.11 -4.97
C PHE G 775 35.20 -41.10 -5.88
N ARG G 776 35.43 -42.29 -5.34
CA ARG G 776 36.06 -43.38 -6.06
C ARG G 776 34.99 -44.27 -6.65
N THR G 777 35.34 -45.02 -7.69
CA THR G 777 34.38 -45.89 -8.34
C THR G 777 33.63 -46.75 -7.34
N GLY G 778 32.33 -46.89 -7.56
CA GLY G 778 31.49 -47.70 -6.71
C GLY G 778 31.08 -47.12 -5.40
N VAL G 779 31.89 -46.22 -4.87
CA VAL G 779 31.60 -45.59 -3.59
C VAL G 779 30.23 -44.91 -3.58
N LEU G 780 29.85 -44.32 -4.70
CA LEU G 780 28.56 -43.65 -4.74
C LEU G 780 27.42 -44.64 -4.96
N ALA G 781 27.73 -45.73 -5.66
CA ALA G 781 26.72 -46.75 -5.95
C ALA G 781 26.15 -47.35 -4.68
N HIS G 782 27.05 -47.74 -3.78
CA HIS G 782 26.70 -48.35 -2.50
C HIS G 782 25.88 -47.38 -1.66
N LEU G 783 26.28 -46.11 -1.73
CA LEU G 783 25.59 -45.06 -1.00
C LEU G 783 24.15 -44.97 -1.50
N GLU G 784 23.99 -45.11 -2.81
CA GLU G 784 22.66 -45.07 -3.41
C GLU G 784 21.82 -46.27 -2.93
N GLU G 785 22.41 -47.46 -3.04
CA GLU G 785 21.77 -48.70 -2.63
C GLU G 785 21.14 -48.49 -1.26
N GLU G 786 21.99 -48.29 -0.26
CA GLU G 786 21.54 -48.07 1.09
C GLU G 786 20.30 -47.19 1.17
N ARG G 787 20.40 -45.97 0.63
CA ARG G 787 19.31 -45.02 0.62
C ARG G 787 18.04 -45.62 0.07
N ASP G 788 18.19 -46.40 -1.00
CA ASP G 788 17.04 -47.05 -1.64
C ASP G 788 16.43 -48.14 -0.77
N LEU G 789 17.22 -48.59 0.21
CA LEU G 789 16.78 -49.60 1.14
C LEU G 789 16.08 -48.86 2.27
N LYS G 790 16.73 -47.79 2.71
CA LYS G 790 16.21 -46.96 3.78
C LYS G 790 14.80 -46.49 3.47
N ILE G 791 14.41 -46.56 2.21
CA ILE G 791 13.08 -46.07 1.80
C ILE G 791 12.15 -47.06 1.12
N THR G 792 12.63 -48.27 0.87
CA THR G 792 11.82 -49.32 0.19
C THR G 792 10.43 -49.51 0.78
N ASP G 793 10.41 -49.95 2.04
CA ASP G 793 9.18 -50.15 2.78
C ASP G 793 8.19 -49.03 2.49
N VAL G 794 8.59 -47.80 2.81
CA VAL G 794 7.76 -46.62 2.59
C VAL G 794 7.20 -46.63 1.18
N ILE G 795 8.07 -46.91 0.23
CA ILE G 795 7.67 -46.96 -1.16
C ILE G 795 6.64 -48.06 -1.25
N ILE G 796 6.96 -49.22 -0.69
CA ILE G 796 6.04 -50.34 -0.69
C ILE G 796 4.70 -49.87 -0.10
N ALA G 797 4.77 -49.19 1.03
CA ALA G 797 3.60 -48.68 1.72
C ALA G 797 2.80 -47.81 0.77
N PHE G 798 3.46 -46.79 0.26
CA PHE G 798 2.84 -45.84 -0.65
C PHE G 798 2.30 -46.54 -1.87
N GLN G 799 3.13 -47.30 -2.55
CA GLN G 799 2.70 -48.04 -3.72
C GLN G 799 1.32 -48.65 -3.56
N ALA G 800 1.06 -49.22 -2.38
CA ALA G 800 -0.22 -49.85 -2.05
C ALA G 800 -1.38 -48.90 -2.24
N GLN G 801 -1.43 -47.86 -1.40
CA GLN G 801 -2.47 -46.85 -1.44
C GLN G 801 -2.74 -46.42 -2.89
N CYS G 802 -1.68 -46.45 -3.72
CA CYS G 802 -1.76 -46.06 -5.14
C CYS G 802 -2.58 -47.07 -5.88
N ARG G 803 -2.27 -48.33 -5.70
CA ARG G 803 -3.06 -49.36 -6.36
C ARG G 803 -4.49 -49.21 -5.82
N GLY G 804 -4.59 -48.84 -4.54
CA GLY G 804 -5.89 -48.65 -3.91
C GLY G 804 -6.58 -47.57 -4.69
N TYR G 805 -6.15 -46.34 -4.48
CA TYR G 805 -6.67 -45.16 -5.18
C TYR G 805 -6.89 -45.50 -6.65
N LEU G 806 -5.78 -45.77 -7.34
CA LEU G 806 -5.80 -46.13 -8.73
C LEU G 806 -6.84 -47.20 -9.05
N ALA G 807 -7.31 -47.89 -8.03
CA ALA G 807 -8.30 -48.94 -8.26
C ALA G 807 -9.78 -48.53 -8.05
N ARG G 808 -10.12 -48.15 -6.82
CA ARG G 808 -11.48 -47.72 -6.50
C ARG G 808 -12.02 -46.80 -7.60
N LYS G 809 -11.14 -46.01 -8.21
CA LYS G 809 -11.52 -45.07 -9.26
C LYS G 809 -11.83 -45.67 -10.62
N ALA G 810 -10.90 -46.47 -11.16
CA ALA G 810 -11.14 -47.11 -12.47
C ALA G 810 -12.27 -48.20 -12.50
N PHE G 811 -12.72 -48.60 -11.29
CA PHE G 811 -13.79 -49.58 -11.15
C PHE G 811 -15.05 -48.74 -11.19
N ALA G 812 -15.05 -47.69 -10.35
CA ALA G 812 -16.17 -46.78 -10.26
C ALA G 812 -16.34 -46.12 -11.61
N LYS G 813 -15.57 -46.59 -12.59
CA LYS G 813 -15.63 -46.03 -13.93
C LYS G 813 -16.49 -46.93 -14.76
N ARG G 814 -16.17 -48.22 -14.75
CA ARG G 814 -16.95 -49.21 -15.52
C ARG G 814 -18.40 -49.11 -15.06
N GLN G 815 -18.59 -48.48 -13.92
CA GLN G 815 -19.89 -48.31 -13.34
C GLN G 815 -20.72 -47.27 -14.12
N GLN G 816 -20.03 -46.31 -14.72
CA GLN G 816 -20.70 -45.25 -15.48
C GLN G 816 -21.20 -45.78 -16.83
N GLN G 817 -20.36 -46.57 -17.49
CA GLN G 817 -20.74 -47.18 -18.77
C GLN G 817 -21.89 -48.15 -18.50
N LEU G 818 -22.02 -48.55 -17.24
CA LEU G 818 -23.10 -49.45 -16.83
C LEU G 818 -24.33 -48.55 -16.60
N GLY G 819 -24.10 -47.48 -15.84
CA GLY G 819 -25.16 -46.53 -15.55
C GLY G 819 -25.40 -45.62 -16.73
N SER G 820 -24.90 -46.02 -17.90
CA SER G 820 -25.06 -45.26 -19.12
C SER G 820 -26.24 -45.82 -19.89
N PHE H 3 -17.64 -60.05 8.45
CA PHE H 3 -18.33 -59.28 7.38
C PHE H 3 -19.83 -59.50 7.43
N SER H 4 -20.56 -58.53 7.97
CA SER H 4 -22.02 -58.61 8.07
C SER H 4 -22.60 -59.10 6.75
N GLU H 5 -23.62 -59.95 6.83
CA GLU H 5 -24.25 -60.47 5.63
C GLU H 5 -24.63 -59.31 4.73
N GLU H 6 -24.96 -58.19 5.34
CA GLU H 6 -25.35 -56.98 4.61
C GLU H 6 -24.30 -56.70 3.53
N GLN H 7 -23.03 -56.69 3.92
CA GLN H 7 -21.96 -56.44 2.97
C GLN H 7 -21.65 -57.71 2.20
N THR H 8 -21.55 -58.83 2.93
CA THR H 8 -21.28 -60.12 2.30
C THR H 8 -22.24 -60.32 1.14
N ALA H 9 -23.48 -59.90 1.34
CA ALA H 9 -24.50 -60.01 0.31
C ALA H 9 -24.11 -59.19 -0.90
N GLU H 10 -23.55 -58.01 -0.65
CA GLU H 10 -23.12 -57.12 -1.72
C GLU H 10 -21.80 -57.58 -2.33
N PHE H 11 -20.90 -58.09 -1.49
CA PHE H 11 -19.61 -58.58 -1.96
C PHE H 11 -19.86 -59.41 -3.20
N LYS H 12 -20.85 -60.30 -3.11
CA LYS H 12 -21.23 -61.16 -4.21
C LYS H 12 -21.51 -60.33 -5.45
N GLU H 13 -22.25 -59.24 -5.26
CA GLU H 13 -22.60 -58.34 -6.36
C GLU H 13 -21.34 -57.84 -7.05
N ALA H 14 -20.28 -57.64 -6.26
CA ALA H 14 -19.01 -57.17 -6.80
C ALA H 14 -18.27 -58.32 -7.47
N PHE H 15 -18.12 -59.42 -6.74
CA PHE H 15 -17.44 -60.59 -7.29
C PHE H 15 -18.06 -60.99 -8.62
N GLN H 16 -19.39 -61.15 -8.61
CA GLN H 16 -20.13 -61.53 -9.80
C GLN H 16 -19.83 -60.55 -10.93
N LEU H 17 -19.78 -59.27 -10.57
CA LEU H 17 -19.50 -58.21 -11.54
C LEU H 17 -18.04 -58.26 -11.97
N PHE H 18 -17.53 -59.47 -12.21
CA PHE H 18 -16.13 -59.62 -12.59
C PHE H 18 -15.80 -60.79 -13.53
N ASP H 19 -16.79 -61.33 -14.22
CA ASP H 19 -16.52 -62.45 -15.11
C ASP H 19 -16.91 -62.17 -16.57
N ARG H 20 -15.90 -62.11 -17.43
CA ARG H 20 -16.11 -61.84 -18.85
C ARG H 20 -17.04 -62.86 -19.53
N THR H 21 -16.78 -64.14 -19.27
CA THR H 21 -17.59 -65.21 -19.84
C THR H 21 -18.79 -65.47 -18.94
N GLY H 22 -18.67 -66.41 -17.99
CA GLY H 22 -19.80 -66.66 -17.09
C GLY H 22 -19.84 -67.78 -16.05
N ASP H 23 -18.87 -68.67 -16.03
CA ASP H 23 -18.87 -69.77 -15.06
C ASP H 23 -19.11 -69.27 -13.63
N GLY H 24 -18.68 -68.04 -13.37
CA GLY H 24 -18.82 -67.48 -12.04
C GLY H 24 -17.50 -67.68 -11.33
N LYS H 25 -16.42 -67.49 -12.09
CA LYS H 25 -15.08 -67.66 -11.56
C LYS H 25 -14.16 -66.49 -11.86
N ILE H 26 -13.36 -66.14 -10.86
CA ILE H 26 -12.40 -65.05 -10.97
C ILE H 26 -11.00 -65.66 -11.08
N LEU H 27 -10.38 -65.48 -12.24
CA LEU H 27 -9.05 -66.03 -12.46
C LEU H 27 -8.17 -65.65 -11.28
N TYR H 28 -7.30 -66.57 -10.86
CA TYR H 28 -6.41 -66.33 -9.74
C TYR H 28 -5.79 -64.94 -9.80
N SER H 29 -5.74 -64.38 -11.00
CA SER H 29 -5.17 -63.05 -11.21
C SER H 29 -6.09 -61.97 -10.61
N GLN H 30 -7.30 -61.88 -11.14
CA GLN H 30 -8.29 -60.90 -10.73
C GLN H 30 -8.47 -60.71 -9.23
N CYS H 31 -8.24 -61.75 -8.44
CA CYS H 31 -8.40 -61.65 -6.99
C CYS H 31 -8.00 -60.28 -6.51
N GLY H 32 -6.78 -59.85 -6.85
CA GLY H 32 -6.28 -58.56 -6.44
C GLY H 32 -7.22 -57.39 -6.67
N ASP H 33 -7.59 -57.14 -7.92
CA ASP H 33 -8.48 -56.03 -8.26
C ASP H 33 -9.84 -56.13 -7.57
N VAL H 34 -10.36 -57.35 -7.45
CA VAL H 34 -11.65 -57.55 -6.82
C VAL H 34 -11.58 -57.18 -5.34
N MET H 35 -10.44 -57.46 -4.72
CA MET H 35 -10.24 -57.13 -3.31
C MET H 35 -10.18 -55.61 -3.26
N ARG H 36 -9.43 -55.03 -4.18
CA ARG H 36 -9.27 -53.59 -4.26
C ARG H 36 -10.62 -52.92 -4.47
N ALA H 37 -11.33 -53.33 -5.51
CA ALA H 37 -12.64 -52.79 -5.83
C ALA H 37 -13.52 -52.78 -4.59
N LEU H 38 -13.32 -53.77 -3.72
CA LEU H 38 -14.09 -53.86 -2.49
C LEU H 38 -13.48 -52.94 -1.44
N GLY H 39 -12.69 -51.99 -1.91
CA GLY H 39 -12.04 -51.05 -1.01
C GLY H 39 -10.85 -51.62 -0.28
N GLN H 40 -10.16 -52.58 -0.89
CA GLN H 40 -9.00 -53.17 -0.24
C GLN H 40 -7.69 -52.74 -0.91
N ASN H 41 -6.67 -52.53 -0.09
CA ASN H 41 -5.37 -52.13 -0.60
C ASN H 41 -4.30 -53.16 -0.27
N PRO H 42 -4.58 -54.45 -0.54
CA PRO H 42 -3.58 -55.48 -0.23
C PRO H 42 -2.36 -55.31 -1.12
N THR H 43 -1.17 -55.39 -0.52
CA THR H 43 0.06 -55.26 -1.28
C THR H 43 0.13 -56.48 -2.19
N ASN H 44 1.08 -56.49 -3.12
CA ASN H 44 1.19 -57.61 -4.05
C ASN H 44 1.49 -58.95 -3.37
N ALA H 45 2.18 -58.90 -2.24
CA ALA H 45 2.53 -60.12 -1.51
C ALA H 45 1.34 -60.64 -0.71
N GLU H 46 0.67 -59.74 -0.01
CA GLU H 46 -0.50 -60.10 0.80
C GLU H 46 -1.53 -60.85 -0.03
N VAL H 47 -1.46 -60.70 -1.36
CA VAL H 47 -2.40 -61.36 -2.25
C VAL H 47 -1.93 -62.76 -2.66
N MET H 48 -0.63 -62.89 -2.92
CA MET H 48 -0.06 -64.17 -3.32
C MET H 48 -0.05 -65.13 -2.12
N LYS H 49 0.30 -64.60 -0.96
CA LYS H 49 0.34 -65.38 0.27
C LYS H 49 -0.96 -66.16 0.46
N VAL H 50 -2.08 -65.51 0.15
CA VAL H 50 -3.39 -66.14 0.28
C VAL H 50 -3.83 -66.73 -1.06
N LEU H 51 -2.86 -67.11 -1.87
CA LEU H 51 -3.12 -67.70 -3.17
C LEU H 51 -2.22 -68.92 -3.31
N GLY H 52 -1.49 -69.20 -2.25
CA GLY H 52 -0.59 -70.34 -2.25
C GLY H 52 0.60 -70.10 -3.15
N ASN H 53 0.92 -68.83 -3.39
CA ASN H 53 2.05 -68.47 -4.25
C ASN H 53 2.09 -69.30 -5.53
N PRO H 54 1.12 -69.10 -6.43
CA PRO H 54 1.08 -69.84 -7.69
C PRO H 54 2.19 -69.39 -8.63
N LYS H 55 2.01 -69.63 -9.93
CA LYS H 55 3.00 -69.23 -10.91
C LYS H 55 2.33 -68.63 -12.15
N SER H 56 2.82 -67.46 -12.56
CA SER H 56 2.30 -66.74 -13.72
C SER H 56 1.36 -67.57 -14.59
N ASP H 57 1.91 -68.63 -15.18
CA ASP H 57 1.13 -69.52 -16.04
C ASP H 57 -0.18 -69.95 -15.39
N GLU H 58 -0.08 -70.66 -14.27
CA GLU H 58 -1.25 -71.14 -13.55
C GLU H 58 -2.07 -69.99 -12.94
N MET H 59 -1.50 -68.79 -12.95
CA MET H 59 -2.18 -67.63 -12.41
C MET H 59 -3.19 -67.09 -13.42
N ASN H 60 -3.13 -67.63 -14.64
CA ASN H 60 -4.03 -67.23 -15.70
C ASN H 60 -4.96 -68.37 -16.07
N LEU H 61 -4.79 -69.50 -15.38
CA LEU H 61 -5.62 -70.68 -15.63
C LEU H 61 -6.54 -70.93 -14.44
N LYS H 62 -5.98 -70.94 -13.24
CA LYS H 62 -6.72 -71.18 -12.01
C LYS H 62 -7.89 -70.21 -11.86
N THR H 63 -8.97 -70.67 -11.24
CA THR H 63 -10.16 -69.83 -11.05
C THR H 63 -10.63 -69.76 -9.60
N LEU H 64 -11.64 -68.93 -9.35
CA LEU H 64 -12.17 -68.74 -8.01
C LEU H 64 -13.69 -68.60 -7.96
N LYS H 65 -14.27 -69.06 -6.86
CA LYS H 65 -15.70 -68.98 -6.63
C LYS H 65 -15.89 -68.20 -5.34
N PHE H 66 -16.85 -67.28 -5.31
CA PHE H 66 -17.07 -66.46 -4.13
C PHE H 66 -16.86 -67.18 -2.80
N GLU H 67 -17.51 -68.32 -2.62
CA GLU H 67 -17.39 -69.07 -1.37
C GLU H 67 -15.94 -69.33 -0.97
N GLN H 68 -15.08 -69.59 -1.95
CA GLN H 68 -13.67 -69.84 -1.65
C GLN H 68 -12.90 -68.52 -1.65
N PHE H 69 -13.51 -67.49 -2.24
CA PHE H 69 -12.89 -66.17 -2.31
C PHE H 69 -13.14 -65.40 -1.02
N LEU H 70 -14.39 -65.39 -0.57
CA LEU H 70 -14.76 -64.69 0.64
C LEU H 70 -13.78 -64.94 1.80
N PRO H 71 -13.46 -66.21 2.05
CA PRO H 71 -12.52 -66.55 3.14
C PRO H 71 -11.21 -65.78 3.05
N MET H 72 -10.88 -65.31 1.87
CA MET H 72 -9.64 -64.55 1.65
C MET H 72 -9.90 -63.07 1.85
N MET H 73 -11.01 -62.59 1.30
CA MET H 73 -11.39 -61.18 1.42
C MET H 73 -11.17 -60.72 2.85
N GLN H 74 -11.64 -61.51 3.80
CA GLN H 74 -11.51 -61.20 5.22
C GLN H 74 -10.06 -61.32 5.68
N THR H 75 -9.51 -62.53 5.57
CA THR H 75 -8.13 -62.78 5.99
C THR H 75 -7.28 -61.54 5.71
N ILE H 76 -7.48 -60.96 4.53
CA ILE H 76 -6.77 -59.75 4.17
C ILE H 76 -7.35 -58.65 5.04
N ALA H 77 -8.61 -58.33 4.79
CA ALA H 77 -9.35 -57.29 5.52
C ALA H 77 -8.77 -56.98 6.90
N LYS H 78 -8.43 -58.02 7.66
CA LYS H 78 -7.87 -57.84 9.00
C LYS H 78 -6.35 -57.93 8.92
N ASN H 79 -5.70 -56.78 9.00
CA ASN H 79 -4.24 -56.75 8.93
C ASN H 79 -3.54 -56.02 10.06
N LYS H 80 -2.20 -56.09 10.06
CA LYS H 80 -1.37 -55.46 11.09
C LYS H 80 -1.13 -53.97 10.90
N ASP H 81 -0.89 -53.55 9.66
CA ASP H 81 -0.59 -52.15 9.41
C ASP H 81 -1.35 -51.46 8.28
N GLN H 82 -0.72 -50.40 7.76
CA GLN H 82 -1.23 -49.58 6.67
C GLN H 82 -0.40 -48.29 6.63
N GLY H 83 -0.32 -47.71 5.45
CA GLY H 83 0.44 -46.46 5.25
C GLY H 83 -0.38 -45.27 5.76
N CYS H 84 0.26 -44.11 5.73
CA CYS H 84 -0.35 -42.83 6.15
C CYS H 84 0.48 -41.65 5.62
N PHE H 85 -0.10 -40.47 5.79
CA PHE H 85 0.41 -39.17 5.30
C PHE H 85 1.85 -38.80 5.80
N GLU H 86 1.90 -38.37 7.05
CA GLU H 86 3.12 -37.82 7.73
C GLU H 86 4.48 -38.36 7.21
N ASP H 87 4.63 -39.67 7.12
CA ASP H 87 5.92 -40.28 6.69
C ASP H 87 5.99 -40.49 5.18
N TYR H 88 4.82 -40.75 4.63
CA TYR H 88 4.65 -41.01 3.20
C TYR H 88 5.51 -40.05 2.37
N VAL H 89 5.19 -38.77 2.48
CA VAL H 89 5.88 -37.71 1.74
C VAL H 89 7.36 -37.61 2.16
N GLU H 90 7.58 -37.83 3.45
CA GLU H 90 8.93 -37.79 4.04
C GLU H 90 9.89 -38.65 3.18
N GLY H 91 9.33 -39.66 2.54
CA GLY H 91 10.11 -40.55 1.70
C GLY H 91 10.34 -39.97 0.32
N LEU H 92 9.30 -39.42 -0.28
CA LEU H 92 9.42 -38.83 -1.62
C LEU H 92 10.32 -37.59 -1.62
N ARG H 93 10.20 -36.78 -0.57
CA ARG H 93 11.00 -35.57 -0.41
C ARG H 93 12.50 -35.85 -0.51
N VAL H 94 12.85 -37.13 -0.59
CA VAL H 94 14.22 -37.59 -0.70
C VAL H 94 14.67 -37.62 -2.17
N PHE H 95 13.72 -37.37 -3.04
CA PHE H 95 14.02 -37.37 -4.45
C PHE H 95 13.87 -35.97 -5.02
N ASP H 96 13.69 -35.01 -4.12
CA ASP H 96 13.54 -33.60 -4.44
C ASP H 96 14.91 -32.96 -4.77
N LYS H 97 15.40 -33.22 -5.98
CA LYS H 97 16.71 -32.75 -6.46
C LYS H 97 17.34 -31.59 -5.70
N GLU H 98 16.53 -30.56 -5.39
CA GLU H 98 17.05 -29.39 -4.68
C GLU H 98 16.02 -28.62 -3.85
N GLY H 99 15.58 -29.25 -2.78
CA GLY H 99 14.62 -28.61 -1.89
C GLY H 99 13.55 -27.77 -2.55
N ASN H 100 13.34 -27.95 -3.85
CA ASN H 100 12.31 -27.19 -4.57
C ASN H 100 10.90 -27.47 -4.02
N GLY H 101 10.70 -28.70 -3.56
CA GLY H 101 9.40 -29.11 -3.04
C GLY H 101 8.67 -29.95 -4.08
N THR H 102 9.34 -30.17 -5.21
CA THR H 102 8.79 -30.91 -6.32
C THR H 102 9.80 -31.89 -6.86
N VAL H 103 9.31 -32.98 -7.40
CA VAL H 103 10.19 -33.98 -8.02
C VAL H 103 9.81 -34.17 -9.48
N MET H 104 10.77 -34.52 -10.30
CA MET H 104 10.51 -34.72 -11.72
C MET H 104 9.62 -35.94 -11.96
N GLY H 105 8.53 -35.73 -12.70
CA GLY H 105 7.61 -36.80 -13.00
C GLY H 105 8.25 -38.01 -13.67
N ALA H 106 9.56 -37.98 -13.81
CA ALA H 106 10.27 -39.09 -14.43
C ALA H 106 10.98 -39.85 -13.34
N GLU H 107 11.47 -39.11 -12.36
CA GLU H 107 12.15 -39.73 -11.24
C GLU H 107 11.09 -40.38 -10.40
N ILE H 108 9.98 -39.69 -10.20
CA ILE H 108 8.92 -40.26 -9.41
C ILE H 108 8.45 -41.46 -10.19
N ARG H 109 8.35 -41.31 -11.50
CA ARG H 109 7.88 -42.42 -12.31
C ARG H 109 8.83 -43.63 -12.24
N HIS H 110 10.07 -43.38 -11.89
CA HIS H 110 11.04 -44.47 -11.80
C HIS H 110 10.80 -45.22 -10.49
N VAL H 111 11.26 -44.62 -9.40
CA VAL H 111 11.16 -45.17 -8.08
C VAL H 111 9.92 -46.04 -7.97
N LEU H 112 8.77 -45.48 -8.33
CA LEU H 112 7.52 -46.19 -8.22
C LEU H 112 7.53 -47.48 -9.00
N VAL H 113 8.41 -47.59 -9.96
CA VAL H 113 8.45 -48.82 -10.72
C VAL H 113 9.80 -49.49 -10.72
N THR H 114 10.45 -49.48 -9.55
CA THR H 114 11.77 -50.11 -9.39
C THR H 114 12.08 -50.39 -7.96
N LEU H 115 11.12 -50.14 -7.07
CA LEU H 115 11.33 -50.39 -5.66
C LEU H 115 10.11 -51.09 -5.07
N GLY H 116 10.33 -51.89 -4.02
CA GLY H 116 9.23 -52.58 -3.37
C GLY H 116 8.20 -53.16 -4.31
N GLU H 117 6.93 -53.10 -3.91
CA GLU H 117 5.82 -53.62 -4.72
C GLU H 117 5.77 -52.92 -6.08
N LYS H 118 6.77 -53.20 -6.91
CA LYS H 118 6.90 -52.59 -8.24
C LYS H 118 5.60 -52.47 -9.03
N MET H 119 5.31 -51.24 -9.47
CA MET H 119 4.08 -50.96 -10.22
C MET H 119 4.41 -51.16 -11.68
N THR H 120 3.49 -50.81 -12.56
CA THR H 120 3.70 -50.97 -14.00
C THR H 120 3.86 -49.59 -14.62
N GLU H 121 4.43 -49.58 -15.81
CA GLU H 121 4.65 -48.33 -16.55
C GLU H 121 3.34 -47.57 -16.72
N GLU H 122 2.28 -48.31 -17.03
CA GLU H 122 0.96 -47.71 -17.21
C GLU H 122 0.42 -47.24 -15.86
N GLU H 123 0.51 -48.11 -14.87
CA GLU H 123 0.01 -47.77 -13.55
C GLU H 123 0.46 -46.36 -13.19
N VAL H 124 1.78 -46.15 -13.14
CA VAL H 124 2.30 -44.86 -12.75
C VAL H 124 1.83 -43.78 -13.71
N GLU H 125 1.82 -44.10 -15.00
CA GLU H 125 1.35 -43.14 -15.97
C GLU H 125 -0.01 -42.56 -15.53
N GLN H 126 -1.01 -43.43 -15.45
CA GLN H 126 -2.37 -43.05 -15.02
C GLN H 126 -2.39 -42.28 -13.69
N LEU H 127 -1.42 -42.54 -12.82
CA LEU H 127 -1.36 -41.87 -11.54
C LEU H 127 -0.90 -40.41 -11.60
N VAL H 128 0.39 -40.21 -11.86
CA VAL H 128 0.99 -38.87 -11.91
C VAL H 128 0.43 -38.04 -13.04
N ALA H 129 0.14 -38.72 -14.14
CA ALA H 129 -0.41 -38.06 -15.31
C ALA H 129 -1.34 -36.89 -14.98
N GLY H 130 -0.92 -35.69 -15.34
CA GLY H 130 -1.74 -34.52 -15.07
C GLY H 130 -1.34 -33.74 -13.84
N HIS H 131 -0.19 -34.07 -13.27
CA HIS H 131 0.27 -33.37 -12.08
C HIS H 131 1.65 -32.81 -12.36
N GLU H 132 2.16 -33.11 -13.55
CA GLU H 132 3.47 -32.62 -13.98
C GLU H 132 3.18 -31.27 -14.57
N ASP H 133 4.01 -30.27 -14.25
CA ASP H 133 3.80 -28.94 -14.79
C ASP H 133 4.46 -28.76 -16.17
N SER H 134 4.76 -27.52 -16.53
CA SER H 134 5.38 -27.23 -17.82
C SER H 134 6.69 -27.96 -17.90
N ASN H 135 7.40 -27.98 -16.78
CA ASN H 135 8.69 -28.63 -16.71
C ASN H 135 8.54 -30.04 -16.21
N GLY H 136 7.34 -30.60 -16.42
CA GLY H 136 7.07 -31.97 -16.00
C GLY H 136 7.33 -32.20 -14.52
N CYS H 137 7.07 -31.16 -13.72
CA CYS H 137 7.29 -31.23 -12.28
C CYS H 137 6.04 -31.41 -11.49
N ILE H 138 6.10 -32.42 -10.64
CA ILE H 138 5.02 -32.81 -9.75
C ILE H 138 5.33 -32.35 -8.33
N ASN H 139 4.30 -31.97 -7.58
CA ASN H 139 4.49 -31.59 -6.19
C ASN H 139 3.99 -32.76 -5.31
N TYR H 140 4.91 -33.56 -4.78
CA TYR H 140 4.53 -34.76 -4.00
C TYR H 140 3.47 -34.41 -2.94
N GLU H 141 3.83 -33.50 -2.05
CA GLU H 141 2.93 -33.06 -0.96
C GLU H 141 1.47 -33.24 -1.39
N GLU H 142 1.19 -32.78 -2.60
CA GLU H 142 -0.16 -32.83 -3.20
C GLU H 142 -0.46 -34.22 -3.71
N LEU H 143 0.35 -34.73 -4.65
CA LEU H 143 0.12 -36.08 -5.19
C LEU H 143 -0.15 -37.05 -4.05
N VAL H 144 0.57 -36.85 -2.93
CA VAL H 144 0.40 -37.67 -1.74
C VAL H 144 -1.06 -37.59 -1.34
N ARG H 145 -1.51 -36.39 -0.96
CA ARG H 145 -2.90 -36.12 -0.54
C ARG H 145 -3.89 -36.65 -1.56
N MET H 146 -3.55 -36.54 -2.83
CA MET H 146 -4.42 -36.98 -3.91
C MET H 146 -4.82 -38.44 -3.79
N VAL H 147 -3.83 -39.32 -3.81
CA VAL H 147 -4.10 -40.75 -3.67
C VAL H 147 -4.67 -40.99 -2.28
N LEU H 148 -4.22 -40.22 -1.30
CA LEU H 148 -4.72 -40.41 0.05
C LEU H 148 -6.17 -39.97 0.16
N SER H 149 -6.39 -38.69 0.48
CA SER H 149 -7.75 -38.14 0.63
C SER H 149 -8.69 -38.59 -0.48
N GLY H 150 -8.13 -39.01 -1.61
CA GLY H 150 -8.94 -39.49 -2.69
C GLY H 150 -9.35 -40.91 -2.35
MG MG I . -26.18 -21.56 41.61
AL ALF J . -23.14 -20.65 42.90
F1 ALF J . -21.62 -20.91 41.96
F2 ALF J . -24.65 -20.32 43.82
F3 ALF J . -22.20 -19.70 44.06
F4 ALF J . -24.10 -21.57 41.67
PB ADP K . -24.34 -19.30 40.34
O1B ADP K . -23.10 -19.51 39.50
O2B ADP K . -25.26 -20.46 40.16
O3B ADP K . -24.01 -19.12 41.79
PA ADP K . -26.47 -17.34 39.80
O1A ADP K . -27.30 -18.05 38.77
O2A ADP K . -27.09 -17.49 41.15
O3A ADP K . -24.98 -17.93 39.82
O5' ADP K . -26.44 -15.78 39.46
C5' ADP K . -26.70 -14.97 40.62
C4' ADP K . -27.40 -13.66 40.35
O4' ADP K . -27.04 -13.09 39.05
C3' ADP K . -28.91 -13.71 40.45
O3' ADP K . -29.32 -13.58 41.82
C2' ADP K . -29.34 -12.65 39.41
O2' ADP K . -29.65 -11.35 39.96
C1' ADP K . -28.16 -12.59 38.43
N9 ADP K . -28.38 -13.32 37.17
C8 ADP K . -27.52 -14.15 36.52
N7 ADP K . -27.79 -14.25 35.20
C5 ADP K . -28.97 -13.55 35.05
C6 ADP K . -29.79 -13.34 33.90
N6 ADP K . -29.54 -13.83 32.69
N1 ADP K . -30.90 -12.59 34.11
C2 ADP K . -31.15 -12.08 35.36
N3 ADP K . -30.45 -12.20 36.45
C4 ADP K . -29.38 -13.02 36.25
MG MG L . 46.42 16.57 -12.75
AL ALF M . 48.00 15.59 -15.63
F1 ALF M . 49.75 15.88 -15.87
F2 ALF M . 46.26 15.22 -15.38
F3 ALF M . 48.02 14.58 -17.08
F4 ALF M . 48.01 16.57 -14.10
PB ADP N . 48.72 14.37 -12.83
O1B ADP N . 50.19 14.61 -12.97
O2B ADP N . 48.08 15.55 -12.15
O3B ADP N . 48.05 14.12 -14.16
PA ADP N . 47.45 12.44 -10.99
O1A ADP N . 47.43 13.22 -9.70
O2A ADP N . 46.12 12.53 -11.66
O3A ADP N . 48.58 13.03 -11.96
O5' ADP N . 47.73 10.92 -10.68
C5' ADP N . 46.83 10.05 -11.39
C4' ADP N . 46.48 8.75 -10.68
O4' ADP N . 47.59 8.24 -9.88
C3' ADP N . 45.24 8.80 -9.81
O3' ADP N . 44.06 8.61 -10.61
C2' ADP N . 45.60 7.79 -8.69
O2' ADP N . 45.05 6.47 -8.86
C1' ADP N . 47.13 7.78 -8.66
N9 ADP N . 47.73 8.57 -7.58
C8 ADP N . 48.79 9.42 -7.65
N7 ADP N . 49.41 9.60 -6.47
C5 ADP N . 48.61 8.91 -5.58
C6 ADP N . 48.69 8.77 -4.16
N6 ADP N . 49.64 9.31 -3.39
N1 ADP N . 47.72 8.00 -3.58
C2 ADP N . 46.76 7.43 -4.38
N3 ADP N . 46.61 7.51 -5.67
C4 ADP N . 47.54 8.32 -6.23
MG MG O . -52.35 54.96 11.45
AL ALF P . -51.20 56.08 14.48
F1 ALF P . -49.45 56.01 14.90
F2 ALF P . -52.94 56.23 14.06
F3 ALF P . -51.45 57.06 15.93
F4 ALF P . -50.92 55.13 12.96
PB ADP Q . -50.35 57.42 11.77
O1B ADP Q . -48.88 57.36 12.06
O2B ADP Q . -50.77 56.19 11.03
O3B ADP Q . -51.17 57.56 13.03
PA ADP Q . -51.66 59.20 9.82
O1A ADP Q . -51.44 58.46 8.54
O2A ADP Q . -53.04 58.95 10.35
O3A ADP Q . -50.58 58.75 10.91
O5' ADP Q . -51.54 60.76 9.54
C5' ADP Q . -52.61 61.50 10.16
C4' ADP Q . -53.05 62.76 9.42
O4' ADP Q . -51.93 63.41 8.74
C3' ADP Q . -54.16 62.57 8.43
O3' ADP Q . -55.44 62.60 9.12
C2' ADP Q . -53.84 63.63 7.36
O2' ADP Q . -54.56 64.88 7.48
C1' ADP Q . -52.32 63.83 7.48
N9 ADP Q . -51.52 63.13 6.47
C8 ADP Q . -50.38 62.42 6.64
N7 ADP Q . -49.62 62.34 5.54
C5 ADP Q . -50.41 62.94 4.56
C6 ADP Q . -50.20 63.12 3.16
N6 ADP Q . -49.12 62.70 2.50
N1 ADP Q . -51.19 63.76 2.49
C2 ADP Q . -52.29 64.20 3.18
N3 ADP Q . -52.57 64.09 4.46
C4 ADP Q . -51.61 63.38 5.11
MG MG R . 29.48 -48.80 -40.43
AL ALF S . 32.75 -48.96 -41.44
F1 ALF S . 34.10 -48.50 -40.33
F2 ALF S . 31.44 -49.49 -42.55
F3 ALF S . 33.96 -49.58 -42.56
F4 ALF S . 31.51 -48.37 -40.26
PB ADP T . 31.64 -50.76 -39.13
O1B ADP T . 32.72 -50.39 -38.16
O2B ADP T . 30.48 -49.82 -38.97
O3B ADP T . 32.11 -50.72 -40.56
PA ADP T . 29.91 -53.14 -38.97
O1A ADP T . 28.86 -52.71 -37.99
O2A ADP T . 29.40 -52.99 -40.38
O3A ADP T . 31.23 -52.27 -38.79
O5' ADP T . 30.22 -54.68 -38.76
C5' ADP T . 30.25 -55.42 -39.99
C4' ADP T . 29.80 -56.86 -39.90
O4' ADP T . 30.15 -57.47 -38.63
C3' ADP T . 28.33 -57.10 -40.16
O3' ADP T . 28.08 -57.18 -41.58
C2' ADP T . 28.04 -58.32 -39.26
O2' ADP T . 28.05 -59.60 -39.94
C1' ADP T . 29.10 -58.24 -38.16
N9 ADP T . 28.63 -57.68 -36.89
C8 ADP T . 29.24 -56.78 -36.09
N7 ADP T . 28.84 -56.85 -34.80
C5 ADP T . 27.82 -57.78 -34.82
C6 ADP T . 26.95 -58.26 -33.80
N6 ADP T . 26.99 -57.85 -32.53
N1 ADP T . 26.04 -59.20 -34.17
C2 ADP T . 26.02 -59.61 -35.48
N3 ADP T . 26.78 -59.25 -36.47
C4 ADP T . 27.63 -58.26 -36.11
#